data_8CIP
#
_entry.id   8CIP
#
_cell.length_a   79.440
_cell.length_b   82.710
_cell.length_c   106.140
_cell.angle_alpha   80.89
_cell.angle_beta   68.34
_cell.angle_gamma   69.99
#
_symmetry.space_group_name_H-M   'P 1'
#
loop_
_entity.id
_entity.type
_entity.pdbx_description
1 polymer Transketolase
2 non-polymer 1,2-ETHANEDIOL
3 non-polymer 'ACETATE ION'
4 non-polymer 'THIAMINE DIPHOSPHATE'
5 non-polymer 'MAGNESIUM ION'
6 non-polymer 'CHLORIDE ION'
7 water water
#
_entity_poly.entity_id   1
_entity_poly.type   'polypeptide(L)'
_entity_poly.pdbx_seq_one_letter_code
;MAHHHHHHSAARLMAHSIEELAITTIRTLSIDAIEKAKSGHPGMPMGAAPMAYTLWTKFMNHNPANPNWFNRDRFVLSAG
HGSMLLYSLLHLSGYDVSMDDLKQFRQWGSKTPGHPEYGHTPGVEATTGPLGQGIAMAVGMAMAERHLAATYNRDGFEII
NHYTYAICGDGDLMEGVASEAASLAGHLKLGRLIVLYDSNDISLDGELNLSFSENVAQRFQAYGWQYLRVEDGNNIEEIA
KALEEARADLSRPTLIEVKTTIGYGAPNKAGTSGVHGAPLGAQEAKLTKEAYRWTFAEDFYVPEEVYAHFRATVQEPGAK
KEAKWNEQLAAYEQAHPELAAQLKRAIEGKLPDGWEASLPVYEAGKSLATRSSSGEVINAIAKAVPQLFGGSADLASSNK
TLIKGGGNFFPGSYEGRNVWFGVREFAMGAALNGMALHGGLKVFGGTFFVFSDYLRPAIRLAALMGLPVIYVLTHDSIAV
GEDGPTHEPIEQLASLRAMPNLSVIRPADANETAAAWRLALESTDKPTALVLTRQDVPTLAATAELAYEGVKKGAYVVSP
AKNGAPEALLLATGSEVGLAVKAQEALAAEGIHVSVISMPSWDRFEAQPKSYRDEVLPPAVTKRLAIEMGASLGWERYVG
AEGDILAIDRFGASAPGEKIMAEYGFTVDNVVRRTKALLGK
;
_entity_poly.pdbx_strand_id   A,B,C,D
#
# COMPACT_ATOMS: atom_id res chain seq x y z
N SER A 17 -8.00 -18.97 28.63
CA SER A 17 -7.69 -20.10 27.77
C SER A 17 -6.22 -20.51 27.88
N ILE A 18 -5.99 -21.82 27.98
CA ILE A 18 -4.65 -22.36 28.08
C ILE A 18 -3.84 -22.01 26.83
N GLU A 19 -4.51 -21.89 25.67
CA GLU A 19 -3.81 -21.56 24.44
C GLU A 19 -3.20 -20.17 24.53
N GLU A 20 -4.00 -19.19 24.97
CA GLU A 20 -3.46 -17.84 25.17
C GLU A 20 -2.35 -17.86 26.19
N LEU A 21 -2.50 -18.64 27.25
CA LEU A 21 -1.53 -18.53 28.33
C LEU A 21 -0.19 -19.07 27.87
N ALA A 22 -0.22 -20.11 27.04
CA ALA A 22 1.04 -20.61 26.50
C ALA A 22 1.62 -19.62 25.51
N ILE A 23 0.77 -19.04 24.67
CA ILE A 23 1.29 -18.04 23.74
C ILE A 23 1.92 -16.89 24.50
N THR A 24 1.32 -16.49 25.63
CA THR A 24 1.87 -15.36 26.39
C THR A 24 3.16 -15.73 27.10
N THR A 25 3.27 -16.99 27.53
CA THR A 25 4.53 -17.48 28.10
C THR A 25 5.68 -17.34 27.12
N ILE A 26 5.50 -17.81 25.88
CA ILE A 26 6.49 -17.63 24.82
C ILE A 26 6.94 -16.18 24.74
N ARG A 27 5.97 -15.29 24.59
CA ARG A 27 6.25 -13.86 24.46
C ARG A 27 7.04 -13.32 25.64
N THR A 28 6.59 -13.62 26.87
CA THR A 28 7.29 -13.12 28.06
C THR A 28 8.67 -13.72 28.18
N LEU A 29 8.81 -15.01 27.90
CA LEU A 29 10.15 -15.58 27.95
C LEU A 29 11.04 -14.86 26.95
N SER A 30 10.52 -14.59 25.75
CA SER A 30 11.35 -13.92 24.75
C SER A 30 11.76 -12.53 25.24
N ILE A 31 10.81 -11.79 25.82
CA ILE A 31 11.07 -10.45 26.33
C ILE A 31 12.08 -10.48 27.46
N ASP A 32 11.88 -11.39 28.42
CA ASP A 32 12.78 -11.49 29.56
C ASP A 32 14.20 -11.86 29.13
N ALA A 33 14.34 -12.80 28.19
CA ALA A 33 15.68 -13.21 27.79
C ALA A 33 16.45 -12.05 27.17
N ILE A 34 15.75 -11.26 26.34
CA ILE A 34 16.34 -10.11 25.69
C ILE A 34 16.70 -9.03 26.70
N GLU A 35 15.80 -8.74 27.64
CA GLU A 35 16.11 -7.77 28.69
C GLU A 35 17.36 -8.16 29.44
N LYS A 36 17.42 -9.39 29.91
CA LYS A 36 18.59 -9.79 30.68
C LYS A 36 19.84 -9.76 29.80
N ALA A 37 19.73 -10.16 28.54
CA ALA A 37 20.90 -10.07 27.67
C ALA A 37 21.22 -8.62 27.29
N LYS A 38 20.24 -7.71 27.41
CA LYS A 38 20.43 -6.32 26.99
C LYS A 38 20.80 -6.25 25.51
N SER A 39 20.24 -7.19 24.74
CA SER A 39 20.61 -7.43 23.35
C SER A 39 19.59 -8.43 22.82
N GLY A 40 19.19 -8.28 21.56
CA GLY A 40 18.24 -9.20 20.99
C GLY A 40 17.14 -8.50 20.23
N HIS A 41 16.19 -9.31 19.74
CA HIS A 41 15.17 -8.89 18.79
C HIS A 41 13.81 -9.36 19.29
N PRO A 42 13.08 -8.51 20.00
CA PRO A 42 11.77 -8.92 20.54
C PRO A 42 10.65 -8.82 19.55
N GLY A 43 10.80 -8.02 18.50
CA GLY A 43 9.67 -7.68 17.67
C GLY A 43 9.05 -8.90 17.04
N MET A 44 9.87 -9.70 16.37
CA MET A 44 9.35 -10.83 15.61
C MET A 44 8.79 -11.88 16.55
N PRO A 45 9.50 -12.30 17.60
CA PRO A 45 8.84 -13.24 18.53
C PRO A 45 7.51 -12.72 19.02
N MET A 46 7.40 -11.42 19.37
CA MET A 46 6.13 -10.93 19.89
C MET A 46 5.01 -11.06 18.86
N GLY A 47 5.31 -10.77 17.58
CA GLY A 47 4.27 -10.83 16.58
C GLY A 47 4.02 -12.23 16.05
N ALA A 48 5.04 -13.05 16.00
CA ALA A 48 4.94 -14.35 15.37
C ALA A 48 4.75 -15.50 16.35
N ALA A 49 4.70 -15.23 17.67
CA ALA A 49 4.44 -16.31 18.61
C ALA A 49 3.19 -17.10 18.28
N PRO A 50 2.03 -16.48 18.00
CA PRO A 50 0.83 -17.30 17.75
C PRO A 50 1.02 -18.32 16.64
N MET A 51 1.58 -17.90 15.52
CA MET A 51 1.68 -18.80 14.38
C MET A 51 2.65 -19.92 14.69
N ALA A 52 3.74 -19.60 15.39
CA ALA A 52 4.74 -20.62 15.71
C ALA A 52 4.19 -21.60 16.73
N TYR A 53 3.45 -21.12 17.74
CA TYR A 53 2.82 -22.04 18.68
C TYR A 53 1.82 -22.93 17.96
N THR A 54 1.03 -22.37 17.06
CA THR A 54 0.06 -23.17 16.33
C THR A 54 0.73 -24.26 15.52
N LEU A 55 1.79 -23.90 14.79
CA LEU A 55 2.47 -24.91 13.99
C LEU A 55 3.11 -25.95 14.91
N TRP A 56 3.85 -25.47 15.91
CA TRP A 56 4.63 -26.34 16.79
C TRP A 56 3.77 -27.29 17.60
N THR A 57 2.63 -26.82 18.13
CA THR A 57 1.81 -27.63 19.03
C THR A 57 0.67 -28.39 18.35
N LYS A 58 0.29 -28.06 17.12
CA LYS A 58 -0.86 -28.71 16.51
C LYS A 58 -0.59 -29.38 15.17
N PHE A 59 0.47 -29.03 14.46
CA PHE A 59 0.67 -29.62 13.14
C PHE A 59 2.01 -30.33 12.98
N MET A 60 3.07 -29.79 13.54
CA MET A 60 4.37 -30.41 13.37
C MET A 60 4.39 -31.76 14.07
N ASN A 61 5.04 -32.71 13.43
CA ASN A 61 5.33 -34.00 14.06
C ASN A 61 6.80 -34.04 14.38
N HIS A 62 7.09 -33.96 15.67
CA HIS A 62 8.43 -33.95 16.23
C HIS A 62 8.39 -34.55 17.63
N ASN A 63 9.55 -35.02 18.07
CA ASN A 63 9.68 -35.67 19.37
C ASN A 63 10.78 -35.00 20.20
N PRO A 64 10.43 -34.21 21.22
CA PRO A 64 11.47 -33.57 22.06
C PRO A 64 12.45 -34.54 22.63
N ALA A 65 12.03 -35.79 22.82
CA ALA A 65 12.90 -36.81 23.38
C ALA A 65 13.89 -37.37 22.37
N ASN A 66 13.78 -37.06 21.08
CA ASN A 66 14.80 -37.45 20.10
C ASN A 66 14.78 -36.46 18.95
N PRO A 67 15.54 -35.38 19.07
CA PRO A 67 15.58 -34.39 18.00
C PRO A 67 16.07 -34.94 16.67
N ASN A 68 16.68 -36.13 16.66
CA ASN A 68 17.24 -36.75 15.46
C ASN A 68 16.31 -37.79 14.84
N TRP A 69 15.08 -37.92 15.33
CA TRP A 69 14.14 -38.84 14.70
C TRP A 69 14.05 -38.53 13.22
N PHE A 70 14.32 -39.54 12.37
CA PHE A 70 14.63 -39.25 10.98
C PHE A 70 13.39 -38.84 10.18
N ASN A 71 12.21 -39.29 10.55
CA ASN A 71 11.02 -38.91 9.81
C ASN A 71 10.22 -37.79 10.50
N ARG A 72 10.86 -37.03 11.40
CA ARG A 72 10.26 -35.82 11.97
C ARG A 72 10.02 -34.78 10.87
N ASP A 73 9.04 -33.92 11.11
CA ASP A 73 8.98 -32.73 10.27
C ASP A 73 10.24 -31.91 10.53
N ARG A 74 10.82 -31.36 9.47
CA ARG A 74 11.95 -30.44 9.61
C ARG A 74 11.43 -28.99 9.65
N PHE A 75 11.91 -28.21 10.63
CA PHE A 75 11.51 -26.82 10.80
C PHE A 75 12.71 -25.89 10.68
N VAL A 76 12.60 -24.83 9.90
CA VAL A 76 13.66 -23.85 9.76
C VAL A 76 13.11 -22.45 10.05
N LEU A 77 13.78 -21.73 10.95
CA LEU A 77 13.50 -20.33 11.22
C LEU A 77 14.40 -19.49 10.32
N SER A 78 13.91 -19.13 9.14
CA SER A 78 14.75 -18.33 8.24
C SER A 78 15.02 -16.94 8.82
N ALA A 79 14.00 -16.37 9.47
CA ALA A 79 14.11 -15.09 10.16
C ALA A 79 14.74 -15.34 11.53
N GLY A 80 16.05 -15.58 11.50
CA GLY A 80 16.77 -16.10 12.64
C GLY A 80 17.06 -15.09 13.72
N HIS A 81 16.79 -13.82 13.45
CA HIS A 81 16.88 -12.84 14.51
C HIS A 81 15.85 -13.08 15.59
N GLY A 82 14.72 -13.70 15.25
CA GLY A 82 13.77 -14.14 16.25
C GLY A 82 14.09 -15.41 17.05
N SER A 83 15.39 -15.69 17.24
CA SER A 83 15.83 -16.93 17.91
C SER A 83 15.08 -17.25 19.21
N MET A 84 14.70 -16.23 19.99
CA MET A 84 14.11 -16.52 21.28
C MET A 84 12.74 -17.16 21.12
N LEU A 85 12.08 -16.89 19.99
CA LEU A 85 10.84 -17.61 19.71
C LEU A 85 11.12 -19.10 19.58
N LEU A 86 12.25 -19.44 18.98
CA LEU A 86 12.61 -20.85 18.83
C LEU A 86 13.03 -21.43 20.17
N TYR A 87 13.85 -20.69 20.93
CA TYR A 87 14.35 -21.22 22.18
C TYR A 87 13.22 -21.40 23.19
N SER A 88 12.24 -20.50 23.16
CA SER A 88 11.08 -20.64 24.04
C SER A 88 10.32 -21.92 23.73
N LEU A 89 10.02 -22.16 22.47
CA LEU A 89 9.25 -23.35 22.11
C LEU A 89 10.04 -24.61 22.42
N LEU A 90 11.35 -24.57 22.24
CA LEU A 90 12.20 -25.72 22.56
C LEU A 90 12.23 -25.97 24.06
N HIS A 91 12.40 -24.92 24.86
CA HIS A 91 12.40 -25.10 26.31
C HIS A 91 11.06 -25.61 26.78
N LEU A 92 9.98 -24.98 26.33
CA LEU A 92 8.66 -25.29 26.84
C LEU A 92 8.22 -26.68 26.40
N SER A 93 8.72 -27.14 25.25
CA SER A 93 8.33 -28.44 24.72
C SER A 93 9.08 -29.61 25.34
N GLY A 94 10.13 -29.36 26.11
CA GLY A 94 10.89 -30.45 26.69
C GLY A 94 12.14 -30.88 25.93
N TYR A 95 12.54 -30.16 24.88
CA TYR A 95 13.90 -30.30 24.40
C TYR A 95 14.90 -29.91 25.50
N ASP A 96 16.14 -30.35 25.31
CA ASP A 96 17.24 -30.08 26.23
C ASP A 96 17.70 -28.62 26.16
N VAL A 97 16.79 -27.70 26.43
CA VAL A 97 17.10 -26.28 26.57
C VAL A 97 16.47 -25.88 27.91
N SER A 98 17.31 -25.61 28.91
CA SER A 98 16.82 -25.33 30.25
C SER A 98 16.40 -23.87 30.38
N MET A 99 15.81 -23.56 31.53
CA MET A 99 15.52 -22.17 31.85
C MET A 99 16.81 -21.38 32.02
N ASP A 100 17.81 -22.00 32.65
CA ASP A 100 19.13 -21.37 32.78
C ASP A 100 19.73 -21.07 31.41
N ASP A 101 19.53 -21.97 30.44
CA ASP A 101 19.93 -21.70 29.07
C ASP A 101 19.23 -20.42 28.54
N LEU A 102 17.91 -20.32 28.71
CA LEU A 102 17.22 -19.11 28.28
C LEU A 102 17.73 -17.85 28.99
N LYS A 103 18.18 -17.98 30.23
CA LYS A 103 18.75 -16.88 30.99
C LYS A 103 20.18 -16.59 30.60
N GLN A 104 20.75 -17.40 29.69
CA GLN A 104 22.07 -17.21 29.14
C GLN A 104 22.03 -16.83 27.67
N PHE A 105 20.87 -16.47 27.14
CA PHE A 105 20.77 -15.91 25.78
C PHE A 105 21.96 -15.00 25.50
N ARG A 106 22.60 -15.20 24.35
CA ARG A 106 23.63 -14.32 23.81
C ARG A 106 24.90 -14.27 24.64
N GLN A 107 25.06 -15.13 25.63
CA GLN A 107 26.27 -15.18 26.43
C GLN A 107 27.25 -16.27 25.96
N TRP A 108 28.51 -16.06 26.31
CA TRP A 108 29.61 -16.92 25.88
C TRP A 108 29.36 -18.37 26.23
N GLY A 109 29.57 -19.25 25.26
CA GLY A 109 29.44 -20.69 25.39
C GLY A 109 28.03 -21.19 25.58
N SER A 110 27.03 -20.32 25.46
CA SER A 110 25.69 -20.71 25.84
C SER A 110 25.04 -21.54 24.76
N LYS A 111 24.06 -22.33 25.18
CA LYS A 111 23.21 -23.09 24.27
C LYS A 111 22.14 -22.23 23.57
N THR A 112 22.22 -20.92 23.67
CA THR A 112 21.21 -20.01 23.10
C THR A 112 21.91 -18.82 22.45
N PRO A 113 22.62 -19.03 21.36
CA PRO A 113 23.35 -17.91 20.74
C PRO A 113 22.35 -16.93 20.11
N GLY A 114 22.85 -15.74 19.79
CA GLY A 114 21.97 -14.68 19.32
C GLY A 114 21.20 -15.03 18.05
N HIS A 115 21.75 -15.90 17.22
CA HIS A 115 21.07 -16.45 16.07
C HIS A 115 21.24 -17.96 16.10
N PRO A 116 20.29 -18.72 15.56
CA PRO A 116 20.29 -20.17 15.76
C PRO A 116 21.51 -20.85 15.14
N GLU A 117 22.15 -21.74 15.91
CA GLU A 117 23.34 -22.46 15.47
C GLU A 117 23.09 -23.96 15.47
N TYR A 118 22.99 -24.54 14.29
CA TYR A 118 22.92 -25.99 14.19
C TYR A 118 24.10 -26.63 14.89
N GLY A 119 23.84 -27.73 15.59
CA GLY A 119 24.85 -28.42 16.37
C GLY A 119 25.23 -27.78 17.69
N HIS A 120 24.73 -26.59 18.02
CA HIS A 120 25.00 -25.98 19.31
C HIS A 120 23.78 -25.99 20.19
N THR A 121 22.68 -26.45 19.67
CA THR A 121 21.41 -26.39 20.36
C THR A 121 20.54 -27.59 19.96
N PRO A 122 20.09 -28.41 20.92
CA PRO A 122 19.14 -29.48 20.59
C PRO A 122 17.92 -28.93 19.85
N GLY A 123 17.52 -29.62 18.82
CA GLY A 123 16.33 -29.27 18.07
C GLY A 123 16.52 -28.23 16.98
N VAL A 124 17.66 -27.59 16.90
CA VAL A 124 17.89 -26.54 15.91
C VAL A 124 18.42 -27.16 14.63
N GLU A 125 17.66 -27.02 13.53
CA GLU A 125 17.94 -27.76 12.29
C GLU A 125 18.88 -27.03 11.34
N ALA A 126 19.09 -25.73 11.52
CA ALA A 126 19.96 -25.01 10.61
C ALA A 126 20.44 -23.73 11.27
N THR A 127 21.67 -23.34 10.92
CA THR A 127 22.16 -22.04 11.28
C THR A 127 21.60 -20.97 10.35
N THR A 128 20.93 -19.98 10.91
CA THR A 128 20.39 -18.90 10.10
C THR A 128 20.89 -17.57 10.69
N GLY A 129 20.27 -16.45 10.33
CA GLY A 129 20.86 -15.18 10.60
C GLY A 129 21.02 -14.44 9.30
N PRO A 130 21.87 -14.96 8.41
CA PRO A 130 21.94 -14.44 7.03
C PRO A 130 20.63 -14.71 6.31
N LEU A 131 19.94 -13.63 5.96
CA LEU A 131 18.57 -13.68 5.50
C LEU A 131 18.50 -14.35 4.15
N GLY A 132 17.36 -14.97 3.88
CA GLY A 132 17.06 -15.59 2.61
C GLY A 132 17.45 -17.04 2.58
N GLN A 133 18.54 -17.40 3.25
CA GLN A 133 19.11 -18.73 3.11
C GLN A 133 18.31 -19.78 3.84
N GLY A 134 17.54 -19.40 4.87
CA GLY A 134 16.73 -20.37 5.58
C GLY A 134 15.69 -21.01 4.70
N ILE A 135 15.03 -20.20 3.87
CA ILE A 135 14.04 -20.70 2.94
C ILE A 135 14.65 -21.68 1.94
N ALA A 136 15.82 -21.35 1.41
CA ALA A 136 16.47 -22.19 0.41
C ALA A 136 17.06 -23.47 1.02
N MET A 137 17.61 -23.39 2.23
CA MET A 137 17.95 -24.63 2.94
C MET A 137 16.71 -25.51 3.15
N ALA A 138 15.57 -24.91 3.52
CA ALA A 138 14.35 -25.71 3.64
C ALA A 138 13.90 -26.30 2.31
N VAL A 139 14.08 -25.57 1.20
CA VAL A 139 13.82 -26.17 -0.11
C VAL A 139 14.68 -27.42 -0.29
N GLY A 140 15.97 -27.30 -0.02
CA GLY A 140 16.86 -28.44 -0.12
C GLY A 140 16.41 -29.61 0.74
N MET A 141 15.99 -29.33 1.99
CA MET A 141 15.46 -30.37 2.87
C MET A 141 14.24 -31.04 2.25
N ALA A 142 13.34 -30.25 1.65
CA ALA A 142 12.16 -30.86 1.05
C ALA A 142 12.56 -31.68 -0.16
N MET A 143 13.57 -31.20 -0.92
CA MET A 143 14.10 -31.99 -2.01
C MET A 143 14.66 -33.33 -1.49
N ALA A 144 15.46 -33.27 -0.43
CA ALA A 144 15.99 -34.48 0.21
C ALA A 144 14.87 -35.45 0.57
N GLU A 145 13.79 -34.91 1.12
CA GLU A 145 12.72 -35.75 1.65
C GLU A 145 12.06 -36.54 0.54
N ARG A 146 11.87 -35.90 -0.63
CA ARG A 146 11.24 -36.54 -1.77
C ARG A 146 12.18 -37.51 -2.48
N HIS A 147 13.46 -37.16 -2.62
CA HIS A 147 14.37 -38.11 -3.23
C HIS A 147 14.45 -39.39 -2.41
N LEU A 148 14.44 -39.26 -1.07
CA LEU A 148 14.53 -40.38 -0.18
C LEU A 148 13.20 -41.12 -0.10
N ALA A 149 12.08 -40.41 -0.15
CA ALA A 149 10.80 -41.12 -0.27
C ALA A 149 10.75 -41.95 -1.54
N ALA A 150 11.20 -41.37 -2.66
CA ALA A 150 11.06 -42.11 -3.91
C ALA A 150 11.98 -43.32 -3.94
N THR A 151 13.13 -43.23 -3.26
CA THR A 151 14.11 -44.33 -3.24
C THR A 151 13.65 -45.51 -2.41
N TYR A 152 13.20 -45.27 -1.18
CA TYR A 152 12.93 -46.33 -0.23
C TYR A 152 11.45 -46.74 -0.13
N ASN A 153 10.50 -45.84 -0.41
CA ASN A 153 9.11 -46.22 -0.15
C ASN A 153 8.67 -47.35 -1.09
N ARG A 154 7.86 -48.27 -0.56
CA ARG A 154 7.26 -49.34 -1.35
C ARG A 154 5.78 -49.47 -1.01
N ASP A 155 5.02 -50.18 -1.84
CA ASP A 155 3.57 -50.27 -1.60
C ASP A 155 3.31 -50.78 -0.19
N GLY A 156 2.57 -49.99 0.59
CA GLY A 156 2.28 -50.32 1.97
C GLY A 156 3.25 -49.76 2.99
N PHE A 157 4.33 -49.10 2.54
CA PHE A 157 5.37 -48.58 3.41
C PHE A 157 5.81 -47.20 2.89
N GLU A 158 5.06 -46.16 3.26
CA GLU A 158 5.51 -44.78 3.05
C GLU A 158 6.41 -44.39 4.23
N ILE A 159 7.59 -45.03 4.27
CA ILE A 159 8.45 -44.92 5.44
C ILE A 159 9.07 -43.52 5.53
N ILE A 160 9.44 -42.94 4.40
CA ILE A 160 9.85 -41.54 4.37
C ILE A 160 8.66 -40.71 3.94
N ASN A 161 8.20 -39.80 4.80
CA ASN A 161 7.04 -38.97 4.53
C ASN A 161 6.87 -37.93 5.64
N HIS A 162 7.35 -36.72 5.40
CA HIS A 162 7.17 -35.66 6.37
C HIS A 162 7.27 -34.32 5.65
N TYR A 163 6.87 -33.29 6.38
CA TYR A 163 6.79 -31.93 5.87
C TYR A 163 8.09 -31.19 6.15
N THR A 164 8.26 -30.08 5.42
CA THR A 164 9.27 -29.07 5.74
C THR A 164 8.54 -27.75 5.97
N TYR A 165 8.73 -27.17 7.15
CA TYR A 165 8.15 -25.88 7.50
C TYR A 165 9.27 -24.85 7.72
N ALA A 166 9.02 -23.62 7.29
CA ALA A 166 9.89 -22.53 7.71
C ALA A 166 9.04 -21.31 8.08
N ILE A 167 9.66 -20.41 8.84
CA ILE A 167 9.09 -19.10 9.13
C ILE A 167 10.07 -18.05 8.65
N CYS A 168 9.59 -17.12 7.85
CA CYS A 168 10.44 -16.11 7.25
C CYS A 168 9.81 -14.75 7.48
N GLY A 169 10.58 -13.70 7.24
CA GLY A 169 10.06 -12.37 7.37
C GLY A 169 10.17 -11.63 6.07
N ASP A 170 10.00 -10.31 6.12
CA ASP A 170 10.06 -9.50 4.91
C ASP A 170 11.46 -9.53 4.31
N GLY A 171 12.49 -9.47 5.16
CA GLY A 171 13.84 -9.41 4.65
C GLY A 171 14.19 -10.66 3.83
N ASP A 172 13.79 -11.83 4.34
CA ASP A 172 13.94 -13.07 3.59
C ASP A 172 13.41 -12.92 2.17
N LEU A 173 12.30 -12.21 2.00
CA LEU A 173 11.65 -12.26 0.69
C LEU A 173 12.15 -11.17 -0.24
N MET A 174 13.00 -10.28 0.25
CA MET A 174 13.76 -9.41 -0.64
C MET A 174 15.00 -10.10 -1.19
N GLU A 175 15.53 -11.10 -0.46
CA GLU A 175 16.82 -11.69 -0.83
C GLU A 175 16.70 -12.54 -2.10
N GLY A 176 17.63 -12.31 -3.02
CA GLY A 176 17.64 -13.08 -4.24
C GLY A 176 17.67 -14.57 -4.03
N VAL A 177 18.35 -15.03 -2.98
CA VAL A 177 18.46 -16.47 -2.80
C VAL A 177 17.07 -17.08 -2.63
N ALA A 178 16.16 -16.37 -1.95
CA ALA A 178 14.83 -16.94 -1.72
C ALA A 178 13.93 -16.87 -2.96
N SER A 179 14.17 -15.91 -3.85
CA SER A 179 13.49 -15.94 -5.15
C SER A 179 13.93 -17.15 -5.98
N GLU A 180 15.23 -17.35 -6.11
CA GLU A 180 15.75 -18.53 -6.79
C GLU A 180 15.14 -19.80 -6.20
N ALA A 181 15.14 -19.90 -4.88
CA ALA A 181 14.74 -21.15 -4.24
C ALA A 181 13.24 -21.38 -4.41
N ALA A 182 12.45 -20.31 -4.26
CA ALA A 182 11.02 -20.39 -4.48
C ALA A 182 10.70 -20.80 -5.91
N SER A 183 11.41 -20.22 -6.89
CA SER A 183 11.22 -20.62 -8.27
C SER A 183 11.46 -22.12 -8.45
N LEU A 184 12.64 -22.59 -8.02
CA LEU A 184 12.99 -24.00 -8.15
C LEU A 184 11.97 -24.90 -7.45
N ALA A 185 11.53 -24.50 -6.26
CA ALA A 185 10.61 -25.35 -5.50
C ALA A 185 9.23 -25.42 -6.16
N GLY A 186 8.75 -24.29 -6.68
CA GLY A 186 7.55 -24.37 -7.50
C GLY A 186 7.75 -25.26 -8.69
N HIS A 187 8.89 -25.09 -9.36
CA HIS A 187 9.13 -25.90 -10.54
C HIS A 187 9.15 -27.38 -10.18
N LEU A 188 9.65 -27.72 -9.00
CA LEU A 188 9.72 -29.10 -8.55
C LEU A 188 8.47 -29.55 -7.79
N LYS A 189 7.45 -28.70 -7.70
CA LYS A 189 6.17 -29.05 -7.11
C LYS A 189 6.30 -29.73 -5.75
N LEU A 190 7.09 -29.13 -4.86
CA LEU A 190 7.38 -29.73 -3.54
C LEU A 190 6.25 -29.40 -2.56
N GLY A 191 5.16 -30.17 -2.65
CA GLY A 191 3.94 -29.85 -1.90
C GLY A 191 4.10 -29.89 -0.39
N ARG A 192 5.09 -30.62 0.10
CA ARG A 192 5.32 -30.80 1.54
C ARG A 192 6.12 -29.64 2.14
N LEU A 193 6.55 -28.69 1.33
CA LEU A 193 7.19 -27.47 1.82
C LEU A 193 6.12 -26.39 2.03
N ILE A 194 6.05 -25.85 3.25
CA ILE A 194 5.04 -24.86 3.65
C ILE A 194 5.78 -23.77 4.39
N VAL A 195 5.65 -22.55 3.94
CA VAL A 195 6.39 -21.43 4.51
C VAL A 195 5.41 -20.45 5.13
N LEU A 196 5.67 -20.08 6.37
CA LEU A 196 4.89 -19.05 7.06
C LEU A 196 5.67 -17.74 7.00
N TYR A 197 5.03 -16.73 6.44
CA TYR A 197 5.63 -15.43 6.19
C TYR A 197 5.08 -14.47 7.23
N ASP A 198 5.96 -13.98 8.11
CA ASP A 198 5.59 -13.01 9.13
C ASP A 198 5.53 -11.62 8.46
N SER A 199 4.35 -11.26 7.99
CA SER A 199 4.15 -10.07 7.17
C SER A 199 3.64 -8.92 8.05
N ASN A 200 4.58 -8.16 8.59
CA ASN A 200 4.28 -7.13 9.59
C ASN A 200 4.58 -5.73 9.07
N ASP A 201 4.86 -5.60 7.76
CA ASP A 201 4.98 -4.31 7.08
C ASP A 201 6.08 -3.45 7.67
N ILE A 202 7.10 -4.11 8.21
CA ILE A 202 8.20 -3.42 8.87
C ILE A 202 9.50 -4.13 8.53
N SER A 203 10.56 -3.36 8.45
CA SER A 203 11.87 -3.90 8.29
C SER A 203 12.76 -3.07 9.20
N LEU A 204 14.06 -3.30 9.10
CA LEU A 204 14.95 -2.80 10.16
C LEU A 204 15.03 -1.28 10.15
N ASP A 205 14.91 -0.64 9.00
CA ASP A 205 15.04 0.82 8.98
C ASP A 205 13.71 1.55 9.14
N GLY A 206 12.59 0.87 9.09
CA GLY A 206 11.33 1.58 9.14
C GLY A 206 10.21 0.79 8.48
N GLU A 207 9.32 1.51 7.81
CA GLU A 207 8.23 0.81 7.14
C GLU A 207 8.74 0.03 5.96
N LEU A 208 8.05 -1.06 5.69
CA LEU A 208 8.32 -1.88 4.53
C LEU A 208 8.31 -1.04 3.26
N ASN A 209 7.51 0.05 3.25
CA ASN A 209 7.29 0.81 2.03
C ASN A 209 8.46 1.73 1.66
N LEU A 210 9.44 1.91 2.53
CA LEU A 210 10.70 2.49 2.11
C LEU A 210 11.29 1.76 0.91
N SER A 211 11.25 0.39 0.92
CA SER A 211 12.01 -0.38 -0.07
C SER A 211 11.25 -1.43 -0.84
N PHE A 212 10.00 -1.69 -0.52
CA PHE A 212 9.40 -2.96 -0.91
C PHE A 212 7.90 -2.74 -0.97
N SER A 213 7.28 -2.99 -2.13
CA SER A 213 5.84 -2.79 -2.28
C SER A 213 5.21 -3.88 -3.14
N GLU A 214 5.88 -5.01 -3.33
CA GLU A 214 5.37 -5.97 -4.28
C GLU A 214 4.14 -6.73 -3.76
N ASN A 215 3.46 -7.35 -4.71
CA ASN A 215 2.34 -8.25 -4.46
C ASN A 215 3.00 -9.61 -4.31
N VAL A 216 3.28 -9.97 -3.06
CA VAL A 216 3.95 -11.23 -2.78
C VAL A 216 3.12 -12.40 -3.30
N ALA A 217 1.79 -12.35 -3.12
CA ALA A 217 0.95 -13.48 -3.51
C ALA A 217 1.04 -13.72 -5.00
N GLN A 218 1.05 -12.64 -5.78
CA GLN A 218 1.11 -12.74 -7.23
C GLN A 218 2.47 -13.30 -7.68
N ARG A 219 3.56 -12.90 -7.03
CA ARG A 219 4.87 -13.42 -7.39
C ARG A 219 4.94 -14.92 -7.10
N PHE A 220 4.48 -15.32 -5.92
CA PHE A 220 4.61 -16.72 -5.52
C PHE A 220 3.66 -17.62 -6.34
N GLN A 221 2.51 -17.10 -6.75
CA GLN A 221 1.69 -17.85 -7.68
C GLN A 221 2.37 -17.99 -9.06
N ALA A 222 3.13 -16.99 -9.47
CA ALA A 222 3.86 -17.09 -10.72
C ALA A 222 4.91 -18.20 -10.66
N TYR A 223 5.41 -18.50 -9.46
CA TYR A 223 6.35 -19.60 -9.27
C TYR A 223 5.67 -20.97 -9.34
N GLY A 224 4.36 -21.02 -9.15
CA GLY A 224 3.65 -22.27 -9.04
C GLY A 224 3.29 -22.68 -7.63
N TRP A 225 3.46 -21.78 -6.67
CA TRP A 225 3.08 -22.03 -5.29
C TRP A 225 1.60 -21.75 -5.07
N GLN A 226 1.04 -22.47 -4.11
CA GLN A 226 -0.21 -22.08 -3.47
C GLN A 226 0.04 -20.92 -2.52
N TYR A 227 -0.89 -19.95 -2.49
CA TYR A 227 -0.77 -18.79 -1.61
C TYR A 227 -1.98 -18.76 -0.73
N LEU A 228 -1.76 -18.53 0.56
CA LEU A 228 -2.82 -18.41 1.55
C LEU A 228 -2.50 -17.18 2.39
N ARG A 229 -3.55 -16.47 2.78
CA ARG A 229 -3.42 -15.26 3.57
C ARG A 229 -4.20 -15.43 4.86
N VAL A 230 -3.54 -15.21 5.99
CA VAL A 230 -4.18 -15.13 7.31
C VAL A 230 -4.19 -13.66 7.68
N GLU A 231 -5.39 -13.12 7.91
CA GLU A 231 -5.54 -11.68 8.05
C GLU A 231 -5.23 -11.22 9.48
N ASP A 232 -5.49 -12.04 10.48
CA ASP A 232 -5.21 -11.69 11.86
C ASP A 232 -4.23 -12.71 12.43
N GLY A 233 -2.96 -12.33 12.50
CA GLY A 233 -1.92 -13.24 12.92
C GLY A 233 -2.01 -13.66 14.37
N ASN A 234 -2.96 -13.09 15.12
CA ASN A 234 -3.24 -13.52 16.48
C ASN A 234 -4.36 -14.53 16.57
N ASN A 235 -5.08 -14.77 15.47
CA ASN A 235 -6.18 -15.73 15.47
C ASN A 235 -5.61 -17.13 15.17
N ILE A 236 -5.46 -17.96 16.20
CA ILE A 236 -4.79 -19.25 15.96
C ILE A 236 -5.71 -20.23 15.22
N GLU A 237 -7.02 -19.99 15.25
CA GLU A 237 -7.92 -20.80 14.45
C GLU A 237 -7.74 -20.51 12.96
N GLU A 238 -7.61 -19.23 12.60
CA GLU A 238 -7.45 -18.87 11.18
C GLU A 238 -6.11 -19.40 10.67
N ILE A 239 -5.07 -19.32 11.50
CA ILE A 239 -3.79 -19.95 11.20
C ILE A 239 -3.98 -21.45 11.01
N ALA A 240 -4.69 -22.09 11.93
CA ALA A 240 -4.88 -23.53 11.81
C ALA A 240 -5.56 -23.88 10.50
N LYS A 241 -6.58 -23.10 10.10
CA LYS A 241 -7.27 -23.40 8.84
C LYS A 241 -6.31 -23.31 7.65
N ALA A 242 -5.41 -22.31 7.65
CA ALA A 242 -4.45 -22.21 6.54
C ALA A 242 -3.48 -23.39 6.53
N LEU A 243 -2.98 -23.77 7.71
CA LEU A 243 -2.08 -24.91 7.74
C LEU A 243 -2.78 -26.15 7.22
N GLU A 244 -4.09 -26.31 7.54
CA GLU A 244 -4.85 -27.48 7.07
C GLU A 244 -4.99 -27.47 5.55
N GLU A 245 -5.36 -26.32 4.98
CA GLU A 245 -5.35 -26.18 3.52
C GLU A 245 -3.96 -26.43 2.94
N ALA A 246 -2.92 -25.87 3.55
CA ALA A 246 -1.59 -25.99 2.96
C ALA A 246 -1.11 -27.43 3.02
N ARG A 247 -1.37 -28.12 4.14
CA ARG A 247 -0.95 -29.51 4.24
C ARG A 247 -1.73 -30.42 3.32
N ALA A 248 -2.91 -29.99 2.90
CA ALA A 248 -3.75 -30.85 2.06
C ALA A 248 -3.42 -30.74 0.57
N ASP A 249 -2.74 -29.70 0.11
CA ASP A 249 -2.46 -29.57 -1.32
C ASP A 249 -1.02 -29.96 -1.56
N LEU A 250 -0.80 -31.24 -1.81
CA LEU A 250 0.55 -31.74 -2.00
C LEU A 250 1.10 -31.50 -3.40
N SER A 251 0.31 -30.97 -4.33
CA SER A 251 0.79 -30.72 -5.70
C SER A 251 1.65 -29.47 -5.82
N ARG A 252 1.65 -28.58 -4.81
CA ARG A 252 2.33 -27.29 -4.81
C ARG A 252 2.87 -26.91 -3.43
N PRO A 253 4.04 -26.29 -3.34
CA PRO A 253 4.47 -25.72 -2.05
C PRO A 253 3.62 -24.50 -1.70
N THR A 254 3.56 -24.19 -0.40
CA THR A 254 2.64 -23.16 0.07
C THR A 254 3.38 -22.06 0.79
N LEU A 255 2.97 -20.83 0.51
CA LEU A 255 3.33 -19.67 1.28
C LEU A 255 2.08 -19.15 1.97
N ILE A 256 2.17 -19.00 3.28
CA ILE A 256 1.12 -18.46 4.10
C ILE A 256 1.62 -17.10 4.57
N GLU A 257 0.99 -16.02 4.06
CA GLU A 257 1.28 -14.68 4.54
C GLU A 257 0.46 -14.42 5.81
N VAL A 258 1.13 -14.26 6.94
CA VAL A 258 0.43 -14.03 8.20
C VAL A 258 0.56 -12.56 8.57
N LYS A 259 -0.54 -11.83 8.47
CA LYS A 259 -0.53 -10.42 8.86
C LYS A 259 -0.42 -10.32 10.37
N THR A 260 0.69 -9.72 10.83
CA THR A 260 0.98 -9.57 12.23
C THR A 260 1.40 -8.14 12.49
N THR A 261 1.21 -7.71 13.73
CA THR A 261 1.82 -6.49 14.23
C THR A 261 3.14 -6.80 14.94
N ILE A 262 4.24 -6.28 14.42
CA ILE A 262 5.52 -6.52 15.06
C ILE A 262 5.49 -5.93 16.45
N GLY A 263 6.04 -6.68 17.41
CA GLY A 263 6.04 -6.19 18.78
C GLY A 263 4.66 -6.08 19.40
N TYR A 264 3.71 -6.88 18.90
CA TYR A 264 2.35 -6.85 19.37
C TYR A 264 2.27 -6.83 20.90
N GLY A 265 1.39 -5.96 21.40
CA GLY A 265 1.14 -5.80 22.81
C GLY A 265 1.93 -4.69 23.46
N ALA A 266 3.03 -4.27 22.85
CA ALA A 266 3.74 -3.11 23.40
C ALA A 266 3.04 -1.80 23.03
N PRO A 267 2.33 -1.15 23.98
CA PRO A 267 1.43 -0.05 23.58
C PRO A 267 2.12 1.07 22.83
N ASN A 268 3.35 1.41 23.24
CA ASN A 268 4.16 2.39 22.54
C ASN A 268 4.85 1.84 21.30
N LYS A 269 5.55 0.70 21.40
CA LYS A 269 6.51 0.32 20.37
C LYS A 269 5.94 -0.63 19.33
N ALA A 270 4.77 -1.24 19.56
CA ALA A 270 4.21 -2.13 18.57
C ALA A 270 4.12 -1.43 17.22
N GLY A 271 4.51 -2.12 16.14
CA GLY A 271 4.29 -1.61 14.82
C GLY A 271 5.32 -0.61 14.34
N THR A 272 6.39 -0.42 15.08
CA THR A 272 7.50 0.44 14.74
C THR A 272 8.77 -0.39 14.54
N SER A 273 9.71 0.16 13.78
CA SER A 273 10.95 -0.57 13.52
C SER A 273 11.90 -0.51 14.70
N GLY A 274 11.63 0.32 15.70
CA GLY A 274 12.46 0.35 16.88
C GLY A 274 12.32 -0.88 17.76
N VAL A 275 11.24 -1.66 17.59
CA VAL A 275 11.09 -2.91 18.33
C VAL A 275 11.68 -4.09 17.57
N HIS A 276 12.32 -3.85 16.41
CA HIS A 276 12.91 -4.94 15.63
C HIS A 276 14.09 -5.58 16.36
N GLY A 277 15.03 -4.75 16.80
CA GLY A 277 16.31 -5.26 17.24
C GLY A 277 16.89 -4.58 18.48
N ALA A 278 16.03 -4.07 19.35
CA ALA A 278 16.52 -3.68 20.66
C ALA A 278 15.55 -4.16 21.72
N PRO A 279 16.03 -4.35 22.95
CA PRO A 279 15.14 -4.68 24.06
C PRO A 279 14.01 -3.67 24.18
N LEU A 280 12.87 -4.15 24.68
CA LEU A 280 11.77 -3.27 25.03
C LEU A 280 12.24 -2.19 25.99
N GLY A 281 13.09 -2.53 26.92
CA GLY A 281 13.32 -1.71 28.09
C GLY A 281 12.36 -2.08 29.20
N ALA A 282 12.78 -1.82 30.44
CA ALA A 282 11.99 -2.27 31.59
C ALA A 282 10.59 -1.65 31.59
N GLN A 283 10.49 -0.36 31.29
CA GLN A 283 9.19 0.30 31.29
C GLN A 283 8.24 -0.35 30.30
N GLU A 284 8.62 -0.38 29.01
CA GLU A 284 7.76 -0.96 27.99
C GLU A 284 7.50 -2.44 28.26
N ALA A 285 8.47 -3.13 28.86
CA ALA A 285 8.26 -4.51 29.29
C ALA A 285 7.13 -4.61 30.30
N LYS A 286 7.23 -3.84 31.39
CA LYS A 286 6.12 -3.78 32.35
C LYS A 286 4.79 -3.50 31.63
N LEU A 287 4.76 -2.46 30.80
CA LEU A 287 3.50 -2.07 30.15
C LEU A 287 3.00 -3.17 29.23
N THR A 288 3.92 -3.89 28.58
CA THR A 288 3.52 -4.94 27.65
C THR A 288 2.85 -6.09 28.38
N LYS A 289 3.45 -6.57 29.46
CA LYS A 289 2.85 -7.66 30.25
C LYS A 289 1.51 -7.25 30.85
N GLU A 290 1.36 -5.98 31.23
CA GLU A 290 0.06 -5.45 31.64
C GLU A 290 -0.97 -5.62 30.52
N ALA A 291 -0.64 -5.14 29.31
CA ALA A 291 -1.54 -5.32 28.18
C ALA A 291 -1.92 -6.78 28.03
N TYR A 292 -0.95 -7.68 28.21
CA TYR A 292 -1.21 -9.11 28.12
C TYR A 292 -2.01 -9.66 29.29
N ARG A 293 -2.11 -8.93 30.39
CA ARG A 293 -2.75 -9.42 31.61
C ARG A 293 -1.86 -10.46 32.30
N TRP A 294 -0.54 -10.28 32.24
CA TRP A 294 0.44 -11.20 32.82
C TRP A 294 0.87 -10.58 34.14
N THR A 295 0.22 -11.01 35.23
CA THR A 295 0.33 -10.36 36.53
C THR A 295 1.19 -11.13 37.54
N PHE A 296 1.98 -12.11 37.12
CA PHE A 296 2.76 -12.88 38.08
C PHE A 296 3.90 -12.07 38.70
N ALA A 297 4.39 -11.06 37.98
CA ALA A 297 5.46 -10.18 38.45
C ALA A 297 6.74 -10.95 38.81
N GLU A 298 7.11 -11.93 37.98
CA GLU A 298 8.40 -12.64 38.09
C GLU A 298 8.91 -12.88 36.68
N ASP A 299 10.15 -12.48 36.45
CA ASP A 299 10.81 -12.73 35.18
C ASP A 299 11.02 -14.23 35.00
N PHE A 300 11.03 -14.66 33.73
CA PHE A 300 11.42 -16.02 33.40
C PHE A 300 10.53 -17.04 34.10
N TYR A 301 9.23 -16.78 34.15
CA TYR A 301 8.33 -17.62 34.89
C TYR A 301 7.43 -18.38 33.93
N VAL A 302 7.25 -19.67 34.20
CA VAL A 302 6.41 -20.52 33.37
C VAL A 302 5.35 -21.13 34.28
N PRO A 303 4.08 -20.87 34.05
CA PRO A 303 3.04 -21.58 34.82
C PRO A 303 3.19 -23.09 34.68
N GLU A 304 2.98 -23.79 35.80
CA GLU A 304 3.08 -25.25 35.76
C GLU A 304 2.10 -25.82 34.73
N GLU A 305 0.93 -25.20 34.58
CA GLU A 305 -0.06 -25.71 33.64
C GLU A 305 0.30 -25.43 32.20
N VAL A 306 1.28 -24.56 31.95
CA VAL A 306 1.79 -24.37 30.59
C VAL A 306 2.72 -25.53 30.21
N TYR A 307 3.71 -25.84 31.05
CA TYR A 307 4.50 -27.04 30.82
C TYR A 307 3.59 -28.22 30.58
N ALA A 308 2.58 -28.40 31.42
CA ALA A 308 1.73 -29.58 31.34
C ALA A 308 0.96 -29.59 30.03
N HIS A 309 0.59 -28.41 29.58
CA HIS A 309 -0.06 -28.31 28.28
C HIS A 309 0.88 -28.74 27.16
N PHE A 310 2.13 -28.24 27.16
CA PHE A 310 3.09 -28.64 26.14
C PHE A 310 3.43 -30.13 26.26
N ARG A 311 3.41 -30.68 27.46
CA ARG A 311 3.65 -32.11 27.59
C ARG A 311 2.48 -32.91 27.03
N ALA A 312 1.27 -32.35 27.08
CA ALA A 312 0.11 -33.00 26.48
C ALA A 312 -0.01 -32.76 24.98
N THR A 313 0.57 -31.69 24.45
CA THR A 313 0.40 -31.42 23.03
C THR A 313 1.60 -31.81 22.21
N VAL A 314 2.78 -31.86 22.84
CA VAL A 314 4.07 -32.04 22.16
C VAL A 314 4.78 -33.29 22.66
N GLN A 315 5.03 -33.39 23.97
CA GLN A 315 5.92 -34.46 24.42
C GLN A 315 5.27 -35.84 24.28
N GLU A 316 4.07 -36.00 24.81
CA GLU A 316 3.43 -37.30 24.71
C GLU A 316 3.07 -37.64 23.26
N PRO A 317 2.35 -36.79 22.52
CA PRO A 317 2.10 -37.10 21.10
C PRO A 317 3.37 -37.39 20.32
N GLY A 318 4.45 -36.62 20.56
CA GLY A 318 5.71 -36.85 19.88
C GLY A 318 6.29 -38.24 20.12
N ALA A 319 6.27 -38.72 21.37
CA ALA A 319 6.84 -40.05 21.62
C ALA A 319 6.01 -41.12 20.94
N LYS A 320 4.70 -40.99 21.03
CA LYS A 320 3.81 -41.92 20.34
C LYS A 320 4.12 -41.99 18.85
N LYS A 321 4.37 -40.83 18.22
CA LYS A 321 4.58 -40.76 16.78
C LYS A 321 5.87 -41.44 16.37
N GLU A 322 6.99 -41.02 16.95
CA GLU A 322 8.24 -41.72 16.68
C GLU A 322 8.12 -43.22 16.96
N ALA A 323 7.46 -43.60 18.08
CA ALA A 323 7.29 -45.02 18.38
C ALA A 323 6.49 -45.70 17.28
N LYS A 324 5.42 -45.05 16.80
CA LYS A 324 4.65 -45.66 15.71
C LYS A 324 5.51 -45.79 14.46
N TRP A 325 6.26 -44.73 14.11
CA TRP A 325 7.20 -44.81 13.00
C TRP A 325 8.21 -45.94 13.21
N ASN A 326 8.70 -46.14 14.44
CA ASN A 326 9.66 -47.21 14.68
C ASN A 326 9.02 -48.58 14.48
N GLU A 327 7.72 -48.70 14.79
CA GLU A 327 6.98 -49.92 14.47
C GLU A 327 6.88 -50.10 12.96
N GLN A 328 6.49 -49.03 12.27
CA GLN A 328 6.54 -48.99 10.81
C GLN A 328 7.87 -49.47 10.29
N LEU A 329 8.96 -48.89 10.81
CA LEU A 329 10.30 -49.21 10.33
C LEU A 329 10.60 -50.71 10.48
N ALA A 330 10.32 -51.27 11.66
CA ALA A 330 10.55 -52.69 11.83
C ALA A 330 9.69 -53.51 10.87
N ALA A 331 8.44 -53.10 10.65
CA ALA A 331 7.63 -53.76 9.62
C ALA A 331 8.28 -53.63 8.24
N TYR A 332 8.81 -52.45 7.91
CA TYR A 332 9.55 -52.29 6.66
C TYR A 332 10.81 -53.17 6.62
N GLU A 333 11.48 -53.35 7.77
CA GLU A 333 12.64 -54.25 7.84
C GLU A 333 12.26 -55.66 7.43
N GLN A 334 11.18 -56.18 8.01
CA GLN A 334 10.73 -57.53 7.73
C GLN A 334 10.37 -57.74 6.26
N ALA A 335 9.62 -56.80 5.66
CA ALA A 335 9.16 -56.97 4.28
C ALA A 335 10.20 -56.54 3.26
N HIS A 336 11.15 -55.69 3.63
CA HIS A 336 12.14 -55.12 2.70
C HIS A 336 13.46 -54.99 3.45
N PRO A 337 13.98 -56.11 3.97
CA PRO A 337 15.19 -56.06 4.78
C PRO A 337 16.41 -55.47 4.10
N GLU A 338 16.63 -55.70 2.80
CA GLU A 338 17.77 -55.05 2.18
C GLU A 338 17.59 -53.52 2.13
N LEU A 339 16.42 -53.03 1.68
CA LEU A 339 16.30 -51.56 1.61
C LEU A 339 16.39 -50.93 3.00
N ALA A 340 15.74 -51.55 3.99
CA ALA A 340 15.82 -51.06 5.36
C ALA A 340 17.26 -51.06 5.84
N ALA A 341 18.03 -52.05 5.43
CA ALA A 341 19.42 -52.07 5.82
C ALA A 341 20.17 -50.93 5.14
N GLN A 342 19.91 -50.69 3.86
CA GLN A 342 20.52 -49.56 3.19
C GLN A 342 20.05 -48.24 3.79
N LEU A 343 18.77 -48.13 4.09
CA LEU A 343 18.24 -46.91 4.71
C LEU A 343 18.96 -46.65 6.04
N LYS A 344 19.01 -47.65 6.93
CA LYS A 344 19.69 -47.46 8.21
C LYS A 344 21.12 -46.98 8.04
N ARG A 345 21.86 -47.55 7.06
CA ARG A 345 23.24 -47.12 6.84
C ARG A 345 23.30 -45.67 6.36
N ALA A 346 22.41 -45.30 5.44
CA ALA A 346 22.40 -43.92 4.95
C ALA A 346 22.11 -42.93 6.08
N ILE A 347 21.10 -43.23 6.90
CA ILE A 347 20.79 -42.40 8.05
C ILE A 347 22.00 -42.25 8.97
N GLU A 348 22.76 -43.32 9.16
CA GLU A 348 23.85 -43.23 10.13
C GLU A 348 25.09 -42.62 9.53
N GLY A 349 25.02 -42.31 8.25
CA GLY A 349 26.09 -41.62 7.58
C GLY A 349 27.15 -42.50 7.00
N LYS A 350 26.94 -43.81 6.92
CA LYS A 350 27.99 -44.69 6.43
C LYS A 350 27.97 -44.81 4.90
N LEU A 351 29.10 -45.22 4.38
CA LEU A 351 29.27 -45.50 2.97
C LEU A 351 29.40 -47.00 2.74
N PRO A 352 28.96 -47.52 1.60
CA PRO A 352 29.05 -48.96 1.38
C PRO A 352 30.48 -49.46 1.56
N ASP A 353 30.63 -50.47 2.39
CA ASP A 353 31.97 -50.96 2.68
C ASP A 353 32.62 -51.46 1.39
N GLY A 354 33.83 -51.01 1.12
CA GLY A 354 34.50 -51.30 -0.12
C GLY A 354 34.26 -50.33 -1.28
N TRP A 355 33.45 -49.30 -1.10
CA TRP A 355 33.12 -48.46 -2.25
C TRP A 355 34.36 -47.90 -2.92
N GLU A 356 35.43 -47.64 -2.14
CA GLU A 356 36.58 -46.94 -2.71
C GLU A 356 37.30 -47.79 -3.76
N ALA A 357 37.18 -49.13 -3.70
CA ALA A 357 37.75 -49.97 -4.74
C ALA A 357 37.31 -49.59 -6.15
N SER A 358 36.13 -48.96 -6.28
CA SER A 358 35.56 -48.59 -7.56
C SER A 358 36.23 -47.39 -8.22
N LEU A 359 37.11 -46.67 -7.51
CA LEU A 359 37.64 -45.44 -8.09
C LEU A 359 38.63 -45.73 -9.20
N PRO A 360 38.66 -44.92 -10.25
CA PRO A 360 39.58 -45.16 -11.36
C PRO A 360 41.01 -44.73 -11.04
N VAL A 361 41.94 -45.40 -11.70
CA VAL A 361 43.36 -45.12 -11.63
C VAL A 361 43.86 -44.92 -13.05
N TYR A 362 44.67 -43.88 -13.27
CA TYR A 362 45.05 -43.44 -14.61
C TYR A 362 46.54 -43.69 -14.83
N GLU A 363 46.87 -44.34 -15.95
CA GLU A 363 48.27 -44.43 -16.37
C GLU A 363 48.87 -43.04 -16.51
N ALA A 364 50.15 -42.92 -16.17
CA ALA A 364 50.88 -41.70 -16.48
C ALA A 364 50.74 -41.34 -17.96
N GLY A 365 50.59 -40.04 -18.25
CA GLY A 365 50.60 -39.52 -19.60
C GLY A 365 49.23 -39.47 -20.27
N LYS A 366 48.31 -40.31 -19.85
CA LYS A 366 46.92 -40.15 -20.21
C LYS A 366 46.50 -38.71 -19.91
N SER A 367 45.90 -38.05 -20.88
CA SER A 367 45.71 -36.63 -20.74
C SER A 367 44.25 -36.26 -20.87
N LEU A 368 43.78 -35.52 -19.87
CA LEU A 368 42.37 -35.39 -19.58
C LEU A 368 42.19 -34.12 -18.75
N ALA A 369 41.14 -33.35 -19.00
CA ALA A 369 40.85 -32.24 -18.08
C ALA A 369 40.43 -32.81 -16.73
N THR A 370 40.77 -32.12 -15.64
CA THR A 370 40.31 -32.69 -14.38
C THR A 370 38.81 -32.55 -14.22
N ARG A 371 38.14 -31.68 -15.01
CA ARG A 371 36.69 -31.76 -15.01
C ARG A 371 36.24 -33.08 -15.63
N SER A 372 36.97 -33.57 -16.65
CA SER A 372 36.54 -34.83 -17.27
C SER A 372 36.83 -36.03 -16.38
N SER A 373 38.00 -36.04 -15.73
CA SER A 373 38.30 -37.11 -14.77
C SER A 373 37.40 -37.00 -13.53
N SER A 374 37.03 -35.79 -13.11
CA SER A 374 35.97 -35.64 -12.10
C SER A 374 34.66 -36.28 -12.55
N GLY A 375 34.22 -35.98 -13.78
CA GLY A 375 33.07 -36.64 -14.35
C GLY A 375 33.16 -38.15 -14.22
N GLU A 376 34.31 -38.71 -14.63
CA GLU A 376 34.52 -40.15 -14.53
C GLU A 376 34.38 -40.62 -13.09
N VAL A 377 35.07 -39.94 -12.17
CA VAL A 377 35.00 -40.30 -10.75
C VAL A 377 33.58 -40.22 -10.25
N ILE A 378 32.84 -39.19 -10.66
CA ILE A 378 31.46 -39.02 -10.19
C ILE A 378 30.62 -40.24 -10.54
N ASN A 379 30.69 -40.68 -11.80
CA ASN A 379 29.91 -41.84 -12.22
C ASN A 379 30.45 -43.13 -11.60
N ALA A 380 31.75 -43.22 -11.35
CA ALA A 380 32.27 -44.36 -10.59
C ALA A 380 31.71 -44.37 -9.16
N ILE A 381 31.87 -43.29 -8.41
CA ILE A 381 31.26 -43.23 -7.07
C ILE A 381 29.74 -43.45 -7.12
N ALA A 382 29.07 -42.96 -8.15
CA ALA A 382 27.61 -43.02 -8.13
C ALA A 382 27.11 -44.44 -8.27
N LYS A 383 27.81 -45.28 -9.04
CA LYS A 383 27.40 -46.67 -9.18
C LYS A 383 27.62 -47.46 -7.89
N ALA A 384 28.64 -47.10 -7.11
CA ALA A 384 28.99 -47.81 -5.90
C ALA A 384 28.37 -47.20 -4.65
N VAL A 385 27.85 -45.98 -4.73
CA VAL A 385 27.34 -45.25 -3.57
C VAL A 385 25.93 -44.73 -3.88
N PRO A 386 24.87 -45.50 -3.65
CA PRO A 386 23.53 -45.04 -4.04
C PRO A 386 23.15 -43.64 -3.57
N GLN A 387 23.67 -43.19 -2.40
CA GLN A 387 23.25 -41.95 -1.74
C GLN A 387 23.82 -40.69 -2.39
N LEU A 388 24.65 -40.81 -3.40
CA LEU A 388 25.17 -39.65 -4.11
C LEU A 388 24.04 -39.02 -4.92
N PHE A 389 23.84 -37.72 -4.73
CA PHE A 389 22.72 -36.97 -5.29
C PHE A 389 23.27 -35.58 -5.60
N GLY A 390 22.94 -35.02 -6.76
CA GLY A 390 23.54 -33.73 -7.07
C GLY A 390 23.14 -33.21 -8.42
N GLY A 391 23.78 -32.11 -8.78
CA GLY A 391 23.55 -31.55 -10.09
C GLY A 391 24.42 -30.34 -10.31
N SER A 392 24.03 -29.55 -11.31
CA SER A 392 24.72 -28.34 -11.69
C SER A 392 23.74 -27.18 -11.83
N ALA A 393 24.31 -25.98 -11.89
CA ALA A 393 23.53 -24.78 -12.10
C ALA A 393 23.55 -24.42 -13.59
N ASP A 394 22.79 -25.19 -14.37
CA ASP A 394 22.74 -25.09 -15.83
C ASP A 394 24.13 -25.24 -16.47
N LEU A 395 25.08 -25.92 -15.81
CA LEU A 395 26.39 -26.15 -16.43
C LEU A 395 26.81 -27.63 -16.42
N ALA A 396 25.83 -28.55 -16.43
CA ALA A 396 26.17 -29.97 -16.45
C ALA A 396 27.03 -30.33 -17.66
N SER A 397 26.73 -29.78 -18.84
CA SER A 397 27.51 -30.13 -20.03
C SER A 397 28.96 -29.71 -19.90
N SER A 398 29.23 -28.63 -19.16
CA SER A 398 30.60 -28.13 -19.00
C SER A 398 31.26 -28.56 -17.70
N ASN A 399 30.51 -28.75 -16.61
CA ASN A 399 31.19 -29.19 -15.40
C ASN A 399 31.44 -30.67 -15.41
N LYS A 400 30.72 -31.44 -16.24
CA LYS A 400 30.86 -32.91 -16.30
C LYS A 400 30.35 -33.58 -15.01
N THR A 401 29.18 -33.11 -14.55
CA THR A 401 28.59 -33.59 -13.32
C THR A 401 27.50 -34.63 -13.55
N LEU A 402 27.05 -34.82 -14.77
CA LEU A 402 25.86 -35.66 -14.96
C LEU A 402 26.12 -37.08 -14.46
N ILE A 403 25.16 -37.65 -13.72
CA ILE A 403 25.22 -39.07 -13.38
C ILE A 403 24.50 -39.84 -14.48
N LYS A 404 25.25 -40.58 -15.27
CA LYS A 404 24.73 -41.21 -16.48
C LYS A 404 23.80 -42.35 -16.11
N GLY A 405 22.60 -42.35 -16.71
CA GLY A 405 21.56 -43.30 -16.33
C GLY A 405 20.96 -43.05 -14.97
N GLY A 406 21.29 -41.93 -14.33
CA GLY A 406 20.83 -41.73 -12.98
C GLY A 406 19.43 -41.18 -12.87
N GLY A 407 18.86 -40.74 -13.99
CA GLY A 407 17.53 -40.16 -13.98
C GLY A 407 17.53 -38.69 -13.62
N ASN A 408 16.39 -38.04 -13.87
CA ASN A 408 16.20 -36.62 -13.63
C ASN A 408 15.33 -36.44 -12.39
N PHE A 409 15.78 -35.61 -11.48
CA PHE A 409 14.97 -35.28 -10.31
C PHE A 409 13.80 -34.39 -10.70
N PHE A 410 12.62 -34.99 -10.90
CA PHE A 410 11.39 -34.27 -11.20
C PHE A 410 10.22 -34.89 -10.44
N PRO A 411 9.07 -34.21 -10.37
CA PRO A 411 7.88 -34.83 -9.77
C PRO A 411 7.46 -36.12 -10.45
N GLY A 412 7.65 -36.26 -11.75
CA GLY A 412 7.45 -37.60 -12.29
C GLY A 412 8.27 -38.68 -11.56
N SER A 413 9.44 -38.31 -11.05
CA SER A 413 10.58 -39.21 -10.82
C SER A 413 11.52 -38.61 -9.80
N TYR A 414 11.01 -38.44 -8.58
CA TYR A 414 11.86 -37.91 -7.55
C TYR A 414 13.01 -38.87 -7.19
N GLU A 415 12.96 -40.13 -7.63
CA GLU A 415 14.09 -41.01 -7.43
C GLU A 415 15.26 -40.71 -8.37
N GLY A 416 15.05 -39.83 -9.35
CA GLY A 416 16.14 -39.40 -10.18
C GLY A 416 17.20 -38.64 -9.38
N ARG A 417 18.46 -38.83 -9.81
CA ARG A 417 19.64 -38.42 -9.06
C ARG A 417 20.31 -37.18 -9.62
N ASN A 418 19.88 -36.71 -10.79
CA ASN A 418 20.41 -35.50 -11.42
C ASN A 418 19.46 -34.34 -11.17
N VAL A 419 19.97 -33.29 -10.56
CA VAL A 419 19.17 -32.14 -10.20
C VAL A 419 19.51 -31.02 -11.15
N TRP A 420 18.50 -30.44 -11.79
CA TRP A 420 18.67 -29.27 -12.67
C TRP A 420 18.32 -27.98 -11.90
N PHE A 421 19.35 -27.40 -11.27
CA PHE A 421 19.17 -26.24 -10.40
C PHE A 421 18.92 -24.96 -11.21
N GLY A 422 19.19 -24.98 -12.51
CA GLY A 422 19.07 -23.80 -13.31
C GLY A 422 20.17 -22.81 -12.96
N VAL A 423 20.02 -21.59 -13.50
CA VAL A 423 21.08 -20.60 -13.31
C VAL A 423 20.80 -19.96 -11.95
N ARG A 424 20.95 -20.76 -10.89
CA ARG A 424 20.61 -20.36 -9.53
C ARG A 424 21.73 -20.81 -8.56
N GLU A 425 22.94 -20.28 -8.73
CA GLU A 425 24.09 -20.78 -7.98
C GLU A 425 23.81 -20.78 -6.49
N PHE A 426 23.26 -19.66 -6.00
CA PHE A 426 23.13 -19.45 -4.56
C PHE A 426 22.05 -20.35 -3.99
N ALA A 427 20.94 -20.49 -4.71
CA ALA A 427 19.95 -21.44 -4.22
C ALA A 427 20.51 -22.86 -4.26
N MET A 428 21.26 -23.21 -5.33
CA MET A 428 21.96 -24.49 -5.34
C MET A 428 22.77 -24.66 -4.05
N GLY A 429 23.67 -23.70 -3.75
CA GLY A 429 24.51 -23.87 -2.56
C GLY A 429 23.73 -24.01 -1.26
N ALA A 430 22.74 -23.12 -1.06
CA ALA A 430 21.92 -23.20 0.15
C ALA A 430 21.10 -24.48 0.21
N ALA A 431 20.60 -24.95 -0.95
CA ALA A 431 19.81 -26.17 -0.96
C ALA A 431 20.67 -27.40 -0.68
N LEU A 432 21.93 -27.38 -1.11
CA LEU A 432 22.85 -28.44 -0.73
C LEU A 432 23.03 -28.50 0.77
N ASN A 433 23.15 -27.35 1.42
CA ASN A 433 23.18 -27.36 2.88
C ASN A 433 21.90 -28.01 3.43
N GLY A 434 20.74 -27.68 2.86
CA GLY A 434 19.50 -28.31 3.29
C GLY A 434 19.53 -29.83 3.18
N MET A 435 20.04 -30.35 2.06
CA MET A 435 20.05 -31.80 1.88
C MET A 435 21.04 -32.45 2.84
N ALA A 436 22.20 -31.84 3.04
CA ALA A 436 23.14 -32.41 4.00
C ALA A 436 22.55 -32.41 5.40
N LEU A 437 21.82 -31.34 5.75
CA LEU A 437 21.21 -31.24 7.08
C LEU A 437 20.10 -32.27 7.26
N HIS A 438 19.28 -32.50 6.23
CA HIS A 438 18.24 -33.51 6.36
C HIS A 438 18.84 -34.84 6.76
N GLY A 439 19.85 -35.29 6.02
CA GLY A 439 20.50 -36.53 6.35
C GLY A 439 20.13 -37.62 5.35
N GLY A 440 21.08 -38.53 5.12
CA GLY A 440 20.86 -39.69 4.29
C GLY A 440 21.39 -39.59 2.87
N LEU A 441 22.07 -38.48 2.52
CA LEU A 441 22.54 -38.25 1.16
C LEU A 441 23.94 -37.65 1.20
N LYS A 442 24.70 -37.95 0.17
CA LYS A 442 25.99 -37.34 -0.14
C LYS A 442 25.74 -36.38 -1.30
N VAL A 443 25.97 -35.09 -1.10
CA VAL A 443 25.51 -34.14 -2.09
C VAL A 443 26.65 -33.31 -2.67
N PHE A 444 26.47 -32.92 -3.95
CA PHE A 444 27.41 -32.08 -4.66
C PHE A 444 26.69 -31.09 -5.56
N GLY A 445 27.38 -30.02 -5.90
CA GLY A 445 26.86 -29.02 -6.82
C GLY A 445 27.95 -28.49 -7.72
N GLY A 446 27.63 -28.32 -8.99
CA GLY A 446 28.61 -27.87 -9.98
C GLY A 446 28.30 -26.49 -10.53
N THR A 447 29.36 -25.69 -10.70
CA THR A 447 29.34 -24.45 -11.44
C THR A 447 30.78 -24.01 -11.72
N PHE A 448 30.91 -22.94 -12.50
CA PHE A 448 32.23 -22.40 -12.76
C PHE A 448 32.81 -21.83 -11.47
N PHE A 449 34.11 -22.08 -11.26
CA PHE A 449 34.81 -21.54 -10.09
C PHE A 449 34.58 -20.04 -9.97
N VAL A 450 34.48 -19.35 -11.10
CA VAL A 450 34.43 -17.89 -11.02
C VAL A 450 33.06 -17.45 -10.51
N PHE A 451 32.05 -18.26 -10.76
CA PHE A 451 30.69 -18.05 -10.29
C PHE A 451 30.42 -18.70 -8.93
N SER A 452 31.43 -19.31 -8.29
CA SER A 452 31.36 -19.68 -6.89
C SER A 452 31.16 -18.46 -6.00
N ASP A 453 31.58 -17.29 -6.47
CA ASP A 453 31.22 -16.04 -5.79
C ASP A 453 29.71 -15.90 -5.62
N TYR A 454 28.91 -16.41 -6.57
CA TYR A 454 27.46 -16.25 -6.45
C TYR A 454 26.88 -17.03 -5.27
N LEU A 455 27.53 -18.10 -4.80
CA LEU A 455 27.01 -18.83 -3.65
C LEU A 455 27.91 -18.66 -2.44
N ARG A 456 28.71 -17.60 -2.40
CA ARG A 456 29.69 -17.48 -1.32
C ARG A 456 29.03 -17.58 0.05
N PRO A 457 27.89 -16.92 0.33
CA PRO A 457 27.32 -16.96 1.68
C PRO A 457 26.90 -18.35 2.13
N ALA A 458 26.57 -19.23 1.19
CA ALA A 458 26.14 -20.58 1.54
C ALA A 458 27.33 -21.50 1.75
N ILE A 459 28.43 -21.25 1.04
CA ILE A 459 29.71 -21.90 1.34
C ILE A 459 30.09 -21.61 2.77
N ARG A 460 30.00 -20.33 3.16
CA ARG A 460 30.28 -19.94 4.54
C ARG A 460 29.36 -20.67 5.50
N LEU A 461 28.10 -20.90 5.12
CA LEU A 461 27.22 -21.54 6.09
C LEU A 461 27.52 -23.01 6.21
N ALA A 462 27.97 -23.63 5.11
CA ALA A 462 28.40 -25.03 5.17
C ALA A 462 29.59 -25.18 6.09
N ALA A 463 30.57 -24.29 5.95
CA ALA A 463 31.75 -24.29 6.81
C ALA A 463 31.38 -24.11 8.28
N LEU A 464 30.46 -23.22 8.55
CA LEU A 464 30.08 -22.91 9.92
C LEU A 464 29.36 -24.07 10.57
N MET A 465 28.44 -24.69 9.82
CA MET A 465 27.72 -25.85 10.28
C MET A 465 28.50 -27.16 10.10
N GLY A 466 29.62 -27.13 9.39
CA GLY A 466 30.45 -28.34 9.23
C GLY A 466 29.73 -29.41 8.42
N LEU A 467 29.19 -29.05 7.24
CA LEU A 467 28.40 -29.98 6.45
C LEU A 467 29.24 -30.52 5.30
N PRO A 468 29.37 -31.87 5.13
CA PRO A 468 30.24 -32.44 4.10
C PRO A 468 29.67 -32.37 2.69
N VAL A 469 29.26 -31.17 2.31
CA VAL A 469 28.85 -30.84 0.96
C VAL A 469 30.06 -30.84 0.04
N ILE A 470 29.84 -31.09 -1.24
CA ILE A 470 30.94 -31.13 -2.20
C ILE A 470 30.68 -30.16 -3.34
N TYR A 471 31.56 -29.19 -3.52
CA TYR A 471 31.49 -28.25 -4.64
C TYR A 471 32.41 -28.68 -5.76
N VAL A 472 31.84 -28.76 -6.95
CA VAL A 472 32.53 -29.17 -8.16
C VAL A 472 32.75 -27.90 -8.96
N LEU A 473 33.94 -27.32 -8.82
CA LEU A 473 34.24 -26.00 -9.34
C LEU A 473 35.25 -26.11 -10.49
N THR A 474 34.75 -26.13 -11.72
CA THR A 474 35.57 -26.35 -12.90
C THR A 474 35.98 -24.99 -13.49
N HIS A 475 36.78 -25.04 -14.57
CA HIS A 475 37.20 -23.84 -15.31
C HIS A 475 37.96 -22.87 -14.41
N ASP A 476 39.01 -23.40 -13.76
CA ASP A 476 39.61 -22.78 -12.58
C ASP A 476 40.56 -21.63 -12.87
N SER A 477 40.83 -21.27 -14.12
CA SER A 477 41.96 -20.37 -14.36
C SER A 477 41.81 -19.62 -15.70
N ILE A 478 42.83 -18.81 -15.99
CA ILE A 478 42.98 -18.17 -17.29
C ILE A 478 43.01 -19.15 -18.45
N ALA A 479 43.38 -20.40 -18.23
CA ALA A 479 43.31 -21.35 -19.33
C ALA A 479 41.91 -21.39 -19.96
N VAL A 480 40.91 -20.85 -19.28
CA VAL A 480 39.55 -20.84 -19.83
C VAL A 480 39.54 -20.14 -21.20
N GLY A 481 40.38 -19.12 -21.37
CA GLY A 481 40.55 -18.56 -22.70
C GLY A 481 39.50 -17.59 -23.23
N GLU A 482 38.88 -17.96 -24.35
CA GLU A 482 38.15 -16.97 -25.13
C GLU A 482 36.99 -16.33 -24.38
N ASP A 483 36.45 -16.97 -23.33
CA ASP A 483 35.28 -16.36 -22.67
C ASP A 483 35.65 -15.09 -21.92
N GLY A 484 36.94 -14.88 -21.65
CA GLY A 484 37.42 -13.65 -21.07
C GLY A 484 37.48 -13.54 -19.57
N PRO A 485 37.84 -12.32 -19.14
CA PRO A 485 38.16 -12.10 -17.72
C PRO A 485 37.00 -12.25 -16.76
N THR A 486 35.76 -12.00 -17.19
CA THR A 486 34.64 -12.26 -16.28
C THR A 486 34.50 -13.73 -15.95
N HIS A 487 35.08 -14.59 -16.78
CA HIS A 487 34.95 -16.02 -16.66
C HIS A 487 36.21 -16.68 -16.16
N GLU A 488 37.27 -15.92 -15.86
CA GLU A 488 38.57 -16.47 -15.49
C GLU A 488 38.88 -16.22 -14.02
N PRO A 489 38.94 -17.25 -13.17
CA PRO A 489 39.30 -17.03 -11.77
C PRO A 489 40.69 -16.46 -11.58
N ILE A 490 40.82 -15.59 -10.57
CA ILE A 490 42.10 -15.07 -10.10
C ILE A 490 42.21 -15.20 -8.59
N GLU A 491 41.26 -14.60 -7.89
CA GLU A 491 41.35 -14.47 -6.45
C GLU A 491 40.56 -15.55 -5.70
N GLN A 492 39.78 -16.36 -6.41
CA GLN A 492 38.85 -17.27 -5.76
C GLN A 492 39.58 -18.26 -4.85
N LEU A 493 40.69 -18.85 -5.32
CA LEU A 493 41.46 -19.76 -4.46
C LEU A 493 41.82 -19.11 -3.12
N ALA A 494 42.48 -17.95 -3.16
CA ALA A 494 42.87 -17.28 -1.93
C ALA A 494 41.68 -17.06 -1.04
N SER A 495 40.54 -16.71 -1.67
CA SER A 495 39.32 -16.40 -0.93
C SER A 495 38.78 -17.61 -0.20
N LEU A 496 38.92 -18.79 -0.79
CA LEU A 496 38.43 -19.95 -0.08
C LEU A 496 39.47 -20.47 0.90
N ARG A 497 40.75 -20.23 0.62
CA ARG A 497 41.79 -20.68 1.53
C ARG A 497 41.67 -19.99 2.87
N ALA A 498 41.29 -18.71 2.86
CA ALA A 498 41.20 -17.98 4.12
C ALA A 498 40.02 -18.38 4.99
N MET A 499 39.00 -19.03 4.43
CA MET A 499 37.78 -19.39 5.19
C MET A 499 38.00 -20.52 6.20
N PRO A 500 37.71 -20.32 7.49
CA PRO A 500 37.77 -21.45 8.43
C PRO A 500 36.85 -22.61 8.02
N ASN A 501 37.30 -23.81 8.38
CA ASN A 501 36.53 -25.04 8.26
C ASN A 501 36.05 -25.33 6.85
N LEU A 502 36.80 -24.91 5.86
CA LEU A 502 36.48 -25.28 4.48
C LEU A 502 37.72 -25.93 3.91
N SER A 503 37.55 -27.13 3.38
CA SER A 503 38.61 -27.83 2.65
C SER A 503 38.63 -27.46 1.18
N VAL A 504 39.80 -27.07 0.69
CA VAL A 504 39.97 -26.66 -0.70
C VAL A 504 41.03 -27.56 -1.31
N ILE A 505 40.68 -28.25 -2.39
CA ILE A 505 41.61 -29.16 -3.05
C ILE A 505 41.66 -28.81 -4.54
N ARG A 506 42.86 -28.62 -5.05
CA ARG A 506 43.09 -28.31 -6.46
C ARG A 506 44.00 -29.41 -7.00
N PRO A 507 43.42 -30.55 -7.42
CA PRO A 507 44.26 -31.68 -7.79
C PRO A 507 45.13 -31.39 -9.00
N ALA A 508 46.32 -32.01 -9.01
CA ALA A 508 47.30 -31.81 -10.04
C ALA A 508 46.99 -32.57 -11.34
N ASP A 509 46.23 -33.67 -11.25
CA ASP A 509 45.95 -34.53 -12.39
C ASP A 509 44.80 -35.47 -12.02
N ALA A 510 44.54 -36.45 -12.91
CA ALA A 510 43.39 -37.31 -12.75
C ALA A 510 43.45 -38.16 -11.48
N ASN A 511 44.65 -38.56 -11.06
CA ASN A 511 44.75 -39.40 -9.86
C ASN A 511 44.55 -38.56 -8.61
N GLU A 512 45.21 -37.40 -8.52
CA GLU A 512 44.92 -36.51 -7.40
C GLU A 512 43.44 -36.11 -7.38
N THR A 513 42.78 -36.12 -8.56
CA THR A 513 41.35 -35.82 -8.64
C THR A 513 40.51 -36.93 -8.04
N ALA A 514 40.81 -38.20 -8.40
CA ALA A 514 40.22 -39.36 -7.72
C ALA A 514 40.40 -39.28 -6.22
N ALA A 515 41.64 -39.15 -5.77
CA ALA A 515 41.92 -39.04 -4.34
C ALA A 515 41.19 -37.84 -3.69
N ALA A 516 41.12 -36.68 -4.37
CA ALA A 516 40.35 -35.55 -3.85
C ALA A 516 38.89 -35.91 -3.64
N TRP A 517 38.25 -36.50 -4.66
CA TRP A 517 36.87 -36.92 -4.53
C TRP A 517 36.68 -37.85 -3.35
N ARG A 518 37.60 -38.79 -3.19
CA ARG A 518 37.52 -39.72 -2.08
C ARG A 518 37.57 -39.00 -0.73
N LEU A 519 38.45 -38.02 -0.59
CA LEU A 519 38.55 -37.33 0.69
C LEU A 519 37.34 -36.44 0.91
N ALA A 520 36.79 -35.85 -0.15
CA ALA A 520 35.61 -35.03 0.03
C ALA A 520 34.40 -35.86 0.40
N LEU A 521 34.34 -37.09 -0.10
CA LEU A 521 33.21 -37.96 0.22
C LEU A 521 33.36 -38.55 1.60
N GLU A 522 34.61 -38.81 2.01
CA GLU A 522 34.86 -39.34 3.34
C GLU A 522 34.60 -38.32 4.43
N SER A 523 34.48 -37.04 4.08
CA SER A 523 34.38 -36.02 5.11
C SER A 523 33.04 -36.14 5.84
N THR A 524 33.09 -35.98 7.16
CA THR A 524 31.90 -35.92 8.02
C THR A 524 31.60 -34.53 8.57
N ASP A 525 32.59 -33.64 8.75
CA ASP A 525 32.37 -32.41 9.49
C ASP A 525 32.87 -31.14 8.79
N LYS A 526 33.17 -31.18 7.49
CA LYS A 526 33.47 -29.93 6.79
C LYS A 526 33.22 -30.08 5.30
N PRO A 527 32.92 -28.98 4.63
CA PRO A 527 32.65 -29.05 3.20
C PRO A 527 33.96 -29.06 2.42
N THR A 528 33.85 -29.44 1.16
CA THR A 528 35.01 -29.54 0.30
C THR A 528 34.72 -28.89 -1.05
N ALA A 529 35.62 -28.01 -1.46
CA ALA A 529 35.64 -27.43 -2.79
C ALA A 529 36.68 -28.14 -3.67
N LEU A 530 36.27 -28.57 -4.85
CA LEU A 530 37.17 -29.20 -5.80
C LEU A 530 37.41 -28.23 -6.95
N VAL A 531 38.67 -27.90 -7.19
CA VAL A 531 39.02 -26.86 -8.14
C VAL A 531 39.53 -27.56 -9.39
N LEU A 532 38.75 -27.51 -10.45
CA LEU A 532 38.99 -28.37 -11.62
C LEU A 532 39.25 -27.53 -12.87
N THR A 533 40.01 -28.11 -13.80
CA THR A 533 40.35 -27.41 -15.04
C THR A 533 39.30 -27.60 -16.13
N ARG A 534 39.33 -26.67 -17.08
CA ARG A 534 38.71 -26.90 -18.38
C ARG A 534 39.60 -27.73 -19.29
N GLN A 535 40.89 -27.44 -19.32
CA GLN A 535 41.83 -27.99 -20.30
C GLN A 535 42.44 -29.31 -19.85
N ASP A 536 43.00 -30.04 -20.81
CA ASP A 536 43.65 -31.31 -20.49
C ASP A 536 44.89 -31.08 -19.61
N VAL A 537 45.11 -32.00 -18.68
CA VAL A 537 46.39 -32.01 -17.96
C VAL A 537 46.89 -33.45 -18.05
N PRO A 538 48.13 -33.67 -18.45
CA PRO A 538 48.65 -35.04 -18.48
C PRO A 538 48.79 -35.61 -17.08
N THR A 539 48.55 -36.90 -16.98
CA THR A 539 48.73 -37.61 -15.71
C THR A 539 50.21 -37.80 -15.44
N LEU A 540 50.65 -37.34 -14.28
CA LEU A 540 52.04 -37.40 -13.87
C LEU A 540 52.46 -38.85 -13.59
N ALA A 541 53.77 -39.03 -13.43
CA ALA A 541 54.32 -40.38 -13.30
C ALA A 541 53.89 -41.06 -12.01
N ALA A 542 53.97 -40.35 -10.88
CA ALA A 542 53.94 -41.00 -9.59
C ALA A 542 52.58 -40.92 -8.89
N THR A 543 51.58 -40.29 -9.52
CA THR A 543 50.32 -40.03 -8.82
C THR A 543 49.48 -41.29 -8.65
N ALA A 544 49.61 -42.24 -9.58
CA ALA A 544 48.87 -43.49 -9.41
C ALA A 544 49.21 -44.10 -8.05
N GLU A 545 50.48 -44.07 -7.68
CA GLU A 545 50.92 -44.65 -6.42
C GLU A 545 50.73 -43.68 -5.25
N LEU A 546 50.99 -42.38 -5.45
CA LEU A 546 51.10 -41.44 -4.34
C LEU A 546 49.88 -40.58 -4.10
N ALA A 547 48.99 -40.43 -5.07
CA ALA A 547 47.91 -39.46 -4.95
C ALA A 547 47.19 -39.58 -3.61
N TYR A 548 46.70 -40.76 -3.24
CA TYR A 548 45.80 -40.83 -2.10
C TYR A 548 46.47 -40.32 -0.83
N GLU A 549 47.56 -40.94 -0.42
CA GLU A 549 48.30 -40.45 0.75
C GLU A 549 48.79 -39.02 0.52
N GLY A 550 49.24 -38.72 -0.68
CA GLY A 550 49.73 -37.41 -0.99
C GLY A 550 48.70 -36.30 -0.79
N VAL A 551 47.54 -36.41 -1.44
CA VAL A 551 46.49 -35.42 -1.25
C VAL A 551 46.01 -35.47 0.19
N LYS A 552 46.07 -36.64 0.82
CA LYS A 552 45.62 -36.75 2.20
C LYS A 552 46.50 -35.91 3.12
N LYS A 553 47.78 -35.82 2.80
CA LYS A 553 48.74 -35.01 3.53
C LYS A 553 48.85 -33.62 2.96
N GLY A 554 48.02 -33.29 1.96
CA GLY A 554 47.85 -31.90 1.54
C GLY A 554 48.96 -31.42 0.62
N ALA A 555 50.16 -31.93 0.85
CA ALA A 555 51.33 -31.54 0.08
C ALA A 555 52.33 -32.68 0.19
N TYR A 556 53.04 -32.95 -0.89
CA TYR A 556 53.95 -34.07 -0.92
C TYR A 556 54.93 -33.85 -2.07
N VAL A 557 56.09 -34.49 -1.95
CA VAL A 557 57.09 -34.41 -3.02
C VAL A 557 56.62 -35.36 -4.11
N VAL A 558 56.18 -34.80 -5.22
CA VAL A 558 55.66 -35.63 -6.29
C VAL A 558 56.76 -36.08 -7.26
N SER A 559 57.86 -35.33 -7.35
CA SER A 559 58.98 -35.69 -8.23
C SER A 559 60.23 -35.18 -7.54
N PRO A 560 60.86 -36.00 -6.73
CA PRO A 560 62.06 -35.56 -6.02
C PRO A 560 63.20 -35.34 -7.00
N ALA A 561 64.12 -34.49 -6.56
CA ALA A 561 65.31 -34.20 -7.36
C ALA A 561 66.02 -35.50 -7.72
N LYS A 562 66.42 -35.62 -8.98
CA LYS A 562 67.02 -36.85 -9.47
C LYS A 562 68.21 -37.28 -8.61
N ASN A 563 69.14 -36.35 -8.38
CA ASN A 563 70.37 -36.66 -7.68
C ASN A 563 70.20 -36.81 -6.18
N GLY A 564 68.98 -36.65 -5.67
CA GLY A 564 68.74 -36.73 -4.24
C GLY A 564 69.11 -35.53 -3.41
N ALA A 565 69.53 -34.41 -4.02
CA ALA A 565 69.95 -33.22 -3.28
C ALA A 565 69.43 -31.95 -3.92
N PRO A 566 68.17 -31.59 -3.65
CA PRO A 566 67.58 -30.43 -4.33
C PRO A 566 68.40 -29.17 -4.12
N GLU A 567 68.65 -28.44 -5.23
CA GLU A 567 69.14 -27.07 -5.14
C GLU A 567 68.01 -26.11 -4.79
N ALA A 568 66.82 -26.37 -5.28
CA ALA A 568 65.66 -25.54 -4.94
C ALA A 568 64.43 -26.42 -4.92
N LEU A 569 63.32 -25.84 -4.44
CA LEU A 569 62.00 -26.46 -4.56
C LEU A 569 61.11 -25.65 -5.50
N LEU A 570 60.43 -26.35 -6.38
CA LEU A 570 59.32 -25.83 -7.14
C LEU A 570 58.04 -26.25 -6.40
N LEU A 571 57.25 -25.26 -5.95
CA LEU A 571 55.98 -25.49 -5.29
C LEU A 571 54.85 -25.14 -6.25
N ALA A 572 53.87 -26.04 -6.37
CA ALA A 572 52.82 -25.78 -7.35
C ALA A 572 51.57 -26.54 -6.93
N THR A 573 50.47 -26.15 -7.57
CA THR A 573 49.18 -26.78 -7.38
C THR A 573 48.50 -26.97 -8.74
N GLY A 574 47.57 -27.91 -8.77
CA GLY A 574 46.71 -28.00 -9.94
C GLY A 574 47.48 -28.29 -11.22
N SER A 575 47.01 -27.68 -12.30
CA SER A 575 47.64 -27.81 -13.60
C SER A 575 49.07 -27.26 -13.63
N GLU A 576 49.47 -26.45 -12.67
CA GLU A 576 50.84 -25.96 -12.69
C GLU A 576 51.85 -27.01 -12.20
N VAL A 577 51.41 -28.09 -11.54
CA VAL A 577 52.36 -29.13 -11.17
C VAL A 577 52.98 -29.76 -12.41
N GLY A 578 52.15 -30.06 -13.42
CA GLY A 578 52.66 -30.42 -14.73
C GLY A 578 53.78 -29.52 -15.20
N LEU A 579 53.51 -28.23 -15.28
CA LEU A 579 54.50 -27.28 -15.77
C LEU A 579 55.77 -27.38 -14.95
N ALA A 580 55.65 -27.56 -13.64
CA ALA A 580 56.82 -27.57 -12.79
C ALA A 580 57.70 -28.78 -13.08
N VAL A 581 57.08 -29.90 -13.45
CA VAL A 581 57.85 -31.13 -13.69
C VAL A 581 58.62 -31.02 -15.00
N LYS A 582 58.05 -30.33 -16.00
CA LYS A 582 58.78 -30.10 -17.25
C LYS A 582 60.00 -29.23 -16.99
N ALA A 583 59.82 -28.11 -16.28
CA ALA A 583 60.95 -27.29 -15.90
C ALA A 583 62.04 -28.09 -15.19
N GLN A 584 61.67 -28.81 -14.13
CA GLN A 584 62.59 -29.72 -13.44
C GLN A 584 63.36 -30.56 -14.45
N GLU A 585 62.65 -31.18 -15.40
CA GLU A 585 63.31 -31.98 -16.41
C GLU A 585 64.31 -31.14 -17.20
N ALA A 586 63.88 -29.97 -17.71
CA ALA A 586 64.82 -29.09 -18.40
C ALA A 586 66.01 -28.76 -17.51
N LEU A 587 65.73 -28.38 -16.25
CA LEU A 587 66.79 -28.03 -15.32
C LEU A 587 67.77 -29.18 -15.13
N ALA A 588 67.24 -30.38 -14.87
CA ALA A 588 68.10 -31.55 -14.72
C ALA A 588 68.99 -31.74 -15.95
N ALA A 589 68.52 -31.35 -17.13
CA ALA A 589 69.31 -31.51 -18.35
C ALA A 589 70.45 -30.50 -18.47
N GLU A 590 70.49 -29.51 -17.60
CA GLU A 590 71.62 -28.59 -17.50
C GLU A 590 72.46 -28.80 -16.26
N GLY A 591 72.18 -29.84 -15.48
CA GLY A 591 72.88 -30.10 -14.24
C GLY A 591 72.31 -29.44 -13.01
N ILE A 592 71.10 -28.89 -13.09
CA ILE A 592 70.43 -28.24 -11.97
C ILE A 592 69.34 -29.19 -11.48
N HIS A 593 69.29 -29.39 -10.17
CA HIS A 593 68.42 -30.40 -9.62
C HIS A 593 67.55 -29.76 -8.59
N VAL A 594 66.25 -29.92 -8.79
CA VAL A 594 65.21 -29.35 -7.97
C VAL A 594 64.21 -30.46 -7.68
N SER A 595 63.56 -30.33 -6.53
CA SER A 595 62.42 -31.14 -6.15
C SER A 595 61.13 -30.38 -6.46
N VAL A 596 60.14 -31.10 -6.95
CA VAL A 596 58.82 -30.54 -7.21
C VAL A 596 57.89 -30.99 -6.10
N ILE A 597 57.12 -30.05 -5.57
CA ILE A 597 56.17 -30.28 -4.49
C ILE A 597 54.76 -30.09 -5.04
N SER A 598 53.90 -31.09 -4.91
CA SER A 598 52.47 -30.88 -5.17
C SER A 598 51.79 -30.46 -3.87
N MET A 599 50.97 -29.42 -3.94
CA MET A 599 50.20 -28.93 -2.79
C MET A 599 48.72 -28.84 -3.17
N PRO A 600 48.08 -29.99 -3.36
CA PRO A 600 46.63 -29.97 -3.66
C PRO A 600 45.78 -29.27 -2.60
N SER A 601 46.17 -29.27 -1.33
CA SER A 601 45.33 -28.67 -0.30
C SER A 601 46.18 -28.06 0.80
N TRP A 602 46.14 -26.73 0.90
CA TRP A 602 46.82 -26.03 1.99
C TRP A 602 46.26 -26.43 3.34
N ASP A 603 44.94 -26.56 3.43
CA ASP A 603 44.36 -26.87 4.72
C ASP A 603 44.80 -28.26 5.19
N ARG A 604 44.94 -29.21 4.29
CA ARG A 604 45.32 -30.55 4.71
C ARG A 604 46.78 -30.59 5.12
N PHE A 605 47.64 -29.83 4.43
CA PHE A 605 49.05 -29.74 4.79
C PHE A 605 49.25 -29.11 6.16
N GLU A 606 48.54 -28.03 6.47
CA GLU A 606 48.70 -27.40 7.76
C GLU A 606 48.22 -28.29 8.89
N ALA A 607 47.45 -29.35 8.61
CA ALA A 607 47.03 -30.30 9.62
C ALA A 607 48.06 -31.41 9.87
N GLN A 608 49.18 -31.40 9.19
CA GLN A 608 50.24 -32.36 9.39
C GLN A 608 51.19 -31.86 10.48
N PRO A 609 51.87 -32.75 11.18
CA PRO A 609 52.88 -32.31 12.15
C PRO A 609 54.05 -31.65 11.43
N LYS A 610 54.77 -30.79 12.15
CA LYS A 610 55.92 -30.08 11.61
C LYS A 610 56.98 -31.03 11.05
N SER A 611 57.27 -32.11 11.77
CA SER A 611 58.22 -33.09 11.27
C SER A 611 57.94 -33.46 9.81
N TYR A 612 56.66 -33.70 9.46
CA TYR A 612 56.33 -33.99 8.06
C TYR A 612 56.42 -32.74 7.18
N ARG A 613 55.99 -31.60 7.71
CA ARG A 613 56.05 -30.38 6.90
C ARG A 613 57.49 -30.01 6.55
N ASP A 614 58.41 -30.12 7.52
CA ASP A 614 59.82 -29.91 7.25
C ASP A 614 60.40 -30.96 6.31
N GLU A 615 59.73 -32.11 6.15
CA GLU A 615 60.22 -33.13 5.23
C GLU A 615 59.82 -32.84 3.78
N VAL A 616 58.63 -32.29 3.58
CA VAL A 616 58.20 -31.87 2.25
C VAL A 616 58.85 -30.53 1.89
N LEU A 617 59.04 -29.67 2.87
CA LEU A 617 59.59 -28.33 2.69
C LEU A 617 60.83 -28.18 3.57
N PRO A 618 61.93 -28.83 3.20
CA PRO A 618 63.11 -28.86 4.08
C PRO A 618 63.62 -27.47 4.38
N PRO A 619 63.54 -27.03 5.64
CA PRO A 619 64.13 -25.73 6.04
C PRO A 619 65.50 -25.45 5.44
N ALA A 620 66.28 -26.50 5.17
CA ALA A 620 67.58 -26.30 4.55
C ALA A 620 67.45 -25.62 3.19
N VAL A 621 66.45 -26.02 2.40
CA VAL A 621 66.38 -25.58 1.00
C VAL A 621 65.62 -24.25 1.01
N THR A 622 66.40 -23.16 1.11
CA THR A 622 65.81 -21.82 1.19
C THR A 622 65.31 -21.30 -0.15
N LYS A 623 65.80 -21.86 -1.26
CA LYS A 623 65.50 -21.33 -2.59
C LYS A 623 64.30 -22.09 -3.13
N ARG A 624 63.15 -21.39 -3.26
CA ARG A 624 61.87 -21.99 -3.59
C ARG A 624 61.05 -21.07 -4.49
N LEU A 625 60.42 -21.64 -5.52
CA LEU A 625 59.55 -20.89 -6.40
C LEU A 625 58.14 -21.49 -6.41
N ALA A 626 57.16 -20.73 -5.96
CA ALA A 626 55.77 -21.14 -6.08
C ALA A 626 55.23 -20.80 -7.47
N ILE A 627 54.33 -21.64 -7.95
CA ILE A 627 53.83 -21.57 -9.31
C ILE A 627 52.33 -21.85 -9.26
N GLU A 628 51.50 -20.84 -9.56
CA GLU A 628 50.06 -21.01 -9.45
C GLU A 628 49.34 -19.89 -10.22
N MET A 629 48.38 -20.28 -11.08
CA MET A 629 47.67 -19.29 -11.93
C MET A 629 46.49 -18.73 -11.15
N GLY A 630 46.82 -17.84 -10.23
CA GLY A 630 45.87 -17.20 -9.33
C GLY A 630 46.65 -16.25 -8.44
N ALA A 631 45.92 -15.54 -7.57
CA ALA A 631 46.54 -14.52 -6.75
C ALA A 631 47.65 -15.10 -5.87
N SER A 632 48.68 -14.27 -5.64
CA SER A 632 49.81 -14.62 -4.80
C SER A 632 49.51 -14.70 -3.30
N LEU A 633 48.42 -14.10 -2.81
CA LEU A 633 48.27 -13.96 -1.36
C LEU A 633 48.60 -15.24 -0.60
N GLY A 634 49.48 -15.14 0.40
CA GLY A 634 49.70 -16.24 1.33
C GLY A 634 50.77 -17.23 0.94
N TRP A 635 51.36 -17.10 -0.24
CA TRP A 635 52.39 -18.03 -0.70
C TRP A 635 53.74 -17.80 -0.02
N GLU A 636 53.98 -16.58 0.44
CA GLU A 636 55.15 -16.25 1.24
C GLU A 636 55.28 -17.20 2.43
N ARG A 637 54.16 -17.74 2.90
CA ARG A 637 54.24 -18.71 3.98
C ARG A 637 55.01 -19.95 3.57
N TYR A 638 54.97 -20.32 2.30
CA TYR A 638 55.63 -21.54 1.84
C TYR A 638 56.90 -21.30 1.02
N VAL A 639 57.08 -20.12 0.44
CA VAL A 639 58.34 -19.86 -0.27
C VAL A 639 59.39 -19.21 0.62
N GLY A 640 58.98 -18.43 1.61
CA GLY A 640 59.92 -17.85 2.55
C GLY A 640 60.65 -16.67 1.93
N ALA A 641 61.55 -16.09 2.72
CA ALA A 641 62.05 -14.76 2.39
C ALA A 641 62.99 -14.77 1.21
N GLU A 642 63.74 -15.85 1.04
CA GLU A 642 64.58 -16.01 -0.14
C GLU A 642 63.81 -16.65 -1.30
N GLY A 643 62.48 -16.67 -1.22
CA GLY A 643 61.66 -17.28 -2.23
C GLY A 643 61.17 -16.30 -3.29
N ASP A 644 60.40 -16.86 -4.23
CA ASP A 644 59.87 -16.13 -5.38
C ASP A 644 58.52 -16.73 -5.74
N ILE A 645 57.63 -15.93 -6.31
CA ILE A 645 56.28 -16.36 -6.60
C ILE A 645 55.96 -16.00 -8.04
N LEU A 646 55.59 -16.99 -8.83
CA LEU A 646 55.12 -16.78 -10.19
C LEU A 646 53.60 -17.02 -10.15
N ALA A 647 52.85 -15.92 -10.16
CA ALA A 647 51.43 -15.92 -9.84
C ALA A 647 50.74 -14.91 -10.75
N ILE A 648 49.45 -14.67 -10.48
CA ILE A 648 48.66 -13.70 -11.24
C ILE A 648 47.86 -12.78 -10.32
N ASP A 649 48.28 -11.52 -10.23
CA ASP A 649 47.58 -10.53 -9.42
C ASP A 649 46.94 -9.47 -10.31
N ARG A 650 46.37 -9.90 -11.43
CA ARG A 650 45.62 -9.02 -12.31
C ARG A 650 44.52 -9.87 -12.94
N PHE A 651 43.58 -9.23 -13.61
CA PHE A 651 42.54 -10.03 -14.25
C PHE A 651 43.08 -10.65 -15.55
N GLY A 652 42.25 -11.44 -16.21
CA GLY A 652 42.65 -12.20 -17.39
C GLY A 652 42.34 -11.48 -18.69
N ALA A 653 42.06 -12.26 -19.73
CA ALA A 653 41.93 -11.73 -21.07
C ALA A 653 41.00 -12.64 -21.86
N SER A 654 40.54 -12.13 -23.02
CA SER A 654 39.80 -12.91 -24.02
C SER A 654 40.77 -13.35 -25.12
N ALA A 655 41.14 -14.63 -25.11
CA ALA A 655 42.06 -15.19 -26.10
C ALA A 655 42.11 -16.70 -25.92
N PRO A 656 42.64 -17.45 -26.91
CA PRO A 656 42.93 -18.87 -26.63
C PRO A 656 43.74 -19.03 -25.35
N GLY A 657 43.34 -20.01 -24.54
CA GLY A 657 43.99 -20.20 -23.24
C GLY A 657 45.50 -20.30 -23.32
N GLU A 658 46.01 -21.06 -24.30
CA GLU A 658 47.46 -21.16 -24.45
C GLU A 658 48.07 -19.78 -24.57
N LYS A 659 47.43 -18.92 -25.35
CA LYS A 659 47.99 -17.59 -25.58
C LYS A 659 48.08 -16.84 -24.26
N ILE A 660 47.00 -16.87 -23.46
CA ILE A 660 47.01 -16.14 -22.19
C ILE A 660 48.09 -16.69 -21.26
N MET A 661 48.13 -18.02 -21.10
CA MET A 661 49.10 -18.63 -20.18
C MET A 661 50.53 -18.27 -20.57
N ALA A 662 50.81 -18.17 -21.87
CA ALA A 662 52.16 -17.81 -22.27
C ALA A 662 52.44 -16.33 -22.00
N GLU A 663 51.47 -15.46 -22.28
CA GLU A 663 51.68 -14.03 -22.06
C GLU A 663 51.81 -13.75 -20.58
N TYR A 664 51.14 -14.53 -19.75
CA TYR A 664 51.16 -14.36 -18.30
C TYR A 664 52.32 -15.11 -17.66
N GLY A 665 53.10 -15.85 -18.46
CA GLY A 665 54.38 -16.34 -18.05
C GLY A 665 54.37 -17.73 -17.49
N PHE A 666 53.35 -18.51 -17.80
CA PHE A 666 53.33 -19.91 -17.37
C PHE A 666 53.79 -20.79 -18.53
N THR A 667 55.12 -20.72 -18.75
CA THR A 667 55.81 -21.51 -19.74
C THR A 667 56.99 -22.20 -19.11
N VAL A 668 57.41 -23.31 -19.71
CA VAL A 668 58.59 -24.01 -19.23
C VAL A 668 59.79 -23.07 -19.14
N ASP A 669 60.07 -22.38 -20.24
CA ASP A 669 61.24 -21.53 -20.31
C ASP A 669 61.23 -20.43 -19.24
N ASN A 670 60.04 -19.98 -18.84
CA ASN A 670 60.00 -18.90 -17.85
C ASN A 670 60.23 -19.43 -16.43
N VAL A 671 59.63 -20.56 -16.09
CA VAL A 671 59.92 -21.20 -14.80
C VAL A 671 61.42 -21.48 -14.68
N VAL A 672 62.06 -21.93 -15.76
CA VAL A 672 63.49 -22.17 -15.73
C VAL A 672 64.26 -20.87 -15.52
N ARG A 673 63.92 -19.82 -16.26
CA ARG A 673 64.64 -18.57 -16.07
C ARG A 673 64.48 -18.04 -14.64
N ARG A 674 63.28 -18.19 -14.06
CA ARG A 674 63.10 -17.77 -12.68
C ARG A 674 63.94 -18.62 -11.73
N THR A 675 63.88 -19.94 -11.88
CA THR A 675 64.63 -20.83 -11.02
C THR A 675 66.13 -20.53 -11.07
N LYS A 676 66.67 -20.38 -12.28
CA LYS A 676 68.09 -20.07 -12.40
C LYS A 676 68.41 -18.75 -11.72
N ALA A 677 67.58 -17.74 -11.96
CA ALA A 677 67.77 -16.46 -11.29
C ALA A 677 67.82 -16.62 -9.78
N LEU A 678 66.95 -17.49 -9.23
CA LEU A 678 66.97 -17.75 -7.79
C LEU A 678 68.30 -18.31 -7.33
N LEU A 679 68.96 -19.08 -8.20
CA LEU A 679 70.21 -19.73 -7.86
C LEU A 679 71.42 -18.97 -8.38
N GLY A 680 71.24 -17.69 -8.71
CA GLY A 680 72.31 -16.94 -9.34
C GLY A 680 72.96 -17.63 -10.51
N LYS A 681 72.17 -18.32 -11.34
CA LYS A 681 72.70 -19.00 -12.52
C LYS A 681 72.02 -18.48 -13.78
N SER B 17 13.30 -6.19 -48.97
CA SER B 17 13.24 -5.06 -48.04
C SER B 17 14.60 -4.77 -47.41
N ILE B 18 14.93 -3.48 -47.24
CA ILE B 18 16.21 -3.13 -46.66
C ILE B 18 16.27 -3.50 -45.19
N GLU B 19 15.13 -3.49 -44.49
CA GLU B 19 15.18 -3.90 -43.08
C GLU B 19 15.63 -5.36 -42.98
N GLU B 20 14.99 -6.26 -43.74
CA GLU B 20 15.38 -7.66 -43.72
C GLU B 20 16.87 -7.83 -43.98
N LEU B 21 17.40 -7.14 -44.98
CA LEU B 21 18.79 -7.35 -45.37
C LEU B 21 19.75 -6.89 -44.29
N ALA B 22 19.44 -5.79 -43.64
CA ALA B 22 20.23 -5.39 -42.48
C ALA B 22 20.20 -6.49 -41.42
N ILE B 23 19.02 -7.08 -41.17
CA ILE B 23 18.92 -8.09 -40.13
C ILE B 23 19.69 -9.34 -40.53
N THR B 24 19.62 -9.73 -41.81
CA THR B 24 20.41 -10.87 -42.24
C THR B 24 21.89 -10.54 -42.16
N THR B 25 22.26 -9.29 -42.48
CA THR B 25 23.65 -8.90 -42.38
C THR B 25 24.15 -9.09 -40.96
N ILE B 26 23.37 -8.61 -39.98
CA ILE B 26 23.74 -8.80 -38.58
C ILE B 26 23.89 -10.28 -38.27
N ARG B 27 22.90 -11.07 -38.69
CA ARG B 27 22.92 -12.49 -38.41
C ARG B 27 24.17 -13.14 -39.02
N THR B 28 24.60 -12.67 -40.20
CA THR B 28 25.71 -13.33 -40.91
C THR B 28 27.08 -12.84 -40.47
N LEU B 29 27.23 -11.55 -40.15
CA LEU B 29 28.47 -11.12 -39.52
C LEU B 29 28.70 -11.89 -38.23
N SER B 30 27.63 -12.11 -37.48
CA SER B 30 27.77 -12.76 -36.19
C SER B 30 28.22 -14.20 -36.35
N ILE B 31 27.60 -14.92 -37.28
CA ILE B 31 27.99 -16.29 -37.57
C ILE B 31 29.44 -16.36 -37.97
N ASP B 32 29.84 -15.56 -38.98
CA ASP B 32 31.16 -15.67 -39.59
C ASP B 32 32.28 -15.41 -38.58
N ALA B 33 32.14 -14.34 -37.79
CA ALA B 33 33.14 -14.02 -36.77
C ALA B 33 33.32 -15.18 -35.78
N ILE B 34 32.22 -15.86 -35.43
CA ILE B 34 32.25 -16.97 -34.48
C ILE B 34 32.89 -18.20 -35.14
N GLU B 35 32.59 -18.42 -36.43
CA GLU B 35 33.29 -19.44 -37.21
C GLU B 35 34.79 -19.18 -37.23
N LYS B 36 35.20 -17.96 -37.59
CA LYS B 36 36.63 -17.67 -37.66
C LYS B 36 37.32 -17.85 -36.31
N ALA B 37 36.64 -17.45 -35.22
CA ALA B 37 37.21 -17.59 -33.89
C ALA B 37 37.24 -19.04 -33.44
N LYS B 38 36.41 -19.90 -34.07
CA LYS B 38 36.17 -21.26 -33.59
C LYS B 38 35.67 -21.28 -32.14
N SER B 39 34.99 -20.19 -31.71
CA SER B 39 34.53 -20.03 -30.34
C SER B 39 33.43 -18.99 -30.30
N GLY B 40 32.45 -19.19 -29.44
CA GLY B 40 31.42 -18.19 -29.19
C GLY B 40 30.03 -18.77 -29.31
N HIS B 41 29.04 -17.88 -29.37
CA HIS B 41 27.66 -18.16 -29.03
C HIS B 41 26.77 -17.65 -30.15
N PRO B 42 26.43 -18.49 -31.10
CA PRO B 42 25.67 -18.01 -32.26
C PRO B 42 24.18 -17.91 -32.03
N GLY B 43 23.66 -18.75 -31.14
CA GLY B 43 22.23 -18.98 -31.10
C GLY B 43 21.45 -17.74 -30.68
N MET B 44 21.97 -16.99 -29.75
CA MET B 44 21.24 -15.81 -29.28
C MET B 44 21.28 -14.71 -30.33
N PRO B 45 22.43 -14.31 -30.86
CA PRO B 45 22.39 -13.34 -31.96
C PRO B 45 21.45 -13.73 -33.09
N MET B 46 21.34 -15.01 -33.41
CA MET B 46 20.48 -15.39 -34.54
C MET B 46 19.02 -15.10 -34.24
N GLY B 47 18.58 -15.36 -33.01
CA GLY B 47 17.19 -15.15 -32.69
C GLY B 47 16.82 -13.76 -32.25
N ALA B 48 17.78 -13.07 -31.63
CA ALA B 48 17.54 -11.74 -31.10
C ALA B 48 17.86 -10.61 -32.07
N ALA B 49 18.53 -10.88 -33.17
CA ALA B 49 18.90 -9.79 -34.05
C ALA B 49 17.76 -8.87 -34.48
N PRO B 50 16.56 -9.36 -34.83
CA PRO B 50 15.49 -8.42 -35.21
C PRO B 50 15.13 -7.43 -34.11
N MET B 51 14.94 -7.90 -32.88
CA MET B 51 14.60 -7.00 -31.78
C MET B 51 15.72 -6.01 -31.54
N ALA B 52 16.98 -6.48 -31.65
CA ALA B 52 18.12 -5.59 -31.42
C ALA B 52 18.22 -4.56 -32.55
N TYR B 53 18.13 -5.02 -33.80
CA TYR B 53 18.01 -4.13 -34.94
C TYR B 53 16.96 -3.05 -34.69
N THR B 54 15.73 -3.46 -34.41
CA THR B 54 14.63 -2.51 -34.31
C THR B 54 14.89 -1.47 -33.23
N LEU B 55 15.33 -1.93 -32.05
CA LEU B 55 15.63 -0.98 -30.99
C LEU B 55 16.75 -0.03 -31.40
N TRP B 56 17.78 -0.56 -32.06
CA TRP B 56 19.00 0.19 -32.31
C TRP B 56 18.82 1.25 -33.40
N THR B 57 17.95 0.99 -34.37
CA THR B 57 17.79 1.86 -35.53
C THR B 57 16.52 2.70 -35.54
N LYS B 58 15.56 2.43 -34.64
CA LYS B 58 14.26 3.09 -34.67
C LYS B 58 13.82 3.76 -33.38
N PHE B 59 14.39 3.42 -32.26
CA PHE B 59 13.90 3.92 -30.99
C PHE B 59 14.99 4.52 -30.14
N MET B 60 16.19 3.92 -30.17
CA MET B 60 17.29 4.32 -29.33
C MET B 60 17.95 5.58 -29.88
N ASN B 61 18.29 6.49 -28.97
CA ASN B 61 18.86 7.78 -29.33
C ASN B 61 20.34 7.78 -28.94
N HIS B 62 21.22 7.65 -29.93
CA HIS B 62 22.65 7.61 -29.68
C HIS B 62 23.40 8.16 -30.89
N ASN B 63 24.65 8.54 -30.64
CA ASN B 63 25.51 9.11 -31.66
C ASN B 63 26.81 8.33 -31.82
N PRO B 64 26.95 7.48 -32.85
CA PRO B 64 28.23 6.77 -33.04
C PRO B 64 29.45 7.67 -33.06
N ALA B 65 29.31 8.92 -33.49
CA ALA B 65 30.45 9.83 -33.49
C ALA B 65 30.87 10.21 -32.08
N ASN B 66 30.01 10.01 -31.08
CA ASN B 66 30.36 10.34 -29.70
C ASN B 66 29.65 9.39 -28.76
N PRO B 67 30.26 8.24 -28.47
CA PRO B 67 29.67 7.31 -27.51
C PRO B 67 29.60 7.85 -26.09
N ASN B 68 30.18 9.01 -25.78
CA ASN B 68 30.13 9.56 -24.43
C ASN B 68 29.11 10.68 -24.28
N TRP B 69 28.34 10.98 -25.34
CA TRP B 69 27.29 11.98 -25.27
C TRP B 69 26.43 11.72 -24.04
N PHE B 70 26.40 12.67 -23.11
CA PHE B 70 25.89 12.37 -21.78
C PHE B 70 24.40 12.03 -21.75
N ASN B 71 23.61 12.51 -22.72
CA ASN B 71 22.17 12.28 -22.73
C ASN B 71 21.74 11.18 -23.69
N ARG B 72 22.69 10.41 -24.20
CA ARG B 72 22.38 9.24 -25.01
C ARG B 72 21.53 8.22 -24.23
N ASP B 73 20.68 7.48 -24.93
CA ASP B 73 20.11 6.32 -24.28
C ASP B 73 21.22 5.33 -23.92
N ARG B 74 21.08 4.66 -22.77
CA ARG B 74 22.05 3.68 -22.30
C ARG B 74 21.56 2.28 -22.65
N PHE B 75 22.42 1.47 -23.26
CA PHE B 75 22.08 0.09 -23.62
C PHE B 75 22.98 -0.89 -22.89
N VAL B 76 22.40 -2.00 -22.42
CA VAL B 76 23.11 -3.05 -21.68
C VAL B 76 22.74 -4.42 -22.26
N LEU B 77 23.73 -5.17 -22.72
CA LEU B 77 23.51 -6.56 -23.12
C LEU B 77 23.73 -7.45 -21.91
N SER B 78 22.65 -7.72 -21.17
CA SER B 78 22.77 -8.57 -19.97
C SER B 78 23.09 -10.01 -20.35
N ALA B 79 22.54 -10.48 -21.46
CA ALA B 79 22.85 -11.80 -22.01
C ALA B 79 24.14 -11.67 -22.83
N GLY B 80 25.22 -11.48 -22.09
CA GLY B 80 26.51 -11.10 -22.66
C GLY B 80 27.11 -12.09 -23.63
N HIS B 81 26.73 -13.38 -23.54
CA HIS B 81 27.28 -14.34 -24.48
C HIS B 81 26.93 -13.94 -25.92
N GLY B 82 25.83 -13.23 -26.09
CA GLY B 82 25.42 -12.78 -27.42
C GLY B 82 26.19 -11.62 -28.01
N SER B 83 27.42 -11.39 -27.54
CA SER B 83 28.19 -10.16 -27.82
C SER B 83 28.46 -9.88 -29.30
N MET B 84 28.53 -10.88 -30.16
CA MET B 84 28.67 -10.56 -31.57
C MET B 84 27.47 -9.82 -32.12
N LEU B 85 26.32 -9.90 -31.47
CA LEU B 85 25.19 -9.08 -31.88
C LEU B 85 25.48 -7.61 -31.59
N LEU B 86 25.98 -7.34 -30.39
CA LEU B 86 26.38 -5.99 -30.05
C LEU B 86 27.43 -5.47 -31.01
N TYR B 87 28.46 -6.28 -31.30
CA TYR B 87 29.57 -5.77 -32.09
C TYR B 87 29.15 -5.56 -33.53
N SER B 88 28.32 -6.47 -34.06
CA SER B 88 27.76 -6.25 -35.40
C SER B 88 27.08 -4.88 -35.48
N LEU B 89 26.21 -4.58 -34.51
CA LEU B 89 25.47 -3.32 -34.53
C LEU B 89 26.42 -2.14 -34.36
N LEU B 90 27.37 -2.26 -33.43
CA LEU B 90 28.37 -1.22 -33.31
C LEU B 90 29.05 -0.96 -34.64
N HIS B 91 29.52 -2.02 -35.32
CA HIS B 91 30.29 -1.80 -36.53
C HIS B 91 29.45 -1.14 -37.62
N LEU B 92 28.23 -1.65 -37.83
CA LEU B 92 27.41 -1.19 -38.93
C LEU B 92 26.89 0.21 -38.69
N SER B 93 26.68 0.56 -37.40
CA SER B 93 26.28 1.89 -36.96
C SER B 93 27.40 2.91 -37.06
N GLY B 94 28.64 2.48 -37.27
CA GLY B 94 29.72 3.41 -37.38
C GLY B 94 30.38 3.78 -36.08
N TYR B 95 30.14 3.03 -35.01
CA TYR B 95 31.03 3.15 -33.87
C TYR B 95 32.42 2.74 -34.32
N ASP B 96 33.42 3.10 -33.53
CA ASP B 96 34.79 2.72 -33.86
C ASP B 96 35.07 1.22 -33.71
N VAL B 97 34.26 0.38 -34.37
CA VAL B 97 34.43 -1.07 -34.41
C VAL B 97 34.63 -1.41 -35.88
N SER B 98 35.84 -1.79 -36.27
CA SER B 98 36.16 -2.02 -37.66
C SER B 98 35.85 -3.45 -38.09
N MET B 99 35.86 -3.68 -39.40
CA MET B 99 35.64 -5.04 -39.91
C MET B 99 36.74 -5.98 -39.42
N ASP B 100 37.98 -5.52 -39.41
CA ASP B 100 39.05 -6.31 -38.86
C ASP B 100 38.85 -6.60 -37.38
N ASP B 101 38.25 -5.66 -36.64
CA ASP B 101 37.92 -5.97 -35.26
C ASP B 101 36.99 -7.17 -35.17
N LEU B 102 35.97 -7.24 -36.03
CA LEU B 102 35.05 -8.37 -36.03
C LEU B 102 35.77 -9.65 -36.44
N LYS B 103 36.78 -9.53 -37.27
CA LYS B 103 37.60 -10.69 -37.60
C LYS B 103 38.60 -11.04 -36.51
N GLN B 104 38.58 -10.33 -35.39
CA GLN B 104 39.44 -10.62 -34.24
C GLN B 104 38.63 -11.02 -33.03
N PHE B 105 37.37 -11.39 -33.22
CA PHE B 105 36.52 -11.80 -32.11
C PHE B 105 37.23 -12.86 -31.29
N ARG B 106 37.23 -12.65 -29.99
CA ARG B 106 37.77 -13.63 -29.04
C ARG B 106 39.26 -13.85 -29.22
N GLN B 107 39.97 -12.88 -29.82
CA GLN B 107 41.41 -12.97 -30.01
C GLN B 107 42.15 -12.03 -29.07
N TRP B 108 43.42 -12.35 -28.80
CA TRP B 108 44.23 -11.64 -27.81
C TRP B 108 44.30 -10.15 -28.09
N GLY B 109 43.86 -9.33 -27.12
CA GLY B 109 43.99 -7.89 -27.21
C GLY B 109 43.02 -7.25 -28.18
N SER B 110 42.07 -8.00 -28.70
CA SER B 110 41.11 -7.44 -29.62
C SER B 110 40.04 -6.57 -28.92
N LYS B 111 39.37 -5.80 -29.72
CA LYS B 111 38.27 -4.96 -29.25
C LYS B 111 36.91 -5.66 -29.33
N THR B 112 36.91 -6.97 -29.51
CA THR B 112 35.67 -7.75 -29.62
C THR B 112 35.83 -8.98 -28.76
N PRO B 113 35.92 -8.80 -27.44
CA PRO B 113 36.09 -9.95 -26.55
C PRO B 113 34.82 -10.78 -26.43
N GLY B 114 35.00 -12.03 -26.01
CA GLY B 114 33.92 -13.00 -26.08
C GLY B 114 32.70 -12.60 -25.29
N HIS B 115 32.88 -11.81 -24.25
CA HIS B 115 31.79 -11.20 -23.50
C HIS B 115 32.06 -9.71 -23.41
N PRO B 116 31.00 -8.92 -23.31
CA PRO B 116 31.16 -7.47 -23.39
C PRO B 116 32.01 -6.94 -22.26
N GLU B 117 33.03 -6.17 -22.62
CA GLU B 117 33.96 -5.59 -21.64
C GLU B 117 33.98 -4.07 -21.77
N TYR B 118 33.52 -3.38 -20.73
CA TYR B 118 33.53 -1.92 -20.76
C TYR B 118 34.96 -1.41 -20.60
N GLY B 119 35.34 -0.44 -21.44
CA GLY B 119 36.71 0.01 -21.48
C GLY B 119 37.55 -0.67 -22.55
N HIS B 120 36.98 -1.66 -23.22
CA HIS B 120 37.70 -2.35 -24.28
C HIS B 120 37.02 -2.23 -25.63
N THR B 121 35.80 -1.70 -25.69
CA THR B 121 35.07 -1.60 -26.95
C THR B 121 34.28 -0.29 -26.94
N PRO B 122 34.45 0.58 -27.94
CA PRO B 122 33.63 1.80 -27.97
C PRO B 122 32.16 1.46 -28.01
N GLY B 123 31.35 2.25 -27.28
CA GLY B 123 29.93 2.03 -27.22
C GLY B 123 29.46 0.98 -26.23
N VAL B 124 30.34 0.13 -25.72
CA VAL B 124 29.92 -0.87 -24.74
C VAL B 124 29.76 -0.17 -23.40
N GLU B 125 28.56 -0.27 -22.80
CA GLU B 125 28.27 0.51 -21.60
C GLU B 125 28.58 -0.23 -20.30
N ALA B 126 28.73 -1.55 -20.33
CA ALA B 126 28.87 -2.30 -19.10
C ALA B 126 29.46 -3.66 -19.44
N THR B 127 30.29 -4.16 -18.54
CA THR B 127 30.88 -5.48 -18.66
C THR B 127 29.87 -6.49 -18.14
N THR B 128 29.46 -7.42 -19.00
CA THR B 128 28.49 -8.43 -18.58
C THR B 128 29.06 -9.79 -18.94
N GLY B 129 28.27 -10.85 -18.86
CA GLY B 129 28.85 -12.16 -18.84
C GLY B 129 28.45 -12.87 -17.57
N PRO B 130 28.70 -12.27 -16.41
CA PRO B 130 28.08 -12.79 -15.19
C PRO B 130 26.60 -12.49 -15.22
N LEU B 131 25.80 -13.54 -15.43
CA LEU B 131 24.38 -13.40 -15.71
C LEU B 131 23.64 -12.78 -14.54
N GLY B 132 22.51 -12.15 -14.89
CA GLY B 132 21.68 -11.43 -13.96
C GLY B 132 22.13 -10.02 -13.71
N GLN B 133 23.44 -9.80 -13.70
CA GLN B 133 23.96 -8.53 -13.25
C GLN B 133 23.70 -7.40 -14.23
N GLY B 134 23.64 -7.68 -15.53
CA GLY B 134 23.41 -6.60 -16.49
C GLY B 134 22.09 -5.88 -16.25
N ILE B 135 21.03 -6.66 -16.04
CA ILE B 135 19.73 -6.08 -15.69
C ILE B 135 19.88 -5.16 -14.49
N ALA B 136 20.47 -5.68 -13.41
CA ALA B 136 20.61 -4.88 -12.20
C ALA B 136 21.48 -3.67 -12.43
N MET B 137 22.47 -3.76 -13.32
CA MET B 137 23.28 -2.58 -13.59
C MET B 137 22.48 -1.54 -14.36
N ALA B 138 21.61 -2.00 -15.28
CA ALA B 138 20.69 -1.10 -15.97
C ALA B 138 19.77 -0.39 -14.99
N VAL B 139 19.21 -1.13 -14.02
CA VAL B 139 18.43 -0.49 -12.94
C VAL B 139 19.25 0.64 -12.32
N GLY B 140 20.53 0.37 -12.04
CA GLY B 140 21.40 1.44 -11.56
C GLY B 140 21.45 2.62 -12.50
N MET B 141 21.61 2.34 -13.80
CA MET B 141 21.67 3.43 -14.77
C MET B 141 20.38 4.25 -14.78
N ALA B 142 19.24 3.56 -14.74
CA ALA B 142 17.95 4.24 -14.74
C ALA B 142 17.75 5.09 -13.49
N MET B 143 18.25 4.64 -12.33
CA MET B 143 18.23 5.42 -11.11
C MET B 143 19.10 6.66 -11.19
N ALA B 144 20.29 6.54 -11.76
CA ALA B 144 21.16 7.70 -11.95
C ALA B 144 20.51 8.73 -12.85
N GLU B 145 19.84 8.27 -13.92
CA GLU B 145 19.16 9.19 -14.83
C GLU B 145 18.05 9.97 -14.11
N ARG B 146 17.26 9.30 -13.27
CA ARG B 146 16.18 10.04 -12.62
C ARG B 146 16.73 10.97 -11.55
N HIS B 147 17.70 10.51 -10.77
CA HIS B 147 18.31 11.39 -9.80
C HIS B 147 18.95 12.60 -10.47
N LEU B 148 19.64 12.40 -11.60
CA LEU B 148 20.30 13.52 -12.25
C LEU B 148 19.30 14.49 -12.88
N ALA B 149 18.22 13.94 -13.44
CA ALA B 149 17.18 14.77 -14.02
C ALA B 149 16.58 15.70 -12.95
N ALA B 150 16.38 15.17 -11.74
CA ALA B 150 15.78 15.93 -10.66
C ALA B 150 16.75 16.93 -10.06
N THR B 151 18.05 16.77 -10.33
CA THR B 151 19.04 17.70 -9.83
C THR B 151 19.27 18.84 -10.80
N TYR B 152 19.12 18.60 -12.10
CA TYR B 152 19.56 19.55 -13.09
C TYR B 152 18.47 20.05 -14.01
N ASN B 153 17.31 19.38 -14.13
CA ASN B 153 16.23 19.87 -14.98
C ASN B 153 15.45 20.96 -14.24
N ARG B 154 15.63 22.21 -14.65
CA ARG B 154 15.05 23.35 -13.96
C ARG B 154 14.44 24.30 -14.96
N ASP B 155 13.34 24.90 -14.57
CA ASP B 155 12.79 26.07 -15.27
C ASP B 155 12.64 25.82 -16.77
N GLY B 156 12.07 24.67 -17.13
CA GLY B 156 11.80 24.36 -18.50
C GLY B 156 12.90 23.63 -19.22
N PHE B 157 14.13 23.65 -18.70
CA PHE B 157 15.26 22.95 -19.31
C PHE B 157 15.25 21.48 -18.93
N GLU B 158 14.89 20.61 -19.87
CA GLU B 158 15.03 19.18 -19.64
C GLU B 158 16.39 18.73 -20.19
N ILE B 159 17.42 18.87 -19.38
CA ILE B 159 18.77 18.56 -19.84
C ILE B 159 19.15 17.07 -19.70
N ILE B 160 18.68 16.38 -18.65
CA ILE B 160 18.86 14.95 -18.50
C ILE B 160 17.52 14.29 -18.78
N ASN B 161 17.43 13.55 -19.89
CA ASN B 161 16.18 12.85 -20.20
C ASN B 161 16.49 11.74 -21.20
N HIS B 162 16.61 10.50 -20.72
CA HIS B 162 16.85 9.41 -21.67
C HIS B 162 16.44 8.07 -21.08
N TYR B 163 16.27 7.11 -21.97
CA TYR B 163 15.91 5.76 -21.62
C TYR B 163 17.13 4.92 -21.24
N THR B 164 16.84 3.80 -20.57
CA THR B 164 17.80 2.73 -20.32
C THR B 164 17.20 1.46 -20.89
N TYR B 165 17.93 0.83 -21.80
CA TYR B 165 17.50 -0.43 -22.39
C TYR B 165 18.44 -1.57 -22.04
N ALA B 166 17.90 -2.77 -22.02
CA ALA B 166 18.73 -3.94 -21.81
C ALA B 166 18.08 -5.11 -22.53
N ILE B 167 18.90 -6.01 -23.05
CA ILE B 167 18.43 -7.29 -23.54
C ILE B 167 18.92 -8.37 -22.57
N CYS B 168 18.03 -9.23 -22.17
CA CYS B 168 18.32 -10.28 -21.20
C CYS B 168 17.81 -11.58 -21.78
N GLY B 169 18.18 -12.68 -21.15
CA GLY B 169 17.68 -13.99 -21.55
C GLY B 169 17.15 -14.81 -20.38
N ASP B 170 16.96 -16.13 -20.59
CA ASP B 170 16.36 -16.94 -19.54
C ASP B 170 17.23 -16.96 -18.29
N GLY B 171 18.53 -17.14 -18.47
CA GLY B 171 19.40 -17.23 -17.30
C GLY B 171 19.36 -15.98 -16.44
N ASP B 172 19.39 -14.81 -17.07
CA ASP B 172 19.30 -13.56 -16.33
C ASP B 172 18.09 -13.58 -15.42
N LEU B 173 16.96 -14.11 -15.92
CA LEU B 173 15.71 -14.09 -15.16
C LEU B 173 15.63 -15.17 -14.09
N MET B 174 16.56 -16.14 -14.09
CA MET B 174 16.67 -17.07 -12.97
C MET B 174 17.56 -16.59 -11.84
N GLU B 175 18.48 -15.65 -12.12
CA GLU B 175 19.43 -15.18 -11.10
C GLU B 175 18.73 -14.25 -10.10
N GLY B 176 19.09 -14.42 -8.82
CA GLY B 176 18.40 -13.67 -7.78
C GLY B 176 18.63 -12.18 -7.87
N VAL B 177 19.86 -11.78 -8.25
CA VAL B 177 20.19 -10.37 -8.32
C VAL B 177 19.24 -9.66 -9.28
N ALA B 178 18.76 -10.36 -10.31
CA ALA B 178 17.80 -9.74 -11.20
C ALA B 178 16.42 -9.71 -10.58
N SER B 179 16.12 -10.63 -9.65
CA SER B 179 14.85 -10.55 -8.95
C SER B 179 14.88 -9.38 -7.99
N GLU B 180 15.96 -9.26 -7.23
CA GLU B 180 16.19 -8.12 -6.37
C GLU B 180 16.06 -6.80 -7.15
N ALA B 181 16.66 -6.73 -8.34
CA ALA B 181 16.72 -5.46 -9.07
C ALA B 181 15.38 -5.12 -9.70
N ALA B 182 14.67 -6.14 -10.17
CA ALA B 182 13.33 -5.92 -10.70
C ALA B 182 12.39 -5.43 -9.61
N SER B 183 12.47 -6.04 -8.43
CA SER B 183 11.65 -5.59 -7.32
C SER B 183 11.93 -4.14 -6.98
N LEU B 184 13.21 -3.79 -6.83
CA LEU B 184 13.58 -2.43 -6.54
C LEU B 184 13.14 -1.45 -7.64
N ALA B 185 13.33 -1.81 -8.89
CA ALA B 185 13.01 -0.86 -9.96
C ALA B 185 11.50 -0.60 -10.01
N GLY B 186 10.71 -1.66 -9.86
CA GLY B 186 9.26 -1.49 -9.88
C GLY B 186 8.81 -0.65 -8.71
N HIS B 187 9.38 -0.91 -7.53
CA HIS B 187 9.10 -0.09 -6.37
C HIS B 187 9.36 1.40 -6.63
N LEU B 188 10.44 1.70 -7.32
CA LEU B 188 10.80 3.06 -7.62
C LEU B 188 10.20 3.59 -8.92
N LYS B 189 9.34 2.80 -9.58
CA LYS B 189 8.59 3.24 -10.76
C LYS B 189 9.53 3.82 -11.83
N LEU B 190 10.59 3.06 -12.13
CA LEU B 190 11.61 3.53 -13.07
C LEU B 190 11.10 3.37 -14.50
N GLY B 191 10.31 4.36 -14.93
CA GLY B 191 9.58 4.22 -16.17
C GLY B 191 10.43 4.30 -17.42
N ARG B 192 11.63 4.83 -17.30
CA ARG B 192 12.51 4.92 -18.46
C ARG B 192 13.36 3.66 -18.67
N LEU B 193 13.23 2.64 -17.83
CA LEU B 193 13.93 1.36 -17.98
C LEU B 193 13.04 0.39 -18.76
N ILE B 194 13.54 -0.06 -19.90
CA ILE B 194 12.84 -1.02 -20.78
C ILE B 194 13.74 -2.23 -21.05
N VAL B 195 13.30 -3.41 -20.64
CA VAL B 195 14.06 -4.65 -20.82
C VAL B 195 13.38 -5.52 -21.87
N LEU B 196 14.15 -5.93 -22.87
CA LEU B 196 13.70 -6.90 -23.84
C LEU B 196 14.23 -8.27 -23.43
N TYR B 197 13.31 -9.20 -23.23
CA TYR B 197 13.60 -10.53 -22.75
C TYR B 197 13.63 -11.45 -23.96
N ASP B 198 14.81 -12.01 -24.26
CA ASP B 198 14.96 -12.96 -25.37
C ASP B 198 14.47 -14.32 -24.86
N SER B 199 13.23 -14.67 -25.23
CA SER B 199 12.46 -15.76 -24.61
C SER B 199 12.38 -16.94 -25.57
N ASN B 200 13.37 -17.82 -25.48
CA ASN B 200 13.55 -18.85 -26.50
C ASN B 200 13.48 -20.26 -25.93
N ASP B 201 13.07 -20.43 -24.67
CA ASP B 201 12.74 -21.73 -24.09
C ASP B 201 13.95 -22.66 -24.10
N ILE B 202 15.15 -22.09 -24.04
CA ILE B 202 16.40 -22.83 -24.10
C ILE B 202 17.36 -22.17 -23.13
N SER B 203 18.09 -23.01 -22.38
CA SER B 203 19.21 -22.58 -21.56
C SER B 203 20.44 -23.39 -21.99
N LEU B 204 21.51 -23.28 -21.21
CA LEU B 204 22.75 -23.93 -21.66
C LEU B 204 22.62 -25.45 -21.70
N ASP B 205 21.97 -26.06 -20.70
CA ASP B 205 21.92 -27.52 -20.60
C ASP B 205 20.79 -28.17 -21.39
N GLY B 206 19.89 -27.40 -21.97
CA GLY B 206 18.83 -28.01 -22.72
C GLY B 206 17.55 -27.18 -22.67
N GLU B 207 16.43 -27.89 -22.66
CA GLU B 207 15.15 -27.20 -22.67
C GLU B 207 14.96 -26.42 -21.38
N LEU B 208 14.26 -25.31 -21.52
CA LEU B 208 14.00 -24.47 -20.37
C LEU B 208 13.27 -25.23 -19.29
N ASN B 209 12.35 -26.14 -19.68
CA ASN B 209 11.52 -26.89 -18.76
C ASN B 209 12.33 -27.80 -17.82
N LEU B 210 13.62 -28.02 -18.08
CA LEU B 210 14.47 -28.73 -17.13
C LEU B 210 14.51 -28.05 -15.78
N SER B 211 14.50 -26.73 -15.78
CA SER B 211 14.76 -25.97 -14.57
C SER B 211 13.82 -24.81 -14.31
N PHE B 212 12.94 -24.46 -15.24
CA PHE B 212 12.30 -23.15 -15.15
C PHE B 212 10.91 -23.24 -15.75
N SER B 213 9.94 -22.69 -15.03
CA SER B 213 8.56 -22.79 -15.52
C SER B 213 7.69 -21.68 -14.93
N GLU B 214 8.26 -20.55 -14.49
CA GLU B 214 7.47 -19.50 -13.89
C GLU B 214 6.55 -18.83 -14.92
N ASN B 215 5.45 -18.25 -14.45
CA ASN B 215 4.78 -17.23 -15.24
C ASN B 215 5.56 -15.92 -15.09
N VAL B 216 6.43 -15.63 -16.06
CA VAL B 216 7.28 -14.44 -15.97
C VAL B 216 6.43 -13.18 -15.98
N ALA B 217 5.37 -13.16 -16.78
CA ALA B 217 4.48 -12.00 -16.84
C ALA B 217 3.91 -11.68 -15.47
N GLN B 218 3.24 -12.67 -14.86
CA GLN B 218 2.64 -12.50 -13.55
C GLN B 218 3.67 -12.05 -12.52
N ARG B 219 4.88 -12.60 -12.59
CA ARG B 219 5.92 -12.22 -11.66
C ARG B 219 6.34 -10.77 -11.83
N PHE B 220 6.56 -10.32 -13.08
CA PHE B 220 7.01 -8.95 -13.25
C PHE B 220 5.90 -7.96 -12.94
N GLN B 221 4.64 -8.39 -13.15
CA GLN B 221 3.49 -7.60 -12.76
C GLN B 221 3.41 -7.44 -11.25
N ALA B 222 3.78 -8.50 -10.50
CA ALA B 222 3.80 -8.40 -9.04
C ALA B 222 4.81 -7.37 -8.57
N TYR B 223 5.86 -7.12 -9.36
CA TYR B 223 6.83 -6.09 -9.01
C TYR B 223 6.36 -4.70 -9.37
N GLY B 224 5.27 -4.58 -10.13
CA GLY B 224 4.84 -3.29 -10.63
C GLY B 224 5.37 -2.90 -11.99
N TRP B 225 5.83 -3.88 -12.77
CA TRP B 225 6.29 -3.62 -14.13
C TRP B 225 5.11 -3.68 -15.11
N GLN B 226 5.21 -2.89 -16.17
CA GLN B 226 4.47 -3.13 -17.41
C GLN B 226 5.04 -4.37 -18.11
N TYR B 227 4.17 -5.32 -18.45
CA TYR B 227 4.55 -6.49 -19.22
C TYR B 227 3.99 -6.38 -20.61
N LEU B 228 4.83 -6.71 -21.60
CA LEU B 228 4.43 -6.79 -22.99
C LEU B 228 5.00 -8.06 -23.59
N ARG B 229 4.26 -8.66 -24.51
CA ARG B 229 4.68 -9.89 -25.16
C ARG B 229 4.67 -9.68 -26.66
N VAL B 230 5.73 -10.15 -27.32
CA VAL B 230 5.84 -10.21 -28.77
C VAL B 230 5.74 -11.67 -29.15
N GLU B 231 4.70 -12.00 -29.93
CA GLU B 231 4.49 -13.38 -30.36
C GLU B 231 5.54 -13.81 -31.38
N ASP B 232 5.92 -12.92 -32.31
CA ASP B 232 6.82 -13.26 -33.42
C ASP B 232 8.09 -12.42 -33.35
N GLY B 233 9.19 -13.02 -32.89
CA GLY B 233 10.43 -12.29 -32.68
C GLY B 233 11.14 -11.90 -33.94
N ASN B 234 10.61 -12.32 -35.09
CA ASN B 234 11.12 -11.92 -36.39
C ASN B 234 10.32 -10.79 -37.06
N ASN B 235 9.15 -10.47 -36.50
CA ASN B 235 8.25 -9.43 -37.00
C ASN B 235 8.60 -8.09 -36.35
N ILE B 236 9.28 -7.22 -37.10
CA ILE B 236 9.72 -5.95 -36.55
C ILE B 236 8.58 -4.94 -36.37
N GLU B 237 7.42 -5.16 -37.00
CA GLU B 237 6.29 -4.27 -36.68
C GLU B 237 5.65 -4.62 -35.33
N GLU B 238 5.63 -5.90 -34.97
CA GLU B 238 5.16 -6.25 -33.64
C GLU B 238 6.17 -5.78 -32.58
N ILE B 239 7.46 -5.88 -32.88
CA ILE B 239 8.49 -5.40 -31.96
C ILE B 239 8.41 -3.88 -31.81
N ALA B 240 8.41 -3.16 -32.92
CA ALA B 240 8.36 -1.70 -32.83
C ALA B 240 7.11 -1.27 -32.07
N LYS B 241 6.00 -1.97 -32.29
CA LYS B 241 4.79 -1.71 -31.55
C LYS B 241 5.02 -1.82 -30.05
N ALA B 242 5.61 -2.93 -29.61
CA ALA B 242 5.84 -3.11 -28.17
C ALA B 242 6.73 -2.00 -27.63
N LEU B 243 7.76 -1.64 -28.40
CA LEU B 243 8.64 -0.56 -27.97
C LEU B 243 7.88 0.76 -27.82
N GLU B 244 6.96 1.07 -28.74
CA GLU B 244 6.19 2.30 -28.58
C GLU B 244 5.36 2.29 -27.31
N GLU B 245 4.74 1.16 -27.01
CA GLU B 245 3.95 1.12 -25.78
C GLU B 245 4.84 1.26 -24.55
N ALA B 246 6.02 0.64 -24.57
CA ALA B 246 6.90 0.73 -23.41
C ALA B 246 7.40 2.16 -23.18
N ARG B 247 7.83 2.84 -24.25
CA ARG B 247 8.32 4.21 -24.12
C ARG B 247 7.22 5.17 -23.73
N ALA B 248 5.96 4.83 -24.04
CA ALA B 248 4.86 5.75 -23.70
C ALA B 248 4.60 5.76 -22.21
N ASP B 249 4.74 4.62 -21.55
CA ASP B 249 4.27 4.43 -20.18
C ASP B 249 5.42 4.70 -19.23
N LEU B 250 5.62 5.97 -18.91
CA LEU B 250 6.74 6.34 -18.05
C LEU B 250 6.46 6.15 -16.57
N SER B 251 5.33 5.57 -16.20
CA SER B 251 5.02 5.34 -14.78
C SER B 251 5.56 4.01 -14.26
N ARG B 252 6.01 3.12 -15.14
CA ARG B 252 6.47 1.79 -14.76
C ARG B 252 7.60 1.31 -15.67
N PRO B 253 8.62 0.63 -15.10
CA PRO B 253 9.56 -0.10 -15.96
C PRO B 253 8.80 -1.14 -16.74
N THR B 254 9.30 -1.45 -17.94
CA THR B 254 8.67 -2.41 -18.83
C THR B 254 9.53 -3.63 -19.13
N LEU B 255 8.90 -4.80 -19.18
CA LEU B 255 9.53 -6.03 -19.63
C LEU B 255 8.80 -6.47 -20.87
N ILE B 256 9.52 -6.51 -21.98
CA ILE B 256 9.01 -6.97 -23.27
C ILE B 256 9.49 -8.42 -23.47
N GLU B 257 8.59 -9.40 -23.36
CA GLU B 257 8.95 -10.79 -23.61
C GLU B 257 8.80 -11.07 -25.10
N VAL B 258 9.92 -11.34 -25.76
CA VAL B 258 9.99 -11.53 -27.20
C VAL B 258 10.27 -13.00 -27.48
N LYS B 259 9.27 -13.71 -27.97
CA LYS B 259 9.44 -15.13 -28.24
C LYS B 259 10.27 -15.31 -29.51
N THR B 260 11.35 -16.06 -29.38
CA THR B 260 12.27 -16.27 -30.49
C THR B 260 12.58 -17.75 -30.53
N THR B 261 13.12 -18.14 -31.65
CA THR B 261 13.77 -19.43 -31.83
C THR B 261 15.29 -19.22 -31.74
N ILE B 262 15.92 -19.79 -30.71
CA ILE B 262 17.38 -19.72 -30.63
C ILE B 262 17.96 -20.31 -31.91
N GLY B 263 19.00 -19.67 -32.46
CA GLY B 263 19.60 -20.13 -33.72
C GLY B 263 18.68 -20.10 -34.92
N TYR B 264 17.71 -19.20 -34.92
CA TYR B 264 16.73 -19.13 -36.00
C TYR B 264 17.41 -19.20 -37.35
N GLY B 265 16.89 -20.06 -38.22
CA GLY B 265 17.37 -20.22 -39.57
C GLY B 265 18.28 -21.42 -39.78
N ALA B 266 18.89 -21.91 -38.71
CA ALA B 266 19.76 -23.09 -38.85
C ALA B 266 18.84 -24.30 -39.02
N PRO B 267 18.83 -24.95 -40.18
CA PRO B 267 17.84 -26.01 -40.41
C PRO B 267 17.97 -27.18 -39.43
N ASN B 268 19.16 -27.44 -38.89
CA ASN B 268 19.34 -28.57 -37.99
C ASN B 268 19.56 -28.20 -36.52
N LYS B 269 19.99 -26.98 -36.22
CA LYS B 269 20.34 -26.63 -34.86
C LYS B 269 19.38 -25.61 -34.24
N ALA B 270 18.54 -24.93 -35.01
CA ALA B 270 17.59 -24.00 -34.39
C ALA B 270 16.80 -24.73 -33.33
N GLY B 271 16.58 -24.06 -32.19
CA GLY B 271 15.69 -24.61 -31.20
C GLY B 271 16.30 -25.67 -30.30
N THR B 272 17.59 -25.87 -30.40
CA THR B 272 18.31 -26.82 -29.59
C THR B 272 19.31 -26.08 -28.72
N SER B 273 19.72 -26.70 -27.62
CA SER B 273 20.73 -26.05 -26.78
C SER B 273 22.12 -26.18 -27.38
N GLY B 274 22.31 -27.11 -28.32
CA GLY B 274 23.58 -27.23 -29.03
C GLY B 274 24.02 -25.94 -29.68
N VAL B 275 23.08 -25.05 -30.02
CA VAL B 275 23.43 -23.83 -30.75
C VAL B 275 23.67 -22.68 -29.80
N HIS B 276 23.48 -22.89 -28.49
CA HIS B 276 23.68 -21.83 -27.52
C HIS B 276 25.10 -21.32 -27.56
N GLY B 277 26.08 -22.23 -27.65
CA GLY B 277 27.40 -21.96 -27.13
C GLY B 277 28.58 -22.55 -27.90
N ALA B 278 28.36 -23.01 -29.12
CA ALA B 278 29.46 -23.43 -29.95
C ALA B 278 29.19 -23.00 -31.38
N PRO B 279 30.23 -22.79 -32.19
CA PRO B 279 30.01 -22.38 -33.58
C PRO B 279 29.12 -23.35 -34.34
N LEU B 280 28.35 -22.78 -35.28
CA LEU B 280 27.43 -23.54 -36.11
C LEU B 280 28.11 -24.72 -36.78
N GLY B 281 29.38 -24.53 -37.18
CA GLY B 281 30.15 -25.35 -38.11
C GLY B 281 29.99 -24.89 -39.55
N ALA B 282 30.97 -25.23 -40.36
CA ALA B 282 30.97 -24.75 -41.74
C ALA B 282 29.77 -25.26 -42.52
N GLN B 283 29.37 -26.52 -42.28
CA GLN B 283 28.24 -27.11 -43.02
C GLN B 283 26.93 -26.40 -42.67
N GLU B 284 26.64 -26.26 -41.38
CA GLU B 284 25.36 -25.70 -40.95
C GLU B 284 25.29 -24.19 -41.23
N ALA B 285 26.41 -23.50 -41.12
CA ALA B 285 26.44 -22.09 -41.48
C ALA B 285 26.16 -21.89 -42.96
N LYS B 286 26.66 -22.80 -43.81
CA LYS B 286 26.28 -22.75 -45.21
C LYS B 286 24.77 -22.92 -45.37
N LEU B 287 24.21 -23.94 -44.73
CA LEU B 287 22.76 -24.15 -44.87
C LEU B 287 21.95 -22.98 -44.32
N THR B 288 22.42 -22.35 -43.23
CA THR B 288 21.71 -21.22 -42.68
C THR B 288 21.67 -20.05 -43.68
N LYS B 289 22.82 -19.75 -44.29
CA LYS B 289 22.89 -18.69 -45.29
C LYS B 289 21.92 -18.95 -46.44
N GLU B 290 21.83 -20.20 -46.87
CA GLU B 290 20.87 -20.57 -47.90
C GLU B 290 19.45 -20.37 -47.42
N ALA B 291 19.18 -20.74 -46.16
CA ALA B 291 17.85 -20.52 -45.60
C ALA B 291 17.53 -19.03 -45.49
N TYR B 292 18.55 -18.18 -45.35
CA TYR B 292 18.35 -16.75 -45.21
C TYR B 292 18.22 -16.04 -46.56
N ARG B 293 18.28 -16.78 -47.67
CA ARG B 293 18.42 -16.19 -49.00
C ARG B 293 19.73 -15.43 -49.17
N TRP B 294 20.68 -15.55 -48.23
CA TRP B 294 21.93 -14.81 -48.28
C TRP B 294 22.81 -15.39 -49.36
N THR B 295 22.66 -14.84 -50.55
CA THR B 295 23.25 -15.40 -51.77
C THR B 295 24.76 -15.29 -51.80
N PHE B 296 25.34 -14.36 -51.05
CA PHE B 296 26.67 -13.84 -51.38
C PHE B 296 27.78 -14.83 -51.09
N ALA B 297 28.78 -14.84 -51.97
CA ALA B 297 29.89 -15.78 -51.91
C ALA B 297 30.93 -15.44 -50.86
N GLU B 298 30.94 -14.23 -50.34
CA GLU B 298 32.02 -13.78 -49.48
C GLU B 298 31.60 -13.82 -48.02
N ASP B 299 32.59 -13.96 -47.14
CA ASP B 299 32.38 -13.95 -45.70
C ASP B 299 32.65 -12.56 -45.16
N PHE B 300 31.97 -12.21 -44.07
CA PHE B 300 32.12 -10.88 -43.49
C PHE B 300 31.69 -9.83 -44.49
N TYR B 301 30.60 -10.13 -45.20
CA TYR B 301 30.14 -9.28 -46.30
C TYR B 301 29.04 -8.35 -45.83
N VAL B 302 29.21 -7.06 -46.09
CA VAL B 302 28.19 -6.05 -45.82
C VAL B 302 27.87 -5.32 -47.13
N PRO B 303 26.67 -5.46 -47.67
CA PRO B 303 26.31 -4.64 -48.83
C PRO B 303 26.39 -3.15 -48.49
N GLU B 304 26.88 -2.36 -49.45
CA GLU B 304 26.91 -0.92 -49.27
C GLU B 304 25.54 -0.37 -48.87
N GLU B 305 24.45 -0.91 -49.44
CA GLU B 305 23.13 -0.42 -49.06
C GLU B 305 22.87 -0.55 -47.54
N VAL B 306 23.53 -1.50 -46.87
CA VAL B 306 23.33 -1.65 -45.43
C VAL B 306 24.08 -0.56 -44.67
N TYR B 307 25.35 -0.33 -45.00
CA TYR B 307 26.03 0.83 -44.43
C TYR B 307 25.24 2.11 -44.68
N ALA B 308 24.63 2.24 -45.86
CA ALA B 308 23.87 3.45 -46.18
C ALA B 308 22.63 3.55 -45.31
N HIS B 309 21.86 2.46 -45.23
CA HIS B 309 20.70 2.39 -44.37
C HIS B 309 21.06 2.80 -42.94
N PHE B 310 22.20 2.33 -42.45
CA PHE B 310 22.58 2.64 -41.07
C PHE B 310 23.02 4.09 -40.94
N ARG B 311 23.70 4.62 -41.97
CA ARG B 311 24.02 6.05 -42.00
C ARG B 311 22.75 6.87 -41.87
N ALA B 312 21.74 6.56 -42.68
CA ALA B 312 20.49 7.31 -42.68
C ALA B 312 19.74 7.19 -41.36
N THR B 313 19.71 5.98 -40.79
CA THR B 313 18.83 5.73 -39.64
C THR B 313 19.51 5.98 -38.32
N VAL B 314 20.84 5.89 -38.25
CA VAL B 314 21.52 5.99 -36.98
C VAL B 314 22.52 7.13 -36.99
N GLN B 315 23.54 7.03 -37.85
CA GLN B 315 24.66 7.97 -37.74
C GLN B 315 24.18 9.42 -37.84
N GLU B 316 23.33 9.70 -38.81
CA GLU B 316 23.03 11.07 -39.19
C GLU B 316 21.95 11.64 -38.26
N PRO B 317 20.89 10.90 -37.94
CA PRO B 317 19.99 11.37 -36.88
C PRO B 317 20.68 11.52 -35.54
N GLY B 318 21.58 10.60 -35.21
CA GLY B 318 22.27 10.67 -33.94
C GLY B 318 23.06 11.96 -33.75
N ALA B 319 23.71 12.43 -34.81
CA ALA B 319 24.52 13.66 -34.66
C ALA B 319 23.64 14.89 -34.54
N LYS B 320 22.42 14.86 -35.05
CA LYS B 320 21.55 16.01 -34.94
C LYS B 320 20.91 16.03 -33.57
N LYS B 321 20.51 14.86 -33.09
CA LYS B 321 20.06 14.75 -31.71
C LYS B 321 21.09 15.35 -30.78
N GLU B 322 22.35 14.96 -30.92
CA GLU B 322 23.34 15.48 -29.98
C GLU B 322 23.61 16.96 -30.24
N ALA B 323 23.69 17.36 -31.52
CA ALA B 323 23.84 18.78 -31.85
C ALA B 323 22.74 19.58 -31.17
N LYS B 324 21.50 19.15 -31.37
CA LYS B 324 20.34 19.82 -30.81
C LYS B 324 20.38 19.84 -29.28
N TRP B 325 20.97 18.79 -28.66
CA TRP B 325 21.12 18.76 -27.20
C TRP B 325 22.26 19.66 -26.75
N ASN B 326 23.29 19.79 -27.59
CA ASN B 326 24.35 20.76 -27.32
C ASN B 326 23.81 22.20 -27.34
N GLU B 327 22.79 22.49 -28.14
CA GLU B 327 22.20 23.82 -28.19
C GLU B 327 21.42 24.13 -26.92
N GLN B 328 20.63 23.15 -26.45
CA GLN B 328 19.90 23.34 -25.22
C GLN B 328 20.86 23.54 -24.05
N LEU B 329 21.97 22.81 -24.05
CA LEU B 329 22.95 22.96 -22.99
C LEU B 329 23.55 24.37 -22.98
N ALA B 330 23.96 24.88 -24.15
CA ALA B 330 24.53 26.23 -24.20
C ALA B 330 23.58 27.28 -23.66
N ALA B 331 22.27 27.09 -23.83
CA ALA B 331 21.31 28.06 -23.32
C ALA B 331 21.15 27.92 -21.81
N TYR B 332 21.07 26.67 -21.34
CA TYR B 332 21.09 26.39 -19.92
C TYR B 332 22.32 27.00 -19.26
N GLU B 333 23.49 26.85 -19.89
CA GLU B 333 24.71 27.48 -19.38
C GLU B 333 24.49 28.95 -19.08
N GLN B 334 23.84 29.66 -20.00
CA GLN B 334 23.76 31.10 -19.82
C GLN B 334 22.68 31.47 -18.82
N ALA B 335 21.59 30.69 -18.80
CA ALA B 335 20.51 30.92 -17.86
C ALA B 335 20.90 30.58 -16.42
N HIS B 336 21.70 29.52 -16.24
CA HIS B 336 21.97 28.96 -14.92
C HIS B 336 23.43 28.60 -14.81
N PRO B 337 24.31 29.60 -14.79
CA PRO B 337 25.75 29.32 -14.92
C PRO B 337 26.32 28.46 -13.81
N GLU B 338 25.96 28.68 -12.54
CA GLU B 338 26.47 27.81 -11.49
C GLU B 338 25.99 26.37 -11.65
N LEU B 339 24.68 26.20 -11.87
CA LEU B 339 24.13 24.84 -11.96
C LEU B 339 24.75 24.07 -13.11
N ALA B 340 24.91 24.73 -14.27
CA ALA B 340 25.57 24.10 -15.41
C ALA B 340 27.06 23.86 -15.17
N ALA B 341 27.72 24.71 -14.41
CA ALA B 341 29.13 24.43 -14.13
C ALA B 341 29.25 23.23 -13.20
N GLN B 342 28.30 23.07 -12.29
CA GLN B 342 28.24 21.88 -11.46
C GLN B 342 27.99 20.62 -12.31
N LEU B 343 26.99 20.66 -13.19
CA LEU B 343 26.72 19.52 -14.08
C LEU B 343 27.94 19.16 -14.91
N LYS B 344 28.64 20.16 -15.45
CA LYS B 344 29.78 19.87 -16.32
C LYS B 344 30.92 19.24 -15.53
N ARG B 345 31.16 19.69 -14.28
CA ARG B 345 32.13 19.01 -13.44
C ARG B 345 31.68 17.60 -13.12
N ALA B 346 30.40 17.41 -12.83
CA ALA B 346 29.86 16.09 -12.50
C ALA B 346 30.12 15.11 -13.63
N ILE B 347 29.79 15.53 -14.87
CA ILE B 347 30.06 14.72 -16.04
C ILE B 347 31.55 14.43 -16.17
N GLU B 348 32.40 15.41 -15.87
CA GLU B 348 33.83 15.23 -16.05
C GLU B 348 34.47 14.46 -14.91
N GLY B 349 33.71 14.06 -13.91
CA GLY B 349 34.25 13.28 -12.83
C GLY B 349 35.03 14.07 -11.81
N LYS B 350 34.94 15.41 -11.83
CA LYS B 350 35.67 16.29 -10.94
C LYS B 350 34.88 16.58 -9.68
N LEU B 351 35.59 16.88 -8.61
CA LEU B 351 34.98 17.31 -7.35
C LEU B 351 35.09 18.81 -7.21
N PRO B 352 34.21 19.44 -6.44
CA PRO B 352 34.26 20.90 -6.34
C PRO B 352 35.54 21.36 -5.64
N ASP B 353 36.22 22.32 -6.26
CA ASP B 353 37.38 22.96 -5.67
C ASP B 353 37.21 23.14 -4.17
N GLY B 354 38.19 22.64 -3.41
CA GLY B 354 38.27 22.88 -1.99
C GLY B 354 37.31 22.10 -1.11
N TRP B 355 36.54 21.18 -1.68
CA TRP B 355 35.60 20.38 -0.89
C TRP B 355 36.29 19.76 0.33
N GLU B 356 37.55 19.38 0.19
CA GLU B 356 38.15 18.49 1.19
C GLU B 356 38.25 19.18 2.55
N ALA B 357 38.44 20.50 2.55
CA ALA B 357 38.41 21.30 3.77
C ALA B 357 37.17 21.06 4.61
N SER B 358 36.13 20.47 4.05
CA SER B 358 34.94 20.22 4.85
C SER B 358 35.05 18.94 5.70
N LEU B 359 36.22 18.29 5.71
CA LEU B 359 36.29 17.00 6.40
C LEU B 359 36.52 17.21 7.90
N PRO B 360 35.92 16.39 8.75
CA PRO B 360 36.15 16.53 10.18
C PRO B 360 37.55 16.12 10.60
N VAL B 361 37.99 16.69 11.70
CA VAL B 361 39.25 16.30 12.34
C VAL B 361 38.98 16.04 13.81
N TYR B 362 39.53 14.95 14.33
CA TYR B 362 39.11 14.42 15.61
C TYR B 362 40.29 14.48 16.58
N GLU B 363 40.01 14.95 17.79
CA GLU B 363 41.04 15.09 18.81
C GLU B 363 41.27 13.78 19.54
N ALA B 364 42.47 13.62 20.08
CA ALA B 364 42.82 12.44 20.86
C ALA B 364 41.82 12.20 21.97
N GLY B 365 41.53 10.93 22.23
CA GLY B 365 40.59 10.60 23.29
C GLY B 365 39.19 10.38 22.75
N LYS B 366 38.71 11.31 21.91
CA LYS B 366 37.36 11.21 21.35
C LYS B 366 37.08 9.79 20.85
N SER B 367 36.15 9.10 21.48
CA SER B 367 35.89 7.69 21.19
C SER B 367 34.54 7.54 20.51
N LEU B 368 34.57 7.01 19.30
CA LEU B 368 33.38 6.64 18.57
C LEU B 368 33.79 5.59 17.55
N ALA B 369 32.86 4.70 17.25
CA ALA B 369 33.09 3.70 16.20
C ALA B 369 33.49 4.36 14.89
N THR B 370 34.26 3.62 14.07
CA THR B 370 34.57 4.18 12.77
C THR B 370 33.35 4.14 11.86
N ARG B 371 32.31 3.36 12.17
CA ARG B 371 31.05 3.53 11.46
C ARG B 371 30.42 4.88 11.81
N SER B 372 30.57 5.32 13.06
CA SER B 372 29.97 6.61 13.44
C SER B 372 30.76 7.76 12.85
N SER B 373 32.10 7.72 12.94
CA SER B 373 32.89 8.76 12.28
C SER B 373 32.72 8.71 10.77
N SER B 374 32.51 7.53 10.19
CA SER B 374 32.06 7.47 8.80
C SER B 374 30.75 8.23 8.64
N GLY B 375 29.82 8.03 9.54
CA GLY B 375 28.58 8.75 9.46
C GLY B 375 28.79 10.25 9.39
N GLU B 376 29.78 10.76 10.13
CA GLU B 376 29.98 12.20 10.20
C GLU B 376 30.71 12.69 8.96
N VAL B 377 31.68 11.93 8.48
CA VAL B 377 32.34 12.26 7.21
C VAL B 377 31.33 12.39 6.08
N ILE B 378 30.39 11.44 6.01
CA ILE B 378 29.37 11.45 4.95
C ILE B 378 28.57 12.76 4.95
N ASN B 379 28.01 13.14 6.11
CA ASN B 379 27.20 14.36 6.15
C ASN B 379 28.05 15.62 5.94
N ALA B 380 29.30 15.61 6.45
CA ALA B 380 30.21 16.72 6.18
C ALA B 380 30.43 16.87 4.69
N ILE B 381 30.77 15.78 4.02
CA ILE B 381 31.02 15.82 2.58
C ILE B 381 29.76 16.18 1.79
N ALA B 382 28.59 15.76 2.28
CA ALA B 382 27.40 15.72 1.42
C ALA B 382 27.00 17.12 1.01
N LYS B 383 27.29 18.10 1.86
CA LYS B 383 27.08 19.49 1.52
C LYS B 383 28.11 19.95 0.48
N ALA B 384 29.39 19.69 0.74
CA ALA B 384 30.43 20.14 -0.16
C ALA B 384 30.44 19.38 -1.48
N VAL B 385 29.90 18.17 -1.51
CA VAL B 385 29.92 17.33 -2.70
C VAL B 385 28.48 17.01 -3.12
N PRO B 386 27.82 17.87 -3.91
CA PRO B 386 26.44 17.58 -4.32
C PRO B 386 26.25 16.23 -5.01
N GLN B 387 27.27 15.78 -5.76
CA GLN B 387 27.27 14.53 -6.52
C GLN B 387 27.20 13.26 -5.66
N LEU B 388 27.36 13.34 -4.33
CA LEU B 388 27.31 12.13 -3.51
C LEU B 388 25.90 11.59 -3.46
N PHE B 389 25.78 10.26 -3.50
CA PHE B 389 24.47 9.62 -3.66
C PHE B 389 24.59 8.15 -3.24
N GLY B 390 23.68 7.66 -2.41
CA GLY B 390 23.81 6.29 -1.97
C GLY B 390 22.84 5.91 -0.88
N GLY B 391 23.20 4.85 -0.17
CA GLY B 391 22.35 4.31 0.87
C GLY B 391 22.89 3.00 1.41
N SER B 392 21.97 2.15 1.83
CA SER B 392 22.27 0.93 2.56
C SER B 392 21.19 -0.06 2.20
N ALA B 393 21.52 -1.35 2.34
CA ALA B 393 20.57 -2.45 2.18
C ALA B 393 19.85 -2.73 3.50
N ASP B 394 18.97 -1.79 3.88
CA ASP B 394 18.14 -1.88 5.10
C ASP B 394 18.96 -1.87 6.38
N LEU B 395 20.07 -1.16 6.39
CA LEU B 395 20.91 -1.08 7.58
C LEU B 395 21.40 0.34 7.81
N ALA B 396 20.71 1.34 7.24
CA ALA B 396 21.18 2.72 7.37
C ALA B 396 21.36 3.07 8.84
N SER B 397 20.45 2.64 9.70
CA SER B 397 20.61 2.98 11.12
C SER B 397 21.74 2.21 11.79
N SER B 398 22.19 1.08 11.23
CA SER B 398 23.37 0.42 11.79
C SER B 398 24.67 0.86 11.12
N ASN B 399 24.66 1.00 9.79
CA ASN B 399 25.85 1.42 9.06
C ASN B 399 26.20 2.88 9.29
N LYS B 400 25.21 3.72 9.65
CA LYS B 400 25.39 5.18 9.86
C LYS B 400 25.62 5.90 8.53
N THR B 401 24.80 5.57 7.53
CA THR B 401 24.99 6.06 6.18
C THR B 401 24.02 7.16 5.77
N LEU B 402 23.02 7.47 6.59
CA LEU B 402 22.03 8.45 6.20
C LEU B 402 22.66 9.82 5.98
N ILE B 403 22.33 10.44 4.87
CA ILE B 403 22.64 11.84 4.64
C ILE B 403 21.49 12.62 5.26
N LYS B 404 21.73 13.26 6.38
CA LYS B 404 20.65 13.92 7.09
C LYS B 404 20.18 15.11 6.26
N GLY B 405 18.88 15.27 6.17
CA GLY B 405 18.32 16.30 5.34
C GLY B 405 18.41 15.99 3.86
N GLY B 406 19.02 14.87 3.49
CA GLY B 406 19.33 14.67 2.08
C GLY B 406 18.14 14.31 1.22
N GLY B 407 17.04 13.88 1.81
CA GLY B 407 15.91 13.44 1.03
C GLY B 407 15.92 11.94 0.79
N ASN B 408 14.73 11.40 0.55
CA ASN B 408 14.57 10.02 0.21
C ASN B 408 14.42 9.92 -1.30
N PHE B 409 15.17 9.00 -1.89
CA PHE B 409 15.11 8.80 -3.34
C PHE B 409 13.88 7.97 -3.67
N PHE B 410 12.83 8.66 -4.10
CA PHE B 410 11.50 8.09 -4.31
C PHE B 410 10.90 8.73 -5.54
N PRO B 411 10.02 7.99 -6.22
CA PRO B 411 9.29 8.54 -7.37
C PRO B 411 8.67 9.91 -7.14
N GLY B 412 8.34 10.28 -5.92
CA GLY B 412 7.88 11.67 -5.85
C GLY B 412 8.97 12.68 -5.71
N SER B 413 10.19 12.23 -5.49
CA SER B 413 11.27 13.14 -5.14
C SER B 413 12.58 12.46 -5.50
N TYR B 414 12.80 12.29 -6.80
CA TYR B 414 14.03 11.64 -7.22
C TYR B 414 15.24 12.52 -6.90
N GLU B 415 15.01 13.76 -6.48
CA GLU B 415 16.13 14.58 -6.04
C GLU B 415 16.70 14.08 -4.73
N GLY B 416 15.98 13.20 -4.04
CA GLY B 416 16.42 12.78 -2.72
C GLY B 416 17.65 11.91 -2.84
N ARG B 417 18.56 12.08 -1.90
CA ARG B 417 19.88 11.48 -2.01
C ARG B 417 20.03 10.18 -1.21
N ASN B 418 19.02 9.76 -0.44
CA ASN B 418 19.09 8.51 0.32
C ASN B 418 18.29 7.41 -0.38
N VAL B 419 19.02 6.39 -0.82
CA VAL B 419 18.48 5.26 -1.56
C VAL B 419 18.20 4.11 -0.57
N TRP B 420 16.97 3.60 -0.58
CA TRP B 420 16.53 2.56 0.36
C TRP B 420 16.53 1.26 -0.44
N PHE B 421 17.70 0.63 -0.50
CA PHE B 421 17.88 -0.54 -1.33
C PHE B 421 17.10 -1.74 -0.82
N GLY B 422 16.68 -1.75 0.44
CA GLY B 422 16.00 -2.94 0.93
C GLY B 422 17.00 -4.04 1.24
N VAL B 423 16.52 -5.26 1.50
CA VAL B 423 17.46 -6.31 1.90
C VAL B 423 17.96 -6.99 0.62
N ARG B 424 18.79 -6.30 -0.16
CA ARG B 424 19.15 -6.69 -1.51
C ARG B 424 20.61 -6.29 -1.75
N GLU B 425 21.52 -6.89 -0.98
CA GLU B 425 22.92 -6.52 -1.09
C GLU B 425 23.42 -6.60 -2.53
N PHE B 426 23.03 -7.65 -3.24
CA PHE B 426 23.61 -7.92 -4.54
C PHE B 426 23.03 -6.96 -5.58
N ALA B 427 21.73 -6.70 -5.55
CA ALA B 427 21.21 -5.65 -6.42
C ALA B 427 21.86 -4.31 -6.10
N MET B 428 22.13 -4.05 -4.83
CA MET B 428 22.75 -2.79 -4.46
C MET B 428 24.16 -2.67 -5.06
N GLY B 429 24.97 -3.74 -4.96
CA GLY B 429 26.28 -3.67 -5.60
C GLY B 429 26.23 -3.36 -7.08
N ALA B 430 25.33 -4.03 -7.79
CA ALA B 430 25.29 -3.92 -9.24
C ALA B 430 24.61 -2.62 -9.68
N ALA B 431 23.57 -2.19 -8.95
CA ALA B 431 23.04 -0.86 -9.19
C ALA B 431 24.12 0.19 -8.99
N LEU B 432 24.96 0.05 -7.97
CA LEU B 432 26.03 1.02 -7.77
C LEU B 432 26.95 1.06 -8.98
N ASN B 433 27.35 -0.11 -9.48
CA ASN B 433 28.13 -0.17 -10.71
C ASN B 433 27.43 0.57 -11.84
N GLY B 434 26.11 0.38 -11.96
CA GLY B 434 25.36 1.02 -13.04
C GLY B 434 25.31 2.55 -12.93
N MET B 435 25.11 3.08 -11.71
CA MET B 435 25.18 4.52 -11.47
C MET B 435 26.56 5.08 -11.81
N ALA B 436 27.61 4.37 -11.45
CA ALA B 436 28.96 4.83 -11.77
C ALA B 436 29.20 4.84 -13.28
N LEU B 437 28.72 3.81 -13.97
CA LEU B 437 28.83 3.78 -15.43
C LEU B 437 28.05 4.94 -16.07
N HIS B 438 26.84 5.20 -15.61
CA HIS B 438 26.11 6.33 -16.13
C HIS B 438 26.95 7.60 -16.13
N GLY B 439 27.69 7.83 -15.06
CA GLY B 439 28.43 9.06 -14.89
C GLY B 439 27.61 10.14 -14.21
N GLY B 440 28.30 11.05 -13.54
CA GLY B 440 27.66 12.20 -12.96
C GLY B 440 27.50 12.10 -11.46
N LEU B 441 27.82 10.97 -10.86
CA LEU B 441 27.55 10.76 -9.45
C LEU B 441 28.75 10.07 -8.81
N LYS B 442 28.95 10.39 -7.52
CA LYS B 442 29.79 9.62 -6.62
C LYS B 442 28.86 8.80 -5.73
N VAL B 443 29.01 7.45 -5.73
CA VAL B 443 28.01 6.59 -5.12
C VAL B 443 28.60 5.55 -4.15
N PHE B 444 27.83 5.24 -3.11
CA PHE B 444 28.24 4.40 -2.00
C PHE B 444 27.08 3.51 -1.59
N GLY B 445 27.41 2.32 -1.09
CA GLY B 445 26.44 1.45 -0.45
C GLY B 445 26.95 0.84 0.85
N GLY B 446 26.04 0.66 1.80
CA GLY B 446 26.38 0.15 3.12
C GLY B 446 25.77 -1.21 3.37
N THR B 447 26.53 -2.06 4.04
CA THR B 447 25.99 -3.25 4.69
C THR B 447 27.03 -3.75 5.71
N PHE B 448 26.69 -4.82 6.43
CA PHE B 448 27.65 -5.48 7.30
C PHE B 448 28.73 -6.17 6.47
N PHE B 449 29.98 -6.01 6.90
CA PHE B 449 31.11 -6.59 6.18
C PHE B 449 30.89 -8.07 5.88
N VAL B 450 30.25 -8.77 6.80
CA VAL B 450 30.00 -10.19 6.61
C VAL B 450 29.09 -10.42 5.40
N PHE B 451 28.10 -9.54 5.17
CA PHE B 451 27.18 -9.72 4.07
C PHE B 451 27.70 -9.09 2.78
N SER B 452 28.91 -8.54 2.81
CA SER B 452 29.57 -8.18 1.56
C SER B 452 29.66 -9.39 0.61
N ASP B 453 29.67 -10.62 1.17
CA ASP B 453 29.64 -11.84 0.37
C ASP B 453 28.42 -11.89 -0.54
N TYR B 454 27.32 -11.26 -0.12
CA TYR B 454 26.07 -11.37 -0.88
C TYR B 454 26.16 -10.64 -2.21
N LEU B 455 26.99 -9.58 -2.29
CA LEU B 455 27.28 -8.86 -3.54
C LEU B 455 28.68 -9.13 -4.09
N ARG B 456 29.36 -10.16 -3.60
CA ARG B 456 30.73 -10.40 -4.04
C ARG B 456 30.91 -10.33 -5.55
N PRO B 457 30.04 -10.91 -6.39
CA PRO B 457 30.27 -10.82 -7.84
C PRO B 457 30.18 -9.39 -8.37
N ALA B 458 29.36 -8.53 -7.74
CA ALA B 458 29.31 -7.11 -8.12
C ALA B 458 30.61 -6.40 -7.77
N ILE B 459 31.18 -6.68 -6.58
CA ILE B 459 32.47 -6.10 -6.25
C ILE B 459 33.50 -6.46 -7.31
N ARG B 460 33.43 -7.71 -7.82
CA ARG B 460 34.38 -8.16 -8.83
C ARG B 460 34.22 -7.40 -10.14
N LEU B 461 32.98 -7.23 -10.61
CA LEU B 461 32.79 -6.44 -11.83
C LEU B 461 33.18 -4.97 -11.66
N ALA B 462 33.03 -4.42 -10.45
CA ALA B 462 33.53 -3.06 -10.20
C ALA B 462 35.05 -2.98 -10.40
N ALA B 463 35.77 -3.92 -9.82
CA ALA B 463 37.21 -4.05 -9.98
C ALA B 463 37.60 -4.20 -11.44
N LEU B 464 36.91 -5.09 -12.15
CA LEU B 464 37.22 -5.39 -13.55
C LEU B 464 36.95 -4.20 -14.45
N MET B 465 35.87 -3.46 -14.19
CA MET B 465 35.55 -2.27 -14.97
C MET B 465 36.27 -1.03 -14.49
N GLY B 466 36.79 -1.07 -13.27
CA GLY B 466 37.52 0.04 -12.72
C GLY B 466 36.61 1.16 -12.28
N LEU B 467 35.53 0.84 -11.62
CA LEU B 467 34.54 1.83 -11.25
C LEU B 467 34.81 2.29 -9.84
N PRO B 468 34.99 3.61 -9.59
CA PRO B 468 35.31 4.11 -8.25
C PRO B 468 34.09 4.18 -7.33
N VAL B 469 33.35 3.07 -7.26
CA VAL B 469 32.31 2.92 -6.24
C VAL B 469 32.95 2.83 -4.86
N ILE B 470 32.13 3.06 -3.82
CA ILE B 470 32.56 3.08 -2.42
C ILE B 470 31.63 2.18 -1.61
N TYR B 471 32.22 1.16 -0.97
CA TYR B 471 31.48 0.26 -0.09
C TYR B 471 31.69 0.66 1.36
N VAL B 472 30.59 0.79 2.08
CA VAL B 472 30.59 1.21 3.48
C VAL B 472 30.34 -0.06 4.28
N LEU B 473 31.39 -0.70 4.73
CA LEU B 473 31.27 -2.04 5.30
C LEU B 473 31.58 -1.99 6.78
N THR B 474 30.53 -2.11 7.58
CA THR B 474 30.64 -1.90 9.02
C THR B 474 30.57 -3.26 9.73
N HIS B 475 30.73 -3.23 11.05
CA HIS B 475 30.59 -4.44 11.86
C HIS B 475 31.62 -5.47 11.41
N ASP B 476 32.88 -5.05 11.49
CA ASP B 476 33.94 -5.67 10.73
C ASP B 476 34.61 -6.88 11.41
N SER B 477 34.27 -7.21 12.67
CA SER B 477 35.06 -8.21 13.39
C SER B 477 34.22 -8.92 14.46
N ILE B 478 34.88 -9.85 15.18
CA ILE B 478 34.28 -10.53 16.31
C ILE B 478 33.80 -9.56 17.39
N ALA B 479 34.35 -8.35 17.45
CA ALA B 479 33.84 -7.34 18.39
C ALA B 479 32.34 -7.05 18.22
N VAL B 480 31.73 -7.48 17.11
CA VAL B 480 30.29 -7.35 16.92
C VAL B 480 29.53 -7.96 18.09
N GLY B 481 30.00 -9.11 18.57
CA GLY B 481 29.54 -9.68 19.82
C GLY B 481 28.32 -10.58 19.76
N GLU B 482 27.18 -10.06 20.20
CA GLU B 482 26.06 -10.93 20.57
C GLU B 482 25.35 -11.55 19.37
N ASP B 483 25.39 -10.93 18.19
CA ASP B 483 24.67 -11.51 17.03
C ASP B 483 25.33 -12.78 16.52
N GLY B 484 26.57 -13.03 16.92
CA GLY B 484 27.18 -14.33 16.72
C GLY B 484 27.99 -14.49 15.44
N PRO B 485 28.44 -15.73 15.20
CA PRO B 485 29.44 -15.94 14.15
C PRO B 485 28.90 -15.78 12.73
N THR B 486 27.60 -15.99 12.49
CA THR B 486 27.11 -15.63 11.16
C THR B 486 27.26 -14.14 10.86
N HIS B 487 27.48 -13.31 11.88
CA HIS B 487 27.52 -11.87 11.73
C HIS B 487 28.91 -11.32 11.96
N GLU B 488 29.89 -12.18 12.08
CA GLU B 488 31.23 -11.79 12.49
C GLU B 488 32.20 -12.15 11.38
N PRO B 489 32.73 -11.17 10.66
CA PRO B 489 33.66 -11.49 9.57
C PRO B 489 34.90 -12.15 10.14
N ILE B 490 35.48 -13.05 9.35
CA ILE B 490 36.81 -13.60 9.64
C ILE B 490 37.67 -13.48 8.39
N GLU B 491 37.26 -14.15 7.33
CA GLU B 491 38.00 -14.22 6.08
C GLU B 491 37.72 -13.09 5.08
N GLN B 492 36.69 -12.28 5.30
CA GLN B 492 36.29 -11.33 4.26
C GLN B 492 37.42 -10.37 3.86
N LEU B 493 38.18 -9.89 4.85
CA LEU B 493 39.33 -9.04 4.60
C LEU B 493 40.30 -9.68 3.62
N ALA B 494 40.81 -10.86 3.96
CA ALA B 494 41.72 -11.55 3.08
C ALA B 494 41.10 -11.73 1.69
N SER B 495 39.80 -12.04 1.66
CA SER B 495 39.13 -12.33 0.40
C SER B 495 39.06 -11.11 -0.51
N LEU B 496 39.12 -9.90 0.04
CA LEU B 496 39.16 -8.71 -0.80
C LEU B 496 40.59 -8.29 -1.10
N ARG B 497 41.52 -8.50 -0.16
CA ARG B 497 42.91 -8.13 -0.45
C ARG B 497 43.45 -8.87 -1.67
N ALA B 498 42.96 -10.09 -1.92
CA ALA B 498 43.38 -10.91 -3.04
C ALA B 498 42.71 -10.52 -4.36
N MET B 499 41.66 -9.73 -4.31
CA MET B 499 41.04 -9.28 -5.56
C MET B 499 41.86 -8.16 -6.18
N PRO B 500 42.20 -8.27 -7.47
CA PRO B 500 42.87 -7.16 -8.18
C PRO B 500 42.00 -5.92 -8.27
N ASN B 501 42.68 -4.78 -8.32
CA ASN B 501 42.07 -3.50 -8.60
C ASN B 501 40.90 -3.21 -7.69
N LEU B 502 40.97 -3.74 -6.48
CA LEU B 502 40.10 -3.37 -5.38
C LEU B 502 40.94 -2.76 -4.28
N SER B 503 40.61 -1.53 -3.90
CA SER B 503 41.24 -0.86 -2.77
C SER B 503 40.48 -1.20 -1.50
N VAL B 504 41.21 -1.56 -0.45
CA VAL B 504 40.62 -1.96 0.83
C VAL B 504 41.27 -1.12 1.92
N ILE B 505 40.45 -0.44 2.70
CA ILE B 505 40.93 0.42 3.76
C ILE B 505 40.16 0.13 5.02
N ARG B 506 40.89 -0.25 6.06
CA ARG B 506 40.38 -0.58 7.38
C ARG B 506 41.00 0.48 8.29
N PRO B 507 40.36 1.63 8.45
CA PRO B 507 40.96 2.70 9.22
C PRO B 507 41.03 2.39 10.70
N ALA B 508 42.10 2.91 11.30
CA ALA B 508 42.43 2.66 12.69
C ALA B 508 41.66 3.57 13.66
N ASP B 509 41.23 4.77 13.23
CA ASP B 509 40.43 5.64 14.10
C ASP B 509 39.66 6.66 13.26
N ALA B 510 39.06 7.64 13.93
CA ALA B 510 38.21 8.62 13.25
C ALA B 510 38.97 9.36 12.15
N ASN B 511 40.24 9.70 12.40
CA ASN B 511 41.01 10.47 11.43
C ASN B 511 41.42 9.62 10.23
N GLU B 512 41.83 8.37 10.47
CA GLU B 512 42.08 7.48 9.33
C GLU B 512 40.80 7.25 8.55
N THR B 513 39.64 7.38 9.19
CA THR B 513 38.38 7.16 8.48
C THR B 513 38.08 8.32 7.54
N ALA B 514 38.33 9.56 8.00
CA ALA B 514 38.15 10.70 7.09
C ALA B 514 39.13 10.62 5.96
N ALA B 515 40.36 10.19 6.27
CA ALA B 515 41.34 9.99 5.21
C ALA B 515 40.87 8.92 4.23
N ALA B 516 40.28 7.85 4.76
CA ALA B 516 39.89 6.77 3.87
C ALA B 516 38.77 7.23 2.96
N TRP B 517 37.80 7.96 3.52
CA TRP B 517 36.72 8.52 2.71
C TRP B 517 37.26 9.42 1.62
N ARG B 518 38.19 10.28 1.97
CA ARG B 518 38.78 11.20 1.01
C ARG B 518 39.44 10.44 -0.13
N LEU B 519 40.29 9.48 0.20
CA LEU B 519 40.93 8.73 -0.89
C LEU B 519 39.89 8.02 -1.73
N ALA B 520 38.85 7.49 -1.09
CA ALA B 520 37.86 6.72 -1.85
C ALA B 520 37.10 7.63 -2.81
N LEU B 521 36.83 8.87 -2.41
CA LEU B 521 36.12 9.80 -3.29
C LEU B 521 37.05 10.35 -4.37
N GLU B 522 38.36 10.40 -4.10
CA GLU B 522 39.32 10.84 -5.10
C GLU B 522 39.63 9.75 -6.10
N SER B 523 39.30 8.50 -5.78
CA SER B 523 39.55 7.43 -6.73
C SER B 523 38.79 7.70 -8.01
N THR B 524 39.45 7.45 -9.13
CA THR B 524 38.82 7.56 -10.42
C THR B 524 38.65 6.21 -11.11
N ASP B 525 39.42 5.20 -10.70
CA ASP B 525 39.56 4.00 -11.53
C ASP B 525 39.55 2.71 -10.74
N LYS B 526 39.07 2.72 -9.50
CA LYS B 526 38.95 1.45 -8.79
C LYS B 526 38.05 1.57 -7.58
N PRO B 527 37.31 0.51 -7.27
CA PRO B 527 36.41 0.55 -6.11
C PRO B 527 37.19 0.59 -4.81
N THR B 528 36.56 1.16 -3.79
CA THR B 528 37.15 1.22 -2.45
C THR B 528 36.20 0.61 -1.43
N ALA B 529 36.69 -0.41 -0.71
CA ALA B 529 35.98 -0.97 0.43
C ALA B 529 36.50 -0.33 1.70
N LEU B 530 35.60 0.33 2.42
CA LEU B 530 35.86 0.91 3.73
C LEU B 530 35.38 -0.08 4.80
N VAL B 531 36.31 -0.54 5.63
CA VAL B 531 36.02 -1.56 6.64
C VAL B 531 35.91 -0.85 7.97
N LEU B 532 34.76 -0.95 8.59
CA LEU B 532 34.44 -0.14 9.75
C LEU B 532 33.93 -0.99 10.91
N THR B 533 34.13 -0.44 12.12
CA THR B 533 33.78 -1.12 13.36
C THR B 533 32.34 -0.84 13.81
N ARG B 534 31.75 -1.84 14.47
CA ARG B 534 30.59 -1.61 15.31
C ARG B 534 30.95 -0.83 16.58
N GLN B 535 32.00 -1.25 17.29
CA GLN B 535 32.34 -0.78 18.63
C GLN B 535 33.18 0.51 18.58
N ASP B 536 33.13 1.26 19.68
CA ASP B 536 33.91 2.49 19.80
C ASP B 536 35.40 2.24 19.58
N VAL B 537 36.03 3.21 18.94
CA VAL B 537 37.49 3.27 18.83
C VAL B 537 37.95 4.63 19.34
N PRO B 538 38.78 4.69 20.37
CA PRO B 538 39.36 5.98 20.74
C PRO B 538 40.34 6.46 19.69
N THR B 539 40.32 7.77 19.48
CA THR B 539 41.14 8.40 18.47
C THR B 539 42.56 8.53 18.96
N LEU B 540 43.50 8.17 18.10
CA LEU B 540 44.91 8.29 18.44
C LEU B 540 45.38 9.73 18.25
N ALA B 541 46.54 10.03 18.83
CA ALA B 541 46.96 11.42 18.91
C ALA B 541 47.73 11.88 17.69
N ALA B 542 48.42 10.96 17.02
CA ALA B 542 49.20 11.29 15.84
C ALA B 542 48.38 11.35 14.57
N THR B 543 47.13 10.88 14.56
CA THR B 543 46.44 10.64 13.30
C THR B 543 45.91 11.93 12.71
N ALA B 544 45.40 12.83 13.56
CA ALA B 544 45.01 14.14 13.07
C ALA B 544 46.09 14.70 12.17
N GLU B 545 47.36 14.53 12.56
CA GLU B 545 48.49 15.00 11.77
C GLU B 545 48.74 14.12 10.55
N LEU B 546 48.85 12.80 10.75
CA LEU B 546 49.45 11.90 9.77
C LEU B 546 48.45 11.14 8.89
N ALA B 547 47.17 11.07 9.26
CA ALA B 547 46.25 10.13 8.62
C ALA B 547 46.18 10.27 7.10
N TYR B 548 46.09 11.49 6.57
CA TYR B 548 45.81 11.61 5.14
C TYR B 548 46.98 11.08 4.30
N GLU B 549 48.20 11.47 4.66
CA GLU B 549 49.38 10.95 3.96
C GLU B 549 49.72 9.54 4.43
N GLY B 550 49.51 9.27 5.72
CA GLY B 550 49.70 7.93 6.21
C GLY B 550 48.81 6.94 5.51
N VAL B 551 47.51 7.23 5.46
CA VAL B 551 46.60 6.30 4.78
C VAL B 551 46.87 6.31 3.28
N LYS B 552 47.20 7.47 2.71
CA LYS B 552 47.57 7.53 1.30
C LYS B 552 48.64 6.50 0.95
N LYS B 553 49.58 6.25 1.86
CA LYS B 553 50.70 5.36 1.53
C LYS B 553 50.50 3.94 2.07
N GLY B 554 49.30 3.61 2.55
CA GLY B 554 48.92 2.25 2.86
C GLY B 554 49.29 1.77 4.26
N ALA B 555 50.51 2.11 4.69
CA ALA B 555 50.99 1.82 6.03
C ALA B 555 52.01 2.90 6.42
N TYR B 556 52.07 3.20 7.72
CA TYR B 556 53.03 4.17 8.24
C TYR B 556 53.28 3.90 9.72
N VAL B 557 54.24 4.64 10.27
CA VAL B 557 54.64 4.49 11.67
C VAL B 557 53.82 5.48 12.47
N VAL B 558 52.65 5.02 12.92
CA VAL B 558 51.75 5.85 13.69
C VAL B 558 52.35 6.18 15.04
N SER B 559 53.18 5.28 15.59
CA SER B 559 53.77 5.48 16.91
C SER B 559 55.18 4.90 16.94
N PRO B 560 56.20 5.72 16.71
CA PRO B 560 57.58 5.20 16.70
C PRO B 560 58.07 4.89 18.10
N ALA B 561 59.05 4.01 18.19
CA ALA B 561 59.60 3.72 19.50
C ALA B 561 60.15 4.99 20.11
N LYS B 562 59.97 5.14 21.43
CA LYS B 562 60.40 6.39 22.04
C LYS B 562 61.92 6.51 22.08
N ASN B 563 62.63 5.39 22.18
CA ASN B 563 64.10 5.45 22.10
C ASN B 563 64.60 5.36 20.66
N GLY B 564 63.79 5.77 19.69
CA GLY B 564 64.25 5.77 18.31
C GLY B 564 64.45 4.39 17.71
N ALA B 565 65.28 3.56 18.33
CA ALA B 565 65.59 2.24 17.77
C ALA B 565 64.67 1.15 18.30
N PRO B 566 63.60 0.79 17.58
CA PRO B 566 62.69 -0.23 18.10
C PRO B 566 63.35 -1.60 18.19
N GLU B 567 63.03 -2.35 19.26
CA GLU B 567 63.52 -3.72 19.35
C GLU B 567 62.65 -4.67 18.54
N ALA B 568 61.46 -4.23 18.20
CA ALA B 568 60.54 -5.00 17.39
C ALA B 568 59.43 -4.06 16.93
N LEU B 569 58.74 -4.49 15.88
CA LEU B 569 57.63 -3.77 15.29
C LEU B 569 56.32 -4.47 15.61
N LEU B 570 55.30 -3.68 15.92
CA LEU B 570 53.94 -4.18 16.02
C LEU B 570 53.16 -3.69 14.80
N LEU B 571 52.58 -4.63 14.06
CA LEU B 571 51.83 -4.34 12.84
C LEU B 571 50.35 -4.57 13.11
N ALA B 572 49.53 -3.57 12.84
CA ALA B 572 48.12 -3.68 13.13
C ALA B 572 47.30 -2.91 12.14
N THR B 573 45.99 -3.18 12.15
CA THR B 573 45.05 -2.50 11.29
C THR B 573 43.77 -2.25 12.06
N GLY B 574 42.99 -1.31 11.54
CA GLY B 574 41.76 -0.88 12.17
C GLY B 574 41.84 -0.75 13.67
N SER B 575 40.84 -1.33 14.33
CA SER B 575 40.74 -1.26 15.79
C SER B 575 41.99 -1.80 16.49
N GLU B 576 42.75 -2.69 15.87
CA GLU B 576 43.82 -3.31 16.63
C GLU B 576 45.00 -2.35 16.82
N VAL B 577 45.04 -1.25 16.07
CA VAL B 577 46.14 -0.31 16.20
C VAL B 577 46.15 0.27 17.61
N GLY B 578 44.97 0.66 18.10
CA GLY B 578 44.87 1.10 19.48
C GLY B 578 45.37 0.07 20.47
N LEU B 579 44.98 -1.20 20.29
CA LEU B 579 45.48 -2.26 21.15
C LEU B 579 47.01 -2.25 21.19
N ALA B 580 47.65 -2.15 20.02
CA ALA B 580 49.09 -2.24 19.93
C ALA B 580 49.78 -1.05 20.61
N VAL B 581 49.21 0.14 20.47
CA VAL B 581 49.73 1.32 21.14
C VAL B 581 49.71 1.14 22.66
N LYS B 582 48.65 0.57 23.20
CA LYS B 582 48.58 0.37 24.65
C LYS B 582 49.56 -0.70 25.10
N ALA B 583 49.78 -1.71 24.27
CA ALA B 583 50.88 -2.64 24.53
C ALA B 583 52.22 -1.92 24.52
N GLN B 584 52.47 -1.13 23.46
CA GLN B 584 53.67 -0.30 23.41
C GLN B 584 53.90 0.47 24.71
N GLU B 585 52.84 1.06 25.26
CA GLU B 585 52.99 1.85 26.48
C GLU B 585 53.33 0.97 27.67
N ALA B 586 52.63 -0.15 27.81
CA ALA B 586 53.03 -1.12 28.81
C ALA B 586 54.48 -1.57 28.62
N LEU B 587 54.90 -1.83 27.37
CA LEU B 587 56.23 -2.39 27.18
C LEU B 587 57.31 -1.38 27.55
N ALA B 588 57.16 -0.13 27.11
CA ALA B 588 58.18 0.87 27.39
C ALA B 588 58.29 1.17 28.88
N ALA B 589 57.19 1.08 29.62
CA ALA B 589 57.29 1.20 31.07
C ALA B 589 58.24 0.18 31.66
N GLU B 590 58.32 -1.01 31.04
CA GLU B 590 59.26 -2.07 31.37
C GLU B 590 60.62 -1.90 30.72
N GLY B 591 60.82 -0.88 29.89
CA GLY B 591 62.09 -0.66 29.24
C GLY B 591 62.21 -1.32 27.90
N ILE B 592 61.09 -1.77 27.34
CA ILE B 592 61.05 -2.47 26.07
C ILE B 592 60.37 -1.55 25.06
N HIS B 593 61.12 -1.17 24.01
CA HIS B 593 60.69 -0.14 23.07
C HIS B 593 60.34 -0.76 21.72
N VAL B 594 59.09 -0.56 21.31
CA VAL B 594 58.61 -1.03 20.02
C VAL B 594 57.98 0.13 19.27
N SER B 595 57.98 0.01 17.95
CA SER B 595 57.26 0.90 17.04
C SER B 595 55.98 0.23 16.55
N VAL B 596 54.87 0.95 16.61
CA VAL B 596 53.59 0.46 16.10
C VAL B 596 53.46 0.91 14.66
N ILE B 597 53.01 0.02 13.79
CA ILE B 597 52.78 0.35 12.39
C ILE B 597 51.29 0.21 12.11
N SER B 598 50.66 1.31 11.67
CA SER B 598 49.31 1.25 11.12
C SER B 598 49.39 0.87 9.64
N MET B 599 48.50 -0.03 9.24
CA MET B 599 48.52 -0.64 7.91
C MET B 599 47.09 -0.61 7.39
N PRO B 600 46.53 0.58 7.20
CA PRO B 600 45.12 0.66 6.79
C PRO B 600 44.82 0.07 5.41
N SER B 601 45.82 -0.05 4.51
CA SER B 601 45.57 -0.49 3.13
C SER B 601 46.81 -1.18 2.55
N TRP B 602 46.80 -2.51 2.56
CA TRP B 602 47.84 -3.30 1.90
C TRP B 602 48.03 -2.90 0.44
N ASP B 603 46.94 -2.67 -0.28
CA ASP B 603 47.09 -2.41 -1.71
C ASP B 603 47.84 -1.10 -1.96
N ARG B 604 47.57 -0.08 -1.17
CA ARG B 604 48.24 1.19 -1.39
C ARG B 604 49.67 1.18 -0.87
N PHE B 605 49.94 0.37 0.15
CA PHE B 605 51.31 0.25 0.66
C PHE B 605 52.18 -0.49 -0.35
N GLU B 606 51.64 -1.58 -0.91
CA GLU B 606 52.33 -2.27 -1.99
C GLU B 606 52.48 -1.41 -3.24
N ALA B 607 51.71 -0.32 -3.38
CA ALA B 607 51.91 0.57 -4.52
C ALA B 607 53.13 1.47 -4.36
N GLN B 608 53.63 1.65 -3.14
CA GLN B 608 54.78 2.49 -2.86
C GLN B 608 56.08 1.79 -3.22
N PRO B 609 57.16 2.54 -3.33
CA PRO B 609 58.48 1.94 -3.60
C PRO B 609 59.14 1.41 -2.34
N LYS B 610 60.02 0.43 -2.56
CA LYS B 610 60.66 -0.27 -1.45
C LYS B 610 61.40 0.70 -0.55
N SER B 611 61.95 1.77 -1.11
CA SER B 611 62.55 2.81 -0.28
C SER B 611 61.59 3.23 0.82
N TYR B 612 60.32 3.43 0.49
CA TYR B 612 59.36 3.82 1.51
C TYR B 612 59.01 2.63 2.37
N ARG B 613 58.65 1.51 1.75
CA ARG B 613 58.26 0.36 2.55
C ARG B 613 59.37 -0.06 3.52
N ASP B 614 60.65 0.10 3.13
CA ASP B 614 61.75 -0.25 4.03
C ASP B 614 61.93 0.74 5.17
N GLU B 615 61.46 1.96 4.99
CA GLU B 615 61.41 2.92 6.09
C GLU B 615 60.30 2.58 7.08
N VAL B 616 59.27 1.86 6.64
CA VAL B 616 58.14 1.50 7.50
C VAL B 616 58.36 0.17 8.20
N LEU B 617 58.94 -0.78 7.46
CA LEU B 617 59.28 -2.12 7.93
C LEU B 617 60.77 -2.29 7.68
N PRO B 618 61.61 -1.67 8.52
CA PRO B 618 63.06 -1.76 8.37
C PRO B 618 63.56 -3.19 8.39
N PRO B 619 64.22 -3.63 7.33
CA PRO B 619 64.71 -5.02 7.30
C PRO B 619 65.49 -5.45 8.53
N ALA B 620 66.19 -4.54 9.20
CA ALA B 620 66.99 -5.00 10.33
C ALA B 620 66.14 -5.35 11.54
N VAL B 621 64.88 -4.93 11.59
CA VAL B 621 64.03 -5.21 12.74
C VAL B 621 63.27 -6.47 12.37
N THR B 622 63.87 -7.63 12.69
CA THR B 622 63.32 -8.90 12.27
C THR B 622 62.20 -9.39 13.17
N LYS B 623 62.11 -8.86 14.38
CA LYS B 623 61.07 -9.25 15.30
C LYS B 623 59.84 -8.39 15.00
N ARG B 624 58.77 -9.05 14.53
CA ARG B 624 57.54 -8.39 14.12
C ARG B 624 56.34 -9.23 14.53
N LEU B 625 55.39 -8.59 15.18
CA LEU B 625 54.14 -9.22 15.54
C LEU B 625 53.01 -8.51 14.79
N ALA B 626 52.17 -9.29 14.10
CA ALA B 626 50.98 -8.77 13.45
C ALA B 626 49.77 -8.93 14.36
N ILE B 627 48.89 -7.94 14.35
CA ILE B 627 47.74 -7.94 15.23
C ILE B 627 46.53 -7.54 14.41
N GLU B 628 45.67 -8.49 14.14
CA GLU B 628 44.50 -8.21 13.32
C GLU B 628 43.47 -9.27 13.60
N MET B 629 42.24 -8.84 13.84
CA MET B 629 41.14 -9.72 14.20
C MET B 629 40.48 -10.24 12.91
N GLY B 630 41.20 -11.15 12.26
CA GLY B 630 40.79 -11.69 10.97
C GLY B 630 41.76 -12.78 10.60
N ALA B 631 41.50 -13.43 9.47
CA ALA B 631 42.35 -14.54 9.09
C ALA B 631 43.79 -14.09 8.90
N SER B 632 44.73 -15.03 9.12
CA SER B 632 46.15 -14.74 9.02
C SER B 632 46.69 -14.78 7.59
N LEU B 633 45.93 -15.34 6.66
CA LEU B 633 46.39 -15.48 5.28
C LEU B 633 46.98 -14.19 4.75
N GLY B 634 48.25 -14.25 4.37
CA GLY B 634 48.94 -13.15 3.79
C GLY B 634 49.87 -12.44 4.74
N TRP B 635 49.69 -12.62 6.04
CA TRP B 635 50.49 -11.80 6.95
C TRP B 635 51.96 -12.15 6.95
N GLU B 636 52.35 -13.29 6.39
CA GLU B 636 53.76 -13.66 6.46
C GLU B 636 54.61 -12.72 5.62
N ARG B 637 54.04 -12.17 4.54
CA ARG B 637 54.72 -11.16 3.74
C ARG B 637 55.29 -10.01 4.58
N TYR B 638 54.60 -9.60 5.64
CA TYR B 638 55.04 -8.39 6.35
C TYR B 638 55.80 -8.69 7.64
N VAL B 639 55.48 -9.79 8.33
CA VAL B 639 56.17 -10.09 9.59
C VAL B 639 57.44 -10.90 9.38
N GLY B 640 57.54 -11.65 8.29
CA GLY B 640 58.73 -12.44 8.02
C GLY B 640 58.87 -13.68 8.89
N ALA B 641 59.95 -14.41 8.60
CA ALA B 641 60.16 -15.73 9.16
C ALA B 641 60.60 -15.70 10.61
N GLU B 642 61.02 -14.55 11.14
CA GLU B 642 61.24 -14.41 12.57
C GLU B 642 60.05 -13.78 13.28
N GLY B 643 58.99 -13.44 12.55
CA GLY B 643 57.85 -12.78 13.13
C GLY B 643 56.74 -13.73 13.55
N ASP B 644 55.72 -13.15 14.15
CA ASP B 644 54.58 -13.86 14.71
C ASP B 644 53.30 -13.14 14.31
N ILE B 645 52.22 -13.90 14.23
CA ILE B 645 50.90 -13.41 13.84
C ILE B 645 49.95 -13.65 15.00
N LEU B 646 49.25 -12.60 15.43
CA LEU B 646 48.12 -12.75 16.36
C LEU B 646 46.84 -12.45 15.56
N ALA B 647 46.18 -13.51 15.12
CA ALA B 647 45.04 -13.41 14.23
C ALA B 647 43.94 -14.35 14.72
N ILE B 648 42.95 -14.57 13.86
CA ILE B 648 41.85 -15.49 14.11
C ILE B 648 41.66 -16.30 12.86
N ASP B 649 41.84 -17.63 12.97
CA ASP B 649 41.61 -18.53 11.85
C ASP B 649 40.54 -19.53 12.22
N ARG B 650 39.45 -19.02 12.77
CA ARG B 650 38.32 -19.83 13.18
C ARG B 650 37.13 -18.88 13.25
N PHE B 651 35.93 -19.45 13.30
CA PHE B 651 34.77 -18.58 13.38
C PHE B 651 34.60 -18.04 14.80
N GLY B 652 33.70 -17.06 14.92
CA GLY B 652 33.52 -16.30 16.13
C GLY B 652 32.56 -16.95 17.09
N ALA B 653 31.71 -16.14 17.74
CA ALA B 653 30.83 -16.64 18.78
C ALA B 653 29.83 -15.55 19.17
N SER B 654 28.80 -15.96 19.91
CA SER B 654 27.69 -15.10 20.31
C SER B 654 27.88 -14.74 21.78
N ALA B 655 28.34 -13.51 22.01
CA ALA B 655 28.71 -13.07 23.36
C ALA B 655 29.01 -11.57 23.28
N PRO B 656 28.96 -10.87 24.40
CA PRO B 656 29.46 -9.49 24.42
C PRO B 656 30.81 -9.41 23.73
N GLY B 657 31.03 -8.34 22.95
CA GLY B 657 32.18 -8.32 22.05
C GLY B 657 33.51 -8.26 22.78
N GLU B 658 33.61 -7.45 23.83
CA GLU B 658 34.87 -7.36 24.54
C GLU B 658 35.25 -8.71 25.15
N LYS B 659 34.27 -9.58 25.41
CA LYS B 659 34.61 -10.89 25.93
C LYS B 659 35.16 -11.78 24.84
N ILE B 660 34.59 -11.72 23.62
CA ILE B 660 35.12 -12.57 22.55
C ILE B 660 36.56 -12.19 22.29
N MET B 661 36.81 -10.89 22.15
CA MET B 661 38.15 -10.41 21.90
C MET B 661 39.10 -10.93 22.96
N ALA B 662 38.63 -11.01 24.20
CA ALA B 662 39.49 -11.46 25.29
C ALA B 662 39.79 -12.96 25.17
N GLU B 663 38.75 -13.78 25.05
CA GLU B 663 38.98 -15.23 24.89
C GLU B 663 39.80 -15.54 23.63
N TYR B 664 39.71 -14.70 22.59
CA TYR B 664 40.50 -14.88 21.38
C TYR B 664 41.88 -14.21 21.45
N GLY B 665 42.22 -13.59 22.58
CA GLY B 665 43.58 -13.15 22.80
C GLY B 665 43.87 -11.72 22.49
N PHE B 666 42.86 -10.93 22.10
CA PHE B 666 43.11 -9.53 21.83
C PHE B 666 42.95 -8.75 23.12
N THR B 667 43.98 -8.91 23.95
CA THR B 667 44.12 -8.24 25.22
C THR B 667 45.50 -7.59 25.23
N VAL B 668 45.64 -6.53 26.04
CA VAL B 668 46.93 -5.87 26.18
C VAL B 668 47.97 -6.87 26.68
N ASP B 669 47.61 -7.64 27.71
CA ASP B 669 48.52 -8.57 28.35
C ASP B 669 49.05 -9.59 27.35
N ASN B 670 48.16 -10.20 26.57
CA ASN B 670 48.61 -11.23 25.63
C ASN B 670 49.52 -10.66 24.55
N VAL B 671 49.29 -9.41 24.16
CA VAL B 671 50.18 -8.77 23.19
C VAL B 671 51.56 -8.57 23.78
N VAL B 672 51.63 -7.97 24.96
CA VAL B 672 52.91 -7.85 25.65
C VAL B 672 53.57 -9.20 25.79
N ARG B 673 52.76 -10.22 26.09
CA ARG B 673 53.28 -11.55 26.38
C ARG B 673 53.88 -12.18 25.14
N ARG B 674 53.27 -11.94 23.97
CA ARG B 674 53.76 -12.50 22.72
C ARG B 674 54.94 -11.69 22.20
N THR B 675 54.88 -10.37 22.37
CA THR B 675 56.05 -9.55 22.06
C THR B 675 57.27 -9.96 22.88
N LYS B 676 57.09 -10.14 24.18
CA LYS B 676 58.23 -10.55 25.01
C LYS B 676 58.78 -11.90 24.56
N ALA B 677 57.90 -12.83 24.16
CA ALA B 677 58.39 -14.11 23.65
C ALA B 677 59.20 -13.92 22.38
N LEU B 678 58.74 -13.05 21.48
CA LEU B 678 59.50 -12.79 20.27
C LEU B 678 60.93 -12.37 20.59
N LEU B 679 61.13 -11.62 21.68
CA LEU B 679 62.43 -11.06 22.06
C LEU B 679 63.20 -11.94 23.06
N GLY B 680 62.72 -13.15 23.34
CA GLY B 680 63.34 -13.98 24.35
C GLY B 680 63.26 -13.48 25.78
N LYS B 681 62.29 -12.62 26.11
CA LYS B 681 62.17 -12.07 27.47
C LYS B 681 60.96 -12.66 28.22
N SER C 17 -3.18 -1.39 -35.77
CA SER C 17 -4.38 -2.16 -35.46
C SER C 17 -5.61 -1.31 -35.08
N ILE C 18 -6.78 -1.67 -35.60
CA ILE C 18 -7.93 -0.78 -35.51
C ILE C 18 -8.36 -0.56 -34.06
N GLU C 19 -8.14 -1.54 -33.17
CA GLU C 19 -8.52 -1.39 -31.77
C GLU C 19 -7.71 -0.28 -31.11
N GLU C 20 -6.36 -0.39 -31.15
CA GLU C 20 -5.50 0.67 -30.65
C GLU C 20 -5.90 2.03 -31.23
N LEU C 21 -6.14 2.08 -32.55
CA LEU C 21 -6.42 3.37 -33.17
C LEU C 21 -7.71 3.98 -32.64
N ALA C 22 -8.70 3.16 -32.31
CA ALA C 22 -9.93 3.73 -31.79
C ALA C 22 -9.74 4.19 -30.35
N ILE C 23 -8.99 3.44 -29.54
CA ILE C 23 -8.70 3.88 -28.17
C ILE C 23 -7.94 5.21 -28.19
N THR C 24 -6.93 5.33 -29.04
CA THR C 24 -6.22 6.61 -29.15
C THR C 24 -7.15 7.74 -29.57
N THR C 25 -8.10 7.46 -30.47
CA THR C 25 -9.05 8.48 -30.92
C THR C 25 -9.89 8.98 -29.75
N ILE C 26 -10.31 8.07 -28.88
CA ILE C 26 -11.08 8.45 -27.71
C ILE C 26 -10.27 9.37 -26.79
N ARG C 27 -9.03 8.97 -26.52
CA ARG C 27 -8.18 9.74 -25.63
C ARG C 27 -7.88 11.13 -26.20
N THR C 28 -7.57 11.22 -27.50
CA THR C 28 -7.21 12.52 -28.06
C THR C 28 -8.43 13.43 -28.17
N LEU C 29 -9.59 12.89 -28.57
CA LEU C 29 -10.80 13.69 -28.57
C LEU C 29 -11.09 14.21 -27.17
N SER C 30 -11.01 13.31 -26.18
CA SER C 30 -11.12 13.75 -24.80
C SER C 30 -10.11 14.86 -24.50
N ILE C 31 -8.85 14.65 -24.85
CA ILE C 31 -7.83 15.64 -24.52
C ILE C 31 -8.14 16.97 -25.18
N ASP C 32 -8.56 16.94 -26.47
CA ASP C 32 -8.76 18.19 -27.22
C ASP C 32 -9.99 18.96 -26.73
N ALA C 33 -11.09 18.26 -26.46
CA ALA C 33 -12.28 18.96 -25.98
C ALA C 33 -11.99 19.70 -24.68
N ILE C 34 -11.22 19.05 -23.81
CA ILE C 34 -10.90 19.67 -22.53
C ILE C 34 -9.93 20.81 -22.77
N GLU C 35 -9.06 20.68 -23.77
CA GLU C 35 -8.16 21.78 -24.07
C GLU C 35 -8.95 23.00 -24.54
N LYS C 36 -9.91 22.79 -25.41
CA LYS C 36 -10.62 23.92 -26.01
C LYS C 36 -11.49 24.63 -24.99
N ALA C 37 -12.10 23.87 -24.06
CA ALA C 37 -12.88 24.45 -22.97
C ALA C 37 -12.03 25.08 -21.91
N LYS C 38 -10.75 24.71 -21.85
CA LYS C 38 -9.89 25.09 -20.74
C LYS C 38 -10.46 24.63 -19.40
N SER C 39 -11.25 23.56 -19.41
CA SER C 39 -11.88 23.06 -18.20
C SER C 39 -12.11 21.57 -18.37
N GLY C 40 -12.05 20.82 -17.28
CA GLY C 40 -12.41 19.42 -17.36
C GLY C 40 -11.34 18.49 -16.83
N HIS C 41 -11.59 17.20 -17.04
CA HIS C 41 -10.96 16.11 -16.28
C HIS C 41 -10.40 15.10 -17.28
N PRO C 42 -9.13 15.23 -17.65
CA PRO C 42 -8.54 14.33 -18.64
C PRO C 42 -8.05 13.03 -18.04
N GLY C 43 -7.61 13.06 -16.79
CA GLY C 43 -7.04 11.91 -16.13
C GLY C 43 -7.77 10.62 -16.40
N MET C 44 -9.05 10.61 -16.01
CA MET C 44 -9.81 9.36 -16.05
C MET C 44 -10.15 8.92 -17.47
N PRO C 45 -10.67 9.77 -18.35
CA PRO C 45 -10.80 9.32 -19.75
C PRO C 45 -9.53 8.63 -20.26
N MET C 46 -8.36 9.21 -19.94
CA MET C 46 -7.10 8.70 -20.43
C MET C 46 -6.77 7.33 -19.85
N GLY C 47 -7.02 7.13 -18.55
CA GLY C 47 -6.79 5.81 -17.96
C GLY C 47 -7.85 4.80 -18.32
N ALA C 48 -9.09 5.23 -18.50
CA ALA C 48 -10.22 4.32 -18.57
C ALA C 48 -10.70 4.07 -19.98
N ALA C 49 -10.11 4.71 -20.98
CA ALA C 49 -10.66 4.57 -22.32
C ALA C 49 -10.71 3.10 -22.76
N PRO C 50 -9.67 2.29 -22.55
CA PRO C 50 -9.73 0.87 -22.98
C PRO C 50 -10.89 0.06 -22.44
N MET C 51 -11.10 0.09 -21.12
CA MET C 51 -12.15 -0.75 -20.54
C MET C 51 -13.50 -0.31 -21.07
N ALA C 52 -13.68 1.01 -21.24
CA ALA C 52 -14.94 1.55 -21.74
C ALA C 52 -15.13 1.19 -23.21
N TYR C 53 -14.08 1.33 -24.03
CA TYR C 53 -14.12 0.83 -25.40
C TYR C 53 -14.48 -0.65 -25.46
N THR C 54 -13.80 -1.47 -24.66
CA THR C 54 -14.08 -2.89 -24.74
C THR C 54 -15.52 -3.17 -24.39
N LEU C 55 -16.02 -2.52 -23.34
CA LEU C 55 -17.40 -2.73 -22.92
C LEU C 55 -18.35 -2.29 -24.01
N TRP C 56 -18.12 -1.08 -24.53
CA TRP C 56 -19.03 -0.44 -25.47
C TRP C 56 -19.06 -1.15 -26.82
N THR C 57 -17.89 -1.64 -27.29
CA THR C 57 -17.84 -2.20 -28.64
C THR C 57 -17.94 -3.72 -28.65
N LYS C 58 -17.67 -4.41 -27.55
CA LYS C 58 -17.65 -5.88 -27.55
C LYS C 58 -18.73 -6.57 -26.71
N PHE C 59 -19.40 -5.89 -25.82
CA PHE C 59 -20.20 -6.58 -24.81
C PHE C 59 -21.55 -5.89 -24.62
N MET C 60 -21.55 -4.57 -24.55
CA MET C 60 -22.81 -3.87 -24.42
C MET C 60 -23.69 -4.08 -25.65
N ASN C 61 -24.99 -4.23 -25.42
CA ASN C 61 -26.00 -4.25 -26.47
C ASN C 61 -26.84 -2.97 -26.40
N HIS C 62 -26.76 -2.18 -27.48
CA HIS C 62 -27.40 -0.87 -27.55
C HIS C 62 -27.46 -0.49 -29.01
N ASN C 63 -28.33 0.47 -29.30
CA ASN C 63 -28.57 0.91 -30.68
C ASN C 63 -28.49 2.43 -30.75
N PRO C 64 -27.43 2.99 -31.32
CA PRO C 64 -27.31 4.44 -31.38
C PRO C 64 -28.44 5.10 -32.13
N ALA C 65 -29.08 4.39 -33.05
CA ALA C 65 -30.23 4.92 -33.75
C ALA C 65 -31.47 5.01 -32.86
N ASN C 66 -31.46 4.41 -31.67
CA ASN C 66 -32.57 4.55 -30.75
C ASN C 66 -32.09 4.44 -29.30
N PRO C 67 -31.74 5.57 -28.68
CA PRO C 67 -31.25 5.53 -27.30
C PRO C 67 -32.31 5.10 -26.33
N ASN C 68 -33.52 4.87 -26.82
CA ASN C 68 -34.66 4.53 -26.01
C ASN C 68 -35.11 3.09 -26.17
N TRP C 69 -34.35 2.29 -26.91
CA TRP C 69 -34.66 0.87 -27.04
C TRP C 69 -34.82 0.23 -25.66
N PHE C 70 -36.01 -0.27 -25.38
CA PHE C 70 -36.37 -0.56 -24.00
C PHE C 70 -35.57 -1.71 -23.39
N ASN C 71 -35.16 -2.71 -24.19
CA ASN C 71 -34.34 -3.80 -23.66
C ASN C 71 -32.85 -3.61 -23.94
N ARG C 72 -32.39 -2.39 -24.18
CA ARG C 72 -30.95 -2.16 -24.25
C ARG C 72 -30.28 -2.40 -22.90
N ASP C 73 -28.97 -2.60 -22.94
CA ASP C 73 -28.19 -2.55 -21.72
C ASP C 73 -28.12 -1.12 -21.19
N ARG C 74 -28.18 -0.97 -19.88
CA ARG C 74 -28.12 0.35 -19.25
C ARG C 74 -26.69 0.59 -18.78
N PHE C 75 -26.12 1.71 -19.20
CA PHE C 75 -24.78 2.10 -18.79
C PHE C 75 -24.80 3.37 -17.95
N VAL C 76 -24.08 3.35 -16.83
CA VAL C 76 -24.00 4.49 -15.94
C VAL C 76 -22.54 4.83 -15.66
N LEU C 77 -22.15 6.05 -15.98
CA LEU C 77 -20.82 6.55 -15.61
C LEU C 77 -20.97 7.23 -14.25
N SER C 78 -20.67 6.49 -13.17
CA SER C 78 -20.81 7.04 -11.82
C SER C 78 -19.72 8.07 -11.56
N ALA C 79 -18.52 7.83 -12.09
CA ALA C 79 -17.43 8.81 -12.03
C ALA C 79 -17.67 9.80 -13.14
N GLY C 80 -18.63 10.69 -12.91
CA GLY C 80 -19.15 11.55 -13.93
C GLY C 80 -18.18 12.58 -14.41
N HIS C 81 -17.09 12.82 -13.67
CA HIS C 81 -16.08 13.77 -14.10
C HIS C 81 -15.43 13.32 -15.41
N GLY C 82 -15.42 12.01 -15.68
CA GLY C 82 -14.97 11.43 -16.94
C GLY C 82 -15.85 11.62 -18.16
N SER C 83 -16.62 12.71 -18.15
CA SER C 83 -17.70 12.91 -19.12
C SER C 83 -17.23 12.83 -20.56
N MET C 84 -16.02 13.31 -20.85
CA MET C 84 -15.58 13.30 -22.23
C MET C 84 -15.38 11.87 -22.73
N LEU C 85 -15.04 10.95 -21.83
CA LEU C 85 -14.97 9.55 -22.24
C LEU C 85 -16.30 9.10 -22.80
N LEU C 86 -17.38 9.45 -22.09
CA LEU C 86 -18.72 9.11 -22.55
C LEU C 86 -19.09 9.85 -23.83
N TYR C 87 -18.75 11.13 -23.94
CA TYR C 87 -19.19 11.88 -25.13
C TYR C 87 -18.48 11.37 -26.37
N SER C 88 -17.20 11.04 -26.23
CA SER C 88 -16.44 10.48 -27.34
C SER C 88 -17.13 9.24 -27.89
N LEU C 89 -17.41 8.29 -27.00
CA LEU C 89 -18.00 7.03 -27.39
C LEU C 89 -19.36 7.23 -28.03
N LEU C 90 -20.19 8.09 -27.45
CA LEU C 90 -21.48 8.39 -28.06
C LEU C 90 -21.27 8.91 -29.48
N HIS C 91 -20.41 9.90 -29.63
CA HIS C 91 -20.20 10.50 -30.95
C HIS C 91 -19.62 9.48 -31.92
N LEU C 92 -18.53 8.84 -31.54
CA LEU C 92 -17.90 7.87 -32.43
C LEU C 92 -18.85 6.73 -32.79
N SER C 93 -19.81 6.40 -31.94
CA SER C 93 -20.68 5.25 -32.15
C SER C 93 -21.90 5.57 -32.99
N GLY C 94 -22.15 6.85 -33.24
CA GLY C 94 -23.23 7.25 -34.10
C GLY C 94 -24.39 7.88 -33.38
N TYR C 95 -24.35 8.01 -32.06
CA TYR C 95 -25.45 8.71 -31.39
C TYR C 95 -25.49 10.14 -31.91
N ASP C 96 -26.63 10.80 -31.71
CA ASP C 96 -26.83 12.20 -32.08
C ASP C 96 -26.02 13.17 -31.23
N VAL C 97 -24.71 12.97 -31.25
CA VAL C 97 -23.74 13.84 -30.59
C VAL C 97 -22.70 14.16 -31.64
N SER C 98 -22.58 15.43 -32.02
CA SER C 98 -21.73 15.73 -33.16
C SER C 98 -20.33 16.11 -32.71
N MET C 99 -19.47 16.36 -33.71
CA MET C 99 -18.15 16.92 -33.43
C MET C 99 -18.29 18.36 -32.97
N ASP C 100 -19.16 19.12 -33.61
CA ASP C 100 -19.43 20.45 -33.10
C ASP C 100 -19.85 20.37 -31.64
N ASP C 101 -20.67 19.36 -31.29
CA ASP C 101 -21.05 19.16 -29.89
C ASP C 101 -19.80 18.93 -29.02
N LEU C 102 -18.86 18.11 -29.48
CA LEU C 102 -17.62 17.90 -28.74
C LEU C 102 -16.86 19.20 -28.57
N LYS C 103 -16.89 20.06 -29.57
CA LYS C 103 -16.18 21.34 -29.53
C LYS C 103 -16.91 22.39 -28.69
N GLN C 104 -18.00 22.02 -28.02
CA GLN C 104 -18.73 22.92 -27.14
C GLN C 104 -18.80 22.35 -25.73
N PHE C 105 -17.94 21.39 -25.43
CA PHE C 105 -17.85 20.83 -24.09
C PHE C 105 -17.76 21.96 -23.07
N ARG C 106 -18.64 21.89 -22.06
CA ARG C 106 -18.69 22.82 -20.94
C ARG C 106 -19.08 24.25 -21.37
N GLN C 107 -19.82 24.43 -22.46
CA GLN C 107 -20.26 25.75 -22.90
C GLN C 107 -21.77 25.97 -22.77
N TRP C 108 -22.15 27.25 -22.63
CA TRP C 108 -23.57 27.61 -22.52
C TRP C 108 -24.38 27.04 -23.67
N GLY C 109 -25.44 26.30 -23.30
CA GLY C 109 -26.32 25.68 -24.25
C GLY C 109 -25.98 24.26 -24.64
N SER C 110 -24.74 23.83 -24.46
CA SER C 110 -24.27 22.72 -25.27
C SER C 110 -24.89 21.41 -24.81
N LYS C 111 -24.99 20.48 -25.73
CA LYS C 111 -25.30 19.09 -25.41
C LYS C 111 -24.15 18.39 -24.70
N THR C 112 -23.06 19.05 -24.28
CA THR C 112 -21.91 18.37 -23.67
C THR C 112 -21.50 19.03 -22.36
N PRO C 113 -22.38 19.03 -21.36
CA PRO C 113 -22.04 19.66 -20.08
C PRO C 113 -20.93 18.89 -19.36
N GLY C 114 -20.26 19.60 -18.44
CA GLY C 114 -19.07 19.05 -17.81
C GLY C 114 -19.30 17.76 -17.05
N HIS C 115 -20.53 17.53 -16.60
CA HIS C 115 -20.92 16.24 -16.03
C HIS C 115 -22.15 15.73 -16.80
N PRO C 116 -22.39 14.42 -16.85
CA PRO C 116 -23.48 13.91 -17.70
C PRO C 116 -24.85 14.32 -17.20
N GLU C 117 -25.75 14.64 -18.14
CA GLU C 117 -27.11 15.07 -17.85
C GLU C 117 -28.13 14.29 -18.65
N TYR C 118 -28.86 13.42 -17.96
CA TYR C 118 -30.02 12.78 -18.56
C TYR C 118 -30.98 13.84 -19.05
N GLY C 119 -31.50 13.62 -20.24
CA GLY C 119 -32.40 14.52 -20.86
C GLY C 119 -31.74 15.54 -21.75
N HIS C 120 -30.46 15.82 -21.53
CA HIS C 120 -29.77 16.89 -22.23
C HIS C 120 -28.87 16.36 -23.33
N THR C 121 -28.58 15.08 -23.30
CA THR C 121 -27.63 14.47 -24.19
C THR C 121 -28.15 13.11 -24.60
N PRO C 122 -28.34 12.88 -25.90
CA PRO C 122 -28.79 11.57 -26.37
C PRO C 122 -27.89 10.42 -25.89
N GLY C 123 -28.51 9.40 -25.34
CA GLY C 123 -27.78 8.24 -24.83
C GLY C 123 -27.23 8.36 -23.43
N VAL C 124 -27.31 9.53 -22.80
CA VAL C 124 -26.91 9.63 -21.40
C VAL C 124 -28.02 9.04 -20.53
N GLU C 125 -27.67 8.07 -19.68
CA GLU C 125 -28.73 7.35 -18.97
C GLU C 125 -29.04 7.91 -17.59
N ALA C 126 -28.18 8.75 -17.03
CA ALA C 126 -28.41 9.29 -15.70
C ALA C 126 -27.47 10.45 -15.52
N THR C 127 -27.94 11.43 -14.75
CA THR C 127 -27.18 12.60 -14.38
C THR C 127 -26.26 12.23 -13.22
N THR C 128 -24.96 12.36 -13.42
CA THR C 128 -24.01 11.98 -12.38
C THR C 128 -23.06 13.15 -12.19
N GLY C 129 -22.10 12.97 -11.29
CA GLY C 129 -21.29 14.08 -10.83
C GLY C 129 -21.11 14.00 -9.33
N PRO C 130 -22.23 13.97 -8.60
CA PRO C 130 -22.18 13.68 -7.17
C PRO C 130 -21.83 12.23 -7.00
N LEU C 131 -20.65 11.97 -6.47
CA LEU C 131 -20.09 10.63 -6.47
C LEU C 131 -20.93 9.70 -5.62
N GLY C 132 -20.80 8.42 -5.94
CA GLY C 132 -21.42 7.35 -5.21
C GLY C 132 -22.81 7.00 -5.71
N GLN C 133 -23.50 7.96 -6.32
CA GLN C 133 -24.90 7.79 -6.68
C GLN C 133 -25.06 7.04 -8.00
N GLY C 134 -24.06 7.13 -8.88
CA GLY C 134 -24.15 6.37 -10.10
C GLY C 134 -24.27 4.88 -9.85
N ILE C 135 -23.48 4.36 -8.91
CA ILE C 135 -23.59 2.95 -8.58
C ILE C 135 -25.00 2.66 -8.08
N ALA C 136 -25.48 3.50 -7.14
CA ALA C 136 -26.79 3.27 -6.54
C ALA C 136 -27.89 3.31 -7.58
N MET C 137 -27.85 4.32 -8.46
CA MET C 137 -28.82 4.38 -9.54
C MET C 137 -28.75 3.13 -10.38
N ALA C 138 -27.54 2.69 -10.66
CA ALA C 138 -27.36 1.48 -11.45
C ALA C 138 -27.92 0.26 -10.73
N VAL C 139 -27.79 0.21 -9.39
CA VAL C 139 -28.46 -0.87 -8.64
C VAL C 139 -29.96 -0.83 -8.86
N GLY C 140 -30.56 0.37 -8.81
CA GLY C 140 -32.00 0.45 -9.01
C GLY C 140 -32.43 0.08 -10.42
N MET C 141 -31.66 0.51 -11.42
CA MET C 141 -31.92 0.02 -12.76
C MET C 141 -31.91 -1.52 -12.82
N ALA C 142 -30.91 -2.14 -12.17
CA ALA C 142 -30.81 -3.60 -12.22
C ALA C 142 -32.01 -4.23 -11.53
N MET C 143 -32.45 -3.63 -10.41
CA MET C 143 -33.67 -4.04 -9.73
C MET C 143 -34.89 -3.97 -10.65
N ALA C 144 -35.09 -2.83 -11.29
CA ALA C 144 -36.21 -2.68 -12.20
C ALA C 144 -36.19 -3.76 -13.29
N GLU C 145 -35.01 -3.99 -13.87
CA GLU C 145 -34.89 -4.97 -14.94
C GLU C 145 -35.38 -6.33 -14.48
N ARG C 146 -34.98 -6.76 -13.29
CA ARG C 146 -35.40 -8.06 -12.78
C ARG C 146 -36.90 -8.07 -12.39
N HIS C 147 -37.44 -6.95 -11.89
CA HIS C 147 -38.86 -6.95 -11.56
C HIS C 147 -39.71 -7.07 -12.83
N LEU C 148 -39.34 -6.32 -13.87
CA LEU C 148 -40.04 -6.36 -15.15
C LEU C 148 -39.86 -7.71 -15.81
N ALA C 149 -38.66 -8.28 -15.75
CA ALA C 149 -38.46 -9.60 -16.34
C ALA C 149 -39.43 -10.61 -15.74
N ALA C 150 -39.52 -10.65 -14.41
CA ALA C 150 -40.42 -11.61 -13.78
C ALA C 150 -41.87 -11.27 -14.05
N THR C 151 -42.19 -9.98 -14.17
CA THR C 151 -43.57 -9.58 -14.45
C THR C 151 -44.02 -10.04 -15.83
N TYR C 152 -43.18 -9.85 -16.85
CA TYR C 152 -43.63 -9.99 -18.23
C TYR C 152 -43.11 -11.23 -18.94
N ASN C 153 -41.93 -11.75 -18.63
CA ASN C 153 -41.40 -12.83 -19.44
C ASN C 153 -42.27 -14.08 -19.28
N ARG C 154 -42.38 -14.84 -20.36
CA ARG C 154 -43.10 -16.12 -20.37
C ARG C 154 -42.28 -17.15 -21.14
N ASP C 155 -42.71 -18.41 -21.08
CA ASP C 155 -42.03 -19.48 -21.79
C ASP C 155 -41.88 -19.16 -23.27
N GLY C 156 -40.63 -19.08 -23.73
CA GLY C 156 -40.32 -18.73 -25.09
C GLY C 156 -40.10 -17.26 -25.33
N PHE C 157 -40.60 -16.40 -24.44
CA PHE C 157 -40.52 -14.95 -24.61
C PHE C 157 -39.82 -14.36 -23.39
N GLU C 158 -38.51 -14.22 -23.51
CA GLU C 158 -37.70 -13.48 -22.54
C GLU C 158 -37.64 -12.02 -22.99
N ILE C 159 -38.83 -11.39 -22.98
CA ILE C 159 -38.98 -10.03 -23.49
C ILE C 159 -37.98 -9.09 -22.81
N ILE C 160 -37.81 -9.24 -21.51
CA ILE C 160 -36.97 -8.35 -20.72
C ILE C 160 -35.78 -9.16 -20.23
N ASN C 161 -34.61 -8.76 -20.66
CA ASN C 161 -33.38 -9.45 -20.26
C ASN C 161 -32.21 -8.66 -20.80
N HIS C 162 -31.53 -7.92 -19.92
CA HIS C 162 -30.39 -7.12 -20.36
C HIS C 162 -29.58 -6.83 -19.13
N TYR C 163 -28.34 -6.39 -19.36
CA TYR C 163 -27.40 -6.09 -18.30
C TYR C 163 -27.46 -4.61 -17.87
N THR C 164 -26.86 -4.35 -16.71
CA THR C 164 -26.65 -3.00 -16.22
C THR C 164 -25.17 -2.84 -15.93
N TYR C 165 -24.54 -1.88 -16.57
CA TYR C 165 -23.12 -1.65 -16.35
C TYR C 165 -22.91 -0.29 -15.74
N ALA C 166 -21.77 -0.12 -15.08
CA ALA C 166 -21.36 1.21 -14.66
C ALA C 166 -19.85 1.24 -14.51
N ILE C 167 -19.28 2.43 -14.64
CA ILE C 167 -17.85 2.65 -14.43
C ILE C 167 -17.73 3.64 -13.28
N CYS C 168 -17.00 3.24 -12.22
CA CYS C 168 -16.76 4.07 -11.05
C CYS C 168 -15.25 4.28 -10.85
N GLY C 169 -14.90 5.23 -9.96
CA GLY C 169 -13.53 5.46 -9.55
C GLY C 169 -13.37 5.31 -8.04
N ASP C 170 -12.26 5.76 -7.46
CA ASP C 170 -12.05 5.57 -6.03
C ASP C 170 -13.04 6.35 -5.18
N GLY C 171 -13.37 7.59 -5.59
CA GLY C 171 -14.32 8.40 -4.84
C GLY C 171 -15.66 7.72 -4.66
N ASP C 172 -16.18 7.13 -5.73
CA ASP C 172 -17.42 6.38 -5.65
C ASP C 172 -17.38 5.39 -4.50
N LEU C 173 -16.29 4.63 -4.40
CA LEU C 173 -16.21 3.52 -3.44
C LEU C 173 -15.92 3.98 -2.03
N MET C 174 -15.64 5.26 -1.83
CA MET C 174 -15.60 5.79 -0.47
C MET C 174 -16.95 6.27 0.02
N GLU C 175 -17.92 6.55 -0.88
CA GLU C 175 -19.19 7.17 -0.45
C GLU C 175 -20.13 6.16 0.19
N GLY C 176 -20.74 6.55 1.30
CA GLY C 176 -21.66 5.67 2.00
C GLY C 176 -22.77 5.17 1.12
N VAL C 177 -23.29 6.02 0.24
CA VAL C 177 -24.39 5.58 -0.60
C VAL C 177 -23.99 4.34 -1.40
N ALA C 178 -22.73 4.27 -1.85
CA ALA C 178 -22.34 3.12 -2.69
C ALA C 178 -22.18 1.86 -1.86
N SER C 179 -21.78 1.99 -0.61
CA SER C 179 -21.72 0.84 0.28
C SER C 179 -23.11 0.27 0.54
N GLU C 180 -24.06 1.15 0.87
CA GLU C 180 -25.45 0.76 1.07
C GLU C 180 -26.01 0.07 -0.15
N ALA C 181 -25.75 0.61 -1.34
CA ALA C 181 -26.29 0.01 -2.55
C ALA C 181 -25.66 -1.35 -2.84
N ALA C 182 -24.35 -1.46 -2.71
CA ALA C 182 -23.69 -2.75 -2.97
C ALA C 182 -24.18 -3.82 -2.02
N SER C 183 -24.37 -3.45 -0.75
CA SER C 183 -24.88 -4.40 0.23
C SER C 183 -26.26 -4.87 -0.18
N LEU C 184 -27.10 -3.96 -0.69
CA LEU C 184 -28.46 -4.31 -1.09
C LEU C 184 -28.45 -5.14 -2.36
N ALA C 185 -27.67 -4.73 -3.36
CA ALA C 185 -27.57 -5.51 -4.59
C ALA C 185 -27.02 -6.90 -4.32
N GLY C 186 -26.02 -7.00 -3.46
CA GLY C 186 -25.51 -8.31 -3.11
C GLY C 186 -26.58 -9.14 -2.43
N HIS C 187 -27.38 -8.50 -1.58
CA HIS C 187 -28.43 -9.25 -0.89
C HIS C 187 -29.48 -9.76 -1.86
N LEU C 188 -29.80 -8.98 -2.88
CA LEU C 188 -30.76 -9.32 -3.92
C LEU C 188 -30.14 -10.13 -5.07
N LYS C 189 -28.82 -10.28 -5.07
CA LYS C 189 -28.17 -11.17 -6.01
C LYS C 189 -28.42 -10.70 -7.44
N LEU C 190 -28.16 -9.42 -7.71
CA LEU C 190 -28.52 -8.86 -9.03
C LEU C 190 -27.41 -9.20 -10.01
N GLY C 191 -27.49 -10.42 -10.52
CA GLY C 191 -26.44 -10.95 -11.37
C GLY C 191 -26.07 -10.04 -12.52
N ARG C 192 -27.06 -9.38 -13.13
CA ARG C 192 -26.81 -8.61 -14.34
C ARG C 192 -26.24 -7.23 -14.06
N LEU C 193 -25.84 -6.92 -12.83
CA LEU C 193 -25.15 -5.68 -12.51
C LEU C 193 -23.66 -5.93 -12.46
N ILE C 194 -22.93 -5.30 -13.38
CA ILE C 194 -21.50 -5.45 -13.47
C ILE C 194 -20.87 -4.07 -13.44
N VAL C 195 -19.95 -3.87 -12.51
CA VAL C 195 -19.35 -2.57 -12.22
C VAL C 195 -17.86 -2.64 -12.50
N LEU C 196 -17.38 -1.75 -13.35
CA LEU C 196 -15.95 -1.61 -13.58
C LEU C 196 -15.42 -0.48 -12.74
N TYR C 197 -14.37 -0.77 -12.02
CA TYR C 197 -13.79 0.13 -11.04
C TYR C 197 -12.44 0.56 -11.58
N ASP C 198 -12.37 1.83 -12.01
CA ASP C 198 -11.13 2.51 -12.36
C ASP C 198 -10.22 2.64 -11.14
N SER C 199 -9.37 1.66 -10.90
CA SER C 199 -8.52 1.62 -9.71
C SER C 199 -7.13 2.16 -10.06
N ASN C 200 -6.99 3.48 -10.00
CA ASN C 200 -5.78 4.17 -10.42
C ASN C 200 -4.99 4.74 -9.24
N ASP C 201 -5.38 4.42 -8.00
CA ASP C 201 -4.61 4.79 -6.80
C ASP C 201 -4.48 6.30 -6.64
N ILE C 202 -5.42 7.03 -7.19
CA ILE C 202 -5.38 8.48 -7.14
C ILE C 202 -6.78 8.99 -6.82
N SER C 203 -6.84 9.96 -5.92
CA SER C 203 -8.01 10.77 -5.67
C SER C 203 -7.67 12.20 -6.05
N LEU C 204 -8.56 13.11 -5.70
CA LEU C 204 -8.41 14.47 -6.18
C LEU C 204 -7.25 15.15 -5.48
N ASP C 205 -7.10 14.92 -4.18
CA ASP C 205 -6.04 15.59 -3.45
C ASP C 205 -4.67 14.93 -3.60
N GLY C 206 -4.57 13.74 -4.14
CA GLY C 206 -3.26 13.10 -4.21
C GLY C 206 -3.38 11.57 -4.18
N GLU C 207 -2.42 10.96 -3.50
CA GLU C 207 -2.36 9.50 -3.46
C GLU C 207 -3.57 8.90 -2.74
N LEU C 208 -4.08 7.80 -3.27
CA LEU C 208 -5.25 7.21 -2.66
C LEU C 208 -4.99 6.91 -1.21
N ASN C 209 -3.72 6.61 -0.87
CA ASN C 209 -3.30 6.24 0.48
C ASN C 209 -3.46 7.37 1.50
N LEU C 210 -3.67 8.62 1.07
CA LEU C 210 -3.92 9.66 2.05
C LEU C 210 -5.14 9.32 2.90
N SER C 211 -6.14 8.65 2.32
CA SER C 211 -7.44 8.52 2.98
C SER C 211 -8.06 7.15 2.86
N PHE C 212 -7.44 6.22 2.15
CA PHE C 212 -8.13 5.00 1.76
C PHE C 212 -7.13 3.88 1.52
N SER C 213 -7.35 2.73 2.18
CA SER C 213 -6.45 1.58 2.09
C SER C 213 -7.19 0.26 2.34
N GLU C 214 -8.51 0.22 2.22
CA GLU C 214 -9.21 -1.02 2.46
C GLU C 214 -8.91 -2.08 1.40
N ASN C 215 -9.21 -3.32 1.75
CA ASN C 215 -9.21 -4.41 0.79
C ASN C 215 -10.59 -4.42 0.17
N VAL C 216 -10.68 -3.73 -0.97
CA VAL C 216 -11.94 -3.55 -1.66
C VAL C 216 -12.51 -4.90 -2.08
N ALA C 217 -11.67 -5.78 -2.62
CA ALA C 217 -12.10 -7.10 -3.03
C ALA C 217 -12.80 -7.83 -1.90
N GLN C 218 -12.18 -7.79 -0.71
CA GLN C 218 -12.73 -8.48 0.45
C GLN C 218 -14.04 -7.85 0.93
N ARG C 219 -14.15 -6.53 0.84
CA ARG C 219 -15.43 -5.92 1.17
C ARG C 219 -16.52 -6.36 0.21
N PHE C 220 -16.24 -6.36 -1.09
CA PHE C 220 -17.33 -6.65 -2.01
C PHE C 220 -17.72 -8.11 -1.94
N GLN C 221 -16.78 -8.97 -1.54
CA GLN C 221 -17.13 -10.36 -1.33
C GLN C 221 -18.00 -10.50 -0.09
N ALA C 222 -17.75 -9.69 0.93
CA ALA C 222 -18.59 -9.74 2.11
C ALA C 222 -20.04 -9.38 1.80
N TYR C 223 -20.27 -8.57 0.76
CA TYR C 223 -21.62 -8.23 0.33
C TYR C 223 -22.24 -9.34 -0.52
N GLY C 224 -21.44 -10.30 -0.94
CA GLY C 224 -21.96 -11.30 -1.84
C GLY C 224 -21.69 -11.04 -3.30
N TRP C 225 -20.79 -10.11 -3.64
CA TRP C 225 -20.43 -9.89 -5.02
C TRP C 225 -19.32 -10.83 -5.48
N GLN C 226 -19.34 -11.12 -6.78
CA GLN C 226 -18.17 -11.65 -7.48
C GLN C 226 -17.15 -10.54 -7.65
N TYR C 227 -15.90 -10.81 -7.29
CA TYR C 227 -14.78 -9.87 -7.47
C TYR C 227 -13.86 -10.39 -8.55
N LEU C 228 -13.59 -9.57 -9.58
CA LEU C 228 -12.57 -9.91 -10.56
C LEU C 228 -11.54 -8.79 -10.61
N ARG C 229 -10.32 -9.12 -11.00
CA ARG C 229 -9.23 -8.14 -10.98
C ARG C 229 -8.48 -8.19 -12.29
N VAL C 230 -8.49 -7.06 -13.01
CA VAL C 230 -7.68 -6.90 -14.23
C VAL C 230 -6.37 -6.17 -13.86
N GLU C 231 -5.23 -6.83 -14.07
CA GLU C 231 -3.94 -6.29 -13.62
C GLU C 231 -3.42 -5.17 -14.52
N ASP C 232 -3.76 -5.19 -15.82
CA ASP C 232 -3.28 -4.20 -16.79
C ASP C 232 -4.49 -3.63 -17.51
N GLY C 233 -4.89 -2.41 -17.16
CA GLY C 233 -6.05 -1.77 -17.74
C GLY C 233 -5.92 -1.37 -19.20
N ASN C 234 -4.75 -1.53 -19.81
CA ASN C 234 -4.61 -1.35 -21.25
C ASN C 234 -4.78 -2.63 -22.04
N ASN C 235 -4.97 -3.77 -21.38
CA ASN C 235 -5.02 -5.04 -22.09
C ASN C 235 -6.50 -5.36 -22.35
N ILE C 236 -6.97 -5.04 -23.57
CA ILE C 236 -8.34 -5.32 -23.93
C ILE C 236 -8.67 -6.81 -23.75
N GLU C 237 -7.71 -7.70 -24.02
CA GLU C 237 -8.00 -9.11 -23.92
C GLU C 237 -8.30 -9.51 -22.48
N GLU C 238 -7.50 -9.02 -21.54
CA GLU C 238 -7.75 -9.31 -20.14
C GLU C 238 -9.05 -8.65 -19.70
N ILE C 239 -9.31 -7.43 -20.16
CA ILE C 239 -10.61 -6.80 -19.89
C ILE C 239 -11.74 -7.67 -20.42
N ALA C 240 -11.69 -8.01 -21.72
CA ALA C 240 -12.69 -8.91 -22.31
C ALA C 240 -12.89 -10.12 -21.43
N LYS C 241 -11.81 -10.67 -20.92
CA LYS C 241 -11.90 -11.93 -20.19
C LYS C 241 -12.67 -11.73 -18.88
N ALA C 242 -12.34 -10.66 -18.12
CA ALA C 242 -13.10 -10.38 -16.90
C ALA C 242 -14.57 -10.19 -17.21
N LEU C 243 -14.88 -9.50 -18.31
CA LEU C 243 -16.28 -9.20 -18.61
C LEU C 243 -17.07 -10.46 -18.98
N GLU C 244 -16.45 -11.39 -19.73
CA GLU C 244 -17.09 -12.67 -20.03
C GLU C 244 -17.39 -13.44 -18.74
N GLU C 245 -16.41 -13.50 -17.85
CA GLU C 245 -16.64 -14.12 -16.54
C GLU C 245 -17.80 -13.45 -15.83
N ALA C 246 -17.77 -12.12 -15.74
CA ALA C 246 -18.81 -11.39 -15.05
C ALA C 246 -20.18 -11.74 -15.61
N ARG C 247 -20.30 -11.77 -16.94
CA ARG C 247 -21.59 -12.03 -17.59
C ARG C 247 -22.04 -13.46 -17.45
N ALA C 248 -21.10 -14.37 -17.21
CA ALA C 248 -21.45 -15.77 -17.14
C ALA C 248 -22.10 -16.10 -15.80
N ASP C 249 -21.64 -15.47 -14.72
CA ASP C 249 -22.15 -15.73 -13.37
C ASP C 249 -23.34 -14.81 -13.09
N LEU C 250 -24.54 -15.29 -13.36
CA LEU C 250 -25.74 -14.53 -13.10
C LEU C 250 -26.30 -14.73 -11.69
N SER C 251 -25.53 -15.34 -10.79
CA SER C 251 -25.96 -15.54 -9.41
C SER C 251 -25.51 -14.43 -8.47
N ARG C 252 -24.76 -13.44 -8.96
CA ARG C 252 -24.13 -12.41 -8.13
C ARG C 252 -23.80 -11.22 -9.01
N PRO C 253 -23.96 -9.99 -8.54
CA PRO C 253 -23.39 -8.85 -9.24
C PRO C 253 -21.87 -8.87 -9.13
N THR C 254 -21.23 -8.19 -10.06
CA THR C 254 -19.78 -8.26 -10.15
C THR C 254 -19.13 -6.89 -10.00
N LEU C 255 -18.01 -6.91 -9.31
CA LEU C 255 -17.07 -5.79 -9.28
C LEU C 255 -15.80 -6.22 -10.03
N ILE C 256 -15.46 -5.46 -11.05
CA ILE C 256 -14.22 -5.66 -11.79
C ILE C 256 -13.28 -4.51 -11.46
N GLU C 257 -12.26 -4.80 -10.67
CA GLU C 257 -11.25 -3.80 -10.34
C GLU C 257 -10.20 -3.80 -11.45
N VAL C 258 -10.14 -2.70 -12.19
CA VAL C 258 -9.27 -2.54 -13.35
C VAL C 258 -8.18 -1.54 -12.98
N LYS C 259 -6.95 -2.03 -12.88
CA LYS C 259 -5.83 -1.18 -12.50
C LYS C 259 -5.41 -0.32 -13.68
N THR C 260 -5.48 1.01 -13.53
CA THR C 260 -5.02 1.89 -14.59
C THR C 260 -4.08 2.93 -14.01
N THR C 261 -3.39 3.61 -14.93
CA THR C 261 -2.59 4.77 -14.61
C THR C 261 -3.42 5.97 -15.04
N ILE C 262 -3.72 6.85 -14.09
CA ILE C 262 -4.48 8.05 -14.40
C ILE C 262 -3.61 8.93 -15.30
N GLY C 263 -4.23 9.43 -16.38
CA GLY C 263 -3.50 10.20 -17.36
C GLY C 263 -2.48 9.43 -18.17
N TYR C 264 -2.70 8.12 -18.39
CA TYR C 264 -1.74 7.28 -19.11
C TYR C 264 -1.24 7.94 -20.37
N GLY C 265 0.08 7.89 -20.58
CA GLY C 265 0.72 8.52 -21.73
C GLY C 265 1.25 9.94 -21.52
N ALA C 266 0.69 10.69 -20.59
CA ALA C 266 1.25 12.01 -20.36
C ALA C 266 2.60 11.83 -19.67
N PRO C 267 3.73 12.14 -20.33
CA PRO C 267 5.03 11.81 -19.73
C PRO C 267 5.32 12.55 -18.46
N ASN C 268 4.74 13.73 -18.24
CA ASN C 268 4.96 14.40 -16.96
C ASN C 268 3.84 14.19 -15.96
N LYS C 269 2.61 13.99 -16.42
CA LYS C 269 1.48 14.09 -15.50
C LYS C 269 0.83 12.75 -15.18
N ALA C 270 1.11 11.71 -15.97
CA ALA C 270 0.51 10.42 -15.66
C ALA C 270 0.73 10.07 -14.20
N GLY C 271 -0.26 9.36 -13.64
CA GLY C 271 -0.16 8.82 -12.30
C GLY C 271 -0.09 9.83 -11.19
N THR C 272 -0.57 11.04 -11.42
CA THR C 272 -0.59 12.08 -10.42
C THR C 272 -1.98 12.69 -10.34
N SER C 273 -2.34 13.11 -9.13
CA SER C 273 -3.61 13.80 -8.95
C SER C 273 -3.69 15.05 -9.83
N GLY C 274 -2.56 15.69 -10.12
CA GLY C 274 -2.50 16.78 -11.08
C GLY C 274 -3.34 16.63 -12.35
N VAL C 275 -3.44 15.42 -12.91
CA VAL C 275 -4.24 15.23 -14.12
C VAL C 275 -5.67 14.88 -13.84
N HIS C 276 -6.07 14.77 -12.57
CA HIS C 276 -7.46 14.46 -12.29
C HIS C 276 -8.41 15.46 -12.96
N GLY C 277 -8.18 16.77 -12.76
CA GLY C 277 -9.18 17.78 -13.04
C GLY C 277 -8.71 19.12 -13.61
N ALA C 278 -7.62 19.11 -14.37
CA ALA C 278 -7.20 20.29 -15.10
C ALA C 278 -6.79 19.85 -16.49
N PRO C 279 -6.96 20.70 -17.50
CA PRO C 279 -6.46 20.36 -18.84
C PRO C 279 -4.99 19.99 -18.79
N LEU C 280 -4.59 19.13 -19.72
CA LEU C 280 -3.17 18.84 -19.87
C LEU C 280 -2.35 20.13 -20.05
N GLY C 281 -2.82 21.05 -20.88
CA GLY C 281 -1.97 22.14 -21.30
C GLY C 281 -1.43 21.83 -22.68
N ALA C 282 -1.25 22.83 -23.52
CA ALA C 282 -0.87 22.55 -24.91
C ALA C 282 0.42 21.73 -24.99
N GLN C 283 1.38 22.03 -24.13
CA GLN C 283 2.65 21.33 -24.16
C GLN C 283 2.47 19.86 -23.79
N GLU C 284 1.90 19.59 -22.61
CA GLU C 284 1.74 18.21 -22.16
C GLU C 284 0.87 17.43 -23.13
N ALA C 285 -0.14 18.08 -23.71
CA ALA C 285 -0.99 17.41 -24.69
C ALA C 285 -0.22 17.08 -25.95
N LYS C 286 0.66 17.98 -26.41
CA LYS C 286 1.45 17.67 -27.60
C LYS C 286 2.36 16.47 -27.34
N LEU C 287 3.05 16.47 -26.19
CA LEU C 287 3.92 15.37 -25.84
C LEU C 287 3.18 14.06 -25.71
N THR C 288 1.90 14.11 -25.30
CA THR C 288 1.11 12.91 -25.07
C THR C 288 0.70 12.27 -26.38
N LYS C 289 0.32 13.10 -27.36
CA LYS C 289 -0.03 12.58 -28.68
C LYS C 289 1.19 11.99 -29.39
N GLU C 290 2.38 12.57 -29.15
CA GLU C 290 3.62 11.92 -29.64
C GLU C 290 3.79 10.54 -29.01
N ALA C 291 3.65 10.44 -27.69
CA ALA C 291 3.77 9.15 -26.99
C ALA C 291 2.78 8.12 -27.55
N TYR C 292 1.57 8.56 -27.92
CA TYR C 292 0.57 7.74 -28.61
C TYR C 292 0.90 7.42 -30.08
N ARG C 293 1.97 7.99 -30.65
CA ARG C 293 2.23 7.97 -32.09
C ARG C 293 1.01 8.50 -32.86
N TRP C 294 0.40 9.56 -32.35
CA TRP C 294 -0.74 10.23 -33.00
C TRP C 294 -0.19 11.44 -33.76
N THR C 295 0.04 11.25 -35.08
CA THR C 295 0.83 12.17 -35.90
C THR C 295 -0.01 12.94 -36.94
N PHE C 296 -1.34 12.97 -36.80
CA PHE C 296 -2.18 13.67 -37.77
C PHE C 296 -2.08 15.20 -37.73
N ALA C 297 -1.57 15.76 -36.63
CA ALA C 297 -1.38 17.21 -36.51
C ALA C 297 -2.68 17.97 -36.72
N GLU C 298 -3.80 17.40 -36.29
CA GLU C 298 -5.06 18.11 -36.31
C GLU C 298 -5.85 17.78 -35.07
N ASP C 299 -6.48 18.80 -34.52
CA ASP C 299 -7.30 18.62 -33.35
C ASP C 299 -8.69 18.17 -33.74
N PHE C 300 -9.33 17.46 -32.83
CA PHE C 300 -10.66 16.89 -33.07
C PHE C 300 -10.72 16.14 -34.39
N TYR C 301 -9.73 15.28 -34.63
CA TYR C 301 -9.69 14.49 -35.85
C TYR C 301 -10.07 13.05 -35.52
N VAL C 302 -10.96 12.48 -36.32
CA VAL C 302 -11.27 11.06 -36.25
C VAL C 302 -10.95 10.45 -37.60
N PRO C 303 -10.02 9.49 -37.68
CA PRO C 303 -9.82 8.78 -38.97
C PRO C 303 -11.10 8.10 -39.45
N GLU C 304 -11.38 8.29 -40.74
CA GLU C 304 -12.55 7.69 -41.37
C GLU C 304 -12.71 6.22 -41.01
N GLU C 305 -11.60 5.48 -40.92
CA GLU C 305 -11.69 4.07 -40.60
C GLU C 305 -11.98 3.82 -39.12
N VAL C 306 -11.85 4.84 -38.26
CA VAL C 306 -12.31 4.68 -36.89
C VAL C 306 -13.83 4.76 -36.85
N TYR C 307 -14.43 5.59 -37.70
CA TYR C 307 -15.90 5.57 -37.81
C TYR C 307 -16.38 4.25 -38.39
N ALA C 308 -15.81 3.85 -39.55
CA ALA C 308 -16.10 2.53 -40.10
C ALA C 308 -16.02 1.46 -39.02
N HIS C 309 -14.96 1.49 -38.20
CA HIS C 309 -14.88 0.54 -37.09
C HIS C 309 -16.12 0.61 -36.20
N PHE C 310 -16.50 1.81 -35.77
CA PHE C 310 -17.63 1.91 -34.85
C PHE C 310 -18.95 1.62 -35.56
N ARG C 311 -19.00 1.85 -36.87
CA ARG C 311 -20.19 1.49 -37.64
C ARG C 311 -20.39 -0.03 -37.64
N ALA C 312 -19.30 -0.78 -37.76
CA ALA C 312 -19.37 -2.23 -37.91
C ALA C 312 -19.52 -2.94 -36.56
N THR C 313 -18.84 -2.47 -35.52
CA THR C 313 -18.96 -3.15 -34.24
C THR C 313 -20.19 -2.72 -33.43
N VAL C 314 -20.68 -1.49 -33.60
CA VAL C 314 -21.74 -0.93 -32.74
C VAL C 314 -23.03 -0.62 -33.51
N GLN C 315 -22.94 0.27 -34.50
CA GLN C 315 -24.15 0.76 -35.17
C GLN C 315 -24.90 -0.35 -35.92
N GLU C 316 -24.21 -1.08 -36.78
CA GLU C 316 -24.89 -2.13 -37.54
C GLU C 316 -25.33 -3.27 -36.65
N PRO C 317 -24.51 -3.79 -35.74
CA PRO C 317 -25.02 -4.78 -34.78
C PRO C 317 -26.16 -4.24 -33.90
N GLY C 318 -26.07 -2.96 -33.54
CA GLY C 318 -27.12 -2.35 -32.73
C GLY C 318 -28.49 -2.41 -33.38
N ALA C 319 -28.58 -2.03 -34.66
CA ALA C 319 -29.88 -2.03 -35.33
C ALA C 319 -30.44 -3.45 -35.49
N LYS C 320 -29.56 -4.42 -35.73
CA LYS C 320 -30.03 -5.78 -35.91
C LYS C 320 -30.55 -6.34 -34.60
N LYS C 321 -29.85 -6.06 -33.51
CA LYS C 321 -30.33 -6.55 -32.23
C LYS C 321 -31.70 -5.97 -31.94
N GLU C 322 -31.85 -4.65 -32.05
CA GLU C 322 -33.14 -4.07 -31.74
C GLU C 322 -34.19 -4.63 -32.68
N ALA C 323 -33.79 -4.86 -33.94
CA ALA C 323 -34.76 -5.37 -34.90
C ALA C 323 -35.19 -6.79 -34.52
N LYS C 324 -34.25 -7.61 -34.09
CA LYS C 324 -34.61 -8.93 -33.58
C LYS C 324 -35.51 -8.80 -32.37
N TRP C 325 -35.10 -8.00 -31.40
CA TRP C 325 -35.95 -7.79 -30.23
C TRP C 325 -37.34 -7.33 -30.64
N ASN C 326 -37.41 -6.40 -31.60
CA ASN C 326 -38.72 -5.95 -32.09
C ASN C 326 -39.48 -7.10 -32.73
N GLU C 327 -38.79 -8.00 -33.41
CA GLU C 327 -39.50 -9.14 -33.98
C GLU C 327 -39.98 -10.07 -32.87
N GLN C 328 -39.13 -10.32 -31.86
CA GLN C 328 -39.53 -11.04 -30.65
C GLN C 328 -40.79 -10.41 -30.03
N LEU C 329 -40.87 -9.07 -30.01
CA LEU C 329 -42.02 -8.43 -29.35
C LEU C 329 -43.29 -8.62 -30.15
N ALA C 330 -43.20 -8.58 -31.48
CA ALA C 330 -44.36 -8.90 -32.30
C ALA C 330 -44.89 -10.27 -31.94
N ALA C 331 -44.01 -11.25 -31.94
CA ALA C 331 -44.38 -12.62 -31.56
C ALA C 331 -45.05 -12.64 -30.19
N TYR C 332 -44.45 -11.94 -29.23
CA TYR C 332 -45.02 -11.84 -27.88
C TYR C 332 -46.43 -11.28 -27.89
N GLU C 333 -46.70 -10.30 -28.76
CA GLU C 333 -48.06 -9.75 -28.82
C GLU C 333 -49.05 -10.80 -29.31
N GLN C 334 -48.67 -11.57 -30.33
CA GLN C 334 -49.57 -12.58 -30.86
C GLN C 334 -49.96 -13.59 -29.81
N ALA C 335 -49.01 -14.03 -28.98
CA ALA C 335 -49.23 -15.05 -27.94
C ALA C 335 -49.77 -14.49 -26.63
N HIS C 336 -49.75 -13.18 -26.43
CA HIS C 336 -50.08 -12.60 -25.14
C HIS C 336 -50.53 -11.16 -25.36
N PRO C 337 -51.58 -10.94 -26.13
CA PRO C 337 -51.98 -9.56 -26.48
C PRO C 337 -52.18 -8.66 -25.27
N GLU C 338 -52.79 -9.17 -24.19
CA GLU C 338 -53.10 -8.33 -23.04
C GLU C 338 -51.83 -7.97 -22.27
N LEU C 339 -51.04 -8.99 -21.90
CA LEU C 339 -49.79 -8.79 -21.20
C LEU C 339 -48.92 -7.79 -21.96
N ALA C 340 -48.79 -7.97 -23.26
CA ALA C 340 -47.98 -7.06 -24.08
C ALA C 340 -48.62 -5.68 -24.24
N ALA C 341 -49.94 -5.58 -24.14
CA ALA C 341 -50.58 -4.28 -24.13
C ALA C 341 -50.18 -3.47 -22.89
N GLN C 342 -50.20 -4.10 -21.71
CA GLN C 342 -49.79 -3.39 -20.49
C GLN C 342 -48.31 -3.05 -20.53
N LEU C 343 -47.47 -3.90 -21.11
CA LEU C 343 -46.05 -3.58 -21.20
C LEU C 343 -45.86 -2.32 -22.04
N LYS C 344 -46.53 -2.26 -23.19
CA LYS C 344 -46.45 -1.09 -24.04
C LYS C 344 -46.98 0.16 -23.32
N ARG C 345 -48.11 0.05 -22.62
CA ARG C 345 -48.55 1.17 -21.78
C ARG C 345 -47.46 1.56 -20.78
N ALA C 346 -46.77 0.58 -20.22
CA ALA C 346 -45.88 0.88 -19.10
C ALA C 346 -44.62 1.57 -19.61
N ILE C 347 -44.07 1.08 -20.71
CA ILE C 347 -42.96 1.77 -21.38
C ILE C 347 -43.35 3.20 -21.71
N GLU C 348 -44.58 3.41 -22.18
CA GLU C 348 -45.00 4.74 -22.58
C GLU C 348 -45.34 5.64 -21.39
N GLY C 349 -45.35 5.13 -20.17
CA GLY C 349 -45.65 5.97 -19.00
C GLY C 349 -47.12 6.17 -18.71
N LYS C 350 -48.01 5.39 -19.33
CA LYS C 350 -49.43 5.53 -19.16
C LYS C 350 -49.94 4.67 -18.03
N LEU C 351 -50.98 5.15 -17.36
CA LEU C 351 -51.67 4.39 -16.33
C LEU C 351 -52.93 3.76 -16.90
N PRO C 352 -53.53 2.81 -16.18
CA PRO C 352 -54.78 2.21 -16.66
C PRO C 352 -55.92 3.21 -16.61
N ASP C 353 -56.69 3.28 -17.71
CA ASP C 353 -57.93 4.05 -17.74
C ASP C 353 -58.81 3.75 -16.52
N GLY C 354 -59.30 4.80 -15.87
CA GLY C 354 -60.18 4.60 -14.74
C GLY C 354 -59.54 3.98 -13.51
N TRP C 355 -58.22 3.92 -13.45
CA TRP C 355 -57.55 3.56 -12.21
C TRP C 355 -57.95 4.50 -11.08
N GLU C 356 -58.21 5.77 -11.38
CA GLU C 356 -58.51 6.71 -10.30
C GLU C 356 -59.81 6.34 -9.59
N ALA C 357 -60.71 5.63 -10.26
CA ALA C 357 -61.96 5.22 -9.63
C ALA C 357 -61.76 4.34 -8.40
N SER C 358 -60.57 3.79 -8.20
CA SER C 358 -60.34 2.86 -7.10
C SER C 358 -59.98 3.56 -5.80
N LEU C 359 -59.79 4.85 -5.83
CA LEU C 359 -59.24 5.54 -4.67
C LEU C 359 -60.33 5.74 -3.63
N PRO C 360 -60.02 5.54 -2.36
CA PRO C 360 -61.04 5.63 -1.31
C PRO C 360 -61.46 7.07 -1.05
N VAL C 361 -62.68 7.19 -0.55
CA VAL C 361 -63.30 8.46 -0.17
C VAL C 361 -63.70 8.36 1.29
N TYR C 362 -63.41 9.40 2.06
CA TYR C 362 -63.49 9.30 3.51
C TYR C 362 -64.60 10.20 4.04
N GLU C 363 -65.47 9.59 4.86
CA GLU C 363 -66.55 10.26 5.56
C GLU C 363 -66.01 11.27 6.55
N ALA C 364 -66.76 12.37 6.74
CA ALA C 364 -66.41 13.38 7.75
C ALA C 364 -66.41 12.79 9.15
N GLY C 365 -65.38 13.13 9.94
CA GLY C 365 -65.27 12.71 11.32
C GLY C 365 -64.44 11.47 11.53
N LYS C 366 -64.27 10.63 10.51
CA LYS C 366 -63.43 9.47 10.66
C LYS C 366 -61.99 9.93 10.89
N SER C 367 -61.38 9.50 12.00
CA SER C 367 -60.07 9.98 12.39
C SER C 367 -59.01 8.87 12.26
N LEU C 368 -57.84 9.26 11.76
CA LEU C 368 -56.96 8.33 11.08
C LEU C 368 -55.71 9.07 10.64
N ALA C 369 -54.52 8.55 10.97
CA ALA C 369 -53.32 9.26 10.57
C ALA C 369 -53.26 9.34 9.05
N THR C 370 -52.61 10.37 8.52
CA THR C 370 -52.45 10.36 7.06
C THR C 370 -51.44 9.31 6.60
N ARG C 371 -50.58 8.79 7.49
CA ARG C 371 -49.83 7.59 7.13
C ARG C 371 -50.78 6.41 6.92
N SER C 372 -51.82 6.29 7.73
CA SER C 372 -52.74 5.16 7.58
C SER C 372 -53.58 5.29 6.32
N SER C 373 -54.15 6.49 6.07
CA SER C 373 -54.91 6.67 4.85
C SER C 373 -54.01 6.53 3.63
N SER C 374 -52.79 7.06 3.71
CA SER C 374 -51.75 6.79 2.71
C SER C 374 -51.59 5.28 2.42
N GLY C 375 -51.42 4.49 3.48
CA GLY C 375 -51.30 3.05 3.28
C GLY C 375 -52.55 2.45 2.67
N GLU C 376 -53.70 2.96 3.05
CA GLU C 376 -54.90 2.51 2.37
C GLU C 376 -54.92 2.96 0.91
N VAL C 377 -54.33 4.12 0.59
CA VAL C 377 -54.32 4.55 -0.80
C VAL C 377 -53.37 3.69 -1.62
N ILE C 378 -52.20 3.38 -1.07
CA ILE C 378 -51.21 2.59 -1.78
C ILE C 378 -51.86 1.30 -2.24
N ASN C 379 -52.66 0.70 -1.38
CA ASN C 379 -53.16 -0.65 -1.63
C ASN C 379 -54.31 -0.65 -2.59
N ALA C 380 -55.10 0.43 -2.63
CA ALA C 380 -56.05 0.63 -3.72
C ALA C 380 -55.33 0.89 -5.04
N ILE C 381 -54.34 1.79 -5.05
CA ILE C 381 -53.63 2.10 -6.28
C ILE C 381 -52.90 0.85 -6.79
N ALA C 382 -52.27 0.11 -5.88
CA ALA C 382 -51.49 -1.04 -6.32
C ALA C 382 -52.36 -2.06 -7.01
N LYS C 383 -53.59 -2.26 -6.49
CA LYS C 383 -54.58 -3.13 -7.12
C LYS C 383 -54.97 -2.65 -8.52
N ALA C 384 -55.18 -1.35 -8.70
CA ALA C 384 -55.53 -0.83 -10.03
C ALA C 384 -54.33 -0.60 -10.94
N VAL C 385 -53.12 -0.55 -10.39
CA VAL C 385 -51.96 -0.15 -11.17
C VAL C 385 -50.81 -1.14 -10.98
N PRO C 386 -50.72 -2.16 -11.80
CA PRO C 386 -49.66 -3.15 -11.61
C PRO C 386 -48.26 -2.55 -11.54
N GLN C 387 -48.03 -1.40 -12.21
CA GLN C 387 -46.68 -0.85 -12.30
C GLN C 387 -46.18 -0.26 -11.00
N LEU C 388 -47.02 -0.11 -9.99
CA LEU C 388 -46.56 0.45 -8.73
C LEU C 388 -45.58 -0.52 -8.07
N PHE C 389 -44.43 0.01 -7.65
CA PHE C 389 -43.33 -0.77 -7.13
C PHE C 389 -42.58 0.08 -6.12
N GLY C 390 -42.29 -0.44 -4.93
CA GLY C 390 -41.64 0.40 -3.95
C GLY C 390 -41.44 -0.31 -2.65
N GLY C 391 -41.03 0.46 -1.64
CA GLY C 391 -40.82 -0.08 -0.31
C GLY C 391 -40.51 1.00 0.71
N SER C 392 -40.06 0.57 1.89
CA SER C 392 -39.61 1.47 2.96
C SER C 392 -38.17 1.14 3.32
N ALA C 393 -37.47 2.12 3.91
CA ALA C 393 -36.15 1.85 4.49
C ALA C 393 -36.32 1.32 5.92
N ASP C 394 -36.83 0.09 5.99
CA ASP C 394 -37.04 -0.67 7.25
C ASP C 394 -38.06 -0.03 8.16
N LEU C 395 -39.03 0.71 7.58
CA LEU C 395 -40.08 1.36 8.34
C LEU C 395 -41.46 1.09 7.75
N ALA C 396 -41.61 -0.01 7.03
CA ALA C 396 -42.89 -0.26 6.38
C ALA C 396 -44.01 -0.41 7.40
N SER C 397 -43.72 -1.04 8.52
CA SER C 397 -44.76 -1.25 9.51
C SER C 397 -45.15 0.07 10.12
N SER C 398 -44.28 1.07 10.06
CA SER C 398 -44.54 2.39 10.64
C SER C 398 -45.00 3.42 9.60
N ASN C 399 -44.42 3.39 8.41
CA ASN C 399 -44.85 4.25 7.33
C ASN C 399 -46.15 3.76 6.70
N LYS C 400 -46.52 2.51 6.93
CA LYS C 400 -47.72 1.92 6.32
C LYS C 400 -47.60 1.89 4.80
N THR C 401 -46.48 1.32 4.31
CA THR C 401 -46.20 1.24 2.89
C THR C 401 -46.45 -0.13 2.29
N LEU C 402 -46.67 -1.16 3.12
CA LEU C 402 -46.73 -2.52 2.59
C LEU C 402 -47.86 -2.66 1.58
N ILE C 403 -47.57 -3.27 0.44
CA ILE C 403 -48.61 -3.63 -0.51
C ILE C 403 -49.04 -5.02 -0.09
N LYS C 404 -50.26 -5.10 0.44
CA LYS C 404 -50.74 -6.34 1.02
C LYS C 404 -50.94 -7.37 -0.08
N GLY C 405 -50.30 -8.53 0.10
CA GLY C 405 -50.29 -9.57 -0.90
C GLY C 405 -49.48 -9.27 -2.13
N GLY C 406 -48.66 -8.21 -2.11
CA GLY C 406 -47.84 -7.83 -3.25
C GLY C 406 -46.63 -8.70 -3.47
N GLY C 407 -46.26 -9.49 -2.47
CA GLY C 407 -45.03 -10.24 -2.56
C GLY C 407 -43.83 -9.45 -2.09
N ASN C 408 -42.76 -10.21 -1.81
CA ASN C 408 -41.48 -9.67 -1.40
C ASN C 408 -40.54 -9.76 -2.58
N PHE C 409 -39.96 -8.62 -2.93
CA PHE C 409 -39.02 -8.55 -4.04
C PHE C 409 -37.70 -9.20 -3.59
N PHE C 410 -37.48 -10.43 -4.00
CA PHE C 410 -36.32 -11.22 -3.62
C PHE C 410 -35.88 -12.08 -4.80
N PRO C 411 -34.60 -12.48 -4.82
CA PRO C 411 -34.08 -13.46 -5.80
C PRO C 411 -35.05 -14.52 -6.33
N GLY C 412 -35.63 -15.34 -5.51
CA GLY C 412 -36.50 -16.27 -6.21
C GLY C 412 -37.93 -15.79 -6.48
N SER C 413 -38.22 -14.51 -6.27
CA SER C 413 -39.56 -13.99 -6.43
C SER C 413 -39.45 -12.54 -6.88
N TYR C 414 -38.76 -12.27 -8.01
CA TYR C 414 -38.59 -10.89 -8.44
C TYR C 414 -39.88 -10.23 -8.90
N GLU C 415 -41.00 -10.99 -8.98
CA GLU C 415 -42.29 -10.38 -9.24
C GLU C 415 -42.86 -9.68 -8.01
N GLY C 416 -42.32 -9.96 -6.81
CA GLY C 416 -42.71 -9.29 -5.58
C GLY C 416 -42.65 -7.79 -5.74
N ARG C 417 -43.60 -7.07 -5.13
CA ARG C 417 -43.73 -5.63 -5.30
C ARG C 417 -43.20 -4.84 -4.11
N ASN C 418 -43.02 -5.49 -2.98
CA ASN C 418 -42.53 -4.85 -1.76
C ASN C 418 -41.02 -5.01 -1.70
N VAL C 419 -40.32 -3.88 -1.64
CA VAL C 419 -38.87 -3.83 -1.63
C VAL C 419 -38.41 -3.53 -0.21
N TRP C 420 -37.56 -4.40 0.35
CA TRP C 420 -37.08 -4.26 1.73
C TRP C 420 -35.70 -3.60 1.69
N PHE C 421 -35.73 -2.27 1.65
CA PHE C 421 -34.52 -1.52 1.37
C PHE C 421 -33.53 -1.57 2.52
N GLY C 422 -33.94 -1.97 3.72
CA GLY C 422 -33.04 -1.89 4.86
C GLY C 422 -32.92 -0.47 5.37
N VAL C 423 -32.01 -0.29 6.33
CA VAL C 423 -31.78 1.03 6.91
C VAL C 423 -30.76 1.73 6.03
N ARG C 424 -31.20 2.13 4.83
CA ARG C 424 -30.40 2.58 3.71
C ARG C 424 -31.21 3.64 2.94
N GLU C 425 -31.46 4.80 3.55
CA GLU C 425 -32.34 5.79 2.91
C GLU C 425 -31.71 6.34 1.63
N PHE C 426 -30.45 6.71 1.70
CA PHE C 426 -29.78 7.26 0.54
C PHE C 426 -29.83 6.30 -0.63
N ALA C 427 -29.35 5.06 -0.43
CA ALA C 427 -29.43 4.07 -1.50
C ALA C 427 -30.87 3.86 -1.95
N MET C 428 -31.82 3.92 -1.02
CA MET C 428 -33.20 3.84 -1.44
C MET C 428 -33.51 4.95 -2.44
N GLY C 429 -33.12 6.18 -2.12
CA GLY C 429 -33.51 7.28 -2.98
C GLY C 429 -32.83 7.21 -4.32
N ALA C 430 -31.57 6.78 -4.33
CA ALA C 430 -30.85 6.71 -5.59
C ALA C 430 -31.33 5.51 -6.39
N ALA C 431 -31.65 4.43 -5.71
CA ALA C 431 -32.20 3.27 -6.39
C ALA C 431 -33.53 3.62 -7.01
N LEU C 432 -34.33 4.44 -6.30
CA LEU C 432 -35.62 4.85 -6.86
C LEU C 432 -35.42 5.62 -8.16
N ASN C 433 -34.42 6.50 -8.20
CA ASN C 433 -34.14 7.22 -9.43
C ASN C 433 -33.74 6.26 -10.55
N GLY C 434 -32.93 5.25 -10.23
CA GLY C 434 -32.52 4.29 -11.24
C GLY C 434 -33.68 3.51 -11.80
N MET C 435 -34.65 3.16 -10.95
CA MET C 435 -35.85 2.47 -11.42
C MET C 435 -36.65 3.36 -12.35
N ALA C 436 -36.83 4.63 -11.97
CA ALA C 436 -37.57 5.58 -12.81
C ALA C 436 -36.86 5.75 -14.14
N LEU C 437 -35.54 5.97 -14.13
CA LEU C 437 -34.75 6.07 -15.36
C LEU C 437 -34.91 4.82 -16.22
N HIS C 438 -34.98 3.64 -15.61
CA HIS C 438 -35.10 2.44 -16.42
C HIS C 438 -36.38 2.50 -17.23
N GLY C 439 -37.45 2.91 -16.58
CA GLY C 439 -38.73 3.06 -17.22
C GLY C 439 -39.54 1.81 -17.02
N GLY C 440 -40.85 2.01 -17.07
CA GLY C 440 -41.81 0.94 -16.94
C GLY C 440 -42.46 0.82 -15.58
N LEU C 441 -41.97 1.52 -14.55
CA LEU C 441 -42.56 1.42 -13.23
C LEU C 441 -42.85 2.80 -12.68
N LYS C 442 -43.83 2.84 -11.78
CA LYS C 442 -44.13 3.96 -10.90
C LYS C 442 -43.65 3.59 -9.49
N VAL C 443 -42.67 4.32 -8.95
CA VAL C 443 -41.94 3.82 -7.80
C VAL C 443 -42.00 4.83 -6.67
N PHE C 444 -41.89 4.29 -5.45
CA PHE C 444 -42.03 5.03 -4.20
C PHE C 444 -41.13 4.41 -3.13
N GLY C 445 -40.74 5.25 -2.19
CA GLY C 445 -39.87 4.93 -1.07
C GLY C 445 -40.38 5.64 0.17
N GLY C 446 -40.47 4.91 1.28
CA GLY C 446 -40.94 5.45 2.54
C GLY C 446 -39.84 5.58 3.59
N THR C 447 -39.94 6.63 4.40
CA THR C 447 -39.16 6.74 5.64
C THR C 447 -39.75 7.89 6.46
N PHE C 448 -39.22 8.05 7.67
CA PHE C 448 -39.57 9.22 8.48
C PHE C 448 -39.07 10.49 7.82
N PHE C 449 -39.93 11.51 7.81
CA PHE C 449 -39.62 12.82 7.25
C PHE C 449 -38.29 13.34 7.77
N VAL C 450 -38.02 13.17 9.07
CA VAL C 450 -36.74 13.65 9.62
C VAL C 450 -35.55 12.96 8.94
N PHE C 451 -35.72 11.72 8.52
CA PHE C 451 -34.61 11.00 7.90
C PHE C 451 -34.58 11.13 6.38
N SER C 452 -35.45 11.97 5.81
CA SER C 452 -35.28 12.37 4.42
C SER C 452 -33.94 13.07 4.23
N ASP C 453 -33.39 13.69 5.27
CA ASP C 453 -32.06 14.27 5.16
C ASP C 453 -31.00 13.25 4.79
N TYR C 454 -31.18 11.98 5.20
CA TYR C 454 -30.21 10.95 4.82
C TYR C 454 -30.15 10.72 3.30
N LEU C 455 -31.26 10.96 2.58
CA LEU C 455 -31.26 10.80 1.13
C LEU C 455 -31.36 12.13 0.37
N ARG C 456 -31.13 13.22 1.06
CA ARG C 456 -31.29 14.52 0.43
C ARG C 456 -30.60 14.65 -0.92
N PRO C 457 -29.39 14.08 -1.14
CA PRO C 457 -28.72 14.30 -2.43
C PRO C 457 -29.41 13.62 -3.58
N ALA C 458 -30.09 12.50 -3.31
CA ALA C 458 -30.84 11.78 -4.34
C ALA C 458 -32.13 12.52 -4.71
N ILE C 459 -32.81 13.10 -3.72
CA ILE C 459 -33.98 13.92 -4.03
C ILE C 459 -33.60 15.01 -5.01
N ARG C 460 -32.47 15.68 -4.75
CA ARG C 460 -31.96 16.71 -5.65
C ARG C 460 -31.74 16.18 -7.05
N LEU C 461 -31.13 15.01 -7.18
CA LEU C 461 -30.97 14.45 -8.50
C LEU C 461 -32.29 14.06 -9.11
N ALA C 462 -33.27 13.66 -8.29
CA ALA C 462 -34.59 13.40 -8.82
C ALA C 462 -35.16 14.67 -9.43
N ALA C 463 -35.04 15.81 -8.71
CA ALA C 463 -35.55 17.08 -9.19
C ALA C 463 -34.83 17.53 -10.46
N LEU C 464 -33.49 17.44 -10.46
CA LEU C 464 -32.72 17.92 -11.60
C LEU C 464 -33.01 17.10 -12.85
N MET C 465 -33.22 15.79 -12.68
CA MET C 465 -33.54 14.88 -13.77
C MET C 465 -35.02 14.82 -14.09
N GLY C 466 -35.84 15.47 -13.28
CA GLY C 466 -37.27 15.52 -13.52
C GLY C 466 -37.93 14.16 -13.48
N LEU C 467 -37.55 13.28 -12.47
CA LEU C 467 -38.08 11.93 -12.33
C LEU C 467 -39.30 11.91 -11.42
N PRO C 468 -40.48 11.29 -11.88
CA PRO C 468 -41.70 11.27 -11.08
C PRO C 468 -41.68 10.19 -10.01
N VAL C 469 -40.62 10.19 -9.23
CA VAL C 469 -40.57 9.34 -8.05
C VAL C 469 -41.47 9.93 -6.95
N ILE C 470 -41.83 9.08 -5.99
CA ILE C 470 -42.74 9.46 -4.93
C ILE C 470 -42.11 9.10 -3.59
N TYR C 471 -41.89 10.10 -2.74
CA TYR C 471 -41.42 9.88 -1.38
C TYR C 471 -42.60 9.82 -0.42
N VAL C 472 -42.64 8.76 0.40
CA VAL C 472 -43.66 8.60 1.43
C VAL C 472 -43.01 8.92 2.78
N LEU C 473 -43.22 10.14 3.26
CA LEU C 473 -42.49 10.69 4.40
C LEU C 473 -43.43 10.96 5.59
N THR C 474 -43.50 10.02 6.53
CA THR C 474 -44.47 10.05 7.62
C THR C 474 -43.82 10.73 8.83
N HIS C 475 -44.54 10.75 9.97
CA HIS C 475 -43.98 11.30 11.21
C HIS C 475 -43.49 12.74 11.01
N ASP C 476 -44.37 13.56 10.46
CA ASP C 476 -43.94 14.83 9.90
C ASP C 476 -43.68 15.95 10.91
N SER C 477 -43.95 15.79 12.21
CA SER C 477 -43.91 16.96 13.09
C SER C 477 -43.60 16.58 14.51
N ILE C 478 -43.60 17.60 15.39
CA ILE C 478 -43.46 17.39 16.82
C ILE C 478 -44.55 16.49 17.36
N ALA C 479 -45.64 16.28 16.61
CA ALA C 479 -46.66 15.40 17.14
C ALA C 479 -46.14 13.97 17.30
N VAL C 480 -44.97 13.69 16.74
CA VAL C 480 -44.33 12.40 16.90
C VAL C 480 -44.21 12.05 18.39
N GLY C 481 -43.73 12.98 19.17
CA GLY C 481 -43.92 12.82 20.60
C GLY C 481 -42.73 12.32 21.36
N GLU C 482 -42.85 11.09 21.88
CA GLU C 482 -41.87 10.59 22.84
C GLU C 482 -40.51 10.31 22.19
N ASP C 483 -40.46 10.04 20.88
CA ASP C 483 -39.18 9.72 20.28
C ASP C 483 -38.23 10.90 20.32
N GLY C 484 -38.75 12.13 20.44
CA GLY C 484 -37.92 13.27 20.74
C GLY C 484 -37.42 14.06 19.54
N PRO C 485 -36.53 15.02 19.83
CA PRO C 485 -36.18 16.03 18.83
C PRO C 485 -35.37 15.51 17.65
N THR C 486 -34.64 14.40 17.79
CA THR C 486 -33.95 13.81 16.65
C THR C 486 -34.91 13.15 15.66
N HIS C 487 -36.13 12.86 16.08
CA HIS C 487 -37.16 12.27 15.24
C HIS C 487 -38.26 13.25 14.82
N GLU C 488 -38.22 14.51 15.25
CA GLU C 488 -39.27 15.50 14.98
C GLU C 488 -38.76 16.47 13.93
N PRO C 489 -39.34 16.47 12.73
CA PRO C 489 -38.95 17.45 11.70
C PRO C 489 -39.25 18.87 12.14
N ILE C 490 -38.44 19.81 11.66
CA ILE C 490 -38.76 21.22 11.86
C ILE C 490 -38.53 21.98 10.56
N GLU C 491 -37.27 21.99 10.15
CA GLU C 491 -36.79 22.65 8.95
C GLU C 491 -37.06 21.86 7.68
N GLN C 492 -37.57 20.63 7.76
CA GLN C 492 -37.55 19.81 6.55
C GLN C 492 -38.49 20.35 5.47
N LEU C 493 -39.67 20.82 5.86
CA LEU C 493 -40.62 21.29 4.88
C LEU C 493 -40.04 22.46 4.06
N ALA C 494 -39.63 23.53 4.76
CA ALA C 494 -39.00 24.69 4.12
C ALA C 494 -37.87 24.25 3.23
N SER C 495 -37.04 23.36 3.77
CA SER C 495 -35.87 22.89 3.08
C SER C 495 -36.20 22.21 1.76
N LEU C 496 -37.40 21.65 1.62
CA LEU C 496 -37.86 21.05 0.36
C LEU C 496 -38.61 22.04 -0.53
N ARG C 497 -39.36 22.96 0.05
CA ARG C 497 -40.04 23.95 -0.75
C ARG C 497 -39.06 24.79 -1.53
N ALA C 498 -37.82 24.89 -1.03
CA ALA C 498 -36.82 25.73 -1.64
C ALA C 498 -36.14 25.09 -2.83
N MET C 499 -36.29 23.76 -2.97
CA MET C 499 -35.59 23.04 -4.04
C MET C 499 -36.36 23.18 -5.35
N PRO C 500 -35.69 23.54 -6.44
CA PRO C 500 -36.42 23.59 -7.72
C PRO C 500 -36.94 22.23 -8.17
N ASN C 501 -38.06 22.28 -8.88
CA ASN C 501 -38.64 21.13 -9.56
C ASN C 501 -38.90 19.95 -8.62
N LEU C 502 -39.25 20.21 -7.36
CA LEU C 502 -39.68 19.18 -6.42
C LEU C 502 -41.07 19.60 -5.97
N SER C 503 -42.07 18.74 -6.15
CA SER C 503 -43.38 19.00 -5.60
C SER C 503 -43.43 18.48 -4.16
N VAL C 504 -43.95 19.33 -3.27
CA VAL C 504 -44.15 18.97 -1.86
C VAL C 504 -45.64 19.11 -1.53
N ILE C 505 -46.26 18.02 -1.08
CA ILE C 505 -47.66 18.07 -0.66
C ILE C 505 -47.76 17.57 0.77
N ARG C 506 -48.48 18.33 1.61
CA ARG C 506 -48.76 17.99 3.01
C ARG C 506 -50.28 17.92 3.21
N PRO C 507 -50.88 16.76 2.96
CA PRO C 507 -52.35 16.66 2.92
C PRO C 507 -53.01 16.93 4.27
N ALA C 508 -54.09 17.73 4.23
CA ALA C 508 -54.82 18.07 5.46
C ALA C 508 -55.48 16.87 6.13
N ASP C 509 -55.95 15.88 5.35
CA ASP C 509 -56.59 14.70 5.92
C ASP C 509 -56.61 13.54 4.92
N ALA C 510 -57.37 12.51 5.24
CA ALA C 510 -57.39 11.31 4.40
C ALA C 510 -57.83 11.64 3.00
N ASN C 511 -58.75 12.58 2.86
CA ASN C 511 -59.23 12.93 1.54
C ASN C 511 -58.17 13.68 0.73
N GLU C 512 -57.56 14.72 1.32
CA GLU C 512 -56.40 15.33 0.67
C GLU C 512 -55.29 14.29 0.43
N THR C 513 -55.14 13.30 1.31
CA THR C 513 -54.10 12.30 1.09
C THR C 513 -54.36 11.52 -0.20
N ALA C 514 -55.60 11.07 -0.42
CA ALA C 514 -55.92 10.38 -1.67
C ALA C 514 -55.70 11.30 -2.87
N ALA C 515 -56.11 12.57 -2.75
CA ALA C 515 -55.83 13.52 -3.83
C ALA C 515 -54.32 13.66 -4.07
N ALA C 516 -53.53 13.76 -3.00
CA ALA C 516 -52.09 13.96 -3.11
C ALA C 516 -51.41 12.78 -3.79
N TRP C 517 -51.71 11.56 -3.34
CA TRP C 517 -51.23 10.37 -4.01
C TRP C 517 -51.58 10.39 -5.47
N ARG C 518 -52.74 10.96 -5.80
CA ARG C 518 -53.22 10.80 -7.16
C ARG C 518 -52.42 11.70 -8.08
N LEU C 519 -52.17 12.94 -7.62
CA LEU C 519 -51.35 13.89 -8.38
C LEU C 519 -49.88 13.46 -8.44
N ALA C 520 -49.34 12.94 -7.34
CA ALA C 520 -48.00 12.39 -7.36
C ALA C 520 -47.84 11.34 -8.43
N LEU C 521 -48.86 10.48 -8.57
CA LEU C 521 -48.82 9.38 -9.49
C LEU C 521 -49.04 9.87 -10.90
N GLU C 522 -49.79 10.97 -11.07
CA GLU C 522 -50.04 11.55 -12.38
C GLU C 522 -48.83 12.30 -12.89
N SER C 523 -47.91 12.67 -12.01
CA SER C 523 -46.72 13.39 -12.39
C SER C 523 -45.93 12.65 -13.46
N THR C 524 -45.46 13.41 -14.46
CA THR C 524 -44.57 12.85 -15.47
C THR C 524 -43.15 13.41 -15.43
N ASP C 525 -42.92 14.51 -14.72
CA ASP C 525 -41.70 15.25 -15.00
C ASP C 525 -41.05 15.83 -13.74
N LYS C 526 -41.49 15.42 -12.54
CA LYS C 526 -40.87 15.92 -11.32
C LYS C 526 -41.20 15.01 -10.13
N PRO C 527 -40.31 14.94 -9.15
CA PRO C 527 -40.61 14.14 -7.96
C PRO C 527 -41.64 14.81 -7.07
N THR C 528 -42.23 14.00 -6.20
CA THR C 528 -43.22 14.45 -5.22
C THR C 528 -42.90 13.83 -3.86
N ALA C 529 -42.70 14.70 -2.88
CA ALA C 529 -42.65 14.31 -1.47
C ALA C 529 -44.05 14.41 -0.87
N LEU C 530 -44.55 13.30 -0.31
CA LEU C 530 -45.80 13.31 0.44
C LEU C 530 -45.49 13.33 1.94
N VAL C 531 -46.06 14.31 2.65
CA VAL C 531 -45.66 14.60 4.02
C VAL C 531 -46.85 14.25 4.91
N LEU C 532 -46.66 13.20 5.74
CA LEU C 532 -47.77 12.50 6.41
C LEU C 532 -47.56 12.42 7.93
N THR C 533 -48.67 12.30 8.65
CA THR C 533 -48.66 12.38 10.11
C THR C 533 -48.46 11.00 10.73
N ARG C 534 -47.88 10.97 11.93
CA ARG C 534 -47.96 9.77 12.75
C ARG C 534 -49.34 9.66 13.40
N GLN C 535 -49.89 10.78 13.81
CA GLN C 535 -51.04 10.80 14.69
C GLN C 535 -52.34 10.95 13.91
N ASP C 536 -53.45 10.63 14.56
CA ASP C 536 -54.74 10.61 13.89
C ASP C 536 -55.17 12.02 13.50
N VAL C 537 -55.81 12.14 12.34
CA VAL C 537 -56.36 13.40 11.83
C VAL C 537 -57.82 13.18 11.53
N PRO C 538 -58.76 13.92 12.15
CA PRO C 538 -60.15 13.74 11.77
C PRO C 538 -60.39 14.27 10.36
N THR C 539 -61.02 13.45 9.53
CA THR C 539 -61.43 13.88 8.21
C THR C 539 -62.37 15.08 8.34
N LEU C 540 -62.08 16.12 7.57
CA LEU C 540 -62.93 17.30 7.55
C LEU C 540 -64.11 17.11 6.61
N ALA C 541 -65.16 17.90 6.85
CA ALA C 541 -66.43 17.74 6.13
C ALA C 541 -66.29 18.02 4.65
N ALA C 542 -65.57 19.08 4.28
CA ALA C 542 -65.60 19.56 2.90
C ALA C 542 -64.67 18.81 1.95
N THR C 543 -63.80 17.92 2.44
CA THR C 543 -62.74 17.41 1.56
C THR C 543 -63.20 16.27 0.65
N ALA C 544 -64.16 15.45 1.08
CA ALA C 544 -64.68 14.45 0.15
C ALA C 544 -64.97 15.07 -1.19
N GLU C 545 -65.54 16.29 -1.20
CA GLU C 545 -65.86 16.97 -2.43
C GLU C 545 -64.72 17.79 -3.00
N LEU C 546 -64.00 18.52 -2.15
CA LEU C 546 -63.08 19.55 -2.63
C LEU C 546 -61.63 19.06 -2.81
N ALA C 547 -61.29 17.87 -2.36
CA ALA C 547 -59.89 17.52 -2.18
C ALA C 547 -59.14 17.47 -3.52
N TYR C 548 -59.64 16.74 -4.53
CA TYR C 548 -58.88 16.60 -5.78
C TYR C 548 -58.60 17.97 -6.38
N GLU C 549 -59.63 18.75 -6.63
CA GLU C 549 -59.41 20.04 -7.26
C GLU C 549 -58.63 20.96 -6.34
N GLY C 550 -58.88 20.85 -5.04
CA GLY C 550 -58.22 21.74 -4.10
C GLY C 550 -56.73 21.50 -4.02
N VAL C 551 -56.33 20.25 -3.83
CA VAL C 551 -54.92 19.96 -3.84
C VAL C 551 -54.33 20.19 -5.23
N LYS C 552 -55.09 19.89 -6.29
CA LYS C 552 -54.51 20.10 -7.63
C LYS C 552 -54.11 21.56 -7.82
N LYS C 553 -54.83 22.45 -7.16
CA LYS C 553 -54.58 23.88 -7.20
C LYS C 553 -53.67 24.34 -6.07
N GLY C 554 -53.22 23.41 -5.21
CA GLY C 554 -52.21 23.71 -4.22
C GLY C 554 -52.72 24.38 -2.96
N ALA C 555 -53.72 25.26 -3.10
CA ALA C 555 -54.28 26.01 -1.98
C ALA C 555 -55.69 26.38 -2.37
N TYR C 556 -56.62 26.24 -1.43
CA TYR C 556 -58.03 26.53 -1.67
C TYR C 556 -58.71 26.88 -0.35
N VAL C 557 -59.89 27.48 -0.45
CA VAL C 557 -60.69 27.86 0.71
C VAL C 557 -61.44 26.61 1.14
N VAL C 558 -61.00 26.02 2.25
CA VAL C 558 -61.57 24.73 2.68
C VAL C 558 -62.77 24.92 3.61
N SER C 559 -62.82 26.03 4.33
CA SER C 559 -63.97 26.35 5.20
C SER C 559 -64.14 27.86 5.12
N PRO C 560 -65.01 28.34 4.24
CA PRO C 560 -65.15 29.80 4.07
C PRO C 560 -65.89 30.42 5.24
N ALA C 561 -65.53 31.67 5.51
CA ALA C 561 -66.30 32.52 6.42
C ALA C 561 -67.81 32.33 6.26
N LYS C 562 -68.52 32.28 7.39
CA LYS C 562 -69.93 31.92 7.35
C LYS C 562 -70.82 33.01 6.79
N ASN C 563 -70.29 34.22 6.56
CA ASN C 563 -71.06 35.30 5.96
C ASN C 563 -70.55 35.67 4.59
N GLY C 564 -69.63 34.88 4.06
CA GLY C 564 -69.03 35.22 2.80
C GLY C 564 -67.99 36.30 2.90
N ALA C 565 -67.75 36.85 4.09
CA ALA C 565 -66.95 38.07 4.25
C ALA C 565 -65.96 37.90 5.40
N PRO C 566 -64.90 37.11 5.20
CA PRO C 566 -63.92 36.91 6.27
C PRO C 566 -63.22 38.20 6.70
N GLU C 567 -63.03 38.33 8.01
CA GLU C 567 -62.20 39.39 8.56
C GLU C 567 -60.72 39.03 8.53
N ALA C 568 -60.42 37.77 8.37
CA ALA C 568 -59.05 37.31 8.37
C ALA C 568 -59.06 35.90 7.81
N LEU C 569 -57.87 35.47 7.44
CA LEU C 569 -57.63 34.18 6.82
C LEU C 569 -56.70 33.39 7.71
N LEU C 570 -57.05 32.14 7.98
CA LEU C 570 -56.15 31.18 8.59
C LEU C 570 -55.58 30.34 7.46
N LEU C 571 -54.26 30.34 7.35
CA LEU C 571 -53.56 29.53 6.35
C LEU C 571 -52.89 28.37 7.08
N ALA C 572 -53.28 27.15 6.74
CA ALA C 572 -52.69 26.01 7.39
C ALA C 572 -52.38 24.96 6.35
N THR C 573 -51.58 23.99 6.79
CA THR C 573 -51.20 22.83 5.98
C THR C 573 -51.24 21.60 6.87
N GLY C 574 -51.36 20.43 6.25
CA GLY C 574 -51.32 19.19 7.01
C GLY C 574 -52.31 19.16 8.16
N SER C 575 -51.88 18.55 9.28
CA SER C 575 -52.72 18.38 10.44
C SER C 575 -53.17 19.70 11.04
N GLU C 576 -52.51 20.80 10.70
CA GLU C 576 -52.91 22.07 11.27
C GLU C 576 -54.18 22.64 10.64
N VAL C 577 -54.63 22.12 9.50
CA VAL C 577 -55.88 22.64 8.94
C VAL C 577 -57.03 22.37 9.89
N GLY C 578 -57.10 21.15 10.42
CA GLY C 578 -58.12 20.81 11.37
C GLY C 578 -58.09 21.73 12.57
N LEU C 579 -56.90 22.05 13.06
CA LEU C 579 -56.77 23.04 14.12
C LEU C 579 -57.37 24.38 13.70
N ALA C 580 -56.99 24.87 12.51
CA ALA C 580 -57.57 26.13 12.04
C ALA C 580 -59.10 26.09 12.05
N VAL C 581 -59.72 24.97 11.62
CA VAL C 581 -61.19 24.92 11.59
C VAL C 581 -61.78 25.01 13.01
N LYS C 582 -61.29 24.19 13.96
CA LYS C 582 -61.75 24.31 15.34
C LYS C 582 -61.73 25.77 15.80
N ALA C 583 -60.64 26.47 15.54
CA ALA C 583 -60.54 27.85 15.97
C ALA C 583 -61.50 28.77 15.21
N GLN C 584 -61.71 28.54 13.90
CA GLN C 584 -62.73 29.29 13.17
C GLN C 584 -64.09 29.11 13.84
N GLU C 585 -64.36 27.90 14.31
CA GLU C 585 -65.59 27.62 15.05
C GLU C 585 -65.62 28.43 16.34
N ALA C 586 -64.53 28.43 17.09
CA ALA C 586 -64.54 29.14 18.35
C ALA C 586 -64.64 30.64 18.11
N LEU C 587 -63.99 31.12 17.03
CA LEU C 587 -64.02 32.53 16.70
C LEU C 587 -65.42 32.94 16.28
N ALA C 588 -66.03 32.16 15.40
CA ALA C 588 -67.37 32.45 14.96
C ALA C 588 -68.31 32.66 16.14
N ALA C 589 -68.14 31.86 17.21
CA ALA C 589 -69.06 31.90 18.33
C ALA C 589 -68.95 33.20 19.12
N GLU C 590 -67.88 33.98 18.91
CA GLU C 590 -67.78 35.35 19.39
C GLU C 590 -68.02 36.34 18.26
N GLY C 591 -68.66 35.90 17.18
CA GLY C 591 -68.97 36.79 16.07
C GLY C 591 -67.75 37.41 15.44
N ILE C 592 -66.66 36.65 15.38
CA ILE C 592 -65.53 36.95 14.51
C ILE C 592 -65.54 35.91 13.41
N HIS C 593 -65.54 36.36 12.16
CA HIS C 593 -65.66 35.44 11.03
C HIS C 593 -64.37 35.40 10.24
N VAL C 594 -63.80 34.20 10.14
CA VAL C 594 -62.62 33.96 9.34
C VAL C 594 -62.89 32.82 8.38
N SER C 595 -62.08 32.77 7.33
CA SER C 595 -62.07 31.67 6.37
C SER C 595 -60.81 30.86 6.65
N VAL C 596 -60.84 29.58 6.28
CA VAL C 596 -59.67 28.72 6.45
C VAL C 596 -59.20 28.26 5.10
N ILE C 597 -57.91 28.43 4.86
CA ILE C 597 -57.28 28.08 3.60
C ILE C 597 -56.39 26.87 3.85
N SER C 598 -56.68 25.77 3.17
CA SER C 598 -55.79 24.62 3.15
C SER C 598 -54.73 24.87 2.08
N MET C 599 -53.45 24.85 2.47
CA MET C 599 -52.33 25.03 1.54
C MET C 599 -51.49 23.76 1.42
N PRO C 600 -52.06 22.67 0.90
CA PRO C 600 -51.29 21.43 0.84
C PRO C 600 -50.05 21.52 -0.03
N SER C 601 -49.96 22.44 -1.00
CA SER C 601 -48.75 22.49 -1.82
C SER C 601 -48.48 23.90 -2.33
N TRP C 602 -47.39 24.49 -1.85
CA TRP C 602 -46.97 25.78 -2.38
C TRP C 602 -46.71 25.71 -3.86
N ASP C 603 -45.95 24.70 -4.30
CA ASP C 603 -45.51 24.69 -5.70
C ASP C 603 -46.71 24.63 -6.63
N ARG C 604 -47.71 23.80 -6.30
CA ARG C 604 -48.89 23.70 -7.17
C ARG C 604 -49.74 24.97 -7.11
N PHE C 605 -49.77 25.65 -5.95
CA PHE C 605 -50.47 26.92 -5.85
C PHE C 605 -49.78 27.98 -6.68
N GLU C 606 -48.45 27.98 -6.74
CA GLU C 606 -47.73 28.98 -7.52
C GLU C 606 -47.85 28.75 -9.03
N ALA C 607 -48.27 27.53 -9.44
CA ALA C 607 -48.63 27.23 -10.82
C ALA C 607 -49.94 27.83 -11.25
N GLN C 608 -50.73 28.33 -10.33
CA GLN C 608 -52.05 28.84 -10.67
C GLN C 608 -51.95 30.29 -11.09
N PRO C 609 -52.83 30.75 -11.96
CA PRO C 609 -52.80 32.15 -12.37
C PRO C 609 -53.04 33.06 -11.19
N LYS C 610 -52.56 34.31 -11.34
CA LYS C 610 -52.81 35.32 -10.34
C LYS C 610 -54.30 35.43 -10.05
N SER C 611 -55.13 35.31 -11.08
CA SER C 611 -56.57 35.42 -10.85
C SER C 611 -57.02 34.43 -9.79
N TYR C 612 -56.46 33.21 -9.78
CA TYR C 612 -56.93 32.22 -8.83
C TYR C 612 -56.30 32.44 -7.46
N ARG C 613 -55.00 32.69 -7.41
CA ARG C 613 -54.34 32.94 -6.14
C ARG C 613 -54.94 34.14 -5.40
N ASP C 614 -55.36 35.19 -6.14
CA ASP C 614 -56.03 36.35 -5.55
C ASP C 614 -57.42 36.02 -5.01
N GLU C 615 -58.10 35.03 -5.60
CA GLU C 615 -59.39 34.64 -5.08
C GLU C 615 -59.28 33.82 -3.77
N VAL C 616 -58.25 32.97 -3.64
CA VAL C 616 -58.04 32.22 -2.39
C VAL C 616 -57.49 33.16 -1.31
N LEU C 617 -56.55 34.04 -1.68
CA LEU C 617 -55.91 34.97 -0.77
C LEU C 617 -56.20 36.38 -1.27
N PRO C 618 -57.41 36.92 -1.03
CA PRO C 618 -57.76 38.26 -1.54
C PRO C 618 -56.79 39.29 -1.01
N PRO C 619 -56.16 40.06 -1.88
CA PRO C 619 -55.17 41.03 -1.39
C PRO C 619 -55.73 41.95 -0.33
N ALA C 620 -57.03 42.30 -0.40
CA ALA C 620 -57.62 43.27 0.53
C ALA C 620 -57.96 42.67 1.90
N VAL C 621 -57.80 41.35 2.08
CA VAL C 621 -57.92 40.73 3.39
C VAL C 621 -56.49 40.51 3.87
N THR C 622 -55.98 41.52 4.55
CA THR C 622 -54.56 41.61 4.89
C THR C 622 -54.23 40.90 6.20
N LYS C 623 -55.22 40.64 7.03
CA LYS C 623 -55.00 40.00 8.33
C LYS C 623 -54.95 38.49 8.12
N ARG C 624 -53.78 37.91 8.32
CA ARG C 624 -53.54 36.51 7.96
C ARG C 624 -52.70 35.81 9.01
N LEU C 625 -53.19 34.69 9.48
CA LEU C 625 -52.43 33.84 10.38
C LEU C 625 -52.08 32.54 9.68
N ALA C 626 -50.79 32.31 9.45
CA ALA C 626 -50.28 31.02 8.99
C ALA C 626 -50.07 30.10 10.19
N ILE C 627 -50.57 28.85 10.08
CA ILE C 627 -50.46 27.85 11.15
C ILE C 627 -49.76 26.60 10.61
N GLU C 628 -48.51 26.37 11.03
CA GLU C 628 -47.80 25.17 10.60
C GLU C 628 -46.72 24.78 11.60
N MET C 629 -46.68 23.50 11.98
CA MET C 629 -45.72 23.00 12.97
C MET C 629 -44.40 22.66 12.27
N GLY C 630 -43.73 23.72 11.85
CA GLY C 630 -42.41 23.67 11.24
C GLY C 630 -41.83 25.07 11.16
N ALA C 631 -40.62 25.13 10.61
CA ALA C 631 -39.94 26.41 10.39
C ALA C 631 -40.86 27.45 9.72
N SER C 632 -40.70 28.71 10.16
CA SER C 632 -41.43 29.85 9.65
C SER C 632 -40.97 30.32 8.28
N LEU C 633 -39.80 29.86 7.82
CA LEU C 633 -39.11 30.48 6.70
C LEU C 633 -39.99 30.53 5.46
N GLY C 634 -40.15 31.74 4.92
CA GLY C 634 -40.84 31.96 3.68
C GLY C 634 -42.33 32.22 3.79
N TRP C 635 -42.93 32.00 4.96
CA TRP C 635 -44.37 32.18 5.08
C TRP C 635 -44.82 33.62 4.80
N GLU C 636 -43.94 34.62 4.93
CA GLU C 636 -44.35 36.01 4.71
C GLU C 636 -44.82 36.21 3.29
N ARG C 637 -44.33 35.41 2.37
CA ARG C 637 -44.84 35.38 1.01
C ARG C 637 -46.35 35.23 0.99
N TYR C 638 -46.95 34.53 1.96
CA TYR C 638 -48.39 34.31 1.94
C TYR C 638 -49.17 35.07 3.00
N VAL C 639 -48.60 35.32 4.19
CA VAL C 639 -49.32 36.11 5.17
C VAL C 639 -49.13 37.61 4.98
N GLY C 640 -48.14 38.03 4.20
CA GLY C 640 -47.99 39.44 3.87
C GLY C 640 -47.48 40.26 5.04
N ALA C 641 -47.18 41.53 4.78
CA ALA C 641 -46.52 42.34 5.81
C ALA C 641 -47.40 42.61 7.03
N GLU C 642 -48.72 42.44 6.94
CA GLU C 642 -49.59 42.66 8.08
C GLU C 642 -50.00 41.36 8.74
N GLY C 643 -49.33 40.26 8.39
CA GLY C 643 -49.75 38.95 8.82
C GLY C 643 -48.88 38.40 9.93
N ASP C 644 -49.25 37.20 10.35
CA ASP C 644 -48.62 36.58 11.50
C ASP C 644 -48.43 35.09 11.23
N ILE C 645 -47.41 34.53 11.85
CA ILE C 645 -47.01 33.16 11.63
C ILE C 645 -46.93 32.44 12.96
N LEU C 646 -47.71 31.37 13.11
CA LEU C 646 -47.59 30.46 14.25
C LEU C 646 -46.90 29.19 13.75
N ALA C 647 -45.60 29.06 14.07
CA ALA C 647 -44.74 28.03 13.53
C ALA C 647 -43.76 27.60 14.62
N ILE C 648 -42.74 26.85 14.23
CA ILE C 648 -41.75 26.35 15.18
C ILE C 648 -40.34 26.60 14.63
N ASP C 649 -39.58 27.47 15.29
CA ASP C 649 -38.20 27.77 14.90
C ASP C 649 -37.23 27.34 15.99
N ARG C 650 -37.47 26.15 16.53
CA ARG C 650 -36.66 25.58 17.58
C ARG C 650 -36.76 24.08 17.41
N PHE C 651 -35.87 23.34 18.06
CA PHE C 651 -35.99 21.91 17.95
C PHE C 651 -37.13 21.40 18.83
N GLY C 652 -37.41 20.11 18.75
CA GLY C 652 -38.52 19.49 19.45
C GLY C 652 -38.21 19.08 20.88
N ALA C 653 -38.90 18.03 21.34
CA ALA C 653 -38.86 17.60 22.73
C ALA C 653 -39.30 16.15 22.80
N SER C 654 -39.00 15.51 23.94
CA SER C 654 -39.39 14.13 24.22
C SER C 654 -40.56 14.19 25.19
N ALA C 655 -41.75 14.07 24.67
CA ALA C 655 -42.92 14.05 25.54
C ALA C 655 -44.08 13.55 24.70
N PRO C 656 -45.22 13.24 25.30
CA PRO C 656 -46.39 12.89 24.48
C PRO C 656 -46.73 14.03 23.52
N GLY C 657 -47.12 13.65 22.30
CA GLY C 657 -47.31 14.66 21.26
C GLY C 657 -48.31 15.73 21.66
N GLU C 658 -49.38 15.35 22.35
CA GLU C 658 -50.35 16.36 22.71
C GLU C 658 -49.73 17.38 23.64
N LYS C 659 -48.80 16.93 24.46
CA LYS C 659 -48.15 17.84 25.40
C LYS C 659 -47.20 18.77 24.67
N ILE C 660 -46.41 18.23 23.75
CA ILE C 660 -45.49 19.12 23.02
C ILE C 660 -46.26 20.14 22.23
N MET C 661 -47.35 19.71 21.59
CA MET C 661 -48.14 20.64 20.80
C MET C 661 -48.75 21.74 21.67
N ALA C 662 -49.23 21.38 22.87
CA ALA C 662 -49.79 22.40 23.75
C ALA C 662 -48.71 23.39 24.19
N GLU C 663 -47.49 22.91 24.49
CA GLU C 663 -46.45 23.80 24.98
C GLU C 663 -45.91 24.71 23.89
N TYR C 664 -45.99 24.25 22.66
CA TYR C 664 -45.49 24.96 21.49
C TYR C 664 -46.57 25.84 20.86
N GLY C 665 -47.75 25.92 21.45
CA GLY C 665 -48.74 26.88 21.00
C GLY C 665 -49.75 26.40 19.98
N PHE C 666 -49.79 25.10 19.67
CA PHE C 666 -50.77 24.59 18.70
C PHE C 666 -51.99 24.04 19.44
N THR C 667 -52.80 25.01 19.91
CA THR C 667 -54.06 24.77 20.58
C THR C 667 -55.07 25.76 20.02
N VAL C 668 -56.35 25.43 20.19
CA VAL C 668 -57.43 26.31 19.73
C VAL C 668 -57.32 27.70 20.37
N ASP C 669 -57.12 27.72 21.68
CA ASP C 669 -57.01 28.97 22.42
C ASP C 669 -55.88 29.85 21.91
N ASN C 670 -54.73 29.24 21.62
CA ASN C 670 -53.62 30.07 21.16
C ASN C 670 -53.88 30.56 19.73
N VAL C 671 -54.50 29.75 18.89
CA VAL C 671 -54.81 30.25 17.56
C VAL C 671 -55.81 31.40 17.68
N VAL C 672 -56.83 31.24 18.53
CA VAL C 672 -57.79 32.33 18.78
C VAL C 672 -57.06 33.57 19.32
N ARG C 673 -56.19 33.39 20.31
CA ARG C 673 -55.43 34.52 20.81
C ARG C 673 -54.68 35.22 19.68
N ARG C 674 -53.94 34.46 18.86
CA ARG C 674 -53.16 35.18 17.85
C ARG C 674 -54.05 35.75 16.74
N THR C 675 -55.21 35.16 16.48
CA THR C 675 -56.12 35.78 15.53
C THR C 675 -56.63 37.12 16.08
N LYS C 676 -57.01 37.15 17.37
CA LYS C 676 -57.58 38.37 17.93
C LYS C 676 -56.55 39.49 17.94
N ALA C 677 -55.30 39.18 18.24
CA ALA C 677 -54.23 40.16 18.14
C ALA C 677 -54.19 40.81 16.76
N LEU C 678 -54.15 39.99 15.69
CA LEU C 678 -54.14 40.52 14.33
C LEU C 678 -55.27 41.49 14.07
N LEU C 679 -56.45 41.20 14.62
CA LEU C 679 -57.64 42.02 14.43
C LEU C 679 -57.73 43.17 15.42
N GLY C 680 -56.74 43.32 16.29
CA GLY C 680 -56.82 44.41 17.25
C GLY C 680 -57.85 44.20 18.34
N LYS C 681 -58.31 42.98 18.55
CA LYS C 681 -59.34 42.69 19.55
C LYS C 681 -58.71 42.20 20.83
N SER D 17 -26.28 -15.53 41.53
CA SER D 17 -25.12 -14.65 41.73
C SER D 17 -25.43 -13.16 41.57
N ILE D 18 -24.51 -12.32 42.07
CA ILE D 18 -24.72 -10.88 42.11
C ILE D 18 -24.72 -10.30 40.71
N GLU D 19 -23.82 -10.78 39.86
CA GLU D 19 -23.79 -10.35 38.47
C GLU D 19 -25.14 -10.62 37.80
N GLU D 20 -25.64 -11.84 37.98
CA GLU D 20 -26.91 -12.24 37.36
C GLU D 20 -28.04 -11.31 37.79
N LEU D 21 -28.10 -11.00 39.09
CA LEU D 21 -29.14 -10.14 39.63
C LEU D 21 -29.03 -8.71 39.13
N ALA D 22 -27.80 -8.17 39.08
CA ALA D 22 -27.56 -6.84 38.55
C ALA D 22 -28.03 -6.72 37.11
N ILE D 23 -27.78 -7.76 36.31
CA ILE D 23 -28.26 -7.77 34.93
C ILE D 23 -29.78 -7.88 34.89
N THR D 24 -30.38 -8.67 35.79
CA THR D 24 -31.84 -8.73 35.78
C THR D 24 -32.44 -7.44 36.28
N THR D 25 -31.71 -6.68 37.12
CA THR D 25 -32.20 -5.40 37.60
C THR D 25 -32.23 -4.38 36.47
N ILE D 26 -31.13 -4.29 35.74
CA ILE D 26 -31.10 -3.48 34.53
C ILE D 26 -32.26 -3.84 33.61
N ARG D 27 -32.46 -5.14 33.38
CA ARG D 27 -33.51 -5.56 32.46
C ARG D 27 -34.88 -5.09 32.95
N THR D 28 -35.14 -5.23 34.27
CA THR D 28 -36.45 -4.92 34.83
C THR D 28 -36.70 -3.42 34.91
N LEU D 29 -35.67 -2.64 35.27
CA LEU D 29 -35.79 -1.18 35.28
C LEU D 29 -36.18 -0.68 33.90
N SER D 30 -35.49 -1.17 32.86
CA SER D 30 -35.79 -0.71 31.51
C SER D 30 -37.25 -0.98 31.19
N ILE D 31 -37.69 -2.19 31.46
CA ILE D 31 -39.05 -2.61 31.14
C ILE D 31 -40.03 -1.72 31.88
N ASP D 32 -39.76 -1.45 33.16
CA ASP D 32 -40.72 -0.73 33.97
C ASP D 32 -40.82 0.73 33.55
N ALA D 33 -39.70 1.35 33.19
CA ALA D 33 -39.77 2.74 32.76
C ALA D 33 -40.53 2.84 31.44
N ILE D 34 -40.36 1.84 30.56
CA ILE D 34 -41.08 1.83 29.31
C ILE D 34 -42.57 1.57 29.52
N GLU D 35 -42.92 0.69 30.47
CA GLU D 35 -44.33 0.44 30.76
C GLU D 35 -45.02 1.69 31.26
N LYS D 36 -44.39 2.41 32.20
CA LYS D 36 -44.98 3.64 32.72
C LYS D 36 -45.11 4.70 31.63
N ALA D 37 -44.07 4.87 30.80
CA ALA D 37 -44.22 5.86 29.74
C ALA D 37 -45.25 5.44 28.69
N LYS D 38 -45.62 4.16 28.64
CA LYS D 38 -46.42 3.62 27.54
C LYS D 38 -45.76 3.85 26.18
N SER D 39 -44.43 3.96 26.19
CA SER D 39 -43.68 4.32 25.01
C SER D 39 -42.25 3.87 25.20
N GLY D 40 -41.66 3.33 24.14
CA GLY D 40 -40.25 3.07 24.12
C GLY D 40 -39.90 1.68 23.60
N HIS D 41 -38.63 1.33 23.79
CA HIS D 41 -37.94 0.28 23.06
C HIS D 41 -37.38 -0.73 24.06
N PRO D 42 -38.13 -1.79 24.41
CA PRO D 42 -37.60 -2.77 25.37
C PRO D 42 -36.63 -3.78 24.77
N GLY D 43 -36.65 -4.01 23.48
CA GLY D 43 -36.04 -5.20 22.94
C GLY D 43 -34.55 -5.16 23.14
N MET D 44 -33.94 -4.10 22.61
CA MET D 44 -32.48 -3.98 22.68
C MET D 44 -31.99 -3.93 24.12
N PRO D 45 -32.57 -3.14 25.03
CA PRO D 45 -32.07 -3.21 26.42
C PRO D 45 -32.11 -4.59 27.01
N MET D 46 -33.09 -5.41 26.66
CA MET D 46 -33.14 -6.75 27.22
C MET D 46 -32.04 -7.65 26.65
N GLY D 47 -31.80 -7.56 25.34
CA GLY D 47 -30.77 -8.38 24.71
C GLY D 47 -29.36 -7.98 25.05
N ALA D 48 -29.11 -6.69 25.23
CA ALA D 48 -27.75 -6.20 25.38
C ALA D 48 -27.37 -5.83 26.81
N ALA D 49 -28.25 -6.01 27.79
CA ALA D 49 -27.87 -5.74 29.18
C ALA D 49 -26.59 -6.45 29.58
N PRO D 50 -26.40 -7.74 29.29
CA PRO D 50 -25.15 -8.39 29.77
C PRO D 50 -23.90 -7.75 29.23
N MET D 51 -23.81 -7.54 27.91
CA MET D 51 -22.59 -6.97 27.37
C MET D 51 -22.35 -5.57 27.92
N ALA D 52 -23.43 -4.80 28.09
CA ALA D 52 -23.27 -3.42 28.55
C ALA D 52 -22.94 -3.38 30.04
N TYR D 53 -23.61 -4.20 30.85
CA TYR D 53 -23.18 -4.38 32.24
C TYR D 53 -21.70 -4.73 32.33
N THR D 54 -21.26 -5.72 31.53
CA THR D 54 -19.89 -6.18 31.63
C THR D 54 -18.93 -5.05 31.32
N LEU D 55 -19.22 -4.29 30.26
CA LEU D 55 -18.34 -3.19 29.88
C LEU D 55 -18.29 -2.16 30.99
N TRP D 56 -19.46 -1.78 31.48
CA TRP D 56 -19.58 -0.64 32.38
C TRP D 56 -18.92 -0.95 33.73
N THR D 57 -19.06 -2.18 34.22
CA THR D 57 -18.61 -2.51 35.57
C THR D 57 -17.20 -3.11 35.63
N LYS D 58 -16.56 -3.44 34.50
CA LYS D 58 -15.30 -4.18 34.58
C LYS D 58 -14.20 -3.71 33.65
N PHE D 59 -14.49 -2.87 32.69
CA PHE D 59 -13.51 -2.46 31.68
C PHE D 59 -13.50 -0.97 31.46
N MET D 60 -14.67 -0.34 31.48
CA MET D 60 -14.78 1.08 31.22
C MET D 60 -14.33 1.87 32.45
N ASN D 61 -13.47 2.85 32.21
CA ASN D 61 -12.92 3.71 33.23
C ASN D 61 -13.65 5.03 33.23
N HIS D 62 -14.34 5.32 34.33
CA HIS D 62 -15.26 6.44 34.34
C HIS D 62 -15.66 6.73 35.78
N ASN D 63 -15.85 8.03 36.11
CA ASN D 63 -16.18 8.46 37.46
C ASN D 63 -17.59 9.02 37.53
N PRO D 64 -18.54 8.32 38.14
CA PRO D 64 -19.89 8.87 38.25
C PRO D 64 -19.97 10.23 38.92
N ALA D 65 -18.99 10.59 39.75
CA ALA D 65 -19.00 11.86 40.50
C ALA D 65 -18.50 13.02 39.68
N ASN D 66 -18.01 12.78 38.49
CA ASN D 66 -17.50 13.79 37.59
C ASN D 66 -17.60 13.22 36.18
N PRO D 67 -18.78 13.30 35.56
CA PRO D 67 -18.88 12.94 34.14
C PRO D 67 -18.10 13.84 33.21
N ASN D 68 -17.39 14.84 33.73
CA ASN D 68 -16.49 15.63 32.89
C ASN D 68 -15.03 15.32 33.11
N TRP D 69 -14.70 14.27 33.88
CA TRP D 69 -13.33 13.82 34.00
C TRP D 69 -12.74 13.70 32.61
N PHE D 70 -11.74 14.51 32.28
CA PHE D 70 -11.37 14.66 30.87
C PHE D 70 -10.78 13.41 30.25
N ASN D 71 -10.15 12.53 31.03
CA ASN D 71 -9.52 11.34 30.47
C ASN D 71 -10.33 10.08 30.75
N ARG D 72 -11.60 10.23 31.16
CA ARG D 72 -12.53 9.11 31.17
C ARG D 72 -12.65 8.48 29.78
N ASP D 73 -13.04 7.20 29.79
CA ASP D 73 -13.45 6.53 28.56
C ASP D 73 -14.73 7.16 28.04
N ARG D 74 -14.86 7.25 26.72
CA ARG D 74 -16.03 7.84 26.08
C ARG D 74 -16.91 6.72 25.54
N PHE D 75 -18.15 6.68 26.03
CA PHE D 75 -19.13 5.67 25.64
C PHE D 75 -20.21 6.35 24.81
N VAL D 76 -20.44 5.83 23.61
CA VAL D 76 -21.50 6.33 22.74
C VAL D 76 -22.48 5.19 22.51
N LEU D 77 -23.75 5.42 22.82
CA LEU D 77 -24.78 4.44 22.48
C LEU D 77 -25.33 4.82 21.13
N SER D 78 -24.88 4.13 20.09
CA SER D 78 -25.30 4.46 18.74
C SER D 78 -26.71 3.93 18.45
N ALA D 79 -27.08 2.80 19.03
CA ALA D 79 -28.45 2.32 18.89
C ALA D 79 -29.26 3.03 19.97
N GLY D 80 -29.54 4.31 19.67
CA GLY D 80 -30.09 5.21 20.66
C GLY D 80 -31.46 4.83 21.15
N HIS D 81 -32.25 4.16 20.31
CA HIS D 81 -33.54 3.67 20.76
C HIS D 81 -33.42 2.84 22.05
N GLY D 82 -32.24 2.31 22.38
CA GLY D 82 -32.07 1.52 23.59
C GLY D 82 -31.76 2.35 24.82
N SER D 83 -32.22 3.60 24.83
CA SER D 83 -31.88 4.57 25.86
C SER D 83 -32.07 4.04 27.29
N MET D 84 -33.09 3.22 27.53
CA MET D 84 -33.30 2.82 28.92
C MET D 84 -32.15 1.97 29.45
N LEU D 85 -31.49 1.18 28.60
CA LEU D 85 -30.28 0.47 29.02
C LEU D 85 -29.24 1.45 29.57
N LEU D 86 -29.04 2.57 28.85
CA LEU D 86 -28.09 3.58 29.32
C LEU D 86 -28.58 4.28 30.59
N TYR D 87 -29.88 4.60 30.67
CA TYR D 87 -30.36 5.37 31.80
C TYR D 87 -30.35 4.51 33.07
N SER D 88 -30.57 3.20 32.92
CA SER D 88 -30.49 2.27 34.04
C SER D 88 -29.08 2.20 34.61
N LEU D 89 -28.09 2.06 33.74
CA LEU D 89 -26.70 1.96 34.15
C LEU D 89 -26.22 3.26 34.80
N LEU D 90 -26.54 4.40 34.20
CA LEU D 90 -26.23 5.67 34.83
C LEU D 90 -26.76 5.69 36.26
N HIS D 91 -28.04 5.35 36.42
CA HIS D 91 -28.64 5.49 37.74
C HIS D 91 -27.99 4.54 38.75
N LEU D 92 -27.85 3.27 38.37
CA LEU D 92 -27.31 2.25 39.27
C LEU D 92 -25.87 2.53 39.63
N SER D 93 -25.12 3.15 38.72
CA SER D 93 -23.72 3.49 38.91
C SER D 93 -23.50 4.73 39.76
N GLY D 94 -24.56 5.44 40.11
CA GLY D 94 -24.43 6.60 40.96
C GLY D 94 -24.31 7.93 40.24
N TYR D 95 -24.44 7.93 38.92
CA TYR D 95 -24.58 9.20 38.22
C TYR D 95 -25.82 9.94 38.74
N ASP D 96 -25.89 11.22 38.40
CA ASP D 96 -26.97 12.11 38.80
C ASP D 96 -28.18 11.91 37.89
N VAL D 97 -28.74 10.71 38.01
CA VAL D 97 -29.96 10.30 37.32
C VAL D 97 -30.71 9.46 38.34
N SER D 98 -31.81 9.99 38.86
CA SER D 98 -32.46 9.40 40.03
C SER D 98 -33.50 8.38 39.60
N MET D 99 -34.05 7.69 40.59
CA MET D 99 -35.17 6.79 40.35
C MET D 99 -36.35 7.55 39.75
N ASP D 100 -36.72 8.68 40.36
CA ASP D 100 -37.77 9.54 39.84
C ASP D 100 -37.54 9.92 38.38
N ASP D 101 -36.30 10.32 38.04
CA ASP D 101 -35.98 10.57 36.65
C ASP D 101 -36.40 9.40 35.78
N LEU D 102 -36.05 8.18 36.20
CA LEU D 102 -36.44 7.02 35.40
C LEU D 102 -37.94 6.90 35.29
N LYS D 103 -38.68 7.36 36.30
CA LYS D 103 -40.12 7.33 36.24
C LYS D 103 -40.68 8.51 35.45
N GLN D 104 -39.80 9.32 34.86
CA GLN D 104 -40.18 10.40 33.96
C GLN D 104 -39.64 10.15 32.57
N PHE D 105 -39.41 8.88 32.25
CA PHE D 105 -38.95 8.48 30.94
C PHE D 105 -39.88 8.98 29.83
N ARG D 106 -39.32 9.68 28.87
CA ARG D 106 -40.08 10.18 27.73
C ARG D 106 -41.16 11.18 28.18
N GLN D 107 -40.99 11.85 29.31
CA GLN D 107 -41.95 12.86 29.74
C GLN D 107 -41.39 14.27 29.57
N TRP D 108 -42.31 15.24 29.41
CA TRP D 108 -41.95 16.65 29.22
C TRP D 108 -40.94 17.09 30.26
N GLY D 109 -39.75 17.46 29.80
CA GLY D 109 -38.75 18.05 30.62
C GLY D 109 -37.88 17.11 31.40
N SER D 110 -38.00 15.79 31.22
CA SER D 110 -37.27 14.87 32.10
C SER D 110 -35.77 14.81 31.73
N LYS D 111 -34.97 14.30 32.68
CA LYS D 111 -33.58 13.93 32.38
C LYS D 111 -33.49 12.67 31.56
N THR D 112 -34.62 12.08 31.19
CA THR D 112 -34.67 10.78 30.54
C THR D 112 -35.53 10.86 29.28
N PRO D 113 -35.05 11.57 28.28
CA PRO D 113 -35.74 11.60 26.99
C PRO D 113 -35.62 10.28 26.22
N GLY D 114 -36.58 10.09 25.29
CA GLY D 114 -36.73 8.82 24.57
C GLY D 114 -35.50 8.35 23.83
N HIS D 115 -34.68 9.27 23.33
CA HIS D 115 -33.36 8.94 22.82
C HIS D 115 -32.33 9.79 23.56
N PRO D 116 -31.10 9.32 23.66
CA PRO D 116 -30.12 10.03 24.49
C PRO D 116 -29.88 11.43 23.93
N GLU D 117 -29.87 12.42 24.82
CA GLU D 117 -29.65 13.80 24.43
C GLU D 117 -28.49 14.34 25.23
N TYR D 118 -27.39 14.68 24.51
CA TYR D 118 -26.21 15.24 25.15
C TYR D 118 -26.53 16.59 25.75
N GLY D 119 -26.13 16.79 27.01
CA GLY D 119 -26.39 18.04 27.69
C GLY D 119 -27.66 18.07 28.50
N HIS D 120 -28.54 17.09 28.36
CA HIS D 120 -29.75 17.00 29.15
C HIS D 120 -29.68 15.93 30.22
N THR D 121 -28.63 15.09 30.21
CA THR D 121 -28.52 14.02 31.15
C THR D 121 -27.06 13.81 31.53
N PRO D 122 -26.76 13.81 32.83
CA PRO D 122 -25.38 13.53 33.24
C PRO D 122 -24.95 12.16 32.75
N GLY D 123 -23.73 12.10 32.26
CA GLY D 123 -23.16 10.88 31.74
C GLY D 123 -23.37 10.65 30.25
N VAL D 124 -24.34 11.32 29.62
CA VAL D 124 -24.63 11.01 28.23
C VAL D 124 -23.66 11.81 27.37
N GLU D 125 -22.96 11.11 26.49
CA GLU D 125 -21.83 11.70 25.77
C GLU D 125 -22.19 12.24 24.41
N ALA D 126 -23.34 11.87 23.87
CA ALA D 126 -23.67 12.14 22.49
C ALA D 126 -25.13 11.91 22.32
N THR D 127 -25.72 12.71 21.44
CA THR D 127 -27.12 12.62 21.11
C THR D 127 -27.26 11.64 19.96
N THR D 128 -28.05 10.61 20.16
CA THR D 128 -28.20 9.60 19.13
C THR D 128 -29.66 9.27 18.87
N GLY D 129 -29.88 8.27 18.02
CA GLY D 129 -31.18 8.00 17.51
C GLY D 129 -31.17 7.96 16.00
N PRO D 130 -30.61 8.99 15.35
CA PRO D 130 -30.35 8.86 13.91
C PRO D 130 -29.26 7.80 13.76
N LEU D 131 -29.63 6.63 13.27
CA LEU D 131 -28.69 5.52 13.24
C LEU D 131 -27.51 5.80 12.32
N GLY D 132 -26.43 5.10 12.66
CA GLY D 132 -25.18 5.15 11.99
C GLY D 132 -24.24 6.20 12.56
N GLN D 133 -24.81 7.28 13.05
CA GLN D 133 -24.02 8.46 13.38
C GLN D 133 -23.30 8.28 14.69
N GLY D 134 -23.87 7.52 15.60
CA GLY D 134 -23.18 7.22 16.83
C GLY D 134 -21.81 6.66 16.58
N ILE D 135 -21.72 5.63 15.73
CA ILE D 135 -20.43 5.03 15.43
C ILE D 135 -19.50 6.08 14.86
N ALA D 136 -19.98 6.85 13.87
CA ALA D 136 -19.16 7.85 13.22
C ALA D 136 -18.72 8.92 14.24
N MET D 137 -19.61 9.31 15.15
CA MET D 137 -19.20 10.19 16.24
C MET D 137 -18.16 9.52 17.12
N ALA D 138 -18.32 8.22 17.40
CA ALA D 138 -17.28 7.56 18.21
C ALA D 138 -15.93 7.59 17.49
N VAL D 139 -15.95 7.48 16.16
CA VAL D 139 -14.69 7.61 15.43
C VAL D 139 -14.07 8.99 15.67
N GLY D 140 -14.91 10.03 15.71
CA GLY D 140 -14.40 11.36 15.90
C GLY D 140 -13.83 11.57 17.27
N MET D 141 -14.44 10.95 18.26
CA MET D 141 -13.90 10.99 19.62
C MET D 141 -12.54 10.31 19.67
N ALA D 142 -12.45 9.13 19.08
CA ALA D 142 -11.17 8.42 19.05
C ALA D 142 -10.11 9.22 18.29
N MET D 143 -10.48 9.86 17.17
CA MET D 143 -9.53 10.70 16.47
C MET D 143 -8.99 11.77 17.39
N ALA D 144 -9.88 12.41 18.14
CA ALA D 144 -9.49 13.54 18.96
C ALA D 144 -8.59 13.08 20.10
N GLU D 145 -8.88 11.92 20.67
CA GLU D 145 -8.07 11.40 21.77
C GLU D 145 -6.64 11.16 21.31
N ARG D 146 -6.46 10.56 20.14
CA ARG D 146 -5.10 10.34 19.64
C ARG D 146 -4.42 11.66 19.19
N HIS D 147 -5.16 12.57 18.54
CA HIS D 147 -4.56 13.86 18.24
C HIS D 147 -4.09 14.54 19.51
N LEU D 148 -4.95 14.55 20.53
CA LEU D 148 -4.59 15.15 21.81
C LEU D 148 -3.46 14.38 22.48
N ALA D 149 -3.48 13.06 22.42
CA ALA D 149 -2.42 12.30 23.06
C ALA D 149 -1.05 12.62 22.45
N ALA D 150 -0.96 12.69 21.12
CA ALA D 150 0.31 13.05 20.50
C ALA D 150 0.71 14.50 20.76
N THR D 151 -0.26 15.36 21.04
CA THR D 151 0.05 16.76 21.32
C THR D 151 0.66 16.93 22.70
N TYR D 152 0.05 16.31 23.72
CA TYR D 152 0.33 16.66 25.10
C TYR D 152 1.11 15.60 25.87
N ASN D 153 1.07 14.33 25.47
CA ASN D 153 1.80 13.33 26.23
C ASN D 153 3.30 13.49 26.05
N ARG D 154 4.03 13.18 27.12
CA ARG D 154 5.49 13.13 27.13
C ARG D 154 5.93 11.84 27.80
N ASP D 155 7.20 11.47 27.63
CA ASP D 155 7.64 10.21 28.21
C ASP D 155 7.39 10.25 29.71
N GLY D 156 6.96 9.11 30.25
CA GLY D 156 6.53 9.05 31.63
C GLY D 156 5.27 9.82 31.93
N PHE D 157 4.54 10.26 30.91
CA PHE D 157 3.36 11.11 31.05
C PHE D 157 2.37 10.88 29.92
N GLU D 158 1.85 9.65 29.79
CA GLU D 158 0.74 9.40 28.87
C GLU D 158 -0.51 10.01 29.50
N ILE D 159 -0.60 11.35 29.47
CA ILE D 159 -1.64 12.11 30.18
C ILE D 159 -3.00 11.91 29.54
N ILE D 160 -3.06 11.98 28.22
CA ILE D 160 -4.27 11.66 27.48
C ILE D 160 -4.12 10.24 26.98
N ASN D 161 -5.01 9.39 27.44
CA ASN D 161 -4.92 7.97 27.13
C ASN D 161 -6.19 7.37 27.65
N HIS D 162 -7.15 7.09 26.76
CA HIS D 162 -8.37 6.43 27.18
C HIS D 162 -9.04 5.81 25.96
N TYR D 163 -10.00 4.93 26.23
CA TYR D 163 -10.71 4.24 25.17
C TYR D 163 -11.91 5.03 24.66
N THR D 164 -12.45 4.60 23.52
CA THR D 164 -13.72 5.07 23.00
C THR D 164 -14.53 3.80 22.77
N TYR D 165 -15.68 3.69 23.42
CA TYR D 165 -16.53 2.51 23.28
C TYR D 165 -17.88 2.90 22.72
N ALA D 166 -18.46 2.03 21.92
CA ALA D 166 -19.85 2.21 21.52
C ALA D 166 -20.55 0.86 21.43
N ILE D 167 -21.87 0.92 21.61
CA ILE D 167 -22.75 -0.17 21.28
C ILE D 167 -23.59 0.24 20.08
N CYS D 168 -23.66 -0.64 19.07
CA CYS D 168 -24.45 -0.44 17.87
C CYS D 168 -25.36 -1.64 17.65
N GLY D 169 -26.23 -1.52 16.65
CA GLY D 169 -27.12 -2.60 16.26
C GLY D 169 -27.10 -2.80 14.76
N ASP D 170 -28.07 -3.54 14.22
CA ASP D 170 -28.00 -3.95 12.83
C ASP D 170 -28.21 -2.76 11.90
N GLY D 171 -29.06 -1.82 12.31
CA GLY D 171 -29.36 -0.69 11.47
C GLY D 171 -28.23 0.31 11.38
N ASP D 172 -27.48 0.49 12.48
CA ASP D 172 -26.22 1.21 12.41
C ASP D 172 -25.36 0.66 11.28
N LEU D 173 -25.22 -0.67 11.20
CA LEU D 173 -24.26 -1.27 10.27
C LEU D 173 -24.77 -1.30 8.84
N MET D 174 -26.04 -1.06 8.65
CA MET D 174 -26.53 -0.87 7.29
C MET D 174 -26.28 0.53 6.78
N GLU D 175 -26.18 1.52 7.67
CA GLU D 175 -26.16 2.92 7.27
C GLU D 175 -24.78 3.27 6.72
N GLY D 176 -24.78 4.07 5.65
CA GLY D 176 -23.55 4.34 4.93
C GLY D 176 -22.57 5.19 5.69
N VAL D 177 -23.06 6.09 6.53
CA VAL D 177 -22.15 6.90 7.32
C VAL D 177 -21.28 6.03 8.22
N ALA D 178 -21.78 4.86 8.62
CA ALA D 178 -20.98 3.95 9.43
C ALA D 178 -20.00 3.15 8.59
N SER D 179 -20.29 2.94 7.32
CA SER D 179 -19.27 2.36 6.44
C SER D 179 -18.14 3.35 6.26
N GLU D 180 -18.45 4.63 6.04
CA GLU D 180 -17.40 5.62 5.86
C GLU D 180 -16.57 5.75 7.12
N ALA D 181 -17.24 5.78 8.27
CA ALA D 181 -16.50 6.01 9.49
C ALA D 181 -15.55 4.84 9.73
N ALA D 182 -15.97 3.65 9.35
CA ALA D 182 -15.20 2.49 9.70
C ALA D 182 -14.02 2.33 8.76
N SER D 183 -14.21 2.67 7.48
CA SER D 183 -13.07 2.70 6.55
C SER D 183 -12.02 3.64 7.09
N LEU D 184 -12.45 4.85 7.46
CA LEU D 184 -11.53 5.91 7.87
C LEU D 184 -10.83 5.54 9.16
N ALA D 185 -11.55 4.93 10.08
CA ALA D 185 -11.01 4.47 11.35
C ALA D 185 -9.97 3.36 11.16
N GLY D 186 -10.23 2.41 10.27
CA GLY D 186 -9.23 1.39 10.01
C GLY D 186 -8.00 1.98 9.34
N HIS D 187 -8.20 2.89 8.39
CA HIS D 187 -7.08 3.54 7.74
C HIS D 187 -6.16 4.20 8.77
N LEU D 188 -6.74 4.74 9.83
CA LEU D 188 -6.01 5.53 10.82
C LEU D 188 -5.62 4.71 12.03
N LYS D 189 -5.93 3.43 12.04
CA LYS D 189 -5.50 2.48 13.07
C LYS D 189 -5.87 2.96 14.48
N LEU D 190 -7.14 3.34 14.65
CA LEU D 190 -7.64 3.86 15.92
C LEU D 190 -7.92 2.70 16.88
N GLY D 191 -6.83 2.14 17.40
CA GLY D 191 -6.97 0.96 18.26
C GLY D 191 -7.72 1.20 19.55
N ARG D 192 -7.92 2.45 19.96
CA ARG D 192 -8.63 2.65 21.23
C ARG D 192 -10.14 2.66 21.06
N LEU D 193 -10.59 2.38 19.84
CA LEU D 193 -12.01 2.36 19.48
C LEU D 193 -12.52 0.93 19.46
N ILE D 194 -13.45 0.64 20.35
CA ILE D 194 -14.03 -0.69 20.48
C ILE D 194 -15.56 -0.59 20.37
N VAL D 195 -16.13 -1.24 19.35
CA VAL D 195 -17.57 -1.19 19.09
C VAL D 195 -18.21 -2.55 19.38
N LEU D 196 -19.20 -2.58 20.26
CA LEU D 196 -19.96 -3.79 20.52
C LEU D 196 -21.20 -3.78 19.64
N TYR D 197 -21.34 -4.80 18.83
CA TYR D 197 -22.41 -4.94 17.85
C TYR D 197 -23.43 -5.91 18.45
N ASP D 198 -24.56 -5.35 18.87
CA ASP D 198 -25.74 -6.09 19.30
C ASP D 198 -26.35 -6.82 18.12
N SER D 199 -25.93 -8.07 17.87
CA SER D 199 -26.28 -8.75 16.62
C SER D 199 -27.36 -9.78 16.93
N ASN D 200 -28.62 -9.34 16.75
CA ASN D 200 -29.80 -10.09 17.17
C ASN D 200 -30.68 -10.49 16.00
N ASP D 201 -30.20 -10.26 14.76
CA ASP D 201 -30.80 -10.83 13.54
C ASP D 201 -32.21 -10.31 13.32
N ILE D 202 -32.45 -9.14 13.86
CA ILE D 202 -33.79 -8.54 13.84
C ILE D 202 -33.60 -7.06 13.59
N SER D 203 -34.38 -6.50 12.69
CA SER D 203 -34.53 -5.06 12.59
C SER D 203 -36.00 -4.71 12.82
N LEU D 204 -36.34 -3.45 12.51
CA LEU D 204 -37.65 -2.92 12.88
C LEU D 204 -38.77 -3.67 12.17
N ASP D 205 -38.67 -3.86 10.86
CA ASP D 205 -39.73 -4.54 10.11
C ASP D 205 -39.73 -6.08 10.21
N GLY D 206 -38.76 -6.72 10.84
CA GLY D 206 -38.79 -8.18 10.95
C GLY D 206 -37.40 -8.77 10.88
N GLU D 207 -37.31 -9.97 10.30
CA GLU D 207 -36.06 -10.68 10.15
C GLU D 207 -35.03 -9.83 9.41
N LEU D 208 -33.81 -9.84 9.93
CA LEU D 208 -32.71 -9.14 9.28
C LEU D 208 -32.56 -9.58 7.84
N ASN D 209 -32.71 -10.88 7.57
CA ASN D 209 -32.57 -11.46 6.23
C ASN D 209 -33.56 -10.91 5.21
N LEU D 210 -34.56 -10.14 5.65
CA LEU D 210 -35.35 -9.39 4.69
C LEU D 210 -34.48 -8.48 3.86
N SER D 211 -33.43 -7.95 4.44
CA SER D 211 -32.75 -6.80 3.88
C SER D 211 -31.24 -6.89 3.92
N PHE D 212 -30.67 -7.82 4.67
CA PHE D 212 -29.25 -7.78 5.04
C PHE D 212 -28.73 -9.21 5.20
N SER D 213 -27.68 -9.57 4.49
CA SER D 213 -27.07 -10.88 4.69
C SER D 213 -25.56 -10.85 4.56
N GLU D 214 -24.91 -9.71 4.78
CA GLU D 214 -23.49 -9.64 4.52
C GLU D 214 -22.66 -10.36 5.61
N ASN D 215 -21.44 -10.73 5.22
CA ASN D 215 -20.43 -11.16 6.18
C ASN D 215 -19.79 -9.93 6.80
N VAL D 216 -20.29 -9.55 7.99
CA VAL D 216 -19.82 -8.34 8.64
C VAL D 216 -18.37 -8.49 9.07
N ALA D 217 -18.02 -9.65 9.61
CA ALA D 217 -16.62 -9.93 9.90
C ALA D 217 -15.75 -9.60 8.69
N GLN D 218 -16.09 -10.21 7.54
CA GLN D 218 -15.27 -10.05 6.35
C GLN D 218 -15.18 -8.57 5.95
N ARG D 219 -16.29 -7.83 6.03
CA ARG D 219 -16.25 -6.41 5.71
C ARG D 219 -15.34 -5.64 6.68
N PHE D 220 -15.50 -5.86 7.98
CA PHE D 220 -14.72 -5.02 8.86
C PHE D 220 -13.22 -5.35 8.78
N GLN D 221 -12.86 -6.62 8.55
CA GLN D 221 -11.46 -6.93 8.30
C GLN D 221 -10.96 -6.22 7.05
N ALA D 222 -11.81 -6.11 6.03
CA ALA D 222 -11.41 -5.41 4.83
C ALA D 222 -11.07 -3.96 5.11
N TYR D 223 -11.63 -3.39 6.20
CA TYR D 223 -11.27 -2.04 6.63
C TYR D 223 -10.02 -1.99 7.48
N GLY D 224 -9.59 -3.08 8.06
CA GLY D 224 -8.46 -3.05 8.94
C GLY D 224 -8.83 -3.18 10.37
N TRP D 225 -10.02 -3.69 10.66
CA TRP D 225 -10.52 -3.84 12.03
C TRP D 225 -10.20 -5.23 12.54
N GLN D 226 -9.93 -5.33 13.84
CA GLN D 226 -10.03 -6.61 14.53
C GLN D 226 -11.48 -7.05 14.60
N TYR D 227 -11.73 -8.32 14.31
CA TYR D 227 -13.05 -8.90 14.48
C TYR D 227 -13.05 -9.93 15.60
N LEU D 228 -13.98 -9.78 16.52
CA LEU D 228 -14.18 -10.72 17.61
C LEU D 228 -15.64 -11.11 17.66
N ARG D 229 -15.90 -12.36 17.97
CA ARG D 229 -17.26 -12.86 18.01
C ARG D 229 -17.57 -13.53 19.33
N VAL D 230 -18.70 -13.17 19.92
CA VAL D 230 -19.25 -13.76 21.13
C VAL D 230 -20.50 -14.53 20.74
N GLU D 231 -20.47 -15.87 20.92
CA GLU D 231 -21.58 -16.72 20.49
C GLU D 231 -22.80 -16.60 21.42
N ASP D 232 -22.59 -16.31 22.71
CA ASP D 232 -23.68 -16.24 23.69
C ASP D 232 -23.63 -14.90 24.39
N GLY D 233 -24.59 -14.01 24.03
CA GLY D 233 -24.69 -12.67 24.58
C GLY D 233 -25.06 -12.58 26.04
N ASN D 234 -25.44 -13.69 26.68
CA ASN D 234 -25.75 -13.66 28.10
C ASN D 234 -24.61 -14.14 28.99
N ASN D 235 -23.48 -14.53 28.41
CA ASN D 235 -22.38 -15.16 29.11
C ASN D 235 -21.31 -14.12 29.36
N ILE D 236 -21.24 -13.61 30.58
CA ILE D 236 -20.40 -12.46 30.83
C ILE D 236 -18.92 -12.82 30.72
N GLU D 237 -18.57 -14.08 30.97
CA GLU D 237 -17.17 -14.45 30.85
C GLU D 237 -16.69 -14.32 29.40
N GLU D 238 -17.45 -14.88 28.47
CA GLU D 238 -17.12 -14.76 27.05
C GLU D 238 -17.09 -13.30 26.58
N ILE D 239 -18.03 -12.47 27.06
CA ILE D 239 -18.00 -11.06 26.70
C ILE D 239 -16.73 -10.40 27.23
N ALA D 240 -16.38 -10.74 28.47
CA ALA D 240 -15.18 -10.19 29.08
C ALA D 240 -13.96 -10.61 28.30
N LYS D 241 -13.90 -11.86 27.84
CA LYS D 241 -12.78 -12.29 27.02
C LYS D 241 -12.62 -11.38 25.80
N ALA D 242 -13.72 -11.12 25.09
CA ALA D 242 -13.62 -10.31 23.88
C ALA D 242 -13.13 -8.91 24.22
N LEU D 243 -13.64 -8.34 25.31
CA LEU D 243 -13.21 -7.03 25.76
C LEU D 243 -11.72 -7.02 26.07
N GLU D 244 -11.22 -8.03 26.78
CA GLU D 244 -9.79 -8.03 27.09
C GLU D 244 -8.95 -8.09 25.84
N GLU D 245 -9.37 -8.88 24.86
CA GLU D 245 -8.61 -8.96 23.62
C GLU D 245 -8.59 -7.64 22.89
N ALA D 246 -9.74 -6.97 22.85
CA ALA D 246 -9.87 -5.69 22.14
C ALA D 246 -9.04 -4.62 22.82
N ARG D 247 -9.00 -4.61 24.14
CA ARG D 247 -8.24 -3.59 24.83
C ARG D 247 -6.74 -3.76 24.66
N ALA D 248 -6.27 -4.97 24.29
CA ALA D 248 -4.83 -5.24 24.19
C ALA D 248 -4.25 -4.91 22.82
N ASP D 249 -5.01 -5.12 21.74
CA ASP D 249 -4.54 -4.78 20.40
C ASP D 249 -4.87 -3.33 20.08
N LEU D 250 -3.88 -2.46 20.25
CA LEU D 250 -4.07 -1.04 19.98
C LEU D 250 -3.65 -0.64 18.56
N SER D 251 -3.39 -1.62 17.70
CA SER D 251 -3.00 -1.34 16.31
C SER D 251 -4.17 -1.31 15.33
N ARG D 252 -5.42 -1.50 15.79
CA ARG D 252 -6.62 -1.76 14.99
C ARG D 252 -7.87 -1.47 15.83
N PRO D 253 -8.82 -0.66 15.38
CA PRO D 253 -10.13 -0.67 16.06
C PRO D 253 -10.72 -2.07 16.03
N THR D 254 -11.62 -2.33 16.95
CA THR D 254 -12.22 -3.66 17.07
C THR D 254 -13.74 -3.62 16.94
N LEU D 255 -14.27 -4.58 16.22
CA LEU D 255 -15.70 -4.86 16.22
C LEU D 255 -15.93 -6.18 16.95
N ILE D 256 -16.73 -6.14 17.98
CA ILE D 256 -17.10 -7.33 18.73
C ILE D 256 -18.55 -7.62 18.41
N GLU D 257 -18.81 -8.65 17.61
CA GLU D 257 -20.18 -9.04 17.32
C GLU D 257 -20.69 -9.96 18.42
N VAL D 258 -21.73 -9.52 19.11
CA VAL D 258 -22.31 -10.25 20.25
C VAL D 258 -23.68 -10.80 19.85
N LYS D 259 -23.79 -12.12 19.86
CA LYS D 259 -25.02 -12.78 19.44
C LYS D 259 -26.03 -12.73 20.57
N THR D 260 -27.13 -12.04 20.33
CA THR D 260 -28.16 -11.80 21.33
C THR D 260 -29.52 -12.12 20.76
N THR D 261 -30.43 -12.42 21.65
CA THR D 261 -31.84 -12.50 21.34
C THR D 261 -32.50 -11.18 21.70
N ILE D 262 -33.20 -10.59 20.73
CA ILE D 262 -33.85 -9.34 21.00
C ILE D 262 -35.00 -9.57 21.97
N GLY D 263 -35.13 -8.67 22.95
CA GLY D 263 -36.17 -8.84 23.99
C GLY D 263 -36.01 -10.14 24.75
N TYR D 264 -34.77 -10.58 24.99
CA TYR D 264 -34.51 -11.85 25.66
C TYR D 264 -35.30 -11.98 26.95
N GLY D 265 -35.96 -13.11 27.13
CA GLY D 265 -36.70 -13.40 28.32
C GLY D 265 -38.19 -13.17 28.22
N ALA D 266 -38.66 -12.47 27.19
CA ALA D 266 -40.09 -12.22 27.05
C ALA D 266 -40.71 -13.40 26.30
N PRO D 267 -41.58 -14.20 26.94
CA PRO D 267 -41.94 -15.50 26.38
C PRO D 267 -42.58 -15.44 25.01
N ASN D 268 -43.20 -14.33 24.64
CA ASN D 268 -44.01 -14.27 23.45
C ASN D 268 -43.46 -13.33 22.40
N LYS D 269 -42.50 -12.50 22.77
CA LYS D 269 -42.02 -11.42 21.93
C LYS D 269 -40.51 -11.49 21.67
N ALA D 270 -39.76 -12.28 22.42
CA ALA D 270 -38.32 -12.34 22.19
C ALA D 270 -38.06 -12.87 20.80
N GLY D 271 -37.02 -12.37 20.17
CA GLY D 271 -36.71 -12.85 18.85
C GLY D 271 -37.67 -12.40 17.76
N THR D 272 -38.51 -11.39 18.03
CA THR D 272 -39.43 -10.83 17.06
C THR D 272 -39.21 -9.33 16.93
N SER D 273 -39.53 -8.78 15.77
CA SER D 273 -39.41 -7.32 15.64
C SER D 273 -40.53 -6.60 16.38
N GLY D 274 -41.61 -7.31 16.73
CA GLY D 274 -42.62 -6.70 17.57
C GLY D 274 -42.08 -6.21 18.90
N VAL D 275 -40.92 -6.73 19.33
CA VAL D 275 -40.34 -6.28 20.60
C VAL D 275 -39.34 -5.16 20.40
N HIS D 276 -39.12 -4.72 19.16
CA HIS D 276 -38.11 -3.70 18.95
C HIS D 276 -38.53 -2.36 19.56
N GLY D 277 -39.78 -1.93 19.33
CA GLY D 277 -40.15 -0.52 19.49
C GLY D 277 -41.51 -0.23 20.06
N ALA D 278 -42.07 -1.16 20.84
CA ALA D 278 -43.29 -0.91 21.60
C ALA D 278 -43.14 -1.50 23.00
N PRO D 279 -43.79 -0.91 24.00
CA PRO D 279 -43.72 -1.53 25.33
C PRO D 279 -44.03 -3.02 25.22
N LEU D 280 -43.40 -3.81 26.09
CA LEU D 280 -43.83 -5.20 26.23
C LEU D 280 -45.34 -5.28 26.44
N GLY D 281 -45.91 -4.35 27.20
CA GLY D 281 -47.28 -4.47 27.65
C GLY D 281 -47.34 -5.15 29.02
N ALA D 282 -48.36 -4.75 29.80
CA ALA D 282 -48.42 -5.12 31.21
C ALA D 282 -48.37 -6.64 31.42
N GLN D 283 -49.06 -7.40 30.58
CA GLN D 283 -49.07 -8.85 30.76
C GLN D 283 -47.71 -9.45 30.42
N GLU D 284 -47.19 -9.16 29.23
CA GLU D 284 -45.90 -9.68 28.81
C GLU D 284 -44.77 -9.20 29.73
N ALA D 285 -44.90 -8.01 30.30
CA ALA D 285 -43.91 -7.60 31.30
C ALA D 285 -43.95 -8.54 32.50
N LYS D 286 -45.16 -8.81 33.03
CA LYS D 286 -45.25 -9.68 34.18
C LYS D 286 -44.73 -11.07 33.85
N LEU D 287 -45.10 -11.59 32.67
CA LEU D 287 -44.66 -12.93 32.27
C LEU D 287 -43.16 -12.99 32.08
N THR D 288 -42.56 -11.89 31.62
CA THR D 288 -41.11 -11.82 31.50
C THR D 288 -40.46 -11.81 32.88
N LYS D 289 -40.95 -10.95 33.78
CA LYS D 289 -40.38 -10.93 35.13
C LYS D 289 -40.43 -12.33 35.73
N GLU D 290 -41.57 -13.00 35.57
CA GLU D 290 -41.72 -14.35 36.10
C GLU D 290 -40.65 -15.27 35.50
N ALA D 291 -40.41 -15.17 34.20
CA ALA D 291 -39.42 -16.05 33.57
C ALA D 291 -38.00 -15.69 33.99
N TYR D 292 -37.75 -14.43 34.34
CA TYR D 292 -36.46 -14.08 34.94
C TYR D 292 -36.30 -14.62 36.36
N ARG D 293 -37.38 -15.15 36.96
CA ARG D 293 -37.42 -15.52 38.38
C ARG D 293 -37.35 -14.29 39.30
N TRP D 294 -37.92 -13.19 38.82
CA TRP D 294 -37.95 -11.90 39.52
C TRP D 294 -39.32 -11.79 40.18
N THR D 295 -39.41 -12.25 41.42
CA THR D 295 -40.67 -12.35 42.13
C THR D 295 -40.94 -11.12 43.00
N PHE D 296 -40.22 -10.02 42.79
CA PHE D 296 -40.46 -8.80 43.56
C PHE D 296 -41.74 -8.13 43.10
N ALA D 297 -42.56 -7.70 44.06
CA ALA D 297 -43.87 -7.13 43.76
C ALA D 297 -43.78 -5.66 43.35
N GLU D 298 -42.88 -4.89 43.96
CA GLU D 298 -42.72 -3.50 43.57
C GLU D 298 -42.09 -3.39 42.18
N ASP D 299 -42.64 -2.51 41.37
CA ASP D 299 -41.98 -2.08 40.15
C ASP D 299 -40.84 -1.11 40.50
N PHE D 300 -39.98 -0.85 39.53
CA PHE D 300 -38.83 0.05 39.72
C PHE D 300 -38.04 -0.32 40.98
N TYR D 301 -37.78 -1.61 41.17
CA TYR D 301 -37.11 -2.10 42.37
C TYR D 301 -35.61 -2.34 42.14
N VAL D 302 -34.79 -1.75 42.99
CA VAL D 302 -33.37 -2.06 43.03
C VAL D 302 -33.08 -2.71 44.38
N PRO D 303 -32.70 -3.99 44.42
CA PRO D 303 -32.10 -4.55 45.63
C PRO D 303 -30.91 -3.74 46.09
N GLU D 304 -30.87 -3.43 47.39
CA GLU D 304 -29.71 -2.73 47.92
C GLU D 304 -28.44 -3.48 47.60
N GLU D 305 -28.50 -4.82 47.58
CA GLU D 305 -27.34 -5.59 47.12
C GLU D 305 -26.86 -5.13 45.74
N VAL D 306 -27.77 -4.71 44.85
CA VAL D 306 -27.33 -4.23 43.54
C VAL D 306 -26.62 -2.89 43.67
N TYR D 307 -27.25 -1.94 44.36
CA TYR D 307 -26.60 -0.65 44.60
C TYR D 307 -25.22 -0.86 45.19
N ALA D 308 -25.13 -1.75 46.18
CA ALA D 308 -23.85 -2.14 46.76
C ALA D 308 -22.90 -2.64 45.70
N HIS D 309 -23.31 -3.67 44.94
CA HIS D 309 -22.48 -4.17 43.84
C HIS D 309 -21.94 -3.05 42.97
N PHE D 310 -22.82 -2.11 42.59
CA PHE D 310 -22.38 -1.08 41.65
C PHE D 310 -21.46 -0.09 42.34
N ARG D 311 -21.61 0.09 43.66
CA ARG D 311 -20.69 0.95 44.38
C ARG D 311 -19.27 0.37 44.41
N ALA D 312 -19.16 -0.97 44.49
CA ALA D 312 -17.84 -1.59 44.62
C ALA D 312 -17.14 -1.78 43.28
N THR D 313 -17.90 -1.88 42.20
CA THR D 313 -17.29 -2.01 40.87
C THR D 313 -17.13 -0.67 40.16
N VAL D 314 -18.06 0.26 40.33
CA VAL D 314 -18.05 1.48 39.52
C VAL D 314 -17.64 2.68 40.35
N GLN D 315 -18.47 3.04 41.32
CA GLN D 315 -18.29 4.28 42.03
C GLN D 315 -16.87 4.38 42.59
N GLU D 316 -16.53 3.53 43.51
CA GLU D 316 -15.32 3.82 44.26
C GLU D 316 -14.07 3.62 43.41
N PRO D 317 -14.03 2.64 42.50
CA PRO D 317 -12.89 2.57 41.58
C PRO D 317 -12.84 3.73 40.60
N GLY D 318 -13.98 4.36 40.30
CA GLY D 318 -13.95 5.56 39.47
C GLY D 318 -13.24 6.72 40.14
N ALA D 319 -13.60 7.01 41.40
CA ALA D 319 -12.94 8.11 42.12
C ALA D 319 -11.45 7.84 42.27
N LYS D 320 -11.07 6.58 42.46
CA LYS D 320 -9.66 6.22 42.47
C LYS D 320 -8.99 6.62 41.16
N LYS D 321 -9.46 6.04 40.06
CA LYS D 321 -8.85 6.28 38.74
C LYS D 321 -8.70 7.77 38.46
N GLU D 322 -9.74 8.57 38.75
CA GLU D 322 -9.63 10.01 38.51
C GLU D 322 -8.55 10.63 39.41
N ALA D 323 -8.58 10.31 40.71
CA ALA D 323 -7.56 10.86 41.60
C ALA D 323 -6.16 10.47 41.13
N LYS D 324 -5.92 9.18 40.89
CA LYS D 324 -4.63 8.80 40.36
C LYS D 324 -4.33 9.43 38.99
N TRP D 325 -5.34 9.89 38.26
CA TRP D 325 -5.07 10.68 37.06
C TRP D 325 -4.86 12.14 37.42
N ASN D 326 -5.67 12.65 38.35
CA ASN D 326 -5.37 13.98 38.88
C ASN D 326 -3.99 14.02 39.52
N GLU D 327 -3.56 12.91 40.13
CA GLU D 327 -2.20 12.81 40.65
C GLU D 327 -1.21 12.86 39.51
N GLN D 328 -1.33 11.92 38.56
CA GLN D 328 -0.47 11.91 37.38
C GLN D 328 -0.54 13.22 36.62
N LEU D 329 -1.46 14.11 36.96
CA LEU D 329 -1.59 15.37 36.24
C LEU D 329 -0.76 16.47 36.89
N ALA D 330 -0.78 16.60 38.22
CA ALA D 330 0.13 17.54 38.84
C ALA D 330 1.58 17.14 38.63
N ALA D 331 1.88 15.84 38.57
CA ALA D 331 3.22 15.40 38.22
C ALA D 331 3.59 15.86 36.82
N TYR D 332 2.59 16.21 36.00
CA TYR D 332 2.78 16.76 34.67
C TYR D 332 2.95 18.28 34.71
N GLU D 333 2.30 18.94 35.66
CA GLU D 333 2.43 20.38 35.84
C GLU D 333 3.86 20.85 36.01
N GLN D 334 4.46 20.55 37.17
CA GLN D 334 5.85 20.94 37.41
C GLN D 334 6.72 20.62 36.21
N ALA D 335 6.57 19.41 35.68
CA ALA D 335 7.46 18.92 34.63
C ALA D 335 7.34 19.74 33.36
N HIS D 336 6.11 20.10 32.97
CA HIS D 336 5.85 20.83 31.72
C HIS D 336 4.79 21.88 31.97
N PRO D 337 5.17 23.01 32.58
CA PRO D 337 4.14 23.97 33.02
C PRO D 337 3.45 24.64 31.84
N GLU D 338 4.21 25.01 30.80
CA GLU D 338 3.64 25.61 29.60
C GLU D 338 2.52 24.73 29.05
N LEU D 339 2.88 23.50 28.70
CA LEU D 339 1.95 22.54 28.11
C LEU D 339 0.71 22.36 28.96
N ALA D 340 0.89 21.98 30.23
CA ALA D 340 -0.23 21.72 31.12
C ALA D 340 -1.14 22.93 31.26
N ALA D 341 -0.59 24.13 31.15
CA ALA D 341 -1.45 25.30 31.11
C ALA D 341 -2.24 25.34 29.82
N GLN D 342 -1.57 25.08 28.70
CA GLN D 342 -2.25 25.07 27.41
C GLN D 342 -3.39 24.05 27.40
N LEU D 343 -3.10 22.82 27.82
CA LEU D 343 -4.14 21.80 27.97
C LEU D 343 -5.28 22.31 28.86
N LYS D 344 -4.94 22.77 30.07
CA LYS D 344 -5.93 23.35 30.97
C LYS D 344 -6.90 24.25 30.22
N ARG D 345 -6.34 25.19 29.47
CA ARG D 345 -7.16 26.13 28.71
C ARG D 345 -7.87 25.45 27.54
N ALA D 346 -7.26 24.44 26.94
CA ALA D 346 -7.89 23.75 25.83
C ALA D 346 -9.15 23.03 26.30
N ILE D 347 -9.03 22.28 27.38
CA ILE D 347 -10.17 21.60 27.98
C ILE D 347 -11.31 22.56 28.28
N GLU D 348 -10.99 23.79 28.66
CA GLU D 348 -11.97 24.75 29.11
C GLU D 348 -12.62 25.53 27.98
N GLY D 349 -12.33 25.22 26.73
CA GLY D 349 -12.93 25.97 25.64
C GLY D 349 -12.31 27.33 25.39
N LYS D 350 -11.25 27.68 26.11
CA LYS D 350 -10.64 29.00 26.00
C LYS D 350 -9.57 29.06 24.92
N LEU D 351 -9.56 30.13 24.19
CA LEU D 351 -8.58 30.37 23.15
C LEU D 351 -7.39 31.20 23.68
N PRO D 352 -6.19 31.09 23.08
CA PRO D 352 -5.06 31.87 23.58
C PRO D 352 -5.30 33.36 23.46
N ASP D 353 -4.92 34.09 24.51
CA ASP D 353 -5.07 35.53 24.59
C ASP D 353 -4.53 36.24 23.35
N GLY D 354 -5.36 37.11 22.78
CA GLY D 354 -4.96 37.93 21.65
C GLY D 354 -4.81 37.19 20.32
N TRP D 355 -5.32 35.95 20.22
CA TRP D 355 -5.17 35.21 18.96
C TRP D 355 -5.67 36.03 17.79
N GLU D 356 -6.68 36.86 18.03
CA GLU D 356 -7.35 37.58 16.96
C GLU D 356 -6.43 38.60 16.30
N ALA D 357 -5.32 38.97 16.96
CA ALA D 357 -4.38 39.92 16.35
C ALA D 357 -3.88 39.39 15.02
N SER D 358 -3.83 38.08 14.87
CA SER D 358 -3.15 37.43 13.74
C SER D 358 -3.99 37.34 12.48
N LEU D 359 -5.26 37.70 12.53
CA LEU D 359 -6.09 37.58 11.35
C LEU D 359 -5.69 38.63 10.32
N PRO D 360 -5.69 38.29 9.04
CA PRO D 360 -5.36 39.30 8.02
C PRO D 360 -6.46 40.32 7.84
N VAL D 361 -6.05 41.55 7.54
CA VAL D 361 -6.94 42.57 7.00
C VAL D 361 -6.54 42.81 5.55
N TYR D 362 -7.54 42.98 4.69
CA TYR D 362 -7.37 43.03 3.25
C TYR D 362 -7.70 44.41 2.72
N GLU D 363 -6.93 44.84 1.71
CA GLU D 363 -7.07 46.13 1.06
C GLU D 363 -8.21 46.16 0.07
N ALA D 364 -8.91 47.29 0.03
CA ALA D 364 -9.86 47.56 -1.04
C ALA D 364 -9.27 47.23 -2.41
N GLY D 365 -10.10 46.66 -3.28
CA GLY D 365 -9.77 46.49 -4.67
C GLY D 365 -9.06 45.20 -5.01
N LYS D 366 -8.41 44.56 -4.05
CA LYS D 366 -7.71 43.32 -4.34
C LYS D 366 -8.69 42.16 -4.37
N SER D 367 -8.69 41.43 -5.47
CA SER D 367 -9.68 40.41 -5.78
C SER D 367 -9.10 39.04 -5.49
N LEU D 368 -9.89 38.21 -4.80
CA LEU D 368 -9.57 36.82 -4.50
C LEU D 368 -10.85 36.14 -4.03
N ALA D 369 -11.02 34.86 -4.37
CA ALA D 369 -12.22 34.16 -3.94
C ALA D 369 -12.24 34.08 -2.42
N THR D 370 -13.44 34.04 -1.84
CA THR D 370 -13.51 33.92 -0.39
C THR D 370 -13.11 32.51 0.06
N ARG D 371 -13.08 31.53 -0.84
CA ARG D 371 -12.36 30.31 -0.51
C ARG D 371 -10.89 30.61 -0.30
N SER D 372 -10.34 31.55 -1.09
CA SER D 372 -8.90 31.79 -1.00
C SER D 372 -8.55 32.57 0.25
N SER D 373 -9.28 33.65 0.54
CA SER D 373 -9.07 34.33 1.82
C SER D 373 -9.43 33.43 3.00
N SER D 374 -10.44 32.55 2.86
CA SER D 374 -10.68 31.56 3.90
C SER D 374 -9.40 30.81 4.19
N GLY D 375 -8.75 30.32 3.13
CA GLY D 375 -7.50 29.57 3.30
C GLY D 375 -6.45 30.37 4.06
N GLU D 376 -6.27 31.65 3.72
CA GLU D 376 -5.27 32.47 4.40
C GLU D 376 -5.61 32.67 5.86
N VAL D 377 -6.90 32.92 6.15
CA VAL D 377 -7.36 33.08 7.53
C VAL D 377 -7.08 31.82 8.31
N ILE D 378 -7.41 30.65 7.75
CA ILE D 378 -7.12 29.39 8.45
C ILE D 378 -5.66 29.34 8.86
N ASN D 379 -4.77 29.59 7.90
CA ASN D 379 -3.36 29.40 8.20
C ASN D 379 -2.89 30.40 9.25
N ALA D 380 -3.48 31.60 9.27
CA ALA D 380 -3.21 32.56 10.33
C ALA D 380 -3.71 32.09 11.69
N ILE D 381 -4.94 31.57 11.75
CA ILE D 381 -5.52 31.13 13.01
C ILE D 381 -4.78 29.91 13.54
N ALA D 382 -4.30 29.06 12.65
CA ALA D 382 -3.63 27.82 13.05
C ALA D 382 -2.29 28.09 13.73
N LYS D 383 -1.54 29.10 13.29
CA LYS D 383 -0.30 29.40 13.99
C LYS D 383 -0.56 30.01 15.36
N ALA D 384 -1.75 30.56 15.58
CA ALA D 384 -2.12 31.17 16.84
C ALA D 384 -3.04 30.31 17.69
N VAL D 385 -3.77 29.38 17.10
CA VAL D 385 -4.64 28.50 17.87
C VAL D 385 -4.22 27.07 17.58
N PRO D 386 -3.39 26.48 18.46
CA PRO D 386 -2.88 25.13 18.18
C PRO D 386 -3.98 24.09 18.18
N GLN D 387 -5.05 24.32 18.95
CA GLN D 387 -6.21 23.44 19.07
C GLN D 387 -7.05 23.37 17.81
N LEU D 388 -6.78 24.21 16.81
CA LEU D 388 -7.53 24.10 15.56
C LEU D 388 -7.08 22.85 14.82
N PHE D 389 -8.03 22.17 14.20
CA PHE D 389 -7.80 20.81 13.75
C PHE D 389 -8.88 20.48 12.75
N GLY D 390 -8.52 20.02 11.56
CA GLY D 390 -9.55 19.61 10.63
C GLY D 390 -9.08 19.14 9.27
N GLY D 391 -9.92 19.31 8.26
CA GLY D 391 -9.58 18.88 6.93
C GLY D 391 -10.76 19.00 5.99
N SER D 392 -10.60 18.37 4.83
CA SER D 392 -11.58 18.42 3.77
C SER D 392 -11.90 16.99 3.35
N ALA D 393 -13.04 16.84 2.67
CA ALA D 393 -13.45 15.54 2.12
C ALA D 393 -12.89 15.39 0.70
N ASP D 394 -11.55 15.24 0.64
CA ASP D 394 -10.79 15.04 -0.61
C ASP D 394 -10.92 16.25 -1.52
N LEU D 395 -11.11 17.43 -0.94
CA LEU D 395 -11.28 18.66 -1.70
C LEU D 395 -10.40 19.76 -1.14
N ALA D 396 -9.33 19.39 -0.42
CA ALA D 396 -8.51 20.40 0.24
C ALA D 396 -7.98 21.42 -0.75
N SER D 397 -7.57 20.98 -1.94
CA SER D 397 -6.93 21.88 -2.89
C SER D 397 -7.92 22.82 -3.56
N SER D 398 -9.19 22.42 -3.67
CA SER D 398 -10.25 23.32 -4.14
C SER D 398 -10.86 24.17 -3.00
N ASN D 399 -11.07 23.59 -1.81
CA ASN D 399 -11.61 24.34 -0.68
C ASN D 399 -10.59 25.30 -0.09
N LYS D 400 -9.31 25.02 -0.27
CA LYS D 400 -8.21 25.80 0.30
C LYS D 400 -8.19 25.67 1.83
N THR D 401 -8.23 24.44 2.32
CA THR D 401 -8.30 24.20 3.76
C THR D 401 -6.99 23.76 4.38
N LEU D 402 -5.93 23.56 3.59
CA LEU D 402 -4.72 22.97 4.12
C LEU D 402 -4.05 23.90 5.11
N ILE D 403 -3.73 23.37 6.30
CA ILE D 403 -2.88 24.09 7.25
C ILE D 403 -1.44 23.85 6.82
N LYS D 404 -0.85 24.81 6.12
CA LYS D 404 0.52 24.67 5.66
C LYS D 404 1.44 24.29 6.82
N GLY D 405 2.27 23.28 6.60
CA GLY D 405 3.19 22.86 7.64
C GLY D 405 2.56 22.29 8.90
N GLY D 406 1.27 21.97 8.88
CA GLY D 406 0.64 21.41 10.07
C GLY D 406 0.77 19.91 10.20
N GLY D 407 1.26 19.25 9.16
CA GLY D 407 1.40 17.81 9.16
C GLY D 407 0.12 17.11 8.75
N ASN D 408 0.25 15.80 8.58
CA ASN D 408 -0.87 14.95 8.23
C ASN D 408 -1.23 14.09 9.42
N PHE D 409 -2.51 14.06 9.74
CA PHE D 409 -3.02 13.20 10.80
C PHE D 409 -2.95 11.75 10.34
N PHE D 410 -2.01 10.98 10.86
CA PHE D 410 -1.79 9.60 10.45
C PHE D 410 -1.34 8.79 11.65
N PRO D 411 -1.54 7.48 11.63
CA PRO D 411 -0.79 6.63 12.56
C PRO D 411 0.70 6.92 12.37
N GLY D 412 1.41 7.12 13.48
CA GLY D 412 2.80 7.55 13.44
C GLY D 412 3.02 9.05 13.44
N SER D 413 1.98 9.84 13.19
CA SER D 413 2.07 11.29 13.24
C SER D 413 0.71 11.85 13.68
N TYR D 414 0.16 11.30 14.75
CA TYR D 414 -1.14 11.77 15.22
C TYR D 414 -1.11 13.23 15.64
N GLU D 415 0.09 13.81 15.74
CA GLU D 415 0.21 15.23 16.01
C GLU D 415 -0.14 16.08 14.78
N GLY D 416 -0.08 15.49 13.58
CA GLY D 416 -0.48 16.23 12.39
C GLY D 416 -1.88 16.76 12.55
N ARG D 417 -2.12 17.95 11.96
CA ARG D 417 -3.36 18.69 12.13
C ARG D 417 -4.25 18.63 10.90
N ASN D 418 -3.81 18.02 9.79
CA ASN D 418 -4.60 17.96 8.57
C ASN D 418 -5.19 16.56 8.45
N VAL D 419 -6.51 16.47 8.52
CA VAL D 419 -7.23 15.21 8.37
C VAL D 419 -7.64 15.04 6.92
N TRP D 420 -7.23 13.92 6.33
CA TRP D 420 -7.59 13.56 4.96
C TRP D 420 -8.80 12.64 5.07
N PHE D 421 -10.00 13.24 5.21
CA PHE D 421 -11.24 12.49 5.38
C PHE D 421 -11.58 11.61 4.19
N GLY D 422 -11.10 11.93 3.00
CA GLY D 422 -11.52 11.23 1.82
C GLY D 422 -12.88 11.67 1.34
N VAL D 423 -13.43 10.93 0.39
CA VAL D 423 -14.72 11.29 -0.20
C VAL D 423 -15.83 10.77 0.72
N ARG D 424 -15.89 11.30 1.93
CA ARG D 424 -16.69 10.79 3.02
C ARG D 424 -17.37 11.93 3.78
N GLU D 425 -18.19 12.73 3.09
CA GLU D 425 -18.70 13.97 3.70
C GLU D 425 -19.51 13.69 4.95
N PHE D 426 -20.33 12.64 4.91
CA PHE D 426 -21.16 12.32 6.05
C PHE D 426 -20.28 11.89 7.22
N ALA D 427 -19.38 10.92 7.02
CA ALA D 427 -18.52 10.56 8.13
C ALA D 427 -17.74 11.76 8.62
N MET D 428 -17.40 12.67 7.73
CA MET D 428 -16.65 13.87 8.16
C MET D 428 -17.49 14.73 9.11
N GLY D 429 -18.74 14.99 8.73
CA GLY D 429 -19.61 15.78 9.59
C GLY D 429 -19.79 15.14 10.96
N ALA D 430 -20.10 13.84 10.97
CA ALA D 430 -20.33 13.12 12.23
C ALA D 430 -19.04 12.99 13.06
N ALA D 431 -17.88 12.83 12.41
CA ALA D 431 -16.65 12.77 13.19
C ALA D 431 -16.37 14.11 13.83
N LEU D 432 -16.56 15.18 13.08
CA LEU D 432 -16.39 16.50 13.66
C LEU D 432 -17.21 16.68 14.93
N ASN D 433 -18.42 16.13 14.96
CA ASN D 433 -19.20 16.27 16.19
C ASN D 433 -18.54 15.50 17.32
N GLY D 434 -18.03 14.31 17.01
CA GLY D 434 -17.33 13.53 18.01
C GLY D 434 -16.07 14.21 18.52
N MET D 435 -15.30 14.82 17.60
CA MET D 435 -14.18 15.66 18.05
C MET D 435 -14.68 16.82 18.91
N ALA D 436 -15.77 17.47 18.51
CA ALA D 436 -16.24 18.57 19.36
C ALA D 436 -16.66 18.03 20.71
N LEU D 437 -17.39 16.91 20.73
CA LEU D 437 -17.98 16.44 21.99
C LEU D 437 -16.91 16.05 22.98
N HIS D 438 -15.79 15.53 22.49
CA HIS D 438 -14.73 15.05 23.37
C HIS D 438 -14.10 16.20 24.14
N GLY D 439 -13.92 17.35 23.49
CA GLY D 439 -13.36 18.53 24.10
C GLY D 439 -11.88 18.71 23.77
N GLY D 440 -11.46 19.96 23.70
CA GLY D 440 -10.07 20.34 23.58
C GLY D 440 -9.67 20.83 22.21
N LEU D 441 -10.50 20.62 21.20
CA LEU D 441 -10.18 21.01 19.84
C LEU D 441 -11.24 21.96 19.32
N LYS D 442 -10.84 22.84 18.41
CA LYS D 442 -11.75 23.54 17.53
C LYS D 442 -11.58 22.93 16.14
N VAL D 443 -12.66 22.36 15.61
CA VAL D 443 -12.57 21.49 14.46
C VAL D 443 -13.38 22.07 13.32
N PHE D 444 -12.90 21.82 12.10
CA PHE D 444 -13.56 22.35 10.91
C PHE D 444 -13.55 21.29 9.81
N GLY D 445 -14.44 21.48 8.84
CA GLY D 445 -14.58 20.49 7.79
C GLY D 445 -14.95 21.13 6.48
N GLY D 446 -14.36 20.65 5.39
CA GLY D 446 -14.50 21.31 4.10
C GLY D 446 -15.06 20.39 3.04
N THR D 447 -15.87 20.98 2.16
CA THR D 447 -16.37 20.36 0.95
C THR D 447 -17.06 21.47 0.13
N PHE D 448 -17.60 21.07 -1.01
CA PHE D 448 -18.44 21.99 -1.77
C PHE D 448 -19.80 22.16 -1.09
N PHE D 449 -20.30 23.40 -1.11
CA PHE D 449 -21.57 23.75 -0.51
C PHE D 449 -22.67 22.81 -0.98
N VAL D 450 -22.61 22.43 -2.25
CA VAL D 450 -23.60 21.56 -2.84
C VAL D 450 -23.59 20.21 -2.17
N PHE D 451 -22.41 19.72 -1.80
CA PHE D 451 -22.29 18.40 -1.18
C PHE D 451 -22.38 18.47 0.33
N SER D 452 -22.75 19.63 0.88
CA SER D 452 -23.20 19.66 2.25
C SER D 452 -24.41 18.76 2.41
N ASP D 453 -25.18 18.56 1.33
CA ASP D 453 -26.35 17.69 1.41
C ASP D 453 -25.96 16.29 1.89
N TYR D 454 -24.76 15.83 1.55
CA TYR D 454 -24.33 14.47 1.94
C TYR D 454 -24.11 14.31 3.44
N LEU D 455 -23.86 15.40 4.19
CA LEU D 455 -23.71 15.33 5.63
C LEU D 455 -24.85 16.05 6.37
N ARG D 456 -25.98 16.25 5.72
CA ARG D 456 -27.03 17.07 6.31
C ARG D 456 -27.48 16.55 7.68
N PRO D 457 -27.60 15.24 7.92
CA PRO D 457 -28.03 14.77 9.24
C PRO D 457 -27.01 15.04 10.35
N ALA D 458 -25.72 15.13 10.01
CA ALA D 458 -24.74 15.50 11.01
C ALA D 458 -24.78 17.00 11.29
N ILE D 459 -24.95 17.82 10.26
CA ILE D 459 -25.22 19.23 10.52
C ILE D 459 -26.36 19.36 11.53
N ARG D 460 -27.48 18.64 11.29
CA ARG D 460 -28.63 18.79 12.18
C ARG D 460 -28.27 18.34 13.59
N LEU D 461 -27.45 17.29 13.68
CA LEU D 461 -27.08 16.83 15.01
C LEU D 461 -26.14 17.80 15.70
N ALA D 462 -25.23 18.47 14.96
CA ALA D 462 -24.45 19.51 15.63
C ALA D 462 -25.38 20.62 16.15
N ALA D 463 -26.36 21.02 15.34
CA ALA D 463 -27.24 22.10 15.78
C ALA D 463 -28.02 21.67 17.02
N LEU D 464 -28.49 20.42 17.02
CA LEU D 464 -29.28 19.92 18.16
C LEU D 464 -28.45 19.88 19.44
N MET D 465 -27.16 19.59 19.33
CA MET D 465 -26.31 19.45 20.51
C MET D 465 -25.65 20.77 20.93
N GLY D 466 -25.58 21.74 20.04
CA GLY D 466 -24.91 22.99 20.34
C GLY D 466 -23.41 22.95 20.15
N LEU D 467 -22.96 22.21 19.15
CA LEU D 467 -21.53 22.00 18.98
C LEU D 467 -20.95 23.07 18.08
N PRO D 468 -19.89 23.77 18.50
CA PRO D 468 -19.33 24.86 17.67
C PRO D 468 -18.36 24.36 16.60
N VAL D 469 -18.80 23.38 15.79
CA VAL D 469 -18.01 22.94 14.65
C VAL D 469 -18.15 23.99 13.56
N ILE D 470 -17.27 23.95 12.57
CA ILE D 470 -17.21 24.95 11.50
C ILE D 470 -17.21 24.22 10.16
N TYR D 471 -18.15 24.58 9.28
CA TYR D 471 -18.17 24.00 7.93
C TYR D 471 -17.62 25.01 6.92
N VAL D 472 -16.61 24.58 6.17
CA VAL D 472 -16.01 25.40 5.10
C VAL D 472 -16.65 24.96 3.80
N LEU D 473 -17.68 25.67 3.36
CA LEU D 473 -18.50 25.24 2.23
C LEU D 473 -18.26 26.18 1.05
N THR D 474 -17.51 25.71 0.05
CA THR D 474 -17.02 26.57 -1.02
C THR D 474 -17.83 26.27 -2.27
N HIS D 475 -17.48 26.91 -3.38
CA HIS D 475 -18.21 26.66 -4.63
C HIS D 475 -19.71 26.95 -4.44
N ASP D 476 -19.98 28.15 -3.91
CA ASP D 476 -21.27 28.41 -3.31
C ASP D 476 -22.39 28.71 -4.30
N SER D 477 -22.15 28.78 -5.61
CA SER D 477 -23.20 29.28 -6.48
C SER D 477 -22.99 28.82 -7.92
N ILE D 478 -23.85 29.35 -8.80
CA ILE D 478 -23.76 29.14 -10.23
C ILE D 478 -22.48 29.69 -10.82
N ALA D 479 -21.72 30.46 -10.04
CA ALA D 479 -20.47 30.97 -10.55
C ALA D 479 -19.44 29.86 -10.72
N VAL D 480 -19.63 28.73 -10.02
CA VAL D 480 -18.79 27.54 -10.20
C VAL D 480 -18.57 27.30 -11.69
N GLY D 481 -19.61 27.42 -12.47
CA GLY D 481 -19.48 27.49 -13.92
C GLY D 481 -19.52 26.11 -14.59
N GLU D 482 -18.36 25.66 -15.06
CA GLU D 482 -18.34 24.55 -16.02
C GLU D 482 -18.83 23.26 -15.40
N ASP D 483 -18.55 23.03 -14.12
CA ASP D 483 -18.92 21.73 -13.59
C ASP D 483 -20.43 21.47 -13.69
N GLY D 484 -21.26 22.50 -13.86
CA GLY D 484 -22.66 22.31 -14.16
C GLY D 484 -23.58 22.21 -12.95
N PRO D 485 -24.85 21.87 -13.19
CA PRO D 485 -25.88 22.09 -12.15
C PRO D 485 -25.78 21.16 -10.96
N THR D 486 -25.20 19.96 -11.10
CA THR D 486 -24.99 19.08 -9.95
C THR D 486 -24.01 19.66 -8.95
N HIS D 487 -23.24 20.67 -9.34
CA HIS D 487 -22.18 21.23 -8.52
C HIS D 487 -22.48 22.67 -8.11
N GLU D 488 -23.62 23.19 -8.49
CA GLU D 488 -23.94 24.61 -8.31
C GLU D 488 -25.12 24.73 -7.34
N PRO D 489 -24.91 25.16 -6.10
CA PRO D 489 -26.03 25.27 -5.16
C PRO D 489 -27.10 26.20 -5.68
N ILE D 490 -28.35 25.95 -5.24
CA ILE D 490 -29.46 26.88 -5.39
C ILE D 490 -30.22 27.01 -4.08
N GLU D 491 -30.76 25.90 -3.61
CA GLU D 491 -31.58 25.80 -2.41
C GLU D 491 -30.80 25.61 -1.11
N GLN D 492 -29.48 25.40 -1.19
CA GLN D 492 -28.75 25.00 0.02
C GLN D 492 -28.71 26.12 1.08
N LEU D 493 -28.68 27.39 0.66
CA LEU D 493 -28.72 28.49 1.62
C LEU D 493 -30.02 28.49 2.43
N ALA D 494 -31.15 28.45 1.72
CA ALA D 494 -32.44 28.42 2.38
C ALA D 494 -32.54 27.24 3.31
N SER D 495 -32.12 26.07 2.84
CA SER D 495 -32.32 24.84 3.57
C SER D 495 -31.51 24.84 4.87
N LEU D 496 -30.54 25.75 5.02
CA LEU D 496 -29.79 25.89 6.27
C LEU D 496 -30.30 27.02 7.15
N ARG D 497 -30.69 28.15 6.56
CA ARG D 497 -31.35 29.21 7.29
C ARG D 497 -32.58 28.71 8.06
N ALA D 498 -33.28 27.70 7.53
CA ALA D 498 -34.49 27.23 8.18
C ALA D 498 -34.19 26.32 9.35
N MET D 499 -32.91 25.95 9.54
CA MET D 499 -32.50 25.00 10.58
C MET D 499 -32.23 25.73 11.89
N PRO D 500 -32.94 25.39 12.98
CA PRO D 500 -32.70 26.02 14.28
C PRO D 500 -31.25 25.84 14.73
N ASN D 501 -30.73 26.87 15.41
CA ASN D 501 -29.43 26.82 16.10
C ASN D 501 -28.28 26.45 15.17
N LEU D 502 -28.33 26.91 13.93
CA LEU D 502 -27.21 26.86 12.99
C LEU D 502 -26.96 28.26 12.48
N SER D 503 -25.73 28.75 12.65
CA SER D 503 -25.31 30.02 12.10
C SER D 503 -24.84 29.78 10.67
N VAL D 504 -25.38 30.54 9.73
CA VAL D 504 -24.92 30.50 8.33
C VAL D 504 -24.37 31.86 7.99
N ILE D 505 -23.12 31.90 7.53
CA ILE D 505 -22.49 33.18 7.23
C ILE D 505 -21.93 33.13 5.81
N ARG D 506 -22.36 34.07 4.97
CA ARG D 506 -21.99 34.11 3.57
C ARG D 506 -21.26 35.43 3.34
N PRO D 507 -19.97 35.46 3.61
CA PRO D 507 -19.27 36.75 3.65
C PRO D 507 -19.21 37.43 2.29
N ALA D 508 -19.28 38.76 2.29
CA ALA D 508 -19.27 39.51 1.04
C ALA D 508 -17.89 39.60 0.39
N ASP D 509 -16.79 39.51 1.13
CA ASP D 509 -15.44 39.68 0.60
C ASP D 509 -14.44 39.16 1.63
N ALA D 510 -13.16 39.37 1.36
CA ALA D 510 -12.10 38.83 2.21
C ALA D 510 -12.18 39.36 3.64
N ASN D 511 -12.66 40.58 3.83
CA ASN D 511 -12.73 41.11 5.18
C ASN D 511 -13.93 40.54 5.93
N GLU D 512 -15.09 40.49 5.30
CA GLU D 512 -16.20 39.76 5.92
C GLU D 512 -15.82 38.32 6.20
N THR D 513 -14.96 37.73 5.38
CA THR D 513 -14.58 36.34 5.59
C THR D 513 -13.73 36.17 6.86
N ALA D 514 -12.73 37.04 7.07
CA ALA D 514 -11.95 36.90 8.30
C ALA D 514 -12.84 37.09 9.54
N ALA D 515 -13.80 38.00 9.47
CA ALA D 515 -14.74 38.21 10.57
C ALA D 515 -15.65 37.00 10.76
N ALA D 516 -16.05 36.35 9.67
CA ALA D 516 -16.89 35.17 9.79
C ALA D 516 -16.13 34.07 10.50
N TRP D 517 -14.92 33.76 10.00
CA TRP D 517 -14.07 32.78 10.62
C TRP D 517 -13.86 33.04 12.10
N ARG D 518 -13.75 34.31 12.49
CA ARG D 518 -13.47 34.64 13.88
C ARG D 518 -14.68 34.40 14.76
N LEU D 519 -15.85 34.87 14.33
CA LEU D 519 -17.09 34.57 15.06
C LEU D 519 -17.33 33.06 15.14
N ALA D 520 -16.99 32.34 14.07
CA ALA D 520 -17.17 30.89 14.06
C ALA D 520 -16.31 30.25 15.13
N LEU D 521 -15.09 30.76 15.34
CA LEU D 521 -14.20 30.21 16.35
C LEU D 521 -14.56 30.71 17.73
N GLU D 522 -15.15 31.91 17.82
CA GLU D 522 -15.62 32.41 19.10
C GLU D 522 -16.90 31.68 19.56
N SER D 523 -17.65 31.08 18.64
CA SER D 523 -18.83 30.31 19.03
C SER D 523 -18.49 29.23 20.04
N THR D 524 -19.40 29.05 20.98
CA THR D 524 -19.33 28.01 21.97
C THR D 524 -20.52 27.08 21.91
N ASP D 525 -21.60 27.46 21.25
CA ASP D 525 -22.86 26.76 21.45
C ASP D 525 -23.65 26.55 20.17
N LYS D 526 -23.10 26.87 19.00
CA LYS D 526 -23.82 26.50 17.80
C LYS D 526 -22.83 26.29 16.66
N PRO D 527 -23.12 25.36 15.77
CA PRO D 527 -22.32 25.23 14.56
C PRO D 527 -22.41 26.49 13.72
N THR D 528 -21.35 26.72 12.95
CA THR D 528 -21.31 27.80 11.96
C THR D 528 -20.96 27.21 10.60
N ALA D 529 -21.79 27.51 9.61
CA ALA D 529 -21.49 27.18 8.21
C ALA D 529 -20.98 28.44 7.52
N LEU D 530 -19.83 28.33 6.85
CA LEU D 530 -19.25 29.43 6.09
C LEU D 530 -19.42 29.11 4.61
N VAL D 531 -20.08 30.00 3.90
CA VAL D 531 -20.49 29.77 2.51
C VAL D 531 -19.59 30.61 1.64
N LEU D 532 -18.74 30.00 0.85
CA LEU D 532 -17.65 30.73 0.20
C LEU D 532 -17.63 30.48 -1.30
N THR D 533 -16.90 31.35 -1.99
CA THR D 533 -16.96 31.41 -3.43
C THR D 533 -15.89 30.57 -4.07
N ARG D 534 -16.16 30.20 -5.31
CA ARG D 534 -15.10 29.70 -6.17
C ARG D 534 -14.32 30.84 -6.80
N GLN D 535 -15.04 31.88 -7.28
CA GLN D 535 -14.50 32.94 -8.12
C GLN D 535 -13.97 34.12 -7.29
N ASP D 536 -13.12 34.95 -7.92
CA ASP D 536 -12.57 36.12 -7.25
C ASP D 536 -13.68 37.09 -6.85
N VAL D 537 -13.42 37.82 -5.79
CA VAL D 537 -14.37 38.79 -5.24
C VAL D 537 -13.53 39.98 -4.79
N PRO D 538 -13.61 41.12 -5.49
CA PRO D 538 -12.88 42.31 -5.03
C PRO D 538 -13.22 42.65 -3.59
N THR D 539 -12.19 42.92 -2.80
CA THR D 539 -12.39 43.41 -1.46
C THR D 539 -13.07 44.78 -1.53
N LEU D 540 -14.15 44.95 -0.79
CA LEU D 540 -14.85 46.23 -0.69
C LEU D 540 -14.08 47.21 0.18
N ALA D 541 -14.39 48.50 0.01
CA ALA D 541 -13.61 49.55 0.66
C ALA D 541 -13.98 49.76 2.13
N ALA D 542 -15.20 49.42 2.52
CA ALA D 542 -15.62 49.70 3.88
C ALA D 542 -15.43 48.52 4.82
N THR D 543 -15.19 47.31 4.31
CA THR D 543 -15.31 46.13 5.16
C THR D 543 -14.16 46.04 6.17
N ALA D 544 -12.97 46.49 5.77
CA ALA D 544 -11.83 46.52 6.70
C ALA D 544 -12.22 47.15 8.04
N GLU D 545 -12.92 48.28 8.01
CA GLU D 545 -13.36 48.87 9.27
C GLU D 545 -14.63 48.22 9.81
N LEU D 546 -15.56 47.76 8.95
CA LEU D 546 -16.91 47.43 9.39
C LEU D 546 -17.16 45.95 9.55
N ALA D 547 -16.34 45.10 8.95
CA ALA D 547 -16.72 43.71 8.78
C ALA D 547 -17.11 43.05 10.10
N TYR D 548 -16.31 43.24 11.14
CA TYR D 548 -16.47 42.43 12.35
C TYR D 548 -17.78 42.74 13.05
N GLU D 549 -17.92 43.98 13.51
CA GLU D 549 -19.19 44.39 14.09
C GLU D 549 -20.33 44.15 13.11
N GLY D 550 -20.08 44.37 11.81
CA GLY D 550 -21.12 44.20 10.80
C GLY D 550 -21.60 42.77 10.68
N VAL D 551 -20.66 41.88 10.38
CA VAL D 551 -21.00 40.47 10.32
C VAL D 551 -21.57 40.04 11.67
N LYS D 552 -20.98 40.52 12.76
CA LYS D 552 -21.43 40.09 14.09
C LYS D 552 -22.89 40.41 14.30
N LYS D 553 -23.37 41.47 13.66
CA LYS D 553 -24.75 41.87 13.80
C LYS D 553 -25.62 41.37 12.65
N GLY D 554 -25.10 40.42 11.85
CA GLY D 554 -25.88 39.76 10.82
C GLY D 554 -26.08 40.55 9.55
N ALA D 555 -26.38 41.84 9.69
CA ALA D 555 -26.52 42.73 8.55
C ALA D 555 -26.15 44.14 8.96
N TYR D 556 -25.57 44.89 8.02
CA TYR D 556 -25.20 46.28 8.25
C TYR D 556 -25.27 47.04 6.94
N VAL D 557 -25.16 48.35 7.04
CA VAL D 557 -25.14 49.18 5.83
C VAL D 557 -23.70 49.27 5.38
N VAL D 558 -23.38 48.55 4.32
CA VAL D 558 -21.98 48.51 3.89
C VAL D 558 -21.68 49.71 3.01
N SER D 559 -22.69 50.43 2.58
CA SER D 559 -22.46 51.48 1.60
C SER D 559 -23.64 52.46 1.58
N PRO D 560 -23.68 53.41 2.52
CA PRO D 560 -24.87 54.28 2.61
C PRO D 560 -25.05 55.14 1.36
N ALA D 561 -26.30 55.38 1.01
CA ALA D 561 -26.55 56.39 -0.01
C ALA D 561 -25.67 57.59 0.29
N LYS D 562 -24.84 57.98 -0.68
CA LYS D 562 -24.02 59.18 -0.51
C LYS D 562 -24.91 60.35 -0.12
N ASN D 563 -25.98 60.57 -0.89
CA ASN D 563 -27.07 61.47 -0.54
C ASN D 563 -27.30 61.57 0.97
N GLY D 564 -27.37 60.42 1.65
CA GLY D 564 -27.96 60.35 2.96
C GLY D 564 -29.46 60.15 2.94
N ALA D 565 -30.07 60.18 1.76
CA ALA D 565 -31.52 60.10 1.59
C ALA D 565 -31.79 59.07 0.52
N PRO D 566 -31.66 57.79 0.85
CA PRO D 566 -31.78 56.77 -0.20
C PRO D 566 -33.21 56.67 -0.69
N GLU D 567 -33.33 56.53 -2.00
CA GLU D 567 -34.63 56.25 -2.61
C GLU D 567 -34.98 54.78 -2.55
N ALA D 568 -34.03 53.92 -2.20
CA ALA D 568 -34.26 52.49 -2.20
C ALA D 568 -33.05 51.80 -1.59
N LEU D 569 -33.28 50.56 -1.18
CA LEU D 569 -32.27 49.72 -0.56
C LEU D 569 -31.97 48.56 -1.49
N LEU D 570 -30.69 48.28 -1.72
CA LEU D 570 -30.25 47.03 -2.36
C LEU D 570 -29.76 46.07 -1.28
N LEU D 571 -30.47 44.96 -1.11
CA LEU D 571 -30.10 43.90 -0.17
C LEU D 571 -29.34 42.79 -0.91
N ALA D 572 -28.15 42.45 -0.42
CA ALA D 572 -27.34 41.40 -1.05
C ALA D 572 -26.58 40.63 0.02
N THR D 573 -26.09 39.47 -0.38
CA THR D 573 -25.21 38.66 0.44
C THR D 573 -24.04 38.19 -0.42
N GLY D 574 -22.96 37.83 0.25
CA GLY D 574 -21.84 37.21 -0.42
C GLY D 574 -21.38 38.03 -1.60
N SER D 575 -20.99 37.31 -2.66
CA SER D 575 -20.52 37.93 -3.89
C SER D 575 -21.46 38.98 -4.44
N GLU D 576 -22.75 38.88 -4.16
CA GLU D 576 -23.70 39.82 -4.73
C GLU D 576 -23.65 41.19 -4.07
N VAL D 577 -22.99 41.33 -2.92
CA VAL D 577 -22.80 42.65 -2.34
C VAL D 577 -21.93 43.49 -3.27
N GLY D 578 -20.87 42.87 -3.81
CA GLY D 578 -20.07 43.56 -4.81
C GLY D 578 -20.89 44.04 -6.00
N LEU D 579 -21.79 43.19 -6.51
CA LEU D 579 -22.63 43.62 -7.62
C LEU D 579 -23.50 44.80 -7.24
N ALA D 580 -24.13 44.75 -6.07
CA ALA D 580 -25.05 45.81 -5.68
C ALA D 580 -24.34 47.15 -5.55
N VAL D 581 -23.04 47.13 -5.25
CA VAL D 581 -22.26 48.35 -5.10
C VAL D 581 -21.91 48.95 -6.46
N LYS D 582 -21.45 48.13 -7.41
CA LYS D 582 -21.31 48.64 -8.77
C LYS D 582 -22.62 49.28 -9.26
N ALA D 583 -23.76 48.64 -8.98
CA ALA D 583 -25.04 49.16 -9.42
C ALA D 583 -25.39 50.46 -8.69
N GLN D 584 -25.12 50.51 -7.39
CA GLN D 584 -25.26 51.75 -6.66
C GLN D 584 -24.47 52.85 -7.35
N GLU D 585 -23.28 52.50 -7.87
CA GLU D 585 -22.42 53.49 -8.53
C GLU D 585 -23.05 54.00 -9.84
N ALA D 586 -23.56 53.08 -10.67
CA ALA D 586 -24.18 53.51 -11.92
C ALA D 586 -25.48 54.26 -11.64
N LEU D 587 -26.21 53.84 -10.61
CA LEU D 587 -27.42 54.56 -10.26
C LEU D 587 -27.08 56.01 -9.94
N ALA D 588 -26.05 56.24 -9.14
CA ALA D 588 -25.73 57.60 -8.75
C ALA D 588 -25.20 58.40 -9.94
N ALA D 589 -24.47 57.74 -10.84
CA ALA D 589 -24.10 58.39 -12.09
C ALA D 589 -25.31 58.98 -12.80
N GLU D 590 -26.51 58.51 -12.47
CA GLU D 590 -27.75 59.11 -12.95
C GLU D 590 -28.52 59.87 -11.87
N GLY D 591 -27.90 60.14 -10.73
CA GLY D 591 -28.55 60.93 -9.71
C GLY D 591 -29.59 60.19 -8.90
N ILE D 592 -29.51 58.86 -8.85
CA ILE D 592 -30.41 58.06 -8.05
C ILE D 592 -29.59 57.39 -6.96
N HIS D 593 -30.01 57.55 -5.73
CA HIS D 593 -29.23 57.14 -4.57
C HIS D 593 -29.93 56.05 -3.80
N VAL D 594 -29.20 54.99 -3.53
CA VAL D 594 -29.72 53.83 -2.81
C VAL D 594 -28.62 53.39 -1.87
N SER D 595 -29.02 52.74 -0.78
CA SER D 595 -28.11 52.18 0.20
C SER D 595 -27.91 50.71 -0.11
N VAL D 596 -26.69 50.22 0.04
CA VAL D 596 -26.41 48.79 -0.11
C VAL D 596 -26.27 48.20 1.28
N ILE D 597 -27.05 47.15 1.53
CA ILE D 597 -27.03 46.38 2.77
C ILE D 597 -26.36 45.04 2.49
N SER D 598 -25.28 44.75 3.18
CA SER D 598 -24.74 43.40 3.21
C SER D 598 -25.38 42.63 4.34
N MET D 599 -25.91 41.44 4.02
CA MET D 599 -26.63 40.58 4.96
C MET D 599 -25.91 39.24 5.11
N PRO D 600 -24.70 39.26 5.65
CA PRO D 600 -23.94 38.02 5.72
C PRO D 600 -24.56 36.95 6.62
N SER D 601 -25.47 37.31 7.55
CA SER D 601 -26.05 36.30 8.45
C SER D 601 -27.46 36.69 8.88
N TRP D 602 -28.46 36.05 8.28
CA TRP D 602 -29.84 36.26 8.71
C TRP D 602 -30.03 35.88 10.18
N ASP D 603 -29.38 34.82 10.65
CA ASP D 603 -29.61 34.40 12.03
C ASP D 603 -28.99 35.40 13.00
N ARG D 604 -27.82 35.92 12.68
CA ARG D 604 -27.28 36.88 13.62
C ARG D 604 -28.07 38.17 13.56
N PHE D 605 -28.74 38.45 12.43
CA PHE D 605 -29.49 39.70 12.26
C PHE D 605 -30.84 39.64 12.95
N GLU D 606 -31.51 38.49 12.91
CA GLU D 606 -32.73 38.33 13.68
C GLU D 606 -32.46 38.30 15.18
N ALA D 607 -31.21 38.09 15.57
CA ALA D 607 -30.87 38.10 16.98
C ALA D 607 -30.70 39.51 17.52
N GLN D 608 -30.68 40.52 16.65
CA GLN D 608 -30.49 41.90 17.07
C GLN D 608 -31.83 42.51 17.48
N PRO D 609 -31.79 43.66 18.14
CA PRO D 609 -33.04 44.36 18.47
C PRO D 609 -33.69 44.97 17.23
N LYS D 610 -35.02 44.97 17.24
CA LYS D 610 -35.82 45.68 16.23
C LYS D 610 -35.26 47.08 16.02
N SER D 611 -34.74 47.69 17.09
CA SER D 611 -34.12 48.99 16.98
C SER D 611 -32.96 48.99 15.97
N TYR D 612 -32.05 48.02 16.07
CA TYR D 612 -30.95 47.96 15.13
C TYR D 612 -31.45 47.59 13.72
N ARG D 613 -32.35 46.61 13.64
CA ARG D 613 -32.89 46.14 12.37
C ARG D 613 -33.62 47.24 11.59
N ASP D 614 -34.38 48.10 12.27
CA ASP D 614 -35.11 49.16 11.58
C ASP D 614 -34.19 50.28 11.15
N GLU D 615 -33.01 50.36 11.76
CA GLU D 615 -31.98 51.28 11.33
C GLU D 615 -31.14 50.72 10.18
N VAL D 616 -30.95 49.40 10.10
CA VAL D 616 -30.35 48.83 8.91
C VAL D 616 -31.35 48.85 7.76
N LEU D 617 -32.62 48.60 8.05
CA LEU D 617 -33.66 48.51 7.03
C LEU D 617 -34.79 49.47 7.42
N PRO D 618 -34.70 50.74 7.02
CA PRO D 618 -35.69 51.75 7.46
C PRO D 618 -37.07 51.47 6.91
N PRO D 619 -38.05 51.29 7.78
CA PRO D 619 -39.42 51.08 7.29
C PRO D 619 -39.87 52.20 6.38
N ALA D 620 -39.25 53.38 6.53
CA ALA D 620 -39.59 54.49 5.66
C ALA D 620 -39.24 54.21 4.21
N VAL D 621 -38.18 53.44 3.94
CA VAL D 621 -37.69 53.21 2.58
C VAL D 621 -38.23 51.86 2.10
N THR D 622 -39.34 51.91 1.37
CA THR D 622 -40.05 50.70 1.01
C THR D 622 -39.59 50.09 -0.31
N LYS D 623 -38.79 50.80 -1.10
CA LYS D 623 -38.34 50.25 -2.39
C LYS D 623 -37.05 49.47 -2.15
N ARG D 624 -37.16 48.14 -2.19
CA ARG D 624 -36.08 47.26 -1.76
C ARG D 624 -35.93 46.14 -2.76
N LEU D 625 -34.71 45.98 -3.27
CA LEU D 625 -34.37 44.92 -4.20
C LEU D 625 -33.35 44.05 -3.50
N ALA D 626 -33.69 42.77 -3.34
CA ALA D 626 -32.76 41.76 -2.83
C ALA D 626 -32.06 41.09 -4.02
N ILE D 627 -30.76 40.87 -3.87
CA ILE D 627 -29.92 40.28 -4.92
C ILE D 627 -29.11 39.14 -4.32
N GLU D 628 -29.39 37.91 -4.75
CA GLU D 628 -28.70 36.74 -4.22
C GLU D 628 -28.83 35.60 -5.21
N MET D 629 -27.71 34.92 -5.46
CA MET D 629 -27.68 33.82 -6.41
C MET D 629 -28.05 32.51 -5.72
N GLY D 630 -29.32 32.47 -5.31
CA GLY D 630 -29.89 31.34 -4.59
C GLY D 630 -31.40 31.42 -4.62
N ALA D 631 -32.06 30.38 -4.08
CA ALA D 631 -33.51 30.38 -3.98
C ALA D 631 -34.05 31.65 -3.31
N SER D 632 -35.26 32.05 -3.69
CA SER D 632 -35.85 33.27 -3.14
C SER D 632 -36.48 33.07 -1.77
N LEU D 633 -36.69 31.83 -1.34
CA LEU D 633 -37.43 31.56 -0.13
C LEU D 633 -36.89 32.31 1.07
N GLY D 634 -37.77 33.10 1.70
CA GLY D 634 -37.44 33.90 2.86
C GLY D 634 -37.24 35.38 2.60
N TRP D 635 -36.90 35.76 1.36
CA TRP D 635 -36.50 37.13 1.10
C TRP D 635 -37.65 38.10 1.23
N GLU D 636 -38.91 37.60 1.12
CA GLU D 636 -40.08 38.45 1.29
C GLU D 636 -40.05 39.13 2.64
N ARG D 637 -39.61 38.39 3.65
CA ARG D 637 -39.48 38.95 4.98
C ARG D 637 -38.76 40.28 4.94
N TYR D 638 -37.75 40.42 4.07
CA TYR D 638 -36.86 41.57 4.12
C TYR D 638 -37.13 42.59 3.04
N VAL D 639 -37.73 42.19 1.92
CA VAL D 639 -37.95 43.14 0.84
C VAL D 639 -39.23 43.93 1.02
N GLY D 640 -40.24 43.35 1.64
CA GLY D 640 -41.50 44.03 1.85
C GLY D 640 -42.50 43.79 0.73
N ALA D 641 -43.66 44.41 0.92
CA ALA D 641 -44.74 44.25 -0.04
C ALA D 641 -44.46 45.05 -1.30
N GLU D 642 -43.71 46.15 -1.16
CA GLU D 642 -43.36 47.02 -2.27
C GLU D 642 -41.97 46.71 -2.80
N GLY D 643 -41.51 45.47 -2.68
CA GLY D 643 -40.12 45.12 -2.91
C GLY D 643 -39.96 44.11 -4.02
N ASP D 644 -38.73 43.97 -4.50
CA ASP D 644 -38.44 43.08 -5.62
C ASP D 644 -37.31 42.13 -5.24
N ILE D 645 -37.24 40.98 -5.93
CA ILE D 645 -36.25 39.95 -5.61
C ILE D 645 -35.57 39.42 -6.86
N LEU D 646 -34.26 39.59 -6.91
CA LEU D 646 -33.43 39.13 -8.01
C LEU D 646 -32.68 37.90 -7.51
N ALA D 647 -33.23 36.73 -7.76
CA ALA D 647 -32.69 35.50 -7.18
C ALA D 647 -32.74 34.41 -8.24
N ILE D 648 -32.51 33.15 -7.83
CA ILE D 648 -32.55 32.01 -8.76
C ILE D 648 -33.41 30.91 -8.14
N ASP D 649 -34.46 30.51 -8.84
CA ASP D 649 -35.36 29.44 -8.40
C ASP D 649 -35.44 28.31 -9.41
N ARG D 650 -34.33 28.03 -10.06
CA ARG D 650 -34.24 26.93 -11.00
C ARG D 650 -32.83 26.40 -10.86
N PHE D 651 -32.54 25.30 -11.54
CA PHE D 651 -31.21 24.73 -11.42
C PHE D 651 -30.23 25.44 -12.37
N GLY D 652 -28.95 25.21 -12.15
CA GLY D 652 -27.88 25.89 -12.86
C GLY D 652 -27.66 25.37 -14.27
N ALA D 653 -26.43 25.51 -14.75
CA ALA D 653 -26.03 25.08 -16.10
C ALA D 653 -24.51 24.95 -16.14
N SER D 654 -24.01 24.34 -17.22
CA SER D 654 -22.58 24.13 -17.42
C SER D 654 -22.09 25.14 -18.44
N ALA D 655 -21.21 26.04 -17.99
CA ALA D 655 -20.70 27.15 -18.81
C ALA D 655 -19.74 28.00 -17.98
N PRO D 656 -18.89 28.81 -18.58
CA PRO D 656 -18.13 29.76 -17.75
C PRO D 656 -19.07 30.48 -16.79
N GLY D 657 -18.65 30.60 -15.53
CA GLY D 657 -19.54 31.20 -14.54
C GLY D 657 -19.96 32.61 -14.92
N GLU D 658 -19.02 33.39 -15.43
CA GLU D 658 -19.30 34.71 -15.98
C GLU D 658 -20.56 34.67 -16.83
N LYS D 659 -20.67 33.64 -17.67
CA LYS D 659 -21.77 33.59 -18.61
C LYS D 659 -23.08 33.21 -17.96
N ILE D 660 -23.08 32.20 -17.08
CA ILE D 660 -24.29 31.81 -16.38
C ILE D 660 -24.84 33.00 -15.60
N MET D 661 -24.00 33.58 -14.75
CA MET D 661 -24.38 34.74 -13.95
C MET D 661 -25.03 35.82 -14.80
N ALA D 662 -24.39 36.14 -15.93
CA ALA D 662 -24.97 37.13 -16.82
C ALA D 662 -26.32 36.64 -17.36
N GLU D 663 -26.38 35.39 -17.82
CA GLU D 663 -27.64 34.94 -18.39
C GLU D 663 -28.74 34.85 -17.34
N TYR D 664 -28.38 34.63 -16.06
CA TYR D 664 -29.38 34.55 -15.01
C TYR D 664 -29.75 35.92 -14.45
N GLY D 665 -29.29 37.01 -15.06
CA GLY D 665 -29.70 38.35 -14.68
C GLY D 665 -28.85 39.05 -13.66
N PHE D 666 -27.68 38.50 -13.32
CA PHE D 666 -26.81 39.10 -12.33
C PHE D 666 -25.73 39.94 -13.00
N THR D 667 -26.19 41.00 -13.67
CA THR D 667 -25.33 42.01 -14.24
C THR D 667 -25.68 43.36 -13.65
N VAL D 668 -24.73 44.27 -13.70
CA VAL D 668 -24.98 45.63 -13.19
C VAL D 668 -26.15 46.27 -13.96
N ASP D 669 -26.20 46.07 -15.28
CA ASP D 669 -27.30 46.67 -16.07
C ASP D 669 -28.66 46.15 -15.61
N ASN D 670 -28.76 44.87 -15.25
CA ASN D 670 -30.05 44.36 -14.84
C ASN D 670 -30.42 44.83 -13.43
N VAL D 671 -29.45 44.97 -12.52
CA VAL D 671 -29.78 45.52 -11.20
C VAL D 671 -30.24 46.96 -11.35
N VAL D 672 -29.53 47.74 -12.18
CA VAL D 672 -29.95 49.13 -12.41
C VAL D 672 -31.37 49.16 -12.95
N ARG D 673 -31.64 48.33 -13.96
CA ARG D 673 -32.97 48.32 -14.57
C ARG D 673 -34.04 47.99 -13.52
N ARG D 674 -33.82 46.97 -12.72
CA ARG D 674 -34.89 46.61 -11.78
C ARG D 674 -34.99 47.60 -10.61
N THR D 675 -33.90 48.27 -10.24
CA THR D 675 -34.02 49.33 -9.26
C THR D 675 -34.82 50.50 -9.85
N LYS D 676 -34.49 50.90 -11.09
CA LYS D 676 -35.24 51.97 -11.75
C LYS D 676 -36.70 51.59 -11.92
N ALA D 677 -36.99 50.31 -12.23
CA ALA D 677 -38.38 49.85 -12.29
C ALA D 677 -39.08 50.02 -10.95
N LEU D 678 -38.44 49.58 -9.86
CA LEU D 678 -39.00 49.75 -8.52
C LEU D 678 -39.47 51.18 -8.23
N LEU D 679 -38.83 52.18 -8.84
CA LEU D 679 -39.01 53.58 -8.50
C LEU D 679 -39.89 54.35 -9.48
N GLY D 680 -40.25 53.75 -10.62
CA GLY D 680 -40.95 54.50 -11.64
C GLY D 680 -40.06 55.34 -12.53
N LYS D 681 -38.76 55.08 -12.51
CA LYS D 681 -37.79 55.81 -13.30
C LYS D 681 -37.22 54.89 -14.37
#